data_7MW6
#
_entry.id   7MW6
#
_cell.length_a   1.00
_cell.length_b   1.00
_cell.length_c   1.00
_cell.angle_alpha   90.00
_cell.angle_beta   90.00
_cell.angle_gamma   90.00
#
_symmetry.space_group_name_H-M   'P 1'
#
loop_
_entity.id
_entity.type
_entity.pdbx_description
1 polymer 'Spike glycoprotein'
2 polymer 'Fab of antibody clone 2, light chain'
3 polymer 'Fab of antibody clone 2, heavy chain'
4 branched 2-acetamido-2-deoxy-beta-D-glucopyranose-(1-4)-2-acetamido-2-deoxy-beta-D-glucopyranose
5 branched 2-acetamido-2-deoxy-beta-D-glucopyranose-(1-3)-2-acetamido-2-deoxy-beta-D-glucopyranose
6 non-polymer 2-acetamido-2-deoxy-beta-D-glucopyranose
#
loop_
_entity_poly.entity_id
_entity_poly.type
_entity_poly.pdbx_seq_one_letter_code
_entity_poly.pdbx_strand_id
1 'polypeptide(L)'
;MFVFLVLLPLVSSQCVNLTTRTQLPPAYTNSFTRGVYYPDKVFRSSVLHSTQDLFLPFFSNVTWFHAIHVSGTNGTKRFD
NPVLPFNDGVYFASTEKSNIIRGWIFGTTLDSKTQSLLIVNNATNVVIKVCEFQFCNDPFLGVYYHKNNKSWMESEFRVY
SSANNCTFEYVSQPFLMDLEGKQGNFKNLREFVFKNIDGYFKIYSKHTPINLVRDLPQGFSALEPLVDLPIGINITRFQT
LLALHRSYLTPGDSSSGWTAGAAAYYVGYLQPRTFLLKYNENGTITDAVDCALDPLSETKCTLKSFTVEKGIYQTSNFRV
QPTESIVRFPNITNLCPFGEVFNATRFASVYAWNRKRISNCVADYSVLYNSASFSTFKCYGVSPTKLNDLCFTNVYADSF
VIRGDEVRQIAPGQTGKIADYNYKLPDDFTGCVIAWNSNNLDSKVGGNYNYLYRLFRKSNLKPFERDISTEIYQAGSTPC
NGVEGFNCYFPLQSYGFQPTNGVGYQPYRVVVLSFELLHAPATVCGPKKSTNLVKNKCVNFNFNGLTGTGVLTESNKKFL
PFQQFGRDIADTTDAVRDPQTLEILDITPCSFGGVSVITPGTNTSNQVAVLYQDVNCTEVPVAIHADQLTPTWRVYSTGS
NVFQTRAGCLIGAEHVNNSYECDIPIGAGICASYQTQTNSPGSASSVASQSIIAYTMSLGAENSVAYSNNSIAIPTNFTI
SVTTEILPVSMTKTSVDCTMYICGDSTECSNLLLQYGSFCTQLNRALTGIAVEQDKNTQEVFAQVKQIYKTPPIKDFGGF
NFSQILPDPSKPSKRSFIEDLLFNKVTLADAGFIKQYGDCLGDIAARDLICAQKFNGLTVLPPLLTDEMIAQYTSALLAG
TITSGWTFGAGAALQIPFAMQMAYRFNGIGVTQNVLYENQKLIANQFNSAIGKIQDSLSSTASALGKLQDVVNQNAQALN
TLVKQLSSNFGAISSVLNDILSRLDPPEAEVQIDRLITGRLQSLQTYVTQQLIRAAEIRASANLAATKMSECVLGQSKRV
DFCGKGYHLMSFPQSAPHGVVFLHVTYVPAQEKNFTTAPAICHDGKAHFPREGVFVSNGTHWFVTQRNFYEPQIITTDNT
FVSGNCDVVIGIVNNTVYDPLQPELDSFKEELDKYFKNHTSPDVDLGDISGINASVVNIQKEIDRLNEVAKNLNESLIDL
QELGKYEQGSGYIPEAPRDGQAYVRKDGEWVLLSTFLGRSLEVLFQGPGHHHHHHHHSAWSHPQFEKGGGSGGGGSGGSA
WSHPQFEK
;
A,C,B
2 'polypeptide(L)'
;MESDTLLLWVLLLWVPGSTGDIVLTQSPASLAVSLGQRATISCRASESVEYYGTSLMQWYQQKPGQPPKVLIYAASNVES
GVPARFSGSGSGTDFSLNIHPVEEDDIAMYFCQQSRKVPWTFGGGTKLEIKRADAAPTVSIFPPSSEQLTSGGASVVCFT
VAAPSVFIFPPSDEQLKSGTASVVCLLNNFYPREAKVQWKVDNALQSGNSQESVTEQDSKDSTYSLSSTLTLSKADYEKH
KVYACEVTHQGLSSPVTKSFNRGEA
;
E,L,G
3 'polypeptide(L)'
;MGWNWIFILILSVTTGVHSEVQLQQSGPELVKPGASVKISCKASGYSFTGYSMNWMKQSPEKSLEWIGEINPSTGGTTDN
QKFKAKATLTVDKSSSTAYMQLKSLTSEDSAVYYCARSRGDYWGQGTSVTVSSAKTTPPSVYPLAPGSAAQTNSMVTLGC
LVKASTKGPSVFPLAPSSKSTSGGTAALGCLVKDYFPEPVTVSWNSGALTSGVHTFPAVLQSSGLYSLSSVVTVPSSSLG
TQTYICNVNHKPSNTKVDKKVEP
;
D,H,F
#
# COMPACT_ATOMS: atom_id res chain seq x y z
N CYS A 15 46.75 -33.46 21.37
CA CYS A 15 46.59 -32.80 22.66
C CYS A 15 46.33 -33.82 23.77
N VAL A 16 46.39 -33.37 25.01
CA VAL A 16 46.32 -34.24 26.18
C VAL A 16 45.35 -33.66 27.20
N ASN A 17 44.56 -34.53 27.82
CA ASN A 17 43.72 -34.16 28.94
C ASN A 17 44.61 -34.15 30.18
N LEU A 18 44.51 -33.10 30.99
CA LEU A 18 45.30 -33.04 32.21
C LEU A 18 44.46 -33.46 33.41
N THR A 19 45.08 -34.20 34.32
CA THR A 19 44.35 -34.95 35.34
C THR A 19 44.97 -34.73 36.71
N THR A 20 45.21 -33.47 37.09
CA THR A 20 45.85 -33.18 38.36
C THR A 20 45.19 -32.00 39.09
N ARG A 21 44.04 -31.52 38.60
CA ARG A 21 43.37 -30.39 39.23
C ARG A 21 42.84 -30.77 40.61
N THR A 22 42.54 -29.75 41.42
CA THR A 22 42.17 -29.94 42.82
C THR A 22 40.93 -29.12 43.21
N GLN A 23 40.13 -28.72 42.23
CA GLN A 23 38.85 -28.05 42.49
C GLN A 23 39.01 -26.70 43.20
N LEU A 24 38.76 -26.69 44.52
CA LEU A 24 38.75 -25.50 45.38
C LEU A 24 37.64 -24.52 45.00
N PRO A 25 36.41 -24.99 44.88
CA PRO A 25 35.28 -24.19 44.32
C PRO A 25 35.67 -23.03 43.41
N PRO A 26 34.75 -22.12 43.10
CA PRO A 26 35.15 -20.85 42.51
C PRO A 26 35.35 -19.77 43.57
N ALA A 27 35.74 -18.59 43.10
CA ALA A 27 35.92 -17.43 43.97
C ALA A 27 35.35 -16.19 43.28
N TYR A 28 35.02 -15.18 44.07
CA TYR A 28 34.43 -13.96 43.56
C TYR A 28 35.00 -12.77 44.31
N THR A 29 35.11 -11.64 43.61
CA THR A 29 35.67 -10.43 44.20
C THR A 29 35.04 -9.21 43.54
N ASN A 30 35.24 -8.02 44.11
CA ASN A 30 34.52 -6.82 43.71
C ASN A 30 35.35 -6.02 42.71
N SER A 31 34.71 -5.65 41.60
CA SER A 31 35.28 -4.71 40.62
C SER A 31 34.78 -3.32 40.97
N PHE A 32 35.65 -2.53 41.60
CA PHE A 32 35.23 -1.28 42.21
C PHE A 32 34.76 -0.26 41.17
N THR A 33 35.67 0.19 40.31
CA THR A 33 35.36 1.28 39.40
C THR A 33 35.88 0.99 37.99
N ARG A 34 36.48 -0.17 37.77
CA ARG A 34 37.12 -0.49 36.50
C ARG A 34 36.08 -0.90 35.46
N GLY A 35 36.49 -0.88 34.20
CA GLY A 35 35.65 -1.28 33.09
C GLY A 35 35.04 -0.15 32.28
N VAL A 36 35.38 1.10 32.58
CA VAL A 36 34.84 2.24 31.84
C VAL A 36 35.71 2.48 30.61
N TYR A 37 35.14 2.22 29.43
CA TYR A 37 35.83 2.40 28.17
C TYR A 37 35.32 3.65 27.48
N TYR A 38 35.91 3.96 26.32
CA TYR A 38 35.49 5.12 25.54
C TYR A 38 34.38 4.68 24.60
N PRO A 39 33.15 5.15 24.79
CA PRO A 39 32.04 4.64 23.96
C PRO A 39 32.21 4.91 22.47
N ASP A 40 32.77 6.06 22.11
CA ASP A 40 32.91 6.44 20.71
C ASP A 40 34.26 7.11 20.50
N LYS A 41 34.60 7.34 19.24
CA LYS A 41 35.84 8.01 18.86
C LYS A 41 35.76 9.52 18.93
N VAL A 42 34.71 10.07 19.56
CA VAL A 42 34.51 11.51 19.60
C VAL A 42 35.45 12.13 20.63
N PHE A 43 35.87 13.36 20.37
CA PHE A 43 36.70 14.12 21.30
C PHE A 43 35.83 15.15 22.01
N ARG A 44 35.89 15.16 23.33
CA ARG A 44 35.17 16.13 24.14
C ARG A 44 36.12 16.72 25.17
N SER A 45 36.05 18.03 25.35
CA SER A 45 37.04 18.75 26.16
C SER A 45 36.36 19.41 27.36
N SER A 46 36.65 18.89 28.54
CA SER A 46 36.19 19.44 29.81
C SER A 46 34.67 19.60 29.83
N VAL A 47 33.98 18.48 29.64
CA VAL A 47 32.52 18.48 29.59
C VAL A 47 32.01 17.19 30.21
N LEU A 48 30.78 17.23 30.72
CA LEU A 48 30.14 16.07 31.31
C LEU A 48 29.18 15.49 30.29
N HIS A 49 29.46 14.28 29.82
CA HIS A 49 28.65 13.62 28.80
C HIS A 49 27.99 12.37 29.38
N SER A 50 26.67 12.28 29.23
CA SER A 50 25.91 11.13 29.72
C SER A 50 25.63 10.21 28.54
N THR A 51 25.97 8.94 28.69
CA THR A 51 25.82 7.97 27.61
C THR A 51 25.20 6.68 28.12
N GLN A 52 24.34 6.08 27.30
CA GLN A 52 23.73 4.79 27.58
C GLN A 52 24.37 3.73 26.70
N ASP A 53 25.05 2.78 27.32
CA ASP A 53 25.72 1.72 26.57
C ASP A 53 26.04 0.58 27.52
N LEU A 54 26.60 -0.51 26.98
CA LEU A 54 26.94 -1.69 27.76
C LEU A 54 28.16 -1.38 28.61
N PHE A 55 27.96 -1.24 29.92
CA PHE A 55 29.04 -0.99 30.86
C PHE A 55 29.10 -2.11 31.89
N LEU A 56 30.21 -2.15 32.62
CA LEU A 56 30.33 -2.99 33.80
C LEU A 56 29.81 -2.22 35.00
N PRO A 57 28.73 -2.66 35.65
CA PRO A 57 28.18 -1.89 36.77
C PRO A 57 29.19 -1.70 37.88
N PHE A 58 29.18 -0.52 38.48
CA PHE A 58 30.10 -0.23 39.57
C PHE A 58 29.84 -1.16 40.74
N PHE A 59 30.92 -1.56 41.41
CA PHE A 59 30.84 -2.38 42.62
C PHE A 59 30.13 -3.71 42.35
N SER A 60 30.47 -4.37 41.25
CA SER A 60 29.88 -5.66 40.92
C SER A 60 30.91 -6.78 41.04
N ASN A 61 30.43 -7.96 41.44
CA ASN A 61 31.29 -9.13 41.57
C ASN A 61 31.64 -9.70 40.20
N VAL A 62 32.86 -10.23 40.08
CA VAL A 62 33.34 -10.87 38.86
C VAL A 62 33.96 -12.21 39.25
N THR A 63 33.78 -13.21 38.40
CA THR A 63 34.35 -14.52 38.67
C THR A 63 35.88 -14.45 38.62
N TRP A 64 36.52 -15.18 39.54
CA TRP A 64 37.97 -15.11 39.74
C TRP A 64 38.56 -16.50 39.52
N PHE A 65 39.61 -16.58 38.71
CA PHE A 65 40.28 -17.84 38.42
C PHE A 65 41.78 -17.71 38.66
N HIS A 66 42.37 -18.76 39.21
CA HIS A 66 43.77 -18.80 39.59
C HIS A 66 44.54 -19.65 38.59
N ALA A 67 45.87 -19.65 38.72
CA ALA A 67 46.73 -20.59 38.02
C ALA A 67 47.85 -21.05 38.94
N ILE A 68 47.60 -21.00 40.25
CA ILE A 68 48.67 -21.24 41.23
C ILE A 68 48.94 -22.74 41.36
N HIS A 69 50.15 -23.05 41.84
CA HIS A 69 50.59 -24.42 42.05
C HIS A 69 50.72 -24.80 43.52
N VAL A 70 51.40 -23.99 44.33
CA VAL A 70 51.69 -24.28 45.73
C VAL A 70 52.46 -25.58 45.88
N GLY A 75 49.06 -29.00 48.98
CA GLY A 75 49.25 -28.36 47.70
C GLY A 75 47.95 -28.19 46.93
N THR A 76 47.75 -27.02 46.32
CA THR A 76 46.56 -26.71 45.55
C THR A 76 46.97 -26.56 44.09
N LYS A 77 46.81 -27.65 43.33
CA LYS A 77 47.28 -27.73 41.95
C LYS A 77 46.20 -27.14 41.04
N ARG A 78 46.32 -25.85 40.73
CA ARG A 78 45.25 -25.10 40.10
C ARG A 78 45.60 -24.72 38.67
N PHE A 79 44.63 -24.90 37.76
CA PHE A 79 44.75 -24.43 36.39
C PHE A 79 43.34 -24.30 35.84
N ASP A 80 42.86 -23.07 35.70
CA ASP A 80 41.47 -22.80 35.34
C ASP A 80 41.39 -22.30 33.90
N ASN A 81 40.77 -23.11 33.03
CA ASN A 81 40.40 -22.65 31.69
C ASN A 81 39.00 -23.17 31.32
N PRO A 82 37.97 -22.77 32.06
CA PRO A 82 36.62 -23.24 31.76
C PRO A 82 36.02 -22.52 30.57
N VAL A 83 34.99 -23.13 30.00
CA VAL A 83 34.20 -22.51 28.95
C VAL A 83 33.09 -21.69 29.61
N LEU A 84 33.04 -20.41 29.27
CA LEU A 84 32.11 -19.49 29.92
C LEU A 84 31.25 -18.80 28.87
N PRO A 85 29.97 -18.61 29.15
CA PRO A 85 29.09 -17.93 28.19
C PRO A 85 29.56 -16.51 27.92
N PHE A 86 29.38 -16.07 26.67
CA PHE A 86 29.75 -14.70 26.31
C PHE A 86 28.84 -13.69 27.00
N ASN A 87 27.54 -13.78 26.76
CA ASN A 87 26.53 -13.00 27.46
C ASN A 87 26.76 -11.49 27.29
N ASP A 88 26.69 -11.06 26.03
CA ASP A 88 26.70 -9.63 25.69
C ASP A 88 27.95 -8.93 26.19
N GLY A 89 29.10 -9.34 25.69
CA GLY A 89 30.34 -8.67 26.02
C GLY A 89 30.96 -9.21 27.30
N VAL A 90 32.28 -9.26 27.32
CA VAL A 90 33.03 -9.83 28.44
C VAL A 90 34.12 -8.86 28.86
N TYR A 91 34.23 -8.61 30.17
CA TYR A 91 35.30 -7.82 30.73
C TYR A 91 36.33 -8.77 31.35
N PHE A 92 37.49 -8.87 30.72
CA PHE A 92 38.52 -9.83 31.09
C PHE A 92 39.73 -9.08 31.61
N ALA A 93 40.04 -9.27 32.89
CA ALA A 93 41.16 -8.57 33.52
C ALA A 93 42.16 -9.60 34.00
N SER A 94 43.34 -9.60 33.39
CA SER A 94 44.38 -10.60 33.68
C SER A 94 45.50 -9.92 34.46
N THR A 95 45.76 -10.44 35.66
CA THR A 95 46.90 -10.00 36.47
C THR A 95 47.91 -11.13 36.41
N GLU A 96 49.11 -10.81 35.92
CA GLU A 96 50.14 -11.82 35.73
C GLU A 96 51.51 -11.16 35.69
N LYS A 97 52.46 -11.73 36.43
CA LYS A 97 53.86 -11.30 36.34
C LYS A 97 54.53 -11.95 35.14
N SER A 98 54.14 -13.18 34.83
CA SER A 98 54.63 -13.91 33.67
C SER A 98 53.59 -13.88 32.57
N ASN A 99 54.04 -14.13 31.33
CA ASN A 99 53.12 -14.19 30.20
C ASN A 99 52.41 -15.54 30.18
N ILE A 100 51.53 -15.78 31.14
CA ILE A 100 50.87 -17.07 31.26
C ILE A 100 49.54 -17.08 30.53
N ILE A 101 48.68 -16.10 30.80
CA ILE A 101 47.45 -15.94 30.02
C ILE A 101 47.82 -15.45 28.64
N ARG A 102 47.56 -16.27 27.62
CA ARG A 102 48.09 -16.02 26.29
C ARG A 102 47.05 -15.95 25.19
N GLY A 103 45.81 -16.36 25.42
CA GLY A 103 44.85 -16.27 24.35
C GLY A 103 43.43 -16.43 24.81
N TRP A 104 42.52 -16.27 23.84
CA TRP A 104 41.09 -16.47 24.03
C TRP A 104 40.52 -17.20 22.82
N ILE A 105 39.49 -18.01 23.08
CA ILE A 105 38.78 -18.77 22.07
C ILE A 105 37.30 -18.40 22.14
N PHE A 106 36.72 -18.04 21.01
CA PHE A 106 35.33 -17.63 20.92
C PHE A 106 34.61 -18.53 19.92
N GLY A 107 33.35 -18.83 20.22
CA GLY A 107 32.53 -19.57 19.29
C GLY A 107 31.25 -20.04 19.96
N THR A 108 30.40 -20.69 19.15
CA THR A 108 29.13 -21.23 19.63
C THR A 108 29.24 -22.69 20.05
N THR A 109 29.82 -23.55 19.21
CA THR A 109 29.95 -24.96 19.50
C THR A 109 31.38 -25.41 19.75
N LEU A 110 32.37 -24.63 19.33
CA LEU A 110 33.78 -24.94 19.54
C LEU A 110 34.15 -26.30 18.97
N SER A 116 34.95 -19.74 14.48
CA SER A 116 35.41 -19.77 15.86
C SER A 116 36.72 -19.01 16.01
N LEU A 117 36.69 -17.95 16.82
CA LEU A 117 37.85 -17.08 16.96
C LEU A 117 38.93 -17.70 17.84
N LEU A 118 40.17 -17.59 17.37
CA LEU A 118 41.37 -17.78 18.19
C LEU A 118 42.15 -16.47 18.18
N ILE A 119 42.47 -15.98 19.38
CA ILE A 119 43.33 -14.80 19.53
C ILE A 119 44.42 -15.20 20.51
N VAL A 120 45.61 -15.54 20.00
CA VAL A 120 46.63 -16.14 20.85
C VAL A 120 48.00 -15.55 20.54
N ASN A 121 48.86 -15.51 21.56
CA ASN A 121 50.23 -15.04 21.44
C ASN A 121 51.16 -16.19 21.73
N ASN A 122 51.80 -16.75 20.69
CA ASN A 122 52.64 -17.93 20.83
C ASN A 122 54.13 -17.60 20.88
N ALA A 123 54.45 -16.49 21.56
CA ALA A 123 55.82 -16.12 21.93
C ALA A 123 56.64 -15.61 20.76
N THR A 124 56.08 -15.66 19.55
CA THR A 124 56.74 -15.06 18.39
C THR A 124 55.98 -13.85 17.90
N ASN A 125 54.67 -14.00 17.74
CA ASN A 125 53.80 -12.91 17.36
C ASN A 125 52.40 -13.21 17.89
N VAL A 126 51.45 -12.34 17.58
CA VAL A 126 50.06 -12.53 17.96
C VAL A 126 49.29 -12.89 16.70
N VAL A 127 48.52 -13.96 16.77
CA VAL A 127 47.75 -14.45 15.63
C VAL A 127 46.28 -14.50 16.03
N ILE A 128 45.42 -13.97 15.16
CA ILE A 128 43.98 -14.01 15.29
C ILE A 128 43.45 -14.74 14.07
N LYS A 129 42.84 -15.90 14.28
CA LYS A 129 42.32 -16.72 13.20
C LYS A 129 40.83 -16.97 13.39
N VAL A 130 40.12 -17.02 12.27
CA VAL A 130 38.68 -17.22 12.24
C VAL A 130 38.36 -18.65 11.81
N CYS A 131 39.38 -19.38 11.35
CA CYS A 131 39.18 -20.66 10.69
C CYS A 131 38.37 -21.62 11.56
N GLU A 132 37.52 -22.41 10.91
CA GLU A 132 36.59 -23.28 11.62
C GLU A 132 37.35 -24.44 12.27
N PHE A 133 37.19 -24.56 13.58
CA PHE A 133 38.01 -25.40 14.45
C PHE A 133 37.15 -26.41 15.18
N GLN A 134 37.81 -27.45 15.70
CA GLN A 134 37.21 -28.41 16.62
C GLN A 134 38.16 -28.55 17.80
N PHE A 135 37.97 -27.72 18.82
CA PHE A 135 38.92 -27.66 19.92
C PHE A 135 38.76 -28.87 20.83
N CYS A 136 39.88 -29.52 21.14
CA CYS A 136 39.85 -30.57 22.15
C CYS A 136 39.91 -29.97 23.54
N ASN A 137 39.45 -30.74 24.52
CA ASN A 137 39.30 -30.24 25.88
C ASN A 137 40.64 -29.80 26.46
N ASP A 138 40.60 -28.72 27.23
CA ASP A 138 41.77 -28.17 27.93
C ASP A 138 42.90 -27.77 26.96
N PRO A 139 42.74 -26.67 26.23
CA PRO A 139 43.84 -26.15 25.42
C PRO A 139 44.84 -25.40 26.30
N PHE A 140 46.12 -25.48 25.93
CA PHE A 140 47.19 -24.87 26.70
C PHE A 140 48.44 -24.74 25.84
N LEU A 141 49.37 -23.90 26.28
CA LEU A 141 50.70 -23.81 25.70
C LEU A 141 51.72 -24.30 26.72
N GLY A 142 52.94 -24.61 26.28
CA GLY A 142 53.93 -25.17 27.18
C GLY A 142 55.23 -24.38 27.13
N VAL A 143 55.89 -24.31 28.29
CA VAL A 143 57.13 -23.55 28.45
C VAL A 143 58.16 -24.43 29.13
N TYR A 144 59.11 -24.96 28.35
CA TYR A 144 60.05 -25.93 28.87
C TYR A 144 61.34 -25.27 29.38
N TYR A 145 61.89 -25.86 30.44
CA TYR A 145 63.15 -25.42 31.05
C TYR A 145 64.12 -26.59 31.11
N HIS A 146 65.41 -26.30 30.94
CA HIS A 146 66.42 -27.33 31.12
C HIS A 146 67.56 -26.82 32.02
N SER A 151 66.22 -20.06 30.82
CA SER A 151 66.27 -20.72 29.51
C SER A 151 64.98 -21.50 29.24
N TRP A 152 63.89 -20.76 29.16
CA TRP A 152 62.55 -21.27 28.86
C TRP A 152 62.20 -21.09 27.39
N MET A 153 61.76 -22.18 26.76
CA MET A 153 61.42 -22.17 25.34
C MET A 153 59.98 -22.63 25.18
N GLU A 154 59.27 -22.00 24.25
CA GLU A 154 57.86 -22.35 24.07
C GLU A 154 57.69 -23.56 23.16
N SER A 155 56.68 -24.37 23.45
CA SER A 155 56.31 -25.51 22.64
C SER A 155 54.89 -25.91 23.01
N GLU A 156 54.49 -27.10 22.55
CA GLU A 156 53.23 -27.72 22.94
C GLU A 156 52.03 -26.80 22.68
N PHE A 157 51.76 -26.51 21.42
CA PHE A 157 50.60 -25.69 21.09
C PHE A 157 49.31 -26.39 21.53
N ARG A 158 49.14 -27.65 21.12
CA ARG A 158 48.11 -28.55 21.65
C ARG A 158 46.70 -28.08 21.27
N VAL A 159 46.62 -26.92 20.62
CA VAL A 159 45.40 -26.48 19.96
C VAL A 159 45.36 -27.11 18.57
N TYR A 160 44.24 -26.89 17.87
CA TYR A 160 44.05 -27.30 16.48
C TYR A 160 43.97 -28.81 16.31
N SER A 161 42.98 -29.45 16.93
CA SER A 161 42.64 -30.81 16.53
C SER A 161 42.25 -30.85 15.06
N SER A 162 41.69 -29.76 14.53
CA SER A 162 41.37 -29.66 13.11
C SER A 162 41.22 -28.20 12.72
N ALA A 163 41.61 -27.89 11.47
CA ALA A 163 41.49 -26.55 10.90
C ALA A 163 41.32 -26.70 9.40
N ASN A 164 40.07 -26.69 8.93
CA ASN A 164 39.79 -27.13 7.56
C ASN A 164 39.23 -26.04 6.64
N ASN A 165 38.11 -25.40 6.99
CA ASN A 165 37.41 -24.56 6.01
C ASN A 165 37.96 -23.14 5.99
N CYS A 166 38.31 -22.59 7.16
CA CYS A 166 39.03 -21.32 7.29
C CYS A 166 38.13 -20.16 6.85
N THR A 167 38.45 -19.45 5.76
CA THR A 167 37.93 -18.10 5.51
C THR A 167 38.32 -17.18 6.67
N PHE A 168 39.57 -17.35 7.13
CA PHE A 168 40.04 -16.73 8.36
C PHE A 168 40.74 -15.40 8.14
N GLU A 169 41.41 -14.92 9.18
CA GLU A 169 42.18 -13.68 9.16
C GLU A 169 43.51 -13.97 9.85
N TYR A 170 44.43 -13.00 9.86
CA TYR A 170 45.71 -13.17 10.55
C TYR A 170 46.40 -11.82 10.64
N VAL A 171 47.25 -11.67 11.65
CA VAL A 171 48.19 -10.56 11.76
C VAL A 171 49.53 -11.14 12.19
N SER A 172 50.62 -10.40 11.97
CA SER A 172 51.94 -10.90 12.31
C SER A 172 52.92 -9.74 12.38
N GLN A 173 53.71 -9.70 13.45
CA GLN A 173 54.79 -8.74 13.61
C GLN A 173 55.84 -9.35 14.54
N PRO A 174 56.68 -10.25 14.01
CA PRO A 174 57.49 -11.13 14.86
C PRO A 174 58.30 -10.44 15.94
N PHE A 175 58.13 -10.87 17.19
CA PHE A 175 58.90 -10.35 18.32
C PHE A 175 59.10 -11.50 19.30
N LEU A 176 59.54 -11.18 20.51
CA LEU A 176 59.78 -12.18 21.53
C LEU A 176 59.60 -11.53 22.90
N MET A 177 59.13 -12.31 23.87
CA MET A 177 58.95 -11.82 25.22
C MET A 177 60.01 -12.41 26.14
N ASP A 178 59.92 -12.01 27.41
CA ASP A 178 60.66 -12.66 28.49
C ASP A 178 59.77 -13.74 29.12
N LEU A 179 59.75 -14.90 28.44
CA LEU A 179 58.91 -16.01 28.88
C LEU A 179 59.50 -16.63 30.16
N GLU A 180 59.41 -15.86 31.22
CA GLU A 180 60.14 -16.12 32.44
C GLU A 180 59.27 -15.85 33.66
N GLY A 181 59.49 -16.65 34.70
CA GLY A 181 58.71 -16.58 35.92
C GLY A 181 59.51 -15.89 37.02
N LYS A 182 58.86 -14.95 37.70
CA LYS A 182 59.48 -14.19 38.77
C LYS A 182 58.77 -14.49 40.09
N GLN A 183 59.14 -13.71 41.11
CA GLN A 183 58.32 -13.53 42.30
C GLN A 183 58.11 -12.03 42.42
N GLY A 184 57.13 -11.52 41.66
CA GLY A 184 57.00 -10.11 41.43
C GLY A 184 55.59 -9.57 41.68
N ASN A 185 54.86 -10.25 42.56
CA ASN A 185 53.53 -9.85 43.03
C ASN A 185 52.69 -9.22 41.92
N PHE A 186 52.57 -9.96 40.81
CA PHE A 186 51.61 -9.70 39.74
C PHE A 186 51.74 -8.29 39.19
N LYS A 187 52.89 -8.00 38.57
CA LYS A 187 53.19 -6.62 38.20
C LYS A 187 52.29 -6.11 37.07
N ASN A 188 51.98 -6.95 36.09
CA ASN A 188 51.25 -6.51 34.90
C ASN A 188 49.77 -6.81 35.04
N LEU A 189 48.94 -5.82 34.70
CA LEU A 189 47.49 -5.96 34.65
C LEU A 189 47.01 -5.54 33.27
N ARG A 190 46.33 -6.43 32.57
CA ARG A 190 45.83 -6.16 31.23
C ARG A 190 44.31 -6.30 31.23
N GLU A 191 43.63 -5.27 30.76
CA GLU A 191 42.18 -5.21 30.74
C GLU A 191 41.69 -5.24 29.30
N PHE A 192 40.81 -6.19 28.98
CA PHE A 192 40.24 -6.33 27.64
C PHE A 192 38.72 -6.36 27.75
N VAL A 193 38.06 -5.48 27.01
CA VAL A 193 36.61 -5.47 26.92
C VAL A 193 36.22 -5.97 25.54
N PHE A 194 35.54 -7.10 25.48
CA PHE A 194 35.09 -7.69 24.23
C PHE A 194 33.60 -7.43 24.08
N LYS A 195 33.16 -7.16 22.85
CA LYS A 195 31.73 -7.02 22.58
C LYS A 195 31.46 -7.26 21.09
N ASN A 196 30.48 -8.10 20.80
CA ASN A 196 30.16 -8.50 19.43
C ASN A 196 28.84 -7.85 19.03
N ILE A 197 28.93 -6.82 18.19
CA ILE A 197 27.75 -6.07 17.73
C ILE A 197 27.81 -5.96 16.21
N ASP A 198 26.70 -6.34 15.56
CA ASP A 198 26.53 -6.16 14.11
C ASP A 198 27.65 -6.82 13.32
N GLY A 199 28.04 -8.03 13.73
CA GLY A 199 29.09 -8.74 13.05
C GLY A 199 30.48 -8.19 13.28
N TYR A 200 30.63 -7.24 14.19
CA TYR A 200 31.91 -6.62 14.49
C TYR A 200 32.32 -7.00 15.91
N PHE A 201 33.55 -7.49 16.05
CA PHE A 201 34.11 -7.87 17.34
C PHE A 201 34.98 -6.72 17.83
N LYS A 202 34.46 -5.92 18.76
CA LYS A 202 35.14 -4.76 19.28
C LYS A 202 35.90 -5.13 20.54
N ILE A 203 37.19 -4.79 20.57
CA ILE A 203 38.07 -5.03 21.69
C ILE A 203 38.65 -3.70 22.14
N TYR A 204 38.30 -3.31 23.37
CA TYR A 204 38.91 -2.21 24.09
C TYR A 204 40.00 -2.79 24.98
N SER A 205 41.01 -1.99 25.27
CA SER A 205 42.14 -2.54 26.01
C SER A 205 42.81 -1.47 26.86
N LYS A 206 43.56 -1.93 27.85
CA LYS A 206 44.41 -1.06 28.66
C LYS A 206 45.44 -1.91 29.37
N HIS A 207 46.61 -1.32 29.66
CA HIS A 207 47.70 -1.98 30.34
C HIS A 207 48.14 -1.12 31.52
N THR A 208 48.40 -1.75 32.66
CA THR A 208 48.80 -0.99 33.84
C THR A 208 49.75 -1.78 34.73
N PRO A 209 50.86 -1.18 35.15
CA PRO A 209 51.68 -1.81 36.19
C PRO A 209 51.05 -1.63 37.57
N ILE A 210 51.02 -2.73 38.32
CA ILE A 210 50.51 -2.73 39.69
C ILE A 210 51.45 -3.57 40.55
N ASN A 211 51.33 -3.41 41.87
CA ASN A 211 52.08 -4.23 42.83
C ASN A 211 51.11 -4.68 43.93
N LEU A 212 50.41 -5.78 43.67
CA LEU A 212 49.47 -6.39 44.60
C LEU A 212 49.65 -7.90 44.60
N VAL A 213 49.51 -8.50 45.78
CA VAL A 213 49.61 -9.96 45.88
C VAL A 213 48.44 -10.62 45.16
N ARG A 214 47.26 -10.00 45.23
CA ARG A 214 46.04 -10.57 44.66
C ARG A 214 45.04 -9.45 44.44
N ASP A 215 43.86 -9.82 43.97
CA ASP A 215 42.72 -8.90 43.81
C ASP A 215 42.95 -7.92 42.66
N LEU A 216 41.87 -7.26 42.23
CA LEU A 216 41.96 -6.18 41.26
C LEU A 216 42.15 -4.87 41.99
N PRO A 217 43.21 -4.11 41.73
CA PRO A 217 43.42 -2.84 42.43
C PRO A 217 42.28 -1.87 42.15
N GLN A 218 41.94 -1.08 43.18
CA GLN A 218 40.89 -0.10 43.05
C GLN A 218 41.41 1.16 42.35
N GLY A 219 40.66 1.61 41.36
CA GLY A 219 41.05 2.80 40.62
C GLY A 219 40.24 2.92 39.35
N PHE A 220 40.55 3.98 38.60
CA PHE A 220 39.85 4.30 37.35
C PHE A 220 40.82 4.16 36.19
N SER A 221 40.53 3.23 35.29
CA SER A 221 41.33 3.02 34.09
C SER A 221 40.43 3.02 32.87
N ALA A 222 40.60 4.02 32.01
CA ALA A 222 39.81 4.17 30.81
C ALA A 222 40.42 3.34 29.69
N LEU A 223 39.63 2.47 29.09
CA LEU A 223 40.10 1.56 28.05
C LEU A 223 39.91 2.21 26.69
N GLU A 224 41.00 2.71 26.10
CA GLU A 224 40.94 3.20 24.74
C GLU A 224 40.66 2.03 23.79
N PRO A 225 39.81 2.20 22.78
CA PRO A 225 39.51 1.09 21.88
C PRO A 225 40.76 0.60 21.17
N LEU A 226 40.88 -0.72 21.06
CA LEU A 226 42.02 -1.35 20.44
C LEU A 226 41.74 -1.78 19.00
N VAL A 227 40.78 -2.69 18.81
CA VAL A 227 40.54 -3.27 17.48
C VAL A 227 39.03 -3.40 17.29
N ASP A 228 38.60 -3.43 16.02
CA ASP A 228 37.23 -3.78 15.66
C ASP A 228 37.31 -4.74 14.47
N LEU A 229 37.35 -6.03 14.77
CA LEU A 229 37.51 -7.03 13.72
C LEU A 229 36.19 -7.24 12.99
N PRO A 230 36.16 -7.17 11.65
CA PRO A 230 34.93 -7.42 10.88
C PRO A 230 34.73 -8.91 10.62
N ILE A 231 34.25 -9.61 11.65
CA ILE A 231 34.27 -11.07 11.65
C ILE A 231 32.95 -11.61 11.12
N GLY A 232 31.85 -11.31 11.80
CA GLY A 232 30.54 -11.67 11.32
C GLY A 232 30.05 -13.06 11.66
N ILE A 233 30.53 -13.66 12.75
CA ILE A 233 30.07 -14.98 13.19
C ILE A 233 29.40 -14.84 14.54
N ASN A 234 28.51 -15.77 14.86
CA ASN A 234 27.85 -15.76 16.16
C ASN A 234 28.82 -16.23 17.24
N ILE A 235 28.83 -15.54 18.37
CA ILE A 235 29.67 -15.89 19.51
C ILE A 235 28.78 -16.03 20.75
N THR A 236 28.91 -17.16 21.44
CA THR A 236 28.17 -17.38 22.68
C THR A 236 29.05 -17.87 23.83
N ARG A 237 30.18 -18.53 23.56
CA ARG A 237 31.02 -19.10 24.59
C ARG A 237 32.48 -18.83 24.29
N PHE A 238 33.26 -18.60 25.35
CA PHE A 238 34.68 -18.34 25.20
C PHE A 238 35.46 -19.11 26.26
N GLN A 239 36.70 -19.43 25.93
CA GLN A 239 37.61 -20.15 26.82
C GLN A 239 38.99 -19.56 26.70
N THR A 240 39.59 -19.23 27.85
CA THR A 240 40.93 -18.66 27.84
C THR A 240 41.98 -19.74 27.68
N LEU A 241 43.13 -19.35 27.11
CA LEU A 241 44.25 -20.24 26.88
C LEU A 241 45.46 -19.71 27.64
N LEU A 242 46.06 -20.58 28.46
CA LEU A 242 47.13 -20.20 29.35
C LEU A 242 48.41 -20.96 29.00
N ALA A 243 49.51 -20.50 29.58
CA ALA A 243 50.79 -21.18 29.46
C ALA A 243 51.00 -22.14 30.62
N LEU A 244 51.87 -23.13 30.41
CA LEU A 244 52.12 -24.19 31.38
C LEU A 244 53.59 -24.55 31.33
N HIS A 245 54.30 -24.30 32.43
CA HIS A 245 55.73 -24.60 32.49
C HIS A 245 55.94 -26.11 32.50
N ARG A 246 57.03 -26.55 31.86
CA ARG A 246 57.42 -27.97 31.85
C ARG A 246 58.91 -28.05 32.16
N SER A 247 59.23 -28.13 33.44
CA SER A 247 60.61 -28.22 33.87
C SER A 247 61.01 -29.67 34.15
N TYR A 248 62.31 -29.88 34.28
CA TYR A 248 62.82 -31.21 34.63
C TYR A 248 62.32 -31.64 36.01
N LEU A 249 62.02 -30.66 36.87
CA LEU A 249 61.58 -30.98 38.23
C LEU A 249 60.25 -31.72 38.24
N THR A 250 59.43 -31.52 37.21
CA THR A 250 58.10 -32.11 37.17
C THR A 250 58.06 -33.25 36.17
N PRO A 251 58.09 -34.51 36.59
CA PRO A 251 57.92 -35.62 35.66
C PRO A 251 56.45 -35.96 35.44
N GLY A 252 56.17 -37.01 34.69
CA GLY A 252 54.81 -37.47 34.50
C GLY A 252 54.34 -37.60 33.08
N ASP A 253 55.25 -37.70 32.12
CA ASP A 253 54.98 -37.84 30.67
C ASP A 253 54.04 -36.70 30.25
N SER A 254 53.01 -36.99 29.45
CA SER A 254 52.19 -35.94 28.87
C SER A 254 51.51 -35.10 29.94
N SER A 255 50.97 -35.74 30.96
CA SER A 255 50.31 -35.05 32.05
C SER A 255 51.29 -34.84 33.20
N SER A 256 50.76 -34.38 34.34
CA SER A 256 51.50 -34.31 35.61
C SER A 256 52.73 -33.41 35.54
N GLY A 257 52.96 -32.73 34.41
CA GLY A 257 54.00 -31.75 34.34
C GLY A 257 53.54 -30.48 35.03
N TRP A 258 52.50 -29.87 34.48
CA TRP A 258 51.75 -28.79 35.13
C TRP A 258 52.65 -27.64 35.54
N THR A 259 52.90 -27.51 36.84
CA THR A 259 53.74 -26.45 37.41
C THR A 259 53.36 -25.09 36.83
N ALA A 260 52.07 -24.81 36.74
CA ALA A 260 51.63 -23.52 36.21
C ALA A 260 52.06 -22.40 37.13
N GLY A 261 52.68 -21.38 36.56
CA GLY A 261 53.13 -20.25 37.34
C GLY A 261 51.96 -19.43 37.87
N ALA A 262 52.26 -18.58 38.85
CA ALA A 262 51.22 -17.76 39.44
C ALA A 262 50.61 -16.84 38.39
N ALA A 263 49.29 -16.86 38.30
CA ALA A 263 48.56 -16.07 37.32
C ALA A 263 47.09 -16.02 37.68
N ALA A 264 46.45 -14.87 37.52
CA ALA A 264 45.05 -14.73 37.87
C ALA A 264 44.30 -14.01 36.77
N TYR A 265 43.03 -14.36 36.61
CA TYR A 265 42.20 -13.63 35.66
C TYR A 265 40.76 -13.58 36.14
N TYR A 266 40.12 -12.43 35.90
CA TYR A 266 38.79 -12.13 36.39
C TYR A 266 37.89 -11.86 35.19
N VAL A 267 36.69 -12.44 35.22
CA VAL A 267 35.73 -12.34 34.14
C VAL A 267 34.45 -11.70 34.68
N GLY A 268 34.00 -10.64 34.02
CA GLY A 268 32.75 -9.99 34.35
C GLY A 268 31.89 -9.79 33.11
N TYR A 269 30.61 -9.53 33.34
CA TYR A 269 29.66 -9.39 32.25
C TYR A 269 29.13 -7.95 32.19
N LEU A 270 28.93 -7.48 30.96
CA LEU A 270 28.52 -6.11 30.68
C LEU A 270 27.01 -6.06 30.51
N GLN A 271 26.38 -5.07 31.13
CA GLN A 271 24.96 -4.86 30.87
C GLN A 271 24.70 -3.39 30.55
N PRO A 272 23.60 -3.07 29.86
CA PRO A 272 23.34 -1.67 29.53
C PRO A 272 23.18 -0.82 30.78
N ARG A 273 23.83 0.34 30.77
CA ARG A 273 23.78 1.28 31.87
C ARG A 273 23.91 2.69 31.31
N THR A 274 23.48 3.66 32.10
CA THR A 274 23.66 5.08 31.81
C THR A 274 24.76 5.63 32.71
N PHE A 275 25.83 6.10 32.11
CA PHE A 275 27.00 6.58 32.83
C PHE A 275 27.25 8.03 32.46
N LEU A 276 27.54 8.86 33.47
CA LEU A 276 27.92 10.25 33.26
C LEU A 276 29.43 10.34 33.33
N LEU A 277 30.07 10.41 32.16
CA LEU A 277 31.52 10.45 32.04
C LEU A 277 31.99 11.90 32.04
N LYS A 278 33.18 12.14 32.58
CA LYS A 278 33.75 13.48 32.65
C LYS A 278 34.98 13.52 31.74
N TYR A 279 34.93 14.39 30.73
CA TYR A 279 36.07 14.57 29.84
C TYR A 279 36.86 15.80 30.27
N ASN A 280 38.17 15.63 30.40
CA ASN A 280 39.07 16.70 30.77
C ASN A 280 39.44 17.51 29.53
N GLU A 281 40.46 18.37 29.66
CA GLU A 281 40.85 19.22 28.54
C GLU A 281 41.34 18.40 27.35
N ASN A 282 42.06 17.31 27.62
CA ASN A 282 42.66 16.51 26.56
C ASN A 282 41.77 15.36 26.10
N GLY A 283 40.47 15.41 26.37
CA GLY A 283 39.57 14.35 25.92
C GLY A 283 39.82 13.01 26.56
N THR A 284 40.19 12.99 27.84
CA THR A 284 40.42 11.77 28.57
C THR A 284 39.33 11.62 29.63
N ILE A 285 38.68 10.46 29.67
CA ILE A 285 37.64 10.21 30.65
C ILE A 285 38.31 9.99 32.00
N THR A 286 38.38 11.05 32.80
CA THR A 286 39.05 10.96 34.10
C THR A 286 38.17 10.31 35.15
N ASP A 287 36.87 10.63 35.14
CA ASP A 287 35.98 10.17 36.19
C ASP A 287 34.63 9.82 35.58
N ALA A 288 33.86 9.02 36.31
CA ALA A 288 32.53 8.60 35.86
C ALA A 288 31.59 8.55 37.05
N VAL A 289 30.29 8.65 36.74
CA VAL A 289 29.24 8.53 37.73
C VAL A 289 28.25 7.48 37.22
N ASP A 290 27.98 6.48 38.04
CA ASP A 290 26.97 5.48 37.72
C ASP A 290 25.60 5.99 38.13
N CYS A 291 24.72 6.16 37.15
CA CYS A 291 23.44 6.81 37.41
C CYS A 291 22.54 5.96 38.32
N ALA A 292 22.56 4.65 38.15
CA ALA A 292 21.71 3.76 38.94
C ALA A 292 22.40 3.19 40.15
N LEU A 293 23.44 3.85 40.67
CA LEU A 293 24.15 3.29 41.82
C LEU A 293 23.44 3.63 43.13
N ASP A 294 23.29 4.91 43.42
CA ASP A 294 22.67 5.35 44.67
C ASP A 294 21.99 6.69 44.41
N PRO A 295 21.12 7.15 45.33
CA PRO A 295 20.40 8.40 45.08
C PRO A 295 21.31 9.60 44.81
N LEU A 296 22.47 9.68 45.47
CA LEU A 296 23.36 10.80 45.24
C LEU A 296 23.90 10.79 43.81
N SER A 297 24.30 9.63 43.31
CA SER A 297 24.74 9.55 41.93
C SER A 297 23.59 9.80 40.97
N GLU A 298 22.38 9.39 41.35
CA GLU A 298 21.21 9.68 40.50
C GLU A 298 20.97 11.17 40.37
N THR A 299 21.08 11.91 41.48
CA THR A 299 20.90 13.36 41.40
C THR A 299 22.09 14.06 40.76
N LYS A 300 23.29 13.47 40.81
CA LYS A 300 24.40 13.99 40.03
C LYS A 300 24.15 13.81 38.53
N CYS A 301 23.58 12.66 38.15
CA CYS A 301 23.24 12.41 36.75
C CYS A 301 22.16 13.35 36.26
N THR A 302 21.10 13.53 37.06
CA THR A 302 19.99 14.38 36.63
C THR A 302 20.42 15.84 36.50
N LEU A 303 21.29 16.31 37.39
CA LEU A 303 21.79 17.67 37.33
C LEU A 303 22.93 17.85 36.33
N LYS A 304 23.44 16.76 35.77
CA LYS A 304 24.60 16.80 34.87
C LYS A 304 25.77 17.54 35.52
N SER A 305 26.07 17.17 36.76
CA SER A 305 27.14 17.82 37.50
C SER A 305 27.73 16.84 38.50
N PHE A 306 29.03 16.97 38.72
CA PHE A 306 29.73 16.17 39.72
C PHE A 306 29.63 16.76 41.12
N THR A 307 29.08 17.96 41.26
CA THR A 307 28.88 18.58 42.55
C THR A 307 27.42 19.00 42.69
N VAL A 308 26.86 18.79 43.88
CA VAL A 308 25.46 19.06 44.14
C VAL A 308 25.35 20.04 45.29
N GLU A 309 24.57 21.10 45.08
CA GLU A 309 24.31 22.11 46.08
C GLU A 309 23.23 21.62 47.05
N LYS A 310 23.17 22.29 48.20
CA LYS A 310 22.15 21.97 49.19
C LYS A 310 20.76 22.22 48.62
N GLY A 311 19.86 21.26 48.81
CA GLY A 311 18.50 21.43 48.35
C GLY A 311 17.81 20.10 48.16
N ILE A 312 16.62 20.18 47.56
CA ILE A 312 15.81 19.02 47.22
C ILE A 312 15.71 18.92 45.71
N TYR A 313 15.96 17.73 45.18
CA TYR A 313 15.95 17.51 43.74
C TYR A 313 15.14 16.26 43.43
N GLN A 314 14.18 16.38 42.52
CA GLN A 314 13.47 15.21 42.03
C GLN A 314 14.35 14.46 41.03
N THR A 315 14.41 13.14 41.19
CA THR A 315 15.34 12.35 40.39
C THR A 315 14.62 11.33 39.52
N SER A 316 13.54 10.73 40.04
CA SER A 316 12.83 9.71 39.28
C SER A 316 11.41 9.53 39.77
N ASN A 317 10.77 8.45 39.32
CA ASN A 317 9.42 8.11 39.76
C ASN A 317 9.43 6.72 40.39
N PHE A 318 8.53 6.54 41.35
CA PHE A 318 8.32 5.26 42.02
C PHE A 318 6.95 4.74 41.62
N ARG A 319 6.92 3.52 41.09
CA ARG A 319 5.68 2.87 40.66
C ARG A 319 5.70 1.42 41.13
N VAL A 320 4.55 0.94 41.60
CA VAL A 320 4.41 -0.47 41.93
C VAL A 320 3.96 -1.24 40.69
N GLN A 321 4.35 -2.50 40.62
CA GLN A 321 4.02 -3.36 39.50
C GLN A 321 2.97 -4.38 39.91
N PRO A 322 2.13 -4.81 38.96
CA PRO A 322 1.08 -5.79 39.29
C PRO A 322 1.65 -7.20 39.38
N THR A 323 0.91 -8.08 40.06
CA THR A 323 1.26 -9.49 40.18
C THR A 323 -0.02 -10.31 40.06
N GLU A 324 0.10 -11.56 39.60
CA GLU A 324 -0.97 -12.54 39.54
C GLU A 324 -2.21 -11.99 38.84
N SER A 325 -2.09 -11.71 37.54
CA SER A 325 -3.19 -11.18 36.75
C SER A 325 -4.42 -12.08 36.89
N ILE A 326 -5.48 -11.54 37.49
CA ILE A 326 -6.67 -12.31 37.81
C ILE A 326 -7.73 -12.08 36.74
N VAL A 327 -8.64 -13.04 36.64
CA VAL A 327 -9.73 -13.02 35.67
C VAL A 327 -10.99 -13.53 36.36
N ARG A 328 -12.13 -12.91 36.08
CA ARG A 328 -13.41 -13.31 36.66
C ARG A 328 -14.47 -13.29 35.56
N PHE A 329 -15.42 -14.21 35.64
CA PHE A 329 -16.47 -14.39 34.66
C PHE A 329 -17.67 -15.06 35.30
N PRO A 330 -18.85 -14.99 34.66
CA PRO A 330 -20.03 -15.65 35.23
C PRO A 330 -19.84 -17.15 35.36
N ASN A 331 -20.68 -17.77 36.20
CA ASN A 331 -20.39 -19.11 36.69
C ASN A 331 -20.86 -20.22 35.75
N ILE A 332 -21.07 -19.88 34.47
CA ILE A 332 -21.31 -20.87 33.42
C ILE A 332 -22.53 -21.71 33.77
N THR A 333 -23.66 -21.05 34.03
CA THR A 333 -24.85 -21.77 34.48
C THR A 333 -25.41 -22.69 33.39
N ASN A 334 -25.45 -22.22 32.14
CA ASN A 334 -26.12 -22.95 31.07
C ASN A 334 -25.09 -23.81 30.35
N LEU A 335 -25.34 -25.12 30.30
CA LEU A 335 -24.46 -26.07 29.63
C LEU A 335 -25.14 -26.61 28.39
N CYS A 336 -24.42 -26.60 27.26
CA CYS A 336 -25.05 -26.90 25.99
C CYS A 336 -25.15 -28.41 25.80
N PRO A 337 -26.31 -28.93 25.32
CA PRO A 337 -26.67 -30.34 25.50
C PRO A 337 -26.04 -31.33 24.51
N PHE A 338 -24.72 -31.26 24.35
CA PHE A 338 -24.01 -32.30 23.59
C PHE A 338 -24.35 -33.69 24.10
N GLY A 339 -24.49 -33.84 25.42
CA GLY A 339 -24.75 -35.17 25.98
C GLY A 339 -25.98 -35.83 25.41
N GLU A 340 -26.87 -35.03 24.80
CA GLU A 340 -28.05 -35.63 24.19
C GLU A 340 -27.69 -36.33 22.88
N VAL A 341 -26.97 -35.64 22.00
CA VAL A 341 -26.71 -36.18 20.67
C VAL A 341 -25.70 -37.31 20.74
N PHE A 342 -24.65 -37.14 21.54
CA PHE A 342 -23.57 -38.12 21.58
C PHE A 342 -23.98 -39.37 22.34
N ASN A 343 -24.75 -39.23 23.41
CA ASN A 343 -25.12 -40.34 24.27
C ASN A 343 -26.61 -40.65 24.20
N ALA A 344 -27.18 -40.59 22.99
CA ALA A 344 -28.58 -40.95 22.80
C ALA A 344 -28.74 -42.47 22.77
N THR A 345 -29.95 -42.94 22.46
CA THR A 345 -30.23 -44.37 22.42
C THR A 345 -30.34 -44.86 20.98
N ARG A 346 -31.20 -44.25 20.17
CA ARG A 346 -31.36 -44.65 18.77
C ARG A 346 -30.92 -43.49 17.88
N PHE A 347 -29.99 -43.76 16.98
CA PHE A 347 -29.55 -42.76 16.01
C PHE A 347 -30.42 -42.88 14.76
N ALA A 348 -30.04 -42.19 13.69
CA ALA A 348 -30.75 -42.25 12.43
C ALA A 348 -29.81 -42.78 11.35
N SER A 349 -30.39 -43.53 10.40
CA SER A 349 -29.60 -44.07 9.31
C SER A 349 -29.09 -42.93 8.43
N VAL A 350 -27.97 -43.19 7.74
CA VAL A 350 -27.27 -42.15 7.01
C VAL A 350 -28.08 -41.58 5.84
N TYR A 351 -29.04 -42.35 5.30
CA TYR A 351 -29.85 -41.82 4.21
C TYR A 351 -30.71 -40.65 4.67
N ALA A 352 -31.00 -40.56 5.97
CA ALA A 352 -31.66 -39.42 6.57
C ALA A 352 -30.87 -39.07 7.83
N TRP A 353 -29.84 -38.25 7.69
CA TRP A 353 -28.98 -37.87 8.81
C TRP A 353 -29.73 -36.91 9.71
N ASN A 354 -29.75 -37.20 11.01
CA ASN A 354 -30.53 -36.36 11.92
C ASN A 354 -29.77 -35.09 12.27
N ARG A 355 -30.36 -33.95 11.91
CA ARG A 355 -29.72 -32.65 12.11
C ARG A 355 -30.46 -31.89 13.21
N LYS A 356 -29.75 -31.59 14.30
CA LYS A 356 -30.30 -30.69 15.30
C LYS A 356 -29.45 -29.44 15.41
N ARG A 357 -30.10 -28.29 15.39
CA ARG A 357 -29.42 -27.02 15.60
C ARG A 357 -29.35 -26.73 17.09
N ILE A 358 -28.27 -26.05 17.49
CA ILE A 358 -28.08 -25.64 18.87
C ILE A 358 -27.63 -24.19 18.89
N SER A 359 -28.21 -23.42 19.81
CA SER A 359 -27.97 -22.00 19.96
C SER A 359 -28.27 -21.63 21.41
N ASN A 360 -27.83 -20.44 21.82
CA ASN A 360 -28.06 -19.93 23.17
C ASN A 360 -27.54 -20.90 24.22
N CYS A 361 -26.43 -21.57 23.93
CA CYS A 361 -25.86 -22.53 24.86
C CYS A 361 -24.35 -22.35 24.93
N VAL A 362 -23.81 -22.50 26.13
CA VAL A 362 -22.36 -22.42 26.34
C VAL A 362 -21.80 -23.83 26.17
N ALA A 363 -21.06 -24.04 25.09
CA ALA A 363 -20.59 -25.36 24.71
C ALA A 363 -19.19 -25.60 25.25
N ASP A 364 -19.02 -26.73 25.93
CA ASP A 364 -17.75 -27.12 26.51
C ASP A 364 -17.15 -28.21 25.62
N TYR A 365 -16.36 -27.79 24.63
CA TYR A 365 -15.71 -28.73 23.74
C TYR A 365 -14.50 -29.40 24.38
N SER A 366 -14.05 -28.92 25.53
CA SER A 366 -12.91 -29.54 26.20
C SER A 366 -13.22 -30.97 26.60
N VAL A 367 -14.42 -31.22 27.12
CA VAL A 367 -14.82 -32.56 27.51
C VAL A 367 -14.80 -33.49 26.30
N LEU A 368 -15.01 -32.93 25.10
CA LEU A 368 -15.09 -33.75 23.91
C LEU A 368 -13.75 -34.41 23.58
N TYR A 369 -12.72 -33.60 23.33
CA TYR A 369 -11.43 -34.18 22.98
C TYR A 369 -10.73 -34.77 24.20
N ASN A 370 -11.03 -34.24 25.40
CA ASN A 370 -10.47 -34.85 26.60
C ASN A 370 -11.00 -36.26 26.82
N SER A 371 -12.22 -36.53 26.38
CA SER A 371 -12.74 -37.89 26.43
C SER A 371 -12.00 -38.77 25.44
N ALA A 372 -11.72 -40.01 25.85
CA ALA A 372 -10.97 -40.96 25.03
C ALA A 372 -11.88 -41.94 24.31
N SER A 373 -13.20 -41.80 24.42
CA SER A 373 -14.11 -42.75 23.77
C SER A 373 -14.13 -42.57 22.26
N PHE A 374 -13.97 -41.33 21.80
CA PHE A 374 -14.04 -41.05 20.37
C PHE A 374 -12.77 -41.53 19.67
N SER A 375 -12.95 -42.35 18.64
CA SER A 375 -11.80 -42.86 17.89
C SER A 375 -11.24 -41.80 16.95
N THR A 376 -12.12 -41.03 16.31
CA THR A 376 -11.71 -40.04 15.32
C THR A 376 -12.24 -38.67 15.70
N PHE A 377 -11.33 -37.70 15.73
CA PHE A 377 -11.63 -36.33 16.15
C PHE A 377 -11.04 -35.37 15.14
N LYS A 378 -11.19 -35.67 13.86
CA LYS A 378 -10.67 -34.79 12.81
C LYS A 378 -11.52 -33.54 12.72
N CYS A 379 -10.91 -32.40 13.02
CA CYS A 379 -11.58 -31.10 12.96
C CYS A 379 -10.93 -30.27 11.87
N TYR A 380 -11.74 -29.73 10.97
CA TYR A 380 -11.27 -29.01 9.80
C TYR A 380 -11.61 -27.53 9.96
N GLY A 381 -10.64 -26.67 9.66
CA GLY A 381 -10.85 -25.24 9.73
C GLY A 381 -10.49 -24.62 11.06
N VAL A 382 -10.97 -25.22 12.15
CA VAL A 382 -10.76 -24.69 13.49
C VAL A 382 -9.82 -25.61 14.25
N SER A 383 -8.85 -25.01 14.94
CA SER A 383 -7.91 -25.75 15.78
C SER A 383 -8.68 -26.45 16.90
N PRO A 384 -8.39 -27.73 17.16
CA PRO A 384 -9.13 -28.44 18.21
C PRO A 384 -9.01 -27.81 19.58
N THR A 385 -7.84 -27.23 19.91
CA THR A 385 -7.65 -26.65 21.22
C THR A 385 -8.36 -25.30 21.35
N LYS A 386 -8.46 -24.56 20.25
CA LYS A 386 -9.04 -23.23 20.27
C LYS A 386 -10.56 -23.25 20.17
N LEU A 387 -11.18 -24.42 20.08
CA LEU A 387 -12.63 -24.50 19.93
C LEU A 387 -13.35 -23.84 21.11
N ASN A 388 -12.75 -23.90 22.29
CA ASN A 388 -13.37 -23.35 23.49
C ASN A 388 -13.30 -21.83 23.52
N ASP A 389 -12.60 -21.23 22.56
CA ASP A 389 -12.35 -19.79 22.57
C ASP A 389 -12.95 -19.08 21.36
N LEU A 390 -13.91 -19.70 20.68
CA LEU A 390 -14.57 -19.09 19.53
C LEU A 390 -16.07 -19.07 19.75
N CYS A 391 -16.72 -18.00 19.28
CA CYS A 391 -18.16 -17.82 19.41
C CYS A 391 -18.79 -17.92 18.02
N PHE A 392 -19.86 -18.70 17.91
CA PHE A 392 -20.52 -18.96 16.64
C PHE A 392 -22.01 -18.67 16.75
N THR A 393 -22.61 -18.28 15.61
CA THR A 393 -24.03 -17.95 15.61
C THR A 393 -24.88 -19.16 15.96
N ASN A 394 -24.58 -20.32 15.36
CA ASN A 394 -25.28 -21.55 15.71
C ASN A 394 -24.42 -22.74 15.32
N VAL A 395 -24.74 -23.91 15.88
CA VAL A 395 -23.99 -25.13 15.58
C VAL A 395 -24.97 -26.21 15.17
N TYR A 396 -24.74 -26.83 14.02
CA TYR A 396 -25.56 -27.93 13.57
C TYR A 396 -24.87 -29.25 13.86
N ALA A 397 -25.57 -30.15 14.53
CA ALA A 397 -25.08 -31.50 14.80
C ALA A 397 -25.84 -32.45 13.90
N ASP A 398 -25.16 -32.98 12.88
CA ASP A 398 -25.72 -33.99 11.99
C ASP A 398 -25.17 -35.34 12.39
N SER A 399 -26.05 -36.22 12.84
CA SER A 399 -25.69 -37.49 13.43
C SER A 399 -26.21 -38.64 12.58
N PHE A 400 -25.42 -39.71 12.53
CA PHE A 400 -25.83 -40.95 11.88
C PHE A 400 -24.89 -42.07 12.32
N VAL A 401 -25.09 -43.25 11.74
CA VAL A 401 -24.23 -44.40 11.96
C VAL A 401 -23.68 -44.84 10.61
N ILE A 402 -22.40 -45.23 10.58
CA ILE A 402 -21.72 -45.57 9.34
C ILE A 402 -20.90 -46.82 9.56
N ARG A 403 -20.56 -47.49 8.46
CA ARG A 403 -19.56 -48.53 8.50
C ARG A 403 -18.19 -47.93 8.82
N GLY A 404 -17.41 -48.66 9.61
CA GLY A 404 -16.12 -48.14 10.03
C GLY A 404 -15.19 -47.85 8.87
N ASP A 405 -15.14 -48.77 7.90
CA ASP A 405 -14.25 -48.59 6.76
C ASP A 405 -14.63 -47.35 5.95
N GLU A 406 -15.90 -46.94 6.02
CA GLU A 406 -16.37 -45.76 5.32
C GLU A 406 -16.30 -44.51 6.17
N VAL A 407 -15.78 -44.61 7.40
CA VAL A 407 -15.73 -43.45 8.29
C VAL A 407 -14.83 -42.37 7.71
N ARG A 408 -13.78 -42.76 6.99
CA ARG A 408 -12.89 -41.78 6.37
C ARG A 408 -13.59 -41.00 5.27
N GLN A 409 -14.71 -41.51 4.75
CA GLN A 409 -15.40 -40.84 3.67
C GLN A 409 -16.04 -39.53 4.13
N ILE A 410 -16.28 -39.38 5.43
CA ILE A 410 -16.95 -38.19 5.94
C ILE A 410 -15.91 -37.10 6.15
N ALA A 411 -15.62 -36.34 5.11
CA ALA A 411 -14.63 -35.27 5.14
C ALA A 411 -14.72 -34.51 3.83
N PRO A 412 -14.28 -33.25 3.79
CA PRO A 412 -14.25 -32.51 2.53
C PRO A 412 -13.29 -33.14 1.53
N GLY A 413 -13.75 -33.27 0.29
CA GLY A 413 -12.90 -33.67 -0.81
C GLY A 413 -12.74 -35.17 -1.04
N GLN A 414 -13.65 -35.99 -0.53
CA GLN A 414 -13.60 -37.43 -0.78
C GLN A 414 -14.88 -37.88 -1.48
N THR A 415 -14.73 -38.88 -2.34
CA THR A 415 -15.84 -39.46 -3.09
C THR A 415 -16.10 -40.88 -2.63
N GLY A 416 -17.34 -41.32 -2.82
CA GLY A 416 -17.76 -42.63 -2.40
C GLY A 416 -19.27 -42.71 -2.26
N LYS A 417 -19.82 -43.91 -2.03
CA LYS A 417 -21.27 -44.06 -1.98
C LYS A 417 -21.89 -43.20 -0.89
N ILE A 418 -21.35 -43.25 0.33
CA ILE A 418 -21.85 -42.41 1.40
C ILE A 418 -21.64 -40.94 1.07
N ALA A 419 -20.46 -40.60 0.56
CA ALA A 419 -20.15 -39.22 0.20
C ALA A 419 -20.98 -38.72 -0.98
N ASP A 420 -21.24 -39.58 -1.97
CA ASP A 420 -21.85 -39.09 -3.20
C ASP A 420 -23.37 -39.16 -3.14
N TYR A 421 -23.93 -40.01 -2.29
CA TYR A 421 -25.37 -40.28 -2.35
C TYR A 421 -26.07 -40.22 -1.01
N ASN A 422 -25.35 -40.15 0.11
CA ASN A 422 -25.98 -40.12 1.42
C ASN A 422 -25.75 -38.81 2.15
N TYR A 423 -24.48 -38.42 2.34
CA TYR A 423 -24.18 -37.19 3.06
C TYR A 423 -22.85 -36.65 2.55
N LYS A 424 -22.88 -35.45 1.98
CA LYS A 424 -21.69 -34.84 1.38
C LYS A 424 -21.38 -33.55 2.11
N LEU A 425 -20.13 -33.42 2.56
CA LEU A 425 -19.67 -32.20 3.21
C LEU A 425 -19.15 -31.21 2.17
N PRO A 426 -19.20 -29.92 2.47
CA PRO A 426 -18.71 -28.92 1.52
C PRO A 426 -17.19 -28.98 1.38
N ASP A 427 -16.71 -28.44 0.27
CA ASP A 427 -15.27 -28.33 0.07
C ASP A 427 -14.65 -27.41 1.10
N ASP A 428 -15.32 -26.31 1.43
CA ASP A 428 -14.89 -25.40 2.48
C ASP A 428 -15.75 -25.64 3.72
N PHE A 429 -15.29 -26.53 4.59
CA PHE A 429 -16.01 -26.90 5.80
C PHE A 429 -15.24 -26.46 7.03
N THR A 430 -15.88 -25.67 7.87
CA THR A 430 -15.31 -25.22 9.14
C THR A 430 -16.07 -25.87 10.29
N GLY A 431 -15.62 -27.06 10.67
CA GLY A 431 -16.26 -27.80 11.75
C GLY A 431 -15.39 -28.93 12.27
N CYS A 432 -16.02 -30.01 12.74
CA CYS A 432 -15.26 -31.15 13.21
C CYS A 432 -16.14 -32.40 13.10
N VAL A 433 -15.49 -33.57 13.17
CA VAL A 433 -16.18 -34.84 12.98
C VAL A 433 -15.88 -35.79 14.13
N ILE A 434 -16.85 -36.00 15.02
CA ILE A 434 -16.75 -37.04 16.04
C ILE A 434 -17.11 -38.36 15.39
N ALA A 435 -16.24 -39.34 15.51
CA ALA A 435 -16.53 -40.69 15.03
C ALA A 435 -16.07 -41.71 16.05
N TRP A 436 -17.02 -42.44 16.65
CA TRP A 436 -16.69 -43.37 17.71
C TRP A 436 -17.35 -44.72 17.45
N ASN A 437 -16.57 -45.79 17.60
CA ASN A 437 -17.09 -47.14 17.41
C ASN A 437 -18.10 -47.47 18.49
N SER A 438 -19.22 -48.08 18.07
CA SER A 438 -20.31 -48.44 18.98
C SER A 438 -20.73 -49.88 18.68
N ASN A 439 -19.74 -50.77 18.61
CA ASN A 439 -20.00 -52.15 18.21
C ASN A 439 -20.99 -52.82 19.16
N ASN A 440 -20.81 -52.62 20.47
CA ASN A 440 -21.68 -53.28 21.44
C ASN A 440 -23.10 -52.71 21.41
N LEU A 441 -23.24 -51.38 21.31
CA LEU A 441 -24.59 -50.80 21.34
C LEU A 441 -25.38 -51.09 20.08
N ASP A 442 -24.77 -50.90 18.90
CA ASP A 442 -25.54 -50.89 17.66
C ASP A 442 -25.55 -52.23 16.92
N SER A 443 -24.69 -53.18 17.29
CA SER A 443 -24.68 -54.49 16.64
C SER A 443 -25.35 -55.49 17.59
N LYS A 444 -26.65 -55.66 17.40
CA LYS A 444 -27.40 -56.62 18.19
C LYS A 444 -27.09 -58.05 17.73
N VAL A 445 -27.51 -59.02 18.54
CA VAL A 445 -27.28 -60.42 18.23
C VAL A 445 -28.07 -60.80 16.98
N GLY A 446 -27.39 -61.48 16.04
CA GLY A 446 -28.01 -61.88 14.80
C GLY A 446 -27.89 -60.87 13.67
N GLY A 447 -27.36 -59.68 13.94
CA GLY A 447 -27.20 -58.67 12.91
C GLY A 447 -28.32 -57.66 12.88
N ASN A 448 -27.96 -56.38 13.03
CA ASN A 448 -28.93 -55.30 12.97
C ASN A 448 -29.18 -54.90 11.52
N TYR A 449 -30.46 -54.83 11.14
CA TYR A 449 -30.84 -54.53 9.77
C TYR A 449 -31.66 -53.25 9.66
N ASN A 450 -31.89 -52.56 10.78
CA ASN A 450 -32.70 -51.34 10.74
C ASN A 450 -31.95 -50.18 10.06
N TYR A 451 -30.63 -50.13 10.20
CA TYR A 451 -29.84 -49.08 9.58
C TYR A 451 -29.58 -49.44 8.12
N LEU A 452 -29.86 -48.48 7.23
CA LEU A 452 -29.79 -48.68 5.81
C LEU A 452 -29.26 -47.42 5.13
N TYR A 453 -28.68 -47.60 3.95
CA TYR A 453 -28.01 -46.51 3.25
C TYR A 453 -28.39 -46.52 1.77
N ARG A 454 -28.24 -45.36 1.14
CA ARG A 454 -28.64 -45.17 -0.25
C ARG A 454 -27.45 -45.46 -1.15
N LEU A 455 -27.50 -46.62 -1.83
CA LEU A 455 -26.40 -47.02 -2.70
C LEU A 455 -26.38 -46.21 -3.99
N PHE A 456 -27.54 -46.00 -4.60
CA PHE A 456 -27.66 -45.40 -5.93
C PHE A 456 -28.53 -44.16 -5.89
N ARG A 457 -28.12 -43.15 -6.66
CA ARG A 457 -28.89 -41.93 -6.82
C ARG A 457 -28.47 -41.29 -8.14
N LYS A 458 -29.41 -40.66 -8.84
CA LYS A 458 -29.14 -40.19 -10.19
C LYS A 458 -28.09 -39.09 -10.20
N SER A 459 -28.10 -38.21 -9.21
CA SER A 459 -27.22 -37.04 -9.18
C SER A 459 -26.53 -36.94 -7.83
N ASN A 460 -25.28 -36.48 -7.86
CA ASN A 460 -24.56 -36.24 -6.62
C ASN A 460 -25.17 -35.07 -5.87
N LEU A 461 -25.63 -35.33 -4.66
CA LEU A 461 -26.38 -34.34 -3.90
C LEU A 461 -25.48 -33.21 -3.43
N LYS A 462 -26.07 -32.03 -3.29
CA LYS A 462 -25.34 -30.85 -2.84
C LYS A 462 -25.00 -30.97 -1.36
N PRO A 463 -24.00 -30.21 -0.89
CA PRO A 463 -23.64 -30.28 0.53
C PRO A 463 -24.80 -29.95 1.44
N PHE A 464 -24.89 -30.69 2.55
CA PHE A 464 -25.98 -30.56 3.52
C PHE A 464 -27.35 -30.71 2.84
N GLU A 465 -27.48 -31.73 1.99
CA GLU A 465 -28.76 -32.10 1.42
C GLU A 465 -29.21 -33.44 2.00
N ARG A 466 -30.51 -33.56 2.22
CA ARG A 466 -31.11 -34.77 2.76
C ARG A 466 -32.20 -35.25 1.82
N ASP A 467 -32.09 -36.50 1.36
CA ASP A 467 -33.03 -37.08 0.42
C ASP A 467 -33.63 -38.34 1.03
N ILE A 468 -34.92 -38.26 1.37
CA ILE A 468 -35.63 -39.37 1.97
C ILE A 468 -36.42 -40.17 0.93
N SER A 469 -36.73 -39.56 -0.22
CA SER A 469 -37.64 -40.14 -1.19
C SER A 469 -37.19 -41.55 -1.59
N THR A 470 -38.06 -42.52 -1.33
CA THR A 470 -37.80 -43.91 -1.67
C THR A 470 -38.37 -44.20 -3.05
N GLU A 471 -37.84 -43.50 -4.05
CA GLU A 471 -38.29 -43.59 -5.42
C GLU A 471 -37.39 -44.55 -6.19
N ILE A 472 -38.00 -45.43 -6.98
CA ILE A 472 -37.26 -46.45 -7.70
C ILE A 472 -36.36 -45.80 -8.74
N TYR A 473 -35.08 -46.20 -8.74
CA TYR A 473 -34.08 -45.62 -9.62
C TYR A 473 -34.32 -46.11 -11.05
N GLN A 474 -34.29 -45.18 -12.01
CA GLN A 474 -34.44 -45.56 -13.41
C GLN A 474 -33.36 -46.56 -13.83
N ALA A 475 -32.09 -46.23 -13.60
CA ALA A 475 -30.95 -47.08 -13.92
C ALA A 475 -31.03 -47.63 -15.35
N GLY A 476 -31.43 -46.78 -16.29
CA GLY A 476 -31.57 -47.21 -17.68
C GLY A 476 -32.67 -46.46 -18.40
N SER A 477 -33.15 -47.03 -19.50
CA SER A 477 -34.20 -46.42 -20.30
C SER A 477 -35.58 -47.00 -19.97
N THR A 478 -35.66 -47.91 -19.01
CA THR A 478 -36.92 -48.55 -18.69
C THR A 478 -37.81 -47.62 -17.86
N PRO A 479 -39.09 -47.49 -18.23
CA PRO A 479 -40.05 -46.79 -17.36
C PRO A 479 -40.38 -47.64 -16.15
N CYS A 480 -39.90 -47.22 -14.97
CA CYS A 480 -40.01 -48.06 -13.78
C CYS A 480 -41.46 -48.26 -13.36
N ASN A 481 -42.24 -47.17 -13.35
CA ASN A 481 -43.65 -47.21 -12.96
C ASN A 481 -43.81 -47.77 -11.55
N GLY A 482 -42.81 -47.57 -10.71
CA GLY A 482 -42.91 -47.93 -9.31
C GLY A 482 -42.74 -49.40 -8.98
N VAL A 483 -42.29 -50.21 -9.93
CA VAL A 483 -42.08 -51.64 -9.72
C VAL A 483 -40.59 -51.95 -9.87
N GLU A 484 -40.08 -52.82 -9.01
CA GLU A 484 -38.68 -53.22 -9.07
C GLU A 484 -38.46 -54.22 -10.19
N GLY A 485 -37.68 -53.85 -11.19
CA GLY A 485 -37.40 -54.72 -12.31
C GLY A 485 -35.95 -55.16 -12.40
N PHE A 486 -35.52 -55.58 -13.59
CA PHE A 486 -34.09 -55.84 -13.80
C PHE A 486 -33.29 -54.55 -13.80
N ASN A 487 -33.82 -53.50 -14.40
CA ASN A 487 -33.20 -52.19 -14.36
C ASN A 487 -33.81 -51.27 -13.32
N CYS A 488 -34.96 -51.63 -12.76
CA CYS A 488 -35.63 -50.85 -11.73
C CYS A 488 -35.48 -51.56 -10.40
N TYR A 489 -35.01 -50.83 -9.39
CA TYR A 489 -34.77 -51.41 -8.07
C TYR A 489 -34.66 -50.34 -7.00
N PHE A 490 -34.82 -50.80 -5.76
CA PHE A 490 -34.87 -49.94 -4.59
C PHE A 490 -33.45 -49.59 -4.15
N PRO A 491 -33.05 -48.32 -4.24
CA PRO A 491 -31.68 -47.96 -3.85
C PRO A 491 -31.53 -47.62 -2.38
N LEU A 492 -32.08 -48.47 -1.51
CA LEU A 492 -31.96 -48.26 -0.06
C LEU A 492 -31.67 -49.63 0.55
N GLN A 493 -30.39 -49.91 0.78
CA GLN A 493 -29.96 -51.23 1.22
C GLN A 493 -29.45 -51.17 2.66
N SER A 494 -29.86 -52.16 3.45
CA SER A 494 -29.38 -52.28 4.83
C SER A 494 -27.93 -52.76 4.84
N TYR A 495 -27.18 -52.27 5.83
CA TYR A 495 -25.75 -52.54 5.88
C TYR A 495 -25.47 -54.03 6.10
N GLY A 496 -26.06 -54.61 7.13
CA GLY A 496 -25.67 -55.93 7.61
C GLY A 496 -24.69 -55.81 8.76
N PHE A 497 -25.17 -56.08 9.98
CA PHE A 497 -24.44 -55.75 11.20
C PHE A 497 -24.32 -56.91 12.18
N GLN A 498 -23.90 -58.08 11.70
CA GLN A 498 -23.69 -59.21 12.57
C GLN A 498 -22.70 -58.84 13.69
N PRO A 499 -22.94 -59.27 14.92
CA PRO A 499 -22.04 -58.88 16.02
C PRO A 499 -20.59 -59.30 15.80
N THR A 500 -20.36 -60.44 15.15
CA THR A 500 -19.00 -60.89 14.83
C THR A 500 -18.71 -60.51 13.39
N ASN A 501 -17.93 -59.44 13.21
CA ASN A 501 -17.57 -58.96 11.88
C ASN A 501 -16.18 -58.37 11.94
N GLY A 502 -15.68 -57.96 10.78
CA GLY A 502 -14.43 -57.23 10.75
C GLY A 502 -14.57 -55.89 11.47
N VAL A 503 -13.46 -55.43 12.06
CA VAL A 503 -13.48 -54.17 12.79
C VAL A 503 -13.83 -53.00 11.88
N GLY A 504 -13.52 -53.09 10.59
CA GLY A 504 -13.91 -52.05 9.67
C GLY A 504 -15.39 -52.04 9.34
N TYR A 505 -16.07 -53.16 9.60
CA TYR A 505 -17.49 -53.27 9.33
C TYR A 505 -18.35 -52.95 10.54
N GLN A 506 -17.73 -52.62 11.68
CA GLN A 506 -18.46 -52.36 12.90
C GLN A 506 -19.14 -51.00 12.85
N PRO A 507 -20.21 -50.81 13.62
CA PRO A 507 -20.88 -49.51 13.64
C PRO A 507 -20.02 -48.43 14.26
N TYR A 508 -19.78 -47.37 13.50
CA TYR A 508 -19.17 -46.15 14.00
C TYR A 508 -20.21 -45.06 13.95
N ARG A 509 -20.60 -44.56 15.12
CA ARG A 509 -21.55 -43.47 15.20
C ARG A 509 -20.79 -42.17 14.98
N VAL A 510 -21.29 -41.36 14.05
CA VAL A 510 -20.60 -40.17 13.56
C VAL A 510 -21.52 -38.98 13.72
N VAL A 511 -20.99 -37.93 14.36
CA VAL A 511 -21.67 -36.65 14.49
C VAL A 511 -20.75 -35.59 13.92
N VAL A 512 -21.23 -34.84 12.93
CA VAL A 512 -20.41 -33.79 12.33
C VAL A 512 -20.89 -32.43 12.84
N LEU A 513 -20.08 -31.81 13.69
CA LEU A 513 -20.41 -30.49 14.19
C LEU A 513 -20.01 -29.43 13.17
N SER A 514 -21.01 -28.70 12.66
CA SER A 514 -20.80 -27.65 11.69
C SER A 514 -21.14 -26.32 12.32
N PHE A 515 -20.18 -25.40 12.35
CA PHE A 515 -20.35 -24.11 13.00
C PHE A 515 -20.70 -23.07 11.94
N GLU A 516 -21.85 -22.42 12.09
CA GLU A 516 -22.26 -21.37 11.18
C GLU A 516 -22.25 -20.05 11.93
N LEU A 517 -21.52 -19.07 11.39
CA LEU A 517 -21.36 -17.75 11.98
C LEU A 517 -21.99 -16.75 11.02
N LEU A 518 -23.27 -16.46 11.22
CA LEU A 518 -23.99 -15.52 10.38
C LEU A 518 -23.82 -14.10 10.91
N HIS A 519 -24.54 -13.16 10.29
CA HIS A 519 -24.48 -11.78 10.73
C HIS A 519 -25.17 -11.58 12.07
N ALA A 520 -26.04 -12.53 12.45
CA ALA A 520 -26.70 -12.46 13.73
C ALA A 520 -25.69 -12.63 14.87
N PRO A 521 -25.98 -12.09 16.05
CA PRO A 521 -25.05 -12.24 17.18
C PRO A 521 -24.76 -13.69 17.53
N ALA A 522 -23.51 -13.99 17.87
CA ALA A 522 -23.13 -15.36 18.21
C ALA A 522 -23.74 -15.77 19.53
N THR A 523 -24.38 -16.94 19.55
CA THR A 523 -25.04 -17.45 20.74
C THR A 523 -24.35 -18.66 21.34
N VAL A 524 -23.50 -19.35 20.59
CA VAL A 524 -22.78 -20.53 21.08
C VAL A 524 -21.34 -20.11 21.34
N CYS A 525 -20.91 -20.26 22.59
CA CYS A 525 -19.54 -19.89 22.96
C CYS A 525 -18.93 -20.96 23.86
N GLY A 526 -17.63 -20.87 24.11
CA GLY A 526 -16.97 -21.79 24.99
C GLY A 526 -17.00 -21.29 26.42
N PRO A 527 -16.56 -22.12 27.37
CA PRO A 527 -16.53 -21.69 28.77
C PRO A 527 -15.59 -20.52 28.97
N LYS A 528 -16.09 -19.48 29.64
CA LYS A 528 -15.29 -18.28 29.85
C LYS A 528 -14.16 -18.53 30.84
N LYS A 529 -14.35 -19.49 31.76
CA LYS A 529 -13.40 -19.82 32.81
C LYS A 529 -13.29 -18.69 33.82
N SER A 530 -12.59 -18.91 34.92
CA SER A 530 -12.48 -17.91 35.98
C SER A 530 -11.28 -18.24 36.85
N THR A 531 -10.88 -17.27 37.66
CA THR A 531 -9.81 -17.44 38.64
C THR A 531 -10.27 -16.89 39.98
N ASN A 532 -9.59 -17.33 41.04
CA ASN A 532 -9.91 -16.84 42.38
C ASN A 532 -9.56 -15.35 42.49
N LEU A 533 -10.29 -14.66 43.36
CA LEU A 533 -10.12 -13.22 43.51
C LEU A 533 -9.20 -12.90 44.66
N VAL A 534 -8.30 -11.93 44.44
CA VAL A 534 -7.37 -11.46 45.46
C VAL A 534 -7.66 -9.98 45.72
N LYS A 535 -7.85 -9.64 47.00
CA LYS A 535 -8.39 -8.32 47.33
C LYS A 535 -7.35 -7.21 47.37
N ASN A 536 -6.43 -7.26 48.34
CA ASN A 536 -5.58 -6.12 48.65
C ASN A 536 -4.17 -6.27 48.08
N LYS A 537 -4.10 -6.32 46.75
CA LYS A 537 -2.82 -6.39 46.06
C LYS A 537 -2.90 -5.63 44.74
N CYS A 538 -1.81 -4.96 44.40
CA CYS A 538 -1.67 -4.32 43.09
C CYS A 538 -1.61 -5.43 42.04
N VAL A 539 -2.71 -5.62 41.31
CA VAL A 539 -2.84 -6.74 40.40
C VAL A 539 -3.34 -6.26 39.04
N ASN A 540 -3.45 -7.19 38.10
CA ASN A 540 -4.11 -6.97 36.81
C ASN A 540 -5.40 -7.76 36.80
N PHE A 541 -6.48 -7.13 36.35
CA PHE A 541 -7.78 -7.77 36.38
C PHE A 541 -8.48 -7.63 35.04
N ASN A 542 -9.26 -8.67 34.69
CA ASN A 542 -10.12 -8.67 33.52
C ASN A 542 -11.51 -9.13 34.00
N PHE A 543 -12.30 -8.17 34.46
CA PHE A 543 -13.67 -8.44 34.90
C PHE A 543 -14.61 -8.41 33.72
N ASN A 544 -14.87 -9.57 33.13
CA ASN A 544 -15.84 -9.72 32.04
C ASN A 544 -15.55 -8.73 30.91
N GLY A 545 -14.28 -8.68 30.51
CA GLY A 545 -13.84 -7.77 29.47
C GLY A 545 -13.37 -6.43 29.95
N LEU A 546 -13.48 -6.15 31.25
CA LEU A 546 -12.94 -4.92 31.83
C LEU A 546 -11.49 -5.14 32.19
N THR A 547 -10.59 -4.54 31.42
CA THR A 547 -9.15 -4.72 31.61
C THR A 547 -8.59 -3.54 32.38
N GLY A 548 -7.96 -3.82 33.53
CA GLY A 548 -7.43 -2.74 34.33
C GLY A 548 -6.40 -3.24 35.33
N THR A 549 -5.87 -2.29 36.10
CA THR A 549 -4.85 -2.56 37.10
C THR A 549 -5.26 -1.93 38.42
N GLY A 550 -4.70 -2.45 39.51
CA GLY A 550 -4.88 -1.81 40.80
C GLY A 550 -5.21 -2.70 41.97
N VAL A 551 -5.73 -2.10 43.03
CA VAL A 551 -6.06 -2.78 44.28
C VAL A 551 -7.58 -2.82 44.42
N LEU A 552 -8.11 -3.99 44.76
CA LEU A 552 -9.55 -4.25 44.76
C LEU A 552 -10.02 -4.48 46.20
N THR A 553 -10.53 -3.43 46.82
CA THR A 553 -11.07 -3.54 48.16
C THR A 553 -12.54 -3.96 48.11
N GLU A 554 -13.04 -4.51 49.22
CA GLU A 554 -14.47 -4.72 49.34
C GLU A 554 -15.15 -3.42 49.72
N SER A 555 -16.18 -3.06 48.96
CA SER A 555 -16.77 -1.73 49.03
C SER A 555 -18.18 -1.79 49.57
N ASN A 556 -18.65 -0.65 50.07
CA ASN A 556 -20.00 -0.48 50.59
C ASN A 556 -20.97 0.06 49.54
N LYS A 557 -20.56 0.12 48.28
CA LYS A 557 -21.44 0.59 47.22
C LYS A 557 -22.68 -0.29 47.13
N LYS A 558 -23.81 0.34 46.86
CA LYS A 558 -25.09 -0.35 46.67
C LYS A 558 -25.47 -0.20 45.20
N PHE A 559 -24.96 -1.11 44.37
CA PHE A 559 -25.29 -1.10 42.96
C PHE A 559 -26.74 -1.50 42.74
N LEU A 560 -27.33 -0.98 41.67
CA LEU A 560 -28.59 -1.51 41.18
C LEU A 560 -28.34 -2.91 40.61
N PRO A 561 -29.36 -3.78 40.66
CA PRO A 561 -29.14 -5.18 40.27
C PRO A 561 -28.60 -5.36 38.85
N PHE A 562 -29.08 -4.56 37.90
CA PHE A 562 -28.65 -4.74 36.52
C PHE A 562 -27.24 -4.22 36.27
N GLN A 563 -26.79 -3.25 37.05
CA GLN A 563 -25.50 -2.62 36.78
C GLN A 563 -24.36 -3.59 37.03
N GLN A 564 -23.27 -3.40 36.27
CA GLN A 564 -22.12 -4.29 36.34
C GLN A 564 -20.86 -3.64 36.89
N PHE A 565 -20.66 -2.35 36.64
CA PHE A 565 -19.49 -1.65 37.17
C PHE A 565 -19.81 -0.16 37.23
N GLY A 566 -18.98 0.57 37.97
CA GLY A 566 -19.26 1.97 38.26
C GLY A 566 -18.06 2.86 37.99
N ARG A 567 -18.34 3.99 37.34
CA ARG A 567 -17.35 5.01 37.04
C ARG A 567 -17.56 6.20 37.97
N ASP A 568 -16.54 7.04 38.06
CA ASP A 568 -16.62 8.29 38.79
C ASP A 568 -16.76 9.45 37.81
N ILE A 569 -16.68 10.67 38.34
CA ILE A 569 -16.57 11.84 37.48
C ILE A 569 -15.28 11.75 36.68
N ALA A 570 -15.31 12.30 35.46
CA ALA A 570 -14.27 12.18 34.44
C ALA A 570 -14.23 10.77 33.86
N ASP A 571 -15.21 9.93 34.20
CA ASP A 571 -15.38 8.60 33.61
C ASP A 571 -14.14 7.73 33.77
N THR A 572 -13.75 7.50 35.02
CA THR A 572 -12.72 6.53 35.36
C THR A 572 -13.35 5.41 36.16
N THR A 573 -13.17 4.17 35.71
CA THR A 573 -13.75 3.02 36.38
C THR A 573 -13.14 2.88 37.76
N ASP A 574 -13.98 2.92 38.79
CA ASP A 574 -13.52 2.80 40.16
C ASP A 574 -14.34 1.79 40.97
N ALA A 575 -15.26 1.08 40.34
CA ALA A 575 -15.93 -0.01 41.04
C ALA A 575 -16.39 -1.04 40.02
N VAL A 576 -16.57 -2.27 40.49
CA VAL A 576 -17.02 -3.36 39.63
C VAL A 576 -17.48 -4.50 40.51
N ARG A 577 -18.56 -5.17 40.09
CA ARG A 577 -18.97 -6.43 40.70
C ARG A 577 -18.24 -7.55 39.96
N ASP A 578 -17.67 -8.47 40.72
CA ASP A 578 -17.19 -9.70 40.10
C ASP A 578 -18.41 -10.51 39.65
N PRO A 579 -18.39 -11.09 38.45
CA PRO A 579 -19.57 -11.80 37.94
C PRO A 579 -20.00 -12.94 38.85
N GLN A 580 -19.04 -13.57 39.51
CA GLN A 580 -19.37 -14.62 40.46
C GLN A 580 -19.65 -14.03 41.84
N THR A 581 -20.65 -14.59 42.52
CA THR A 581 -21.06 -14.20 43.88
C THR A 581 -21.68 -12.81 43.94
N LEU A 582 -21.66 -12.09 42.82
CA LEU A 582 -22.30 -10.79 42.67
C LEU A 582 -22.02 -9.85 43.84
N GLU A 583 -20.75 -9.53 44.08
CA GLU A 583 -20.36 -8.62 45.14
C GLU A 583 -19.55 -7.46 44.55
N ILE A 584 -19.79 -6.27 45.08
CA ILE A 584 -19.20 -5.05 44.53
C ILE A 584 -17.78 -4.91 45.05
N LEU A 585 -16.86 -4.56 44.16
CA LEU A 585 -15.47 -4.29 44.52
C LEU A 585 -15.13 -2.85 44.18
N ASP A 586 -14.08 -2.33 44.81
CA ASP A 586 -13.65 -0.95 44.67
C ASP A 586 -12.22 -0.94 44.15
N ILE A 587 -12.00 -0.27 43.02
CA ILE A 587 -10.69 -0.22 42.39
C ILE A 587 -9.98 1.05 42.79
N THR A 588 -8.74 0.93 43.25
CA THR A 588 -7.89 2.08 43.52
C THR A 588 -6.56 1.87 42.81
N PRO A 589 -6.00 2.92 42.21
CA PRO A 589 -4.79 2.76 41.40
C PRO A 589 -3.60 2.33 42.25
N CYS A 590 -2.69 1.60 41.61
CA CYS A 590 -1.46 1.18 42.29
C CYS A 590 -0.63 2.40 42.67
N SER A 591 0.04 2.30 43.80
CA SER A 591 0.75 3.45 44.36
C SER A 591 1.83 3.94 43.40
N PHE A 592 1.87 5.26 43.19
CA PHE A 592 2.88 5.87 42.35
C PHE A 592 3.21 7.25 42.91
N GLY A 593 4.36 7.76 42.53
CA GLY A 593 4.74 9.11 42.95
C GLY A 593 6.09 9.47 42.39
N GLY A 594 6.53 10.67 42.74
CA GLY A 594 7.88 11.10 42.44
C GLY A 594 8.80 10.86 43.62
N VAL A 595 10.08 10.67 43.34
CA VAL A 595 11.08 10.44 44.38
C VAL A 595 12.11 11.56 44.30
N SER A 596 12.39 12.16 45.45
CA SER A 596 13.30 13.30 45.53
C SER A 596 14.39 13.00 46.55
N VAL A 597 15.51 13.70 46.41
CA VAL A 597 16.67 13.50 47.27
C VAL A 597 16.94 14.76 48.06
N ILE A 598 17.22 14.59 49.35
CA ILE A 598 17.59 15.65 50.26
C ILE A 598 19.09 15.58 50.46
N THR A 599 19.81 16.57 49.96
CA THR A 599 21.26 16.61 50.06
C THR A 599 21.71 17.90 50.73
N PRO A 600 22.53 17.81 51.78
CA PRO A 600 23.09 19.03 52.38
C PRO A 600 24.19 19.67 51.54
N GLY A 601 24.52 19.10 50.39
CA GLY A 601 25.62 19.59 49.57
C GLY A 601 26.76 18.61 49.49
N THR A 602 27.22 18.31 48.28
CA THR A 602 28.35 17.40 48.12
C THR A 602 29.59 17.96 48.81
N ASN A 603 29.72 19.28 48.84
CA ASN A 603 30.78 19.92 49.60
C ASN A 603 30.67 19.58 51.08
N THR A 604 29.44 19.44 51.58
CA THR A 604 29.26 19.19 53.01
C THR A 604 29.34 17.70 53.33
N SER A 605 28.53 16.87 52.67
CA SER A 605 28.50 15.45 52.95
C SER A 605 27.93 14.71 51.77
N ASN A 606 28.19 13.40 51.72
CA ASN A 606 27.60 12.52 50.73
C ASN A 606 26.33 11.85 51.23
N GLN A 607 25.94 12.11 52.47
CA GLN A 607 24.71 11.55 53.02
C GLN A 607 23.50 12.20 52.36
N VAL A 608 22.50 11.38 52.04
CA VAL A 608 21.27 11.86 51.43
C VAL A 608 20.08 11.26 52.17
N ALA A 609 18.95 11.93 52.04
CA ALA A 609 17.66 11.38 52.46
C ALA A 609 16.80 11.23 51.22
N VAL A 610 15.80 10.35 51.30
CA VAL A 610 14.98 10.03 50.14
C VAL A 610 13.52 10.26 50.50
N LEU A 611 12.86 11.16 49.76
CA LEU A 611 11.45 11.44 49.96
C LEU A 611 10.66 10.77 48.85
N TYR A 612 9.77 9.86 49.23
CA TYR A 612 8.85 9.23 48.30
C TYR A 612 7.52 9.96 48.43
N GLN A 613 7.21 10.80 47.44
CA GLN A 613 6.07 11.70 47.55
C GLN A 613 4.76 10.92 47.54
N ASP A 614 3.80 11.40 48.34
CA ASP A 614 2.43 10.86 48.45
C ASP A 614 2.38 9.33 48.41
N VAL A 615 3.32 8.70 49.11
CA VAL A 615 3.39 7.25 49.21
C VAL A 615 3.43 6.85 50.67
N ASN A 616 2.56 5.93 51.08
CA ASN A 616 2.57 5.44 52.45
C ASN A 616 3.86 4.70 52.67
N CYS A 617 4.40 4.82 53.86
CA CYS A 617 5.68 4.20 54.18
C CYS A 617 5.61 2.68 54.19
N THR A 618 4.40 2.10 54.27
CA THR A 618 4.26 0.66 54.27
C THR A 618 4.81 0.05 52.98
N GLU A 619 4.51 0.67 51.85
CA GLU A 619 5.15 0.34 50.58
C GLU A 619 6.54 0.97 50.58
N VAL A 620 7.52 0.25 50.05
CA VAL A 620 8.91 0.71 50.04
C VAL A 620 9.05 2.03 49.31
N ASN A 641 15.88 4.65 58.76
CA ASN A 641 15.05 5.60 59.48
C ASN A 641 13.91 6.12 58.60
N VAL A 642 12.73 5.54 58.76
CA VAL A 642 11.56 5.94 57.98
C VAL A 642 10.77 6.97 58.76
N PHE A 643 9.99 7.77 58.06
CA PHE A 643 9.21 8.84 58.65
C PHE A 643 8.12 9.26 57.67
N GLN A 644 6.87 9.19 58.13
CA GLN A 644 5.74 9.54 57.27
C GLN A 644 5.23 10.94 57.43
N THR A 645 5.45 11.76 56.43
CA THR A 645 4.99 13.14 56.40
C THR A 645 3.76 13.25 55.50
N ARG A 646 3.15 14.43 55.52
CA ARG A 646 2.06 14.70 54.59
C ARG A 646 2.57 14.78 53.15
N ALA A 647 3.83 15.15 52.96
CA ALA A 647 4.40 15.19 51.62
C ALA A 647 4.72 13.79 51.10
N GLY A 648 4.97 12.85 52.00
CA GLY A 648 5.24 11.49 51.59
C GLY A 648 6.12 10.79 52.61
N CYS A 649 6.62 9.62 52.20
CA CYS A 649 7.50 8.83 53.06
C CYS A 649 8.93 9.34 52.94
N LEU A 650 9.48 9.85 54.03
CA LEU A 650 10.84 10.35 54.07
C LEU A 650 11.74 9.31 54.71
N ILE A 651 12.74 8.86 53.96
CA ILE A 651 13.66 7.81 54.39
C ILE A 651 15.07 8.37 54.41
N GLY A 652 15.77 8.15 55.50
CA GLY A 652 17.14 8.62 55.66
C GLY A 652 17.30 9.83 56.54
N ALA A 653 16.21 10.37 57.09
CA ALA A 653 16.26 11.52 57.97
C ALA A 653 15.57 11.18 59.29
N GLU A 654 16.05 11.79 60.37
CA GLU A 654 15.52 11.55 61.70
C GLU A 654 14.63 12.71 62.13
N HIS A 655 13.41 12.39 62.53
CA HIS A 655 12.48 13.42 62.99
C HIS A 655 12.83 13.84 64.41
N VAL A 656 12.74 15.14 64.67
CA VAL A 656 13.05 15.71 65.97
C VAL A 656 11.88 16.58 66.44
N ASN A 657 11.78 16.78 67.75
CA ASN A 657 10.75 17.66 68.28
C ASN A 657 11.09 19.13 68.05
N ASN A 658 12.38 19.45 67.97
CA ASN A 658 12.80 20.83 67.88
C ASN A 658 12.37 21.46 66.57
N SER A 659 12.19 22.78 66.59
CA SER A 659 11.78 23.55 65.41
C SER A 659 12.85 24.57 65.09
N TYR A 660 13.23 24.65 63.81
CA TYR A 660 14.22 25.61 63.35
C TYR A 660 13.68 26.29 62.10
N GLU A 661 14.41 27.32 61.67
CA GLU A 661 14.09 27.94 60.39
C GLU A 661 14.29 26.94 59.26
N CYS A 662 13.46 27.06 58.23
CA CYS A 662 13.51 26.10 57.13
C CYS A 662 14.84 26.18 56.40
N ASP A 663 15.44 25.01 56.17
CA ASP A 663 16.69 24.92 55.42
C ASP A 663 16.47 24.25 54.07
N ILE A 664 15.91 23.04 54.06
CA ILE A 664 15.52 22.37 52.82
C ILE A 664 14.02 22.09 52.90
N PRO A 665 13.18 22.80 52.16
CA PRO A 665 11.73 22.59 52.26
C PRO A 665 11.34 21.22 51.74
N ILE A 666 10.47 20.54 52.48
CA ILE A 666 9.94 19.25 52.07
C ILE A 666 8.46 19.36 51.69
N GLY A 667 7.67 19.98 52.55
CA GLY A 667 6.25 20.20 52.29
C GLY A 667 5.45 20.09 53.56
N ALA A 668 4.30 20.77 53.56
CA ALA A 668 3.35 20.73 54.67
C ALA A 668 4.00 21.12 56.00
N GLY A 669 4.89 22.11 55.95
CA GLY A 669 5.53 22.61 57.15
C GLY A 669 6.71 21.81 57.63
N ILE A 670 7.11 20.77 56.92
CA ILE A 670 8.25 19.94 57.29
C ILE A 670 9.46 20.37 56.48
N CYS A 671 10.57 20.62 57.15
CA CYS A 671 11.82 20.98 56.49
C CYS A 671 12.92 20.04 56.94
N ALA A 672 14.05 20.09 56.23
CA ALA A 672 15.18 19.22 56.51
C ALA A 672 16.44 20.05 56.66
N SER A 673 17.38 19.54 57.46
CA SER A 673 18.62 20.24 57.74
C SER A 673 19.69 19.22 58.09
N TYR A 674 20.95 19.66 58.03
CA TYR A 674 22.09 18.83 58.36
C TYR A 674 22.65 19.26 59.72
N GLN A 675 22.35 18.48 60.75
CA GLN A 675 22.86 18.75 62.09
C GLN A 675 23.35 17.46 62.74
N GLN A 690 26.14 15.77 61.30
CA GLN A 690 26.51 14.36 61.31
C GLN A 690 25.33 13.49 60.88
N SER A 691 24.15 14.09 60.79
CA SER A 691 22.95 13.40 60.35
C SER A 691 21.98 14.40 59.74
N ILE A 692 21.04 13.87 58.95
CA ILE A 692 19.98 14.66 58.34
C ILE A 692 18.74 14.57 59.22
N ILE A 693 18.20 15.72 59.59
CA ILE A 693 17.04 15.79 60.46
C ILE A 693 15.83 16.29 59.68
N ALA A 694 14.66 15.90 60.15
CA ALA A 694 13.38 16.42 59.66
C ALA A 694 12.64 17.02 60.84
N TYR A 695 12.01 18.17 60.63
CA TYR A 695 11.33 18.88 61.71
C TYR A 695 10.23 19.74 61.13
N THR A 696 9.32 20.15 62.01
CA THR A 696 8.36 21.20 61.68
C THR A 696 9.06 22.55 61.75
N MET A 697 8.98 23.32 60.67
CA MET A 697 9.71 24.58 60.60
C MET A 697 9.14 25.58 61.61
N SER A 698 10.01 26.48 62.04
CA SER A 698 9.65 27.56 62.94
C SER A 698 9.43 28.84 62.15
N LEU A 699 8.32 29.52 62.42
CA LEU A 699 8.01 30.75 61.70
C LEU A 699 8.79 31.93 62.28
N GLY A 700 9.36 31.76 63.46
CA GLY A 700 10.10 32.83 64.10
C GLY A 700 10.07 32.66 65.60
N ALA A 701 10.48 33.71 66.29
CA ALA A 701 10.50 33.73 67.74
C ALA A 701 9.30 34.47 68.27
N GLU A 702 8.54 33.81 69.15
CA GLU A 702 7.37 34.44 69.75
C GLU A 702 7.79 35.70 70.52
N ASN A 703 7.00 36.76 70.38
CA ASN A 703 7.32 38.06 70.97
C ASN A 703 6.03 38.70 71.44
N SER A 704 5.71 38.54 72.73
CA SER A 704 4.56 39.21 73.32
C SER A 704 4.96 40.65 73.59
N VAL A 705 4.45 41.57 72.77
CA VAL A 705 4.77 42.98 72.92
C VAL A 705 4.20 43.49 74.23
N ALA A 706 5.01 44.23 74.97
CA ALA A 706 4.63 44.72 76.31
C ALA A 706 3.63 45.87 76.14
N TYR A 707 2.43 45.50 75.70
CA TYR A 707 1.38 46.47 75.43
C TYR A 707 0.66 46.85 76.72
N SER A 708 0.38 48.13 76.87
CA SER A 708 -0.43 48.65 77.95
C SER A 708 -1.20 49.85 77.42
N ASN A 709 -2.20 50.28 78.17
CA ASN A 709 -2.99 51.42 77.75
C ASN A 709 -2.35 52.75 78.07
N ASN A 710 -1.18 52.76 78.73
CA ASN A 710 -0.47 54.00 78.97
C ASN A 710 1.04 53.85 78.82
N SER A 711 1.51 52.86 78.06
CA SER A 711 2.92 52.60 77.88
C SER A 711 3.30 52.77 76.42
N ILE A 712 4.42 53.46 76.18
CA ILE A 712 4.96 53.68 74.85
C ILE A 712 6.43 53.35 74.81
N ALA A 713 6.95 52.99 73.65
CA ALA A 713 8.36 52.77 73.48
C ALA A 713 8.85 53.79 72.47
N ILE A 714 9.88 54.56 72.78
CA ILE A 714 10.42 55.61 71.92
C ILE A 714 11.85 55.24 71.59
N PRO A 715 12.27 55.31 70.33
CA PRO A 715 13.68 55.04 70.00
C PRO A 715 14.57 56.17 70.48
N THR A 716 15.68 55.82 71.12
CA THR A 716 16.67 56.78 71.56
C THR A 716 17.87 56.88 70.63
N ASN A 717 17.86 56.14 69.52
CA ASN A 717 18.99 56.08 68.61
C ASN A 717 18.49 55.57 67.26
N PHE A 718 19.43 55.28 66.37
CA PHE A 718 19.11 54.82 65.03
C PHE A 718 20.31 54.10 64.43
N THR A 719 20.08 53.44 63.30
CA THR A 719 21.09 52.59 62.68
C THR A 719 21.64 53.18 61.38
N ILE A 720 20.76 53.66 60.50
CA ILE A 720 21.11 54.01 59.12
C ILE A 720 21.56 52.74 58.42
N SER A 721 20.63 52.07 57.75
CA SER A 721 20.87 50.78 57.11
C SER A 721 20.89 50.95 55.60
N VAL A 722 21.81 50.23 54.95
CA VAL A 722 21.88 50.20 53.49
C VAL A 722 21.72 48.76 53.04
N THR A 723 20.65 48.50 52.29
CA THR A 723 20.36 47.19 51.74
C THR A 723 20.29 47.27 50.23
N THR A 724 20.49 46.13 49.59
CA THR A 724 20.53 46.04 48.13
C THR A 724 19.29 45.32 47.62
N GLU A 725 18.76 45.81 46.52
CA GLU A 725 17.69 45.14 45.79
C GLU A 725 18.14 44.91 44.36
N ILE A 726 18.02 43.67 43.90
CA ILE A 726 18.44 43.28 42.56
C ILE A 726 17.20 42.98 41.74
N LEU A 727 17.04 43.68 40.62
CA LEU A 727 15.87 43.53 39.77
C LEU A 727 16.35 43.34 38.33
N PRO A 728 15.99 42.22 37.68
CA PRO A 728 16.27 42.08 36.25
C PRO A 728 15.54 43.14 35.44
N VAL A 729 16.21 43.67 34.42
CA VAL A 729 15.59 44.63 33.53
C VAL A 729 15.48 44.13 32.09
N SER A 730 16.37 43.27 31.63
CA SER A 730 16.33 42.81 30.25
C SER A 730 16.95 41.42 30.16
N MET A 731 16.62 40.73 29.09
CA MET A 731 17.22 39.44 28.79
C MET A 731 17.87 39.49 27.40
N THR A 732 18.51 38.39 27.03
CA THR A 732 19.24 38.36 25.76
C THR A 732 18.29 38.53 24.58
N LYS A 733 18.69 39.37 23.63
CA LYS A 733 17.95 39.55 22.40
C LYS A 733 18.36 38.46 21.42
N THR A 734 17.52 37.45 21.29
CA THR A 734 17.82 36.31 20.43
C THR A 734 17.00 36.41 19.15
N SER A 735 17.50 35.73 18.11
CA SER A 735 16.83 35.72 16.83
C SER A 735 17.03 34.35 16.20
N VAL A 736 16.01 33.88 15.51
CA VAL A 736 16.05 32.58 14.84
C VAL A 736 15.67 32.77 13.37
N ASP A 737 16.41 32.11 12.50
CA ASP A 737 16.00 31.97 11.11
C ASP A 737 15.24 30.66 11.01
N CYS A 738 13.91 30.75 11.10
CA CYS A 738 13.07 29.54 11.17
C CYS A 738 13.32 28.62 9.98
N THR A 739 13.64 29.20 8.82
CA THR A 739 13.97 28.36 7.66
C THR A 739 15.25 27.57 7.89
N MET A 740 16.28 28.21 8.43
CA MET A 740 17.56 27.53 8.61
C MET A 740 17.54 26.58 9.80
N TYR A 741 16.76 26.90 10.84
CA TYR A 741 16.60 25.97 11.94
C TYR A 741 15.87 24.70 11.49
N ILE A 742 14.71 24.88 10.85
CA ILE A 742 13.89 23.74 10.46
C ILE A 742 14.54 22.96 9.32
N CYS A 743 15.10 23.67 8.34
CA CYS A 743 15.56 23.04 7.11
C CYS A 743 17.06 23.14 6.89
N GLY A 744 17.72 24.15 7.44
CA GLY A 744 19.14 24.32 7.14
C GLY A 744 19.34 24.79 5.72
N ASP A 745 20.24 24.12 5.01
CA ASP A 745 20.59 24.47 3.64
C ASP A 745 19.83 23.67 2.59
N SER A 746 18.90 22.82 3.01
CA SER A 746 18.20 21.94 2.07
C SER A 746 17.13 22.71 1.31
N THR A 747 17.22 22.71 -0.02
CA THR A 747 16.15 23.27 -0.85
C THR A 747 14.90 22.41 -0.77
N GLU A 748 15.07 21.09 -0.62
CA GLU A 748 13.93 20.19 -0.55
C GLU A 748 13.03 20.53 0.63
N CYS A 749 13.63 20.67 1.83
CA CYS A 749 12.86 21.09 2.98
C CYS A 749 12.37 22.53 2.82
N SER A 750 13.14 23.36 2.10
CA SER A 750 12.71 24.73 1.85
C SER A 750 11.54 24.78 0.89
N ASN A 751 11.48 23.86 -0.08
CA ASN A 751 10.29 23.76 -0.92
C ASN A 751 9.09 23.34 -0.10
N LEU A 752 9.27 22.41 0.83
CA LEU A 752 8.28 22.17 1.87
C LEU A 752 8.34 23.33 2.86
N LEU A 753 7.48 23.29 3.88
CA LEU A 753 7.43 24.31 4.92
C LEU A 753 6.87 25.60 4.34
N LEU A 754 6.69 25.64 3.02
CA LEU A 754 5.95 26.72 2.39
C LEU A 754 4.46 26.40 2.41
N GLN A 755 4.12 25.12 2.42
CA GLN A 755 2.73 24.71 2.54
C GLN A 755 2.21 24.91 3.96
N TYR A 756 3.12 25.13 4.92
CA TYR A 756 2.70 25.32 6.30
C TYR A 756 2.26 26.75 6.56
N GLY A 757 2.51 27.65 5.60
CA GLY A 757 1.98 28.99 5.70
C GLY A 757 2.95 30.01 6.25
N SER A 758 2.42 30.94 7.05
CA SER A 758 3.20 32.03 7.61
C SER A 758 3.62 31.78 9.05
N PHE A 759 3.80 30.50 9.42
CA PHE A 759 4.27 30.19 10.76
C PHE A 759 5.64 30.79 11.02
N CYS A 760 6.54 30.68 10.04
CA CYS A 760 7.89 31.21 10.22
C CYS A 760 7.87 32.74 10.33
N THR A 761 7.10 33.40 9.47
CA THR A 761 6.99 34.86 9.55
C THR A 761 6.35 35.28 10.86
N GLN A 762 5.47 34.44 11.42
CA GLN A 762 4.85 34.77 12.69
C GLN A 762 5.81 34.51 13.85
N LEU A 763 6.70 33.53 13.71
CA LEU A 763 7.60 33.17 14.80
C LEU A 763 8.71 34.20 14.98
N ASN A 764 9.32 34.65 13.88
CA ASN A 764 10.39 35.63 14.00
C ASN A 764 9.86 37.04 14.21
N ARG A 765 8.59 37.27 13.92
CA ARG A 765 7.97 38.54 14.29
C ARG A 765 7.81 38.64 15.81
N ALA A 766 7.43 37.54 16.46
CA ALA A 766 7.30 37.54 17.91
C ALA A 766 8.66 37.73 18.58
N LEU A 767 9.69 37.06 18.07
CA LEU A 767 11.03 37.20 18.65
C LEU A 767 11.58 38.60 18.42
N THR A 768 11.25 39.22 17.28
CA THR A 768 11.67 40.59 17.04
C THR A 768 11.01 41.54 18.03
N GLY A 769 9.72 41.32 18.32
CA GLY A 769 9.04 42.16 19.30
C GLY A 769 9.67 42.03 20.68
N ILE A 770 10.12 40.83 21.03
CA ILE A 770 10.80 40.64 22.31
C ILE A 770 12.12 41.40 22.33
N ALA A 771 12.88 41.32 21.24
CA ALA A 771 14.18 41.97 21.19
C ALA A 771 14.04 43.49 21.26
N VAL A 772 13.05 44.04 20.57
CA VAL A 772 12.82 45.48 20.61
C VAL A 772 12.40 45.91 22.02
N GLU A 773 11.64 45.05 22.71
CA GLU A 773 11.19 45.38 24.05
C GLU A 773 12.34 45.43 25.05
N GLN A 774 13.36 44.60 24.85
CA GLN A 774 14.50 44.60 25.77
C GLN A 774 15.23 45.93 25.77
N ASP A 775 15.42 46.54 24.60
CA ASP A 775 15.98 47.88 24.55
C ASP A 775 15.04 48.91 25.14
N LYS A 776 13.74 48.70 25.01
CA LYS A 776 12.76 49.60 25.63
C LYS A 776 12.78 49.45 27.14
N ASN A 777 13.03 48.24 27.64
CA ASN A 777 13.11 48.02 29.08
C ASN A 777 14.29 48.79 29.69
N THR A 778 15.44 48.74 29.05
CA THR A 778 16.62 49.41 29.57
C THR A 778 16.47 50.92 29.51
N GLN A 779 15.87 51.44 28.43
CA GLN A 779 15.68 52.88 28.30
C GLN A 779 14.76 53.40 29.39
N GLU A 780 13.69 52.68 29.70
CA GLU A 780 12.74 53.15 30.71
C GLU A 780 13.35 53.15 32.10
N VAL A 781 14.27 52.22 32.37
CA VAL A 781 14.87 52.13 33.69
C VAL A 781 15.98 53.14 33.86
N PHE A 782 16.88 53.22 32.89
CA PHE A 782 18.11 53.99 33.06
C PHE A 782 18.06 55.38 32.43
N ALA A 783 17.44 55.54 31.26
CA ALA A 783 17.38 56.84 30.60
C ALA A 783 16.23 57.68 31.18
N GLN A 784 16.25 57.83 32.50
CA GLN A 784 15.29 58.63 33.23
C GLN A 784 15.83 60.01 33.57
N VAL A 785 16.98 60.38 33.01
CA VAL A 785 17.70 61.58 33.40
C VAL A 785 17.95 62.42 32.15
N LYS A 786 17.68 63.71 32.26
CA LYS A 786 18.05 64.68 31.23
C LYS A 786 19.36 65.34 31.66
N GLN A 787 20.33 65.37 30.75
CA GLN A 787 21.68 65.88 30.99
C GLN A 787 22.48 64.89 31.83
N ILE A 788 23.71 64.61 31.43
CA ILE A 788 24.57 63.69 32.14
C ILE A 788 25.27 64.47 33.23
N TYR A 789 24.77 64.36 34.46
CA TYR A 789 25.32 65.11 35.58
C TYR A 789 26.65 64.51 36.02
N LYS A 790 27.55 65.39 36.42
CA LYS A 790 28.88 65.01 36.88
C LYS A 790 29.11 65.57 38.27
N THR A 791 29.74 64.77 39.13
CA THR A 791 30.08 65.26 40.46
C THR A 791 31.30 66.19 40.39
N PRO A 792 31.37 67.19 41.27
CA PRO A 792 32.50 68.10 41.26
C PRO A 792 33.78 67.40 41.66
N PRO A 793 34.94 67.92 41.24
CA PRO A 793 36.21 67.30 41.65
C PRO A 793 36.42 67.29 43.16
N ILE A 794 35.93 68.32 43.86
CA ILE A 794 36.01 68.39 45.31
C ILE A 794 34.79 67.70 45.89
N LYS A 795 34.99 66.52 46.48
CA LYS A 795 33.89 65.70 46.99
C LYS A 795 33.77 65.92 48.50
N ASP A 796 33.19 67.05 48.87
CA ASP A 796 32.92 67.38 50.27
C ASP A 796 31.43 67.19 50.50
N PHE A 797 31.05 66.00 50.93
CA PHE A 797 29.65 65.62 51.09
C PHE A 797 29.30 65.44 52.55
N GLY A 798 29.94 66.22 53.42
CA GLY A 798 29.66 66.19 54.84
C GLY A 798 30.04 64.91 55.54
N GLY A 799 31.13 64.27 55.14
CA GLY A 799 31.57 63.05 55.79
C GLY A 799 31.12 61.80 55.07
N PHE A 800 30.05 61.92 54.27
CA PHE A 800 29.57 60.80 53.48
C PHE A 800 30.53 60.49 52.34
N ASN A 801 30.84 59.21 52.19
CA ASN A 801 31.87 58.76 51.26
C ASN A 801 31.24 57.84 50.22
N PHE A 802 31.14 58.35 48.99
CA PHE A 802 30.55 57.61 47.87
C PHE A 802 31.60 57.03 46.94
N SER A 803 32.81 56.77 47.44
CA SER A 803 33.92 56.36 46.58
C SER A 803 33.63 55.04 45.89
N GLN A 804 32.93 54.12 46.56
CA GLN A 804 32.72 52.79 46.00
C GLN A 804 31.54 52.73 45.04
N ILE A 805 30.74 53.78 44.92
CA ILE A 805 29.61 53.76 43.99
C ILE A 805 29.83 54.80 42.90
N LEU A 806 30.71 55.75 43.14
CA LEU A 806 31.09 56.68 42.09
C LEU A 806 32.08 56.02 41.14
N PRO A 807 32.13 56.44 39.88
CA PRO A 807 33.03 55.81 38.92
C PRO A 807 34.49 56.08 39.22
N ASP A 808 35.35 55.17 38.77
CA ASP A 808 36.79 55.35 38.89
C ASP A 808 37.43 55.40 37.51
N PRO A 809 38.37 56.31 37.27
CA PRO A 809 38.99 56.39 35.94
C PRO A 809 40.03 55.29 35.68
N SER A 810 40.30 54.44 36.67
CA SER A 810 41.09 53.23 36.39
C SER A 810 40.42 52.39 35.33
N LYS A 811 39.10 52.47 35.23
CA LYS A 811 38.29 51.99 34.12
C LYS A 811 38.38 50.50 33.82
N PRO A 812 37.79 49.65 34.66
CA PRO A 812 37.14 48.46 34.11
C PRO A 812 35.79 48.92 33.59
N SER A 813 35.80 49.58 32.43
CA SER A 813 34.77 50.52 32.00
C SER A 813 34.63 51.67 33.01
N LYS A 814 33.86 52.70 32.67
CA LYS A 814 33.68 53.84 33.58
C LYS A 814 32.73 53.45 34.72
N ARG A 815 33.09 52.37 35.41
CA ARG A 815 32.23 51.75 36.39
C ARG A 815 32.74 52.02 37.80
N SER A 816 31.86 51.81 38.77
CA SER A 816 32.22 51.95 40.17
C SER A 816 32.89 50.69 40.68
N PHE A 817 33.37 50.75 41.91
CA PHE A 817 33.91 49.56 42.56
C PHE A 817 32.83 48.51 42.75
N ILE A 818 31.63 48.94 43.16
CA ILE A 818 30.53 48.01 43.36
C ILE A 818 30.08 47.42 42.03
N GLU A 819 30.02 48.24 40.97
CA GLU A 819 29.61 47.74 39.67
C GLU A 819 30.62 46.75 39.11
N ASP A 820 31.91 46.94 39.40
CA ASP A 820 32.92 45.96 38.98
C ASP A 820 32.72 44.63 39.70
N LEU A 821 32.38 44.68 41.00
CA LEU A 821 32.06 43.45 41.72
C LEU A 821 30.84 42.77 41.12
N LEU A 822 29.83 43.56 40.75
CA LEU A 822 28.59 42.99 40.23
C LEU A 822 28.79 42.30 38.89
N PHE A 823 29.63 42.86 38.02
CA PHE A 823 29.78 42.30 36.68
C PHE A 823 30.64 41.05 36.67
N ASN A 824 31.48 40.86 37.69
CA ASN A 824 32.26 39.63 37.77
C ASN A 824 31.51 38.53 38.50
N LYS A 825 30.62 38.91 39.42
CA LYS A 825 29.91 37.92 40.23
C LYS A 825 29.00 37.03 39.38
N VAL A 826 28.28 37.61 38.42
CA VAL A 826 27.35 36.86 37.58
C VAL A 826 28.02 36.57 36.25
N THR A 827 27.93 35.33 35.81
CA THR A 827 28.57 34.90 34.57
C THR A 827 27.63 35.06 33.39
N LYS A 854 27.30 31.14 17.14
CA LYS A 854 25.98 31.07 16.52
C LYS A 854 25.88 29.85 15.59
N PHE A 855 24.82 29.07 15.76
CA PHE A 855 24.61 27.87 14.97
C PHE A 855 23.13 27.72 14.67
N ASN A 856 22.84 27.03 13.56
CA ASN A 856 21.49 26.59 13.21
C ASN A 856 20.52 27.75 13.07
N GLY A 857 21.02 28.94 12.72
CA GLY A 857 20.18 30.10 12.55
C GLY A 857 19.90 30.89 13.80
N LEU A 858 20.55 30.56 14.92
CA LEU A 858 20.35 31.27 16.17
C LEU A 858 21.40 32.35 16.30
N THR A 859 20.96 33.60 16.38
CA THR A 859 21.85 34.73 16.53
C THR A 859 21.48 35.53 17.77
N VAL A 860 22.45 36.20 18.37
CA VAL A 860 22.24 37.05 19.52
C VAL A 860 22.52 38.49 19.10
N LEU A 861 21.51 39.34 19.23
CA LEU A 861 21.59 40.75 18.86
C LEU A 861 22.11 41.58 20.04
N PRO A 862 23.13 42.40 19.82
CA PRO A 862 23.65 43.24 20.90
C PRO A 862 22.62 44.25 21.36
N PRO A 863 22.60 44.58 22.64
CA PRO A 863 21.71 45.65 23.11
C PRO A 863 22.11 47.00 22.53
N LEU A 864 21.11 47.86 22.33
CA LEU A 864 21.37 49.19 21.78
C LEU A 864 22.29 49.99 22.68
N LEU A 865 22.05 49.95 23.99
CA LEU A 865 22.91 50.63 24.95
C LEU A 865 24.03 49.70 25.39
N THR A 866 25.26 50.18 25.30
CA THR A 866 26.40 49.41 25.79
C THR A 866 26.45 49.46 27.31
N ASP A 867 27.26 48.57 27.88
CA ASP A 867 27.45 48.58 29.33
C ASP A 867 28.10 49.87 29.80
N GLU A 868 28.90 50.49 28.94
CA GLU A 868 29.51 51.77 29.29
C GLU A 868 28.47 52.89 29.29
N MET A 869 27.48 52.81 28.41
CA MET A 869 26.42 53.81 28.40
C MET A 869 25.49 53.66 29.59
N ILE A 870 25.17 52.41 29.96
CA ILE A 870 24.33 52.18 31.12
C ILE A 870 25.04 52.64 32.39
N ALA A 871 26.34 52.37 32.49
CA ALA A 871 27.11 52.85 33.63
C ALA A 871 27.24 54.36 33.60
N GLN A 872 27.17 54.96 32.41
CA GLN A 872 27.18 56.42 32.31
C GLN A 872 25.83 57.00 32.73
N TYR A 873 24.73 56.35 32.33
CA TYR A 873 23.42 56.75 32.82
C TYR A 873 23.33 56.60 34.34
N THR A 874 23.81 55.47 34.85
CA THR A 874 23.78 55.22 36.28
C THR A 874 24.59 56.24 37.06
N SER A 875 25.75 56.63 36.53
CA SER A 875 26.57 57.61 37.22
C SER A 875 25.97 59.01 37.13
N ALA A 876 25.17 59.27 36.10
CA ALA A 876 24.49 60.56 36.00
C ALA A 876 23.34 60.65 36.98
N LEU A 877 22.60 59.54 37.16
CA LEU A 877 21.57 59.50 38.19
C LEU A 877 22.20 59.62 39.57
N LEU A 878 23.38 59.03 39.75
CA LEU A 878 24.05 59.08 41.04
C LEU A 878 24.62 60.48 41.31
N ALA A 879 25.15 61.13 40.28
CA ALA A 879 25.69 62.48 40.46
C ALA A 879 24.58 63.49 40.71
N GLY A 880 23.42 63.29 40.07
CA GLY A 880 22.31 64.21 40.28
C GLY A 880 21.73 64.13 41.68
N THR A 881 21.59 62.91 42.21
CA THR A 881 20.96 62.75 43.52
C THR A 881 21.90 63.18 44.65
N ILE A 882 23.21 62.99 44.48
CA ILE A 882 24.17 63.44 45.48
C ILE A 882 24.24 64.95 45.51
N THR A 883 24.27 65.58 44.34
CA THR A 883 24.50 67.01 44.27
C THR A 883 23.20 67.81 44.46
N SER A 884 22.10 67.34 43.88
CA SER A 884 20.90 68.16 43.78
C SER A 884 19.67 67.56 44.44
N GLY A 885 19.79 66.45 45.15
CA GLY A 885 18.64 65.90 45.85
C GLY A 885 17.63 65.34 44.88
N TRP A 886 16.35 65.59 45.16
CA TRP A 886 15.28 65.16 44.27
C TRP A 886 14.88 66.23 43.26
N THR A 887 15.55 67.39 43.27
CA THR A 887 15.15 68.48 42.39
C THR A 887 15.38 68.13 40.93
N PHE A 888 16.47 67.42 40.62
CA PHE A 888 16.76 67.09 39.23
C PHE A 888 15.71 66.14 38.65
N GLY A 889 15.05 65.37 39.51
CA GLY A 889 13.97 64.53 39.02
C GLY A 889 12.76 65.32 38.56
N ALA A 890 12.46 66.43 39.22
CA ALA A 890 11.31 67.24 38.86
C ALA A 890 11.62 68.19 37.72
N GLY A 891 12.59 69.07 37.89
CA GLY A 891 12.98 69.99 36.85
C GLY A 891 14.47 70.10 36.69
N ALA A 892 14.99 71.32 36.69
CA ALA A 892 16.43 71.52 36.63
C ALA A 892 17.08 71.09 37.94
N ALA A 893 18.31 70.59 37.84
CA ALA A 893 19.04 70.17 39.02
C ALA A 893 19.45 71.38 39.84
N LEU A 894 18.88 71.49 41.04
CA LEU A 894 19.18 72.58 41.95
C LEU A 894 20.15 72.08 43.00
N GLN A 895 21.33 72.65 43.05
CA GLN A 895 22.34 72.22 44.01
C GLN A 895 21.95 72.47 45.43
N ILE A 896 22.24 71.50 46.27
CA ILE A 896 22.04 71.68 47.70
C ILE A 896 23.11 70.90 48.45
N PRO A 897 23.71 71.52 49.47
CA PRO A 897 24.78 70.84 50.19
C PRO A 897 24.31 69.53 50.77
N PHE A 898 25.13 68.51 50.65
CA PHE A 898 24.81 67.24 51.28
C PHE A 898 24.85 67.42 52.79
N ALA A 899 24.00 66.66 53.49
CA ALA A 899 23.70 66.81 54.91
C ALA A 899 22.79 68.01 55.15
N MET A 900 22.54 68.80 54.10
CA MET A 900 21.35 69.64 54.09
C MET A 900 20.25 68.97 53.27
N GLN A 901 20.66 68.24 52.24
CA GLN A 901 19.77 67.28 51.59
C GLN A 901 19.34 66.20 52.57
N MET A 902 20.25 65.73 53.41
CA MET A 902 19.91 64.67 54.34
C MET A 902 19.03 65.18 55.47
N ALA A 903 19.13 66.46 55.80
CA ALA A 903 18.24 67.08 56.78
C ALA A 903 16.83 67.23 56.23
N TYR A 904 16.68 67.47 54.94
CA TYR A 904 15.38 67.44 54.29
C TYR A 904 14.76 66.04 54.36
N ARG A 905 15.59 65.01 54.16
CA ARG A 905 15.11 63.64 54.11
C ARG A 905 14.72 63.12 55.50
N PHE A 906 15.35 63.63 56.56
CA PHE A 906 14.87 63.31 57.90
C PHE A 906 13.50 63.92 58.15
N ASN A 907 13.26 65.13 57.63
CA ASN A 907 11.93 65.72 57.75
C ASN A 907 10.88 64.87 57.06
N GLY A 908 11.24 64.21 55.97
CA GLY A 908 10.30 63.35 55.26
C GLY A 908 9.88 62.14 56.05
N ILE A 909 10.69 61.69 57.00
CA ILE A 909 10.39 60.50 57.79
C ILE A 909 9.95 60.86 59.21
N GLY A 910 9.70 62.13 59.48
CA GLY A 910 9.22 62.53 60.79
C GLY A 910 10.28 62.84 61.81
N VAL A 911 11.53 62.97 61.41
CA VAL A 911 12.58 63.41 62.30
C VAL A 911 12.90 64.86 61.97
N THR A 912 13.12 65.66 63.01
CA THR A 912 13.04 67.12 62.90
C THR A 912 14.39 67.75 62.56
N GLN A 913 14.99 67.40 61.41
CA GLN A 913 16.33 67.86 61.09
C GLN A 913 17.22 67.62 62.29
N ASN A 914 18.05 68.61 62.65
CA ASN A 914 18.57 68.74 64.00
C ASN A 914 19.26 67.47 64.49
N VAL A 915 18.48 66.39 64.60
CA VAL A 915 19.04 65.08 64.91
C VAL A 915 20.10 64.69 63.89
N LEU A 916 19.93 65.11 62.65
CA LEU A 916 20.99 64.90 61.67
C LEU A 916 22.20 65.79 61.95
N TYR A 917 21.97 67.10 62.13
CA TYR A 917 23.08 68.02 62.32
C TYR A 917 23.84 67.75 63.60
N GLU A 918 23.12 67.36 64.66
CA GLU A 918 23.78 67.05 65.92
C GLU A 918 24.43 65.67 65.91
N ASN A 919 24.13 64.85 64.90
CA ASN A 919 24.71 63.52 64.76
C ASN A 919 25.30 63.33 63.38
N GLN A 920 25.83 64.40 62.78
CA GLN A 920 26.26 64.33 61.39
C GLN A 920 27.48 63.45 61.19
N LYS A 921 28.37 63.38 62.18
CA LYS A 921 29.51 62.49 62.03
C LYS A 921 29.14 61.03 62.29
N LEU A 922 28.24 60.79 63.26
CA LEU A 922 27.71 59.45 63.44
C LEU A 922 26.90 59.02 62.23
N ILE A 923 26.08 59.92 61.69
CA ILE A 923 25.34 59.66 60.47
C ILE A 923 26.23 59.99 59.28
N ALA A 924 26.95 58.98 58.79
CA ALA A 924 28.10 59.11 57.89
C ALA A 924 29.05 57.97 58.20
N ASN A 925 29.52 57.90 59.45
CA ASN A 925 30.24 56.71 59.89
C ASN A 925 29.34 55.48 59.78
N GLN A 926 28.07 55.62 60.15
CA GLN A 926 27.11 54.54 59.95
C GLN A 926 26.83 54.31 58.48
N PHE A 927 26.81 55.37 57.66
CA PHE A 927 26.56 55.20 56.24
C PHE A 927 27.77 54.58 55.54
N ASN A 928 28.97 55.08 55.83
CA ASN A 928 30.16 54.56 55.18
C ASN A 928 30.42 53.10 55.56
N SER A 929 30.21 52.76 56.83
CA SER A 929 30.38 51.37 57.26
C SER A 929 29.37 50.46 56.58
N ALA A 930 28.12 50.93 56.44
CA ALA A 930 27.09 50.11 55.79
C ALA A 930 27.39 49.93 54.31
N ILE A 931 27.98 50.93 53.67
CA ILE A 931 28.40 50.78 52.29
C ILE A 931 29.57 49.82 52.19
N GLY A 932 30.48 49.86 53.18
CA GLY A 932 31.60 48.94 53.17
C GLY A 932 31.18 47.49 53.32
N LYS A 933 30.10 47.24 54.06
CA LYS A 933 29.64 45.87 54.23
C LYS A 933 29.02 45.31 52.95
N ILE A 934 28.58 46.17 52.04
CA ILE A 934 28.04 45.70 50.78
C ILE A 934 29.13 45.10 49.91
N GLN A 935 30.26 45.81 49.79
CA GLN A 935 31.35 45.31 48.96
C GLN A 935 31.94 44.02 49.54
N ASP A 936 31.88 43.87 50.86
CA ASP A 936 32.26 42.61 51.48
C ASP A 936 31.24 41.51 51.17
N SER A 937 29.95 41.83 51.31
CA SER A 937 28.92 40.84 51.05
C SER A 937 28.90 40.41 49.60
N LEU A 938 29.11 41.37 48.69
CA LEU A 938 29.12 41.03 47.26
C LEU A 938 30.32 40.16 46.92
N SER A 939 31.49 40.50 47.47
CA SER A 939 32.69 39.73 47.19
C SER A 939 32.64 38.35 47.84
N SER A 940 32.04 38.25 49.02
CA SER A 940 32.02 36.99 49.75
C SER A 940 30.95 36.03 49.22
N THR A 941 29.69 36.44 49.28
CA THR A 941 28.58 35.54 48.97
C THR A 941 28.41 35.41 47.46
N ALA A 942 28.37 34.17 46.98
CA ALA A 942 28.20 33.92 45.55
C ALA A 942 26.75 34.12 45.12
N SER A 943 25.80 33.84 46.00
CA SER A 943 24.38 33.83 45.65
C SER A 943 23.71 35.18 45.89
N ALA A 944 24.45 36.28 45.86
CA ALA A 944 23.84 37.60 46.00
C ALA A 944 23.03 37.95 44.76
N LEU A 945 23.53 37.61 43.57
CA LEU A 945 22.90 37.97 42.30
C LEU A 945 22.10 36.82 41.71
N GLY A 946 21.42 36.04 42.55
CA GLY A 946 20.72 34.87 42.05
C GLY A 946 19.61 35.19 41.07
N LYS A 947 18.93 36.33 41.26
CA LYS A 947 17.84 36.69 40.36
C LYS A 947 18.35 36.97 38.95
N LEU A 948 19.51 37.63 38.83
CA LEU A 948 20.09 37.88 37.52
C LEU A 948 20.66 36.60 36.92
N GLN A 949 21.23 35.74 37.75
CA GLN A 949 21.75 34.47 37.25
C GLN A 949 20.63 33.56 36.76
N ASP A 950 19.45 33.65 37.38
CA ASP A 950 18.33 32.82 36.95
C ASP A 950 17.91 33.16 35.53
N VAL A 951 17.93 34.45 35.18
CA VAL A 951 17.55 34.86 33.83
C VAL A 951 18.52 34.32 32.80
N VAL A 952 19.82 34.38 33.10
CA VAL A 952 20.82 33.89 32.16
C VAL A 952 20.71 32.38 31.99
N ASN A 953 20.46 31.66 33.09
CA ASN A 953 20.38 30.20 33.01
C ASN A 953 19.11 29.75 32.30
N GLN A 954 17.98 30.40 32.59
CA GLN A 954 16.73 30.02 31.95
C GLN A 954 16.77 30.22 30.45
N ASN A 955 17.39 31.31 29.98
CA ASN A 955 17.45 31.57 28.55
C ASN A 955 18.44 30.66 27.84
N ALA A 956 19.58 30.39 28.47
CA ALA A 956 20.54 29.47 27.87
C ALA A 956 20.00 28.05 27.81
N GLN A 957 19.30 27.63 28.86
CA GLN A 957 18.73 26.28 28.87
C GLN A 957 17.68 26.12 27.77
N ALA A 958 16.86 27.16 27.56
CA ALA A 958 15.90 27.11 26.48
C ALA A 958 16.58 27.04 25.12
N LEU A 959 17.66 27.79 24.92
CA LEU A 959 18.40 27.70 23.67
C LEU A 959 19.05 26.33 23.51
N ASN A 960 19.61 25.79 24.59
CA ASN A 960 20.24 24.48 24.52
C ASN A 960 19.23 23.40 24.17
N THR A 961 18.03 23.48 24.76
CA THR A 961 16.96 22.56 24.38
C THR A 961 16.58 22.73 22.92
N LEU A 962 16.52 23.98 22.44
CA LEU A 962 16.16 24.24 21.05
C LEU A 962 17.15 23.59 20.09
N VAL A 963 18.44 23.71 20.39
CA VAL A 963 19.45 23.06 19.54
C VAL A 963 19.37 21.54 19.67
N LYS A 964 19.15 21.05 20.89
CA LYS A 964 19.12 19.61 21.12
C LYS A 964 17.88 18.94 20.54
N GLN A 965 16.87 19.70 20.12
CA GLN A 965 15.72 19.15 19.41
C GLN A 965 16.00 18.95 17.93
N LEU A 966 17.22 19.28 17.48
CA LEU A 966 17.62 19.04 16.11
C LEU A 966 18.27 17.69 15.92
N SER A 967 18.35 16.89 16.97
CA SER A 967 18.89 15.54 16.91
C SER A 967 17.82 14.54 17.34
N SER A 968 16.56 14.90 17.07
CA SER A 968 15.42 14.06 17.40
C SER A 968 14.74 13.61 16.11
N ASN A 969 14.42 12.33 16.04
CA ASN A 969 13.81 11.78 14.83
C ASN A 969 12.37 12.27 14.67
N PHE A 970 11.65 12.43 15.78
CA PHE A 970 10.21 12.73 15.75
C PHE A 970 9.45 11.65 14.97
N GLY A 971 9.91 10.41 15.08
CA GLY A 971 9.29 9.32 14.36
C GLY A 971 9.75 9.19 12.91
N ALA A 972 10.92 9.71 12.58
CA ALA A 972 11.49 9.61 11.25
C ALA A 972 12.72 8.71 11.28
N ILE A 973 13.22 8.39 10.09
CA ILE A 973 14.36 7.48 9.99
C ILE A 973 15.62 8.09 10.58
N SER A 974 15.76 9.41 10.56
CA SER A 974 16.95 10.07 11.08
C SER A 974 16.61 11.51 11.42
N SER A 975 17.48 12.14 12.19
CA SER A 975 17.43 13.58 12.38
C SER A 975 18.34 14.33 11.43
N VAL A 976 19.24 13.64 10.74
CA VAL A 976 20.06 14.25 9.71
C VAL A 976 19.23 14.32 8.44
N LEU A 977 19.01 15.54 7.93
CA LEU A 977 18.08 15.72 6.83
C LEU A 977 18.68 15.23 5.51
N ASN A 978 20.01 15.29 5.37
CA ASN A 978 20.65 14.80 4.16
C ASN A 978 20.60 13.28 4.07
N ASP A 979 20.68 12.60 5.22
CA ASP A 979 20.61 11.14 5.22
C ASP A 979 19.28 10.64 4.66
N ILE A 980 18.18 11.31 5.00
CA ILE A 980 16.89 10.97 4.44
C ILE A 980 16.90 11.16 2.93
N LEU A 981 17.50 12.24 2.47
CA LEU A 981 17.60 12.47 1.02
C LEU A 981 18.64 11.56 0.38
N SER A 982 19.49 10.93 1.19
CA SER A 982 20.52 10.05 0.64
C SER A 982 19.97 8.67 0.33
N ARG A 983 19.31 8.04 1.31
CA ARG A 983 18.84 6.66 1.17
C ARG A 983 17.35 6.57 0.92
N LEU A 984 16.72 7.62 0.40
CA LEU A 984 15.33 7.59 -0.02
C LEU A 984 15.15 8.49 -1.24
N ASP A 985 14.06 8.26 -1.96
CA ASP A 985 13.74 8.99 -3.18
C ASP A 985 12.68 10.04 -2.89
N PRO A 986 12.51 11.02 -3.78
CA PRO A 986 11.56 12.14 -3.53
C PRO A 986 10.23 11.69 -2.95
N PRO A 987 9.48 10.79 -3.60
CA PRO A 987 8.11 10.54 -3.11
C PRO A 987 8.05 9.95 -1.70
N GLU A 988 9.03 9.14 -1.31
CA GLU A 988 8.98 8.55 0.02
C GLU A 988 9.84 9.34 1.01
N ALA A 989 10.88 10.03 0.54
CA ALA A 989 11.67 10.86 1.45
C ALA A 989 10.89 12.07 1.92
N GLU A 990 9.88 12.49 1.17
CA GLU A 990 9.09 13.66 1.55
C GLU A 990 8.32 13.41 2.85
N VAL A 991 7.89 12.17 3.07
CA VAL A 991 7.12 11.85 4.28
C VAL A 991 7.98 12.03 5.52
N GLN A 992 9.23 11.56 5.48
CA GLN A 992 10.11 11.68 6.64
C GLN A 992 10.45 13.14 6.92
N ILE A 993 10.53 13.96 5.86
CA ILE A 993 10.84 15.37 6.05
C ILE A 993 9.69 16.08 6.78
N ASP A 994 8.45 15.73 6.45
CA ASP A 994 7.30 16.32 7.13
C ASP A 994 7.31 16.01 8.61
N ARG A 995 7.69 14.78 8.97
CA ARG A 995 7.83 14.44 10.39
C ARG A 995 8.90 15.28 11.05
N LEU A 996 10.04 15.46 10.37
CA LEU A 996 11.10 16.33 10.89
C LEU A 996 10.62 17.77 10.97
N ILE A 997 9.94 18.24 9.93
CA ILE A 997 9.44 19.61 9.91
C ILE A 997 8.44 19.83 11.05
N THR A 998 7.49 18.90 11.22
CA THR A 998 6.48 19.07 12.25
C THR A 998 7.10 19.09 13.64
N GLY A 999 8.05 18.20 13.91
CA GLY A 999 8.70 18.20 15.21
C GLY A 999 9.52 19.44 15.46
N ARG A 1000 10.32 19.86 14.47
CA ARG A 1000 11.14 21.05 14.64
C ARG A 1000 10.29 22.31 14.75
N LEU A 1001 9.21 22.40 13.96
CA LEU A 1001 8.33 23.54 14.06
C LEU A 1001 7.66 23.61 15.42
N GLN A 1002 7.23 22.47 15.95
CA GLN A 1002 6.66 22.43 17.29
C GLN A 1002 7.70 22.83 18.34
N SER A 1003 8.94 22.38 18.16
CA SER A 1003 10.01 22.78 19.07
C SER A 1003 10.24 24.28 19.01
N LEU A 1004 10.13 24.87 17.83
CA LEU A 1004 10.36 26.30 17.69
C LEU A 1004 9.18 27.11 18.21
N GLN A 1005 7.96 26.62 18.02
CA GLN A 1005 6.80 27.26 18.61
C GLN A 1005 6.85 27.20 20.13
N THR A 1006 7.28 26.06 20.67
CA THR A 1006 7.42 25.94 22.12
C THR A 1006 8.43 26.95 22.66
N TYR A 1007 9.55 27.12 21.97
CA TYR A 1007 10.57 28.07 22.40
C TYR A 1007 10.04 29.50 22.38
N VAL A 1008 9.32 29.86 21.31
CA VAL A 1008 8.85 31.23 21.19
C VAL A 1008 7.77 31.53 22.22
N THR A 1009 6.89 30.57 22.48
CA THR A 1009 5.85 30.78 23.48
C THR A 1009 6.44 31.00 24.87
N GLN A 1010 7.47 30.23 25.23
N GLN A 1010 7.45 30.19 25.24
CA GLN A 1010 8.07 30.42 26.56
CA GLN A 1010 8.12 30.38 26.52
C GLN A 1010 8.95 31.65 26.61
C GLN A 1010 8.83 31.72 26.58
N GLN A 1011 9.44 32.13 25.47
CA GLN A 1011 10.14 33.41 25.45
C GLN A 1011 9.17 34.57 25.62
N LEU A 1012 7.97 34.47 25.02
CA LEU A 1012 6.98 35.52 25.18
C LEU A 1012 6.49 35.58 26.63
N ILE A 1013 6.34 34.43 27.27
CA ILE A 1013 5.92 34.41 28.67
C ILE A 1013 7.03 34.94 29.56
N ARG A 1014 8.27 34.59 29.26
CA ARG A 1014 9.40 35.09 30.04
C ARG A 1014 9.64 36.57 29.78
N ALA A 1015 9.42 37.03 28.54
CA ALA A 1015 9.60 38.45 28.24
C ALA A 1015 8.59 39.30 29.01
N ALA A 1016 7.35 38.82 29.14
CA ALA A 1016 6.36 39.54 29.93
C ALA A 1016 6.74 39.54 31.40
N GLU A 1017 7.36 38.46 31.88
CA GLU A 1017 7.85 38.42 33.25
C GLU A 1017 8.98 39.41 33.48
N ILE A 1018 9.88 39.52 32.50
CA ILE A 1018 10.97 40.50 32.60
C ILE A 1018 10.42 41.92 32.49
N ARG A 1019 9.44 42.12 31.62
CA ARG A 1019 8.87 43.46 31.46
C ARG A 1019 8.23 43.96 32.75
N ALA A 1020 7.52 43.07 33.46
CA ALA A 1020 6.99 43.45 34.77
C ALA A 1020 8.10 43.80 35.75
N SER A 1021 9.22 43.08 35.66
CA SER A 1021 10.37 43.40 36.50
C SER A 1021 11.01 44.72 36.08
N ALA A 1022 11.07 44.98 34.78
CA ALA A 1022 11.65 46.23 34.30
C ALA A 1022 10.74 47.42 34.63
N ASN A 1023 9.42 47.21 34.60
CA ASN A 1023 8.50 48.25 34.99
C ASN A 1023 8.62 48.57 36.48
N LEU A 1024 8.80 47.53 37.30
CA LEU A 1024 9.01 47.75 38.72
C LEU A 1024 10.35 48.43 38.99
N ALA A 1025 11.38 48.05 38.22
CA ALA A 1025 12.68 48.71 38.37
C ALA A 1025 12.62 50.16 37.92
N ALA A 1026 11.85 50.45 36.87
CA ALA A 1026 11.69 51.83 36.43
C ALA A 1026 10.87 52.65 37.41
N THR A 1027 9.94 51.99 38.11
CA THR A 1027 9.18 52.67 39.16
C THR A 1027 10.05 52.94 40.38
N LYS A 1028 10.95 52.01 40.71
CA LYS A 1028 11.84 52.23 41.83
C LYS A 1028 12.88 53.31 41.54
N MET A 1029 13.32 53.41 40.29
CA MET A 1029 14.22 54.51 39.93
C MET A 1029 13.54 55.86 40.11
N SER A 1030 12.29 55.97 39.67
CA SER A 1030 11.56 57.24 39.82
C SER A 1030 11.27 57.55 41.28
N GLU A 1031 10.81 56.57 42.05
CA GLU A 1031 10.28 56.85 43.38
C GLU A 1031 11.28 56.62 44.51
N CYS A 1032 12.35 55.87 44.29
CA CYS A 1032 13.38 55.69 45.31
C CYS A 1032 14.64 56.48 45.04
N VAL A 1033 15.05 56.62 43.78
CA VAL A 1033 16.27 57.35 43.47
C VAL A 1033 15.97 58.83 43.19
N LEU A 1034 14.94 59.12 42.41
CA LEU A 1034 14.60 60.49 42.06
C LEU A 1034 13.73 61.17 43.11
N GLY A 1035 13.32 60.46 44.15
CA GLY A 1035 12.55 61.06 45.22
C GLY A 1035 12.66 60.21 46.46
N GLN A 1036 12.03 60.70 47.53
CA GLN A 1036 11.93 59.96 48.79
C GLN A 1036 10.55 59.36 48.88
N SER A 1037 10.48 58.05 49.05
CA SER A 1037 9.20 57.34 49.02
C SER A 1037 8.65 57.16 50.42
N LYS A 1038 7.34 57.41 50.55
CA LYS A 1038 6.61 57.14 51.77
C LYS A 1038 6.00 55.75 51.81
N ARG A 1039 6.07 55.02 50.70
CA ARG A 1039 5.49 53.69 50.62
C ARG A 1039 6.33 52.70 51.44
N VAL A 1040 5.66 51.94 52.28
CA VAL A 1040 6.35 51.03 53.21
C VAL A 1040 6.94 49.87 52.43
N ASP A 1041 8.22 49.59 52.68
CA ASP A 1041 8.97 48.46 52.11
C ASP A 1041 9.12 48.54 50.59
N PHE A 1042 8.76 49.67 49.97
CA PHE A 1042 9.00 49.79 48.53
C PHE A 1042 10.46 50.05 48.24
N CYS A 1043 11.13 50.84 49.07
CA CYS A 1043 12.55 51.14 48.91
C CYS A 1043 13.25 50.72 50.20
N GLY A 1044 13.61 49.44 50.29
CA GLY A 1044 14.29 48.91 51.45
C GLY A 1044 13.38 48.73 52.65
N LYS A 1045 13.98 48.22 53.72
CA LYS A 1045 13.28 48.00 54.98
C LYS A 1045 13.64 49.11 55.96
N GLY A 1046 12.64 49.78 56.49
CA GLY A 1046 12.80 50.92 57.36
C GLY A 1046 12.15 52.14 56.75
N TYR A 1047 12.51 53.31 57.25
CA TYR A 1047 12.04 54.56 56.69
C TYR A 1047 13.00 55.01 55.61
N HIS A 1048 12.55 54.95 54.36
CA HIS A 1048 13.41 55.27 53.23
C HIS A 1048 13.95 56.68 53.34
N LEU A 1049 15.27 56.81 53.15
CA LEU A 1049 15.91 58.11 53.03
C LEU A 1049 16.27 58.42 51.60
N MET A 1050 17.04 57.55 50.95
CA MET A 1050 17.47 57.78 49.58
C MET A 1050 18.08 56.49 49.06
N SER A 1051 18.03 56.32 47.74
CA SER A 1051 18.53 55.11 47.11
C SER A 1051 19.55 55.45 46.04
N PHE A 1052 20.44 54.50 45.78
CA PHE A 1052 21.50 54.67 44.79
C PHE A 1052 21.40 53.56 43.77
N PRO A 1053 21.26 53.87 42.48
CA PRO A 1053 21.25 52.81 41.47
C PRO A 1053 22.67 52.39 41.12
N GLN A 1054 22.86 51.10 40.92
CA GLN A 1054 24.11 50.57 40.39
C GLN A 1054 23.81 49.65 39.23
N SER A 1055 24.61 49.75 38.19
CA SER A 1055 24.41 49.02 36.95
C SER A 1055 24.82 47.56 37.13
N ALA A 1056 23.98 46.66 36.66
CA ALA A 1056 24.23 45.23 36.62
C ALA A 1056 24.14 44.74 35.19
N PRO A 1057 24.78 43.60 34.88
CA PRO A 1057 24.88 43.19 33.47
C PRO A 1057 23.54 43.10 32.73
N HIS A 1058 22.51 42.58 33.37
CA HIS A 1058 21.18 42.55 32.77
C HIS A 1058 20.10 42.97 33.75
N GLY A 1059 20.41 43.92 34.61
CA GLY A 1059 19.46 44.37 35.61
C GLY A 1059 19.98 45.63 36.27
N VAL A 1060 19.39 45.97 37.40
CA VAL A 1060 19.78 47.15 38.15
C VAL A 1060 19.80 46.78 39.63
N VAL A 1061 20.78 47.33 40.34
CA VAL A 1061 20.93 47.14 41.79
C VAL A 1061 20.69 48.47 42.46
N PHE A 1062 19.71 48.51 43.37
CA PHE A 1062 19.42 49.68 44.16
C PHE A 1062 20.05 49.53 45.54
N LEU A 1063 20.74 50.57 45.98
CA LEU A 1063 21.32 50.63 47.32
C LEU A 1063 20.42 51.51 48.17
N HIS A 1064 19.44 50.89 48.81
CA HIS A 1064 18.46 51.64 49.60
C HIS A 1064 19.05 52.02 50.94
N VAL A 1065 19.04 53.31 51.24
CA VAL A 1065 19.48 53.82 52.53
C VAL A 1065 18.24 54.15 53.35
N THR A 1066 18.02 53.41 54.43
CA THR A 1066 16.83 53.58 55.24
C THR A 1066 17.22 53.95 56.67
N TYR A 1067 16.35 54.73 57.31
CA TYR A 1067 16.48 55.07 58.71
C TYR A 1067 15.81 53.97 59.51
N VAL A 1068 16.61 53.12 60.14
CA VAL A 1068 16.10 52.03 60.97
C VAL A 1068 16.22 52.46 62.43
N PRO A 1069 15.14 52.83 63.09
CA PRO A 1069 15.23 53.22 64.49
C PRO A 1069 15.45 52.00 65.37
N ALA A 1070 15.88 52.28 66.60
CA ALA A 1070 15.69 51.50 67.82
C ALA A 1070 16.97 51.33 68.62
N GLN A 1071 17.00 51.99 69.77
CA GLN A 1071 17.73 51.57 70.95
C GLN A 1071 16.74 51.84 72.07
N GLU A 1072 15.49 51.42 71.82
CA GLU A 1072 14.32 52.05 72.38
C GLU A 1072 14.22 51.87 73.89
N LYS A 1073 13.37 52.70 74.49
CA LYS A 1073 13.19 52.69 75.92
C LYS A 1073 11.71 52.75 76.14
N ASN A 1074 11.23 52.67 77.37
CA ASN A 1074 9.81 52.62 77.65
C ASN A 1074 9.43 53.80 78.49
N PHE A 1075 8.22 54.30 78.31
CA PHE A 1075 7.79 55.47 79.03
C PHE A 1075 6.31 55.41 79.32
N THR A 1076 5.84 56.14 80.31
CA THR A 1076 4.43 56.27 80.61
C THR A 1076 3.85 57.39 79.75
N THR A 1077 2.65 57.18 79.23
CA THR A 1077 2.11 58.02 78.18
C THR A 1077 0.68 58.44 78.49
N ALA A 1078 0.33 59.65 78.08
CA ALA A 1078 -1.02 60.17 78.22
C ALA A 1078 -1.50 60.73 76.89
N PRO A 1079 -2.75 60.47 76.51
CA PRO A 1079 -3.28 61.08 75.28
C PRO A 1079 -3.25 62.60 75.31
N ALA A 1080 -3.51 63.19 76.47
CA ALA A 1080 -3.62 64.63 76.59
C ALA A 1080 -3.29 65.02 78.03
N ILE A 1081 -3.04 66.30 78.23
CA ILE A 1081 -2.65 66.84 79.54
C ILE A 1081 -3.66 67.88 79.97
N CYS A 1082 -4.14 67.76 81.20
CA CYS A 1082 -5.11 68.68 81.77
C CYS A 1082 -4.39 69.82 82.48
N HIS A 1083 -4.67 71.04 82.05
CA HIS A 1083 -4.14 72.23 82.71
C HIS A 1083 -5.19 73.32 82.59
N ASP A 1084 -5.77 73.70 83.73
CA ASP A 1084 -6.87 74.66 83.78
C ASP A 1084 -8.10 74.14 83.04
N GLY A 1085 -8.18 72.82 82.88
CA GLY A 1085 -9.29 72.22 82.16
C GLY A 1085 -9.35 72.57 80.70
N LYS A 1086 -8.27 72.32 79.95
CA LYS A 1086 -8.20 72.71 78.55
C LYS A 1086 -7.67 71.61 77.63
N ALA A 1087 -7.14 70.52 78.18
CA ALA A 1087 -6.86 69.26 77.50
C ALA A 1087 -5.65 69.25 76.57
N HIS A 1088 -5.12 70.40 76.19
CA HIS A 1088 -3.73 70.56 75.77
C HIS A 1088 -3.12 69.41 74.96
N PHE A 1089 -3.62 69.14 73.76
CA PHE A 1089 -3.05 68.07 72.94
C PHE A 1089 -1.72 68.50 72.31
N PRO A 1090 -0.81 67.56 72.05
CA PRO A 1090 0.49 67.94 71.47
C PRO A 1090 0.36 68.27 69.99
N ARG A 1091 1.10 69.29 69.56
CA ARG A 1091 1.05 69.72 68.17
C ARG A 1091 1.64 68.67 67.24
N GLU A 1092 2.85 68.21 67.53
CA GLU A 1092 3.59 67.36 66.61
C GLU A 1092 4.07 66.05 67.21
N GLY A 1093 4.40 66.03 68.50
CA GLY A 1093 4.97 64.82 69.08
C GLY A 1093 4.01 64.05 69.97
N VAL A 1094 4.55 63.40 71.00
CA VAL A 1094 3.76 62.61 71.93
C VAL A 1094 4.15 62.99 73.35
N PHE A 1095 3.18 62.88 74.26
CA PHE A 1095 3.42 63.10 75.67
C PHE A 1095 4.05 61.85 76.26
N VAL A 1096 5.22 62.00 76.88
CA VAL A 1096 5.89 60.88 77.52
C VAL A 1096 6.23 61.31 78.95
N SER A 1097 6.43 60.30 79.81
CA SER A 1097 6.66 60.56 81.22
C SER A 1097 7.85 59.75 81.73
N ASN A 1098 8.68 60.42 82.52
CA ASN A 1098 9.51 59.71 83.48
C ASN A 1098 8.64 59.24 84.63
N GLY A 1099 9.28 58.69 85.65
CA GLY A 1099 8.55 58.35 86.86
C GLY A 1099 7.82 59.54 87.46
N THR A 1100 8.32 60.75 87.21
CA THR A 1100 7.77 61.92 87.88
C THR A 1100 7.34 63.01 86.90
N HIS A 1101 8.09 63.20 85.82
CA HIS A 1101 7.93 64.36 84.96
C HIS A 1101 7.43 64.00 83.58
N TRP A 1102 6.81 64.97 82.90
CA TRP A 1102 6.22 64.78 81.59
C TRP A 1102 6.91 65.66 80.56
N PHE A 1103 6.87 65.22 79.30
CA PHE A 1103 7.56 65.90 78.21
C PHE A 1103 6.81 65.69 76.90
N VAL A 1104 7.14 66.48 75.88
CA VAL A 1104 6.65 66.30 74.53
C VAL A 1104 7.84 65.92 73.65
N THR A 1105 7.99 64.64 73.37
CA THR A 1105 9.05 64.20 72.48
C THR A 1105 8.47 63.92 71.09
N GLN A 1106 9.33 64.03 70.08
CA GLN A 1106 8.95 63.57 68.76
C GLN A 1106 8.83 62.05 68.76
N ARG A 1107 8.00 61.53 67.86
CA ARG A 1107 7.54 60.16 68.00
C ARG A 1107 8.62 59.16 67.58
N ASN A 1108 9.61 59.60 66.83
CA ASN A 1108 10.58 58.65 66.27
C ASN A 1108 11.93 58.73 66.98
N PHE A 1109 12.23 59.86 67.60
CA PHE A 1109 13.46 60.06 68.35
C PHE A 1109 13.14 60.62 69.72
N TYR A 1110 13.88 60.19 70.73
CA TYR A 1110 13.61 60.64 72.09
C TYR A 1110 14.32 61.97 72.33
N GLU A 1111 13.54 63.01 72.61
CA GLU A 1111 14.06 64.36 72.83
C GLU A 1111 13.03 65.08 73.68
N PRO A 1112 13.16 65.04 75.02
CA PRO A 1112 11.99 65.28 75.88
C PRO A 1112 11.29 66.63 75.73
N GLN A 1113 11.95 67.75 76.01
CA GLN A 1113 11.34 69.08 75.94
C GLN A 1113 10.14 69.25 76.88
N ILE A 1114 10.10 70.35 77.62
CA ILE A 1114 9.05 70.55 78.62
C ILE A 1114 7.75 70.95 77.95
N ILE A 1115 6.64 70.77 78.66
CA ILE A 1115 5.31 71.08 78.14
C ILE A 1115 5.17 72.59 78.03
N THR A 1116 4.86 73.08 76.84
CA THR A 1116 4.65 74.51 76.64
C THR A 1116 3.41 74.73 75.79
N THR A 1117 2.90 75.97 75.84
CA THR A 1117 1.80 76.35 74.97
C THR A 1117 2.23 76.42 73.51
N ASP A 1118 3.54 76.48 73.24
CA ASP A 1118 4.01 76.56 71.86
C ASP A 1118 3.94 75.20 71.17
N ASN A 1119 4.19 74.11 71.90
CA ASN A 1119 4.18 72.78 71.31
C ASN A 1119 2.91 72.00 71.62
N THR A 1120 1.90 72.64 72.19
CA THR A 1120 0.60 72.01 72.43
C THR A 1120 -0.50 72.92 71.92
N PHE A 1121 -1.67 72.33 71.69
CA PHE A 1121 -2.87 73.09 71.35
C PHE A 1121 -4.01 72.63 72.23
N VAL A 1122 -4.93 73.56 72.49
CA VAL A 1122 -6.01 73.39 73.46
C VAL A 1122 -7.30 73.09 72.72
N SER A 1123 -8.04 72.09 73.21
CA SER A 1123 -9.32 71.72 72.60
C SER A 1123 -10.23 71.10 73.66
N GLY A 1124 -11.21 71.87 74.13
CA GLY A 1124 -12.21 71.35 75.03
C GLY A 1124 -11.77 71.30 76.48
N ASN A 1125 -12.55 70.63 77.31
CA ASN A 1125 -12.24 70.46 78.73
C ASN A 1125 -11.74 69.05 78.99
N CYS A 1126 -11.52 68.74 80.26
CA CYS A 1126 -10.87 67.49 80.64
C CYS A 1126 -11.83 66.36 80.91
N ASP A 1127 -13.13 66.57 80.70
CA ASP A 1127 -14.12 65.53 81.01
C ASP A 1127 -14.19 64.47 79.92
N VAL A 1128 -13.74 64.80 78.71
CA VAL A 1128 -14.06 63.96 77.56
C VAL A 1128 -12.99 62.91 77.33
N VAL A 1129 -11.72 63.32 77.23
CA VAL A 1129 -10.65 62.41 76.85
C VAL A 1129 -10.42 61.39 77.95
N ILE A 1130 -10.26 60.13 77.56
CA ILE A 1130 -10.23 59.03 78.53
C ILE A 1130 -8.94 59.05 79.34
N GLY A 1131 -7.80 59.31 78.68
CA GLY A 1131 -6.53 59.21 79.36
C GLY A 1131 -5.94 60.52 79.84
N ILE A 1132 -6.79 61.48 80.19
CA ILE A 1132 -6.33 62.74 80.76
C ILE A 1132 -5.40 62.51 81.94
N VAL A 1133 -4.29 63.26 81.96
CA VAL A 1133 -3.34 63.28 83.06
C VAL A 1133 -3.09 64.72 83.44
N ASN A 1134 -3.14 65.00 84.75
CA ASN A 1134 -2.86 66.33 85.27
C ASN A 1134 -1.40 66.69 85.04
N ASN A 1135 -1.15 67.91 84.58
CA ASN A 1135 0.20 68.46 84.56
C ASN A 1135 0.13 69.96 84.29
N THR A 1136 1.21 70.64 84.63
CA THR A 1136 1.33 72.05 84.29
C THR A 1136 1.79 72.21 82.86
N VAL A 1137 1.20 73.18 82.17
CA VAL A 1137 1.61 73.57 80.82
C VAL A 1137 2.25 74.94 80.94
N TYR A 1138 3.50 75.05 80.50
CA TYR A 1138 4.28 76.25 80.73
C TYR A 1138 3.96 77.30 79.68
N ASP A 1139 3.63 78.51 80.14
CA ASP A 1139 3.35 79.62 79.25
C ASP A 1139 4.63 80.40 79.04
N PRO A 1140 5.19 80.43 77.82
CA PRO A 1140 6.46 81.15 77.63
C PRO A 1140 6.37 82.64 77.92
N LEU A 1141 5.21 83.26 77.68
CA LEU A 1141 5.10 84.70 77.79
C LEU A 1141 5.06 85.15 79.24
N GLN A 1142 4.43 84.36 80.12
CA GLN A 1142 4.21 84.79 81.50
C GLN A 1142 5.48 85.14 82.26
N PRO A 1143 6.57 84.36 82.21
CA PRO A 1143 7.78 84.78 82.95
C PRO A 1143 8.32 86.13 82.53
N GLU A 1144 8.21 86.47 81.24
CA GLU A 1144 8.62 87.79 80.79
C GLU A 1144 7.80 88.88 81.46
N LEU A 1145 6.52 88.60 81.73
CA LEU A 1145 5.65 89.57 82.40
C LEU A 1145 5.30 89.09 83.81
N ILE B 22 -26.60 -58.61 -27.11
CA ILE B 22 -25.38 -59.03 -26.42
C ILE B 22 -25.44 -60.51 -26.10
N VAL B 23 -24.37 -61.23 -26.43
CA VAL B 23 -24.23 -62.65 -26.15
C VAL B 23 -23.02 -62.80 -25.23
N LEU B 24 -23.20 -63.45 -24.10
CA LEU B 24 -22.13 -63.59 -23.12
C LEU B 24 -21.46 -64.94 -23.25
N THR B 25 -20.19 -64.99 -22.83
CA THR B 25 -19.40 -66.22 -22.84
C THR B 25 -18.83 -66.43 -21.45
N GLN B 26 -18.99 -67.64 -20.91
CA GLN B 26 -18.59 -67.95 -19.55
C GLN B 26 -17.34 -68.83 -19.58
N SER B 27 -16.33 -68.45 -18.80
CA SER B 27 -15.13 -69.25 -18.67
C SER B 27 -14.75 -69.36 -17.20
N PRO B 28 -14.35 -70.56 -16.73
CA PRO B 28 -14.37 -71.81 -17.48
C PRO B 28 -15.73 -72.49 -17.49
N ALA B 29 -15.89 -73.52 -18.32
CA ALA B 29 -17.13 -74.30 -18.31
C ALA B 29 -17.31 -75.01 -16.97
N SER B 30 -16.24 -75.58 -16.44
CA SER B 30 -16.24 -76.19 -15.12
C SER B 30 -14.97 -75.79 -14.40
N LEU B 31 -15.06 -75.70 -13.07
CA LEU B 31 -13.92 -75.28 -12.27
C LEU B 31 -13.94 -76.01 -10.93
N ALA B 32 -12.76 -76.47 -10.51
CA ALA B 32 -12.60 -77.29 -9.31
C ALA B 32 -12.06 -76.45 -8.17
N VAL B 33 -12.59 -76.69 -6.97
CA VAL B 33 -12.19 -75.97 -5.76
C VAL B 33 -11.93 -76.96 -4.65
N SER B 34 -10.93 -76.68 -3.82
CA SER B 34 -10.83 -77.33 -2.53
C SER B 34 -11.60 -76.50 -1.50
N LEU B 35 -12.17 -77.19 -0.51
CA LEU B 35 -13.04 -76.52 0.44
C LEU B 35 -12.28 -75.43 1.19
N GLY B 36 -12.66 -74.17 0.92
CA GLY B 36 -11.98 -73.02 1.47
C GLY B 36 -10.93 -72.38 0.58
N GLN B 37 -10.89 -72.74 -0.70
CA GLN B 37 -9.91 -72.21 -1.63
C GLN B 37 -10.53 -71.03 -2.39
N ARG B 38 -9.70 -70.06 -2.76
CA ARG B 38 -10.19 -68.83 -3.35
C ARG B 38 -10.65 -69.11 -4.78
N ALA B 39 -11.83 -68.61 -5.14
CA ALA B 39 -12.47 -69.00 -6.40
C ALA B 39 -12.84 -67.78 -7.23
N THR B 40 -12.70 -67.92 -8.55
CA THR B 40 -13.01 -66.86 -9.50
C THR B 40 -13.60 -67.46 -10.76
N ILE B 41 -14.67 -66.86 -11.27
CA ILE B 41 -15.29 -67.24 -12.53
C ILE B 41 -15.48 -65.97 -13.36
N SER B 42 -15.29 -66.10 -14.68
CA SER B 42 -15.25 -64.94 -15.55
C SER B 42 -16.31 -65.02 -16.64
N CYS B 43 -16.81 -63.84 -17.02
CA CYS B 43 -17.74 -63.69 -18.14
C CYS B 43 -17.27 -62.57 -19.04
N ARG B 44 -17.50 -62.76 -20.35
CA ARG B 44 -17.21 -61.78 -21.39
C ARG B 44 -18.52 -61.39 -22.07
N ALA B 45 -18.71 -60.08 -22.27
CA ALA B 45 -19.92 -59.59 -22.92
C ALA B 45 -19.64 -59.21 -24.37
N SER B 46 -20.70 -59.22 -25.17
CA SER B 46 -20.56 -58.86 -26.58
C SER B 46 -20.34 -57.35 -26.75
N GLU B 47 -21.04 -56.54 -25.97
CA GLU B 47 -20.93 -55.10 -26.08
C GLU B 47 -20.59 -54.46 -24.75
N SER B 48 -20.59 -53.13 -24.70
CA SER B 48 -20.42 -52.44 -23.44
C SER B 48 -21.67 -52.59 -22.58
N VAL B 49 -21.47 -52.83 -21.29
CA VAL B 49 -22.57 -52.95 -20.35
C VAL B 49 -22.78 -51.69 -19.52
N GLU B 50 -21.72 -50.90 -19.33
CA GLU B 50 -21.80 -49.69 -18.53
C GLU B 50 -22.33 -48.54 -19.36
N TYR B 51 -23.39 -47.89 -18.87
CA TYR B 51 -23.89 -46.65 -19.42
C TYR B 51 -24.34 -45.77 -18.26
N TYR B 52 -24.00 -44.48 -18.33
CA TYR B 52 -24.31 -43.53 -17.27
C TYR B 52 -23.63 -43.93 -15.96
N GLY B 53 -22.50 -44.60 -16.09
CA GLY B 53 -21.69 -44.99 -14.94
C GLY B 53 -22.14 -46.24 -14.20
N THR B 54 -23.17 -46.93 -14.68
CA THR B 54 -23.70 -48.11 -14.00
C THR B 54 -23.71 -49.29 -14.96
N SER B 55 -23.04 -50.37 -14.57
CA SER B 55 -23.14 -51.63 -15.30
C SER B 55 -24.33 -52.43 -14.78
N LEU B 56 -24.93 -53.22 -15.67
CA LEU B 56 -26.20 -53.86 -15.36
C LEU B 56 -26.21 -55.36 -15.65
N MET B 57 -25.22 -56.10 -15.15
CA MET B 57 -25.30 -57.54 -15.23
C MET B 57 -25.60 -58.14 -13.85
N GLN B 58 -26.26 -59.30 -13.86
CA GLN B 58 -26.62 -60.01 -12.64
C GLN B 58 -26.24 -61.47 -12.83
N TRP B 59 -25.63 -62.06 -11.80
CA TRP B 59 -25.19 -63.44 -11.92
C TRP B 59 -25.91 -64.28 -10.87
N TYR B 60 -26.32 -65.48 -11.29
CA TYR B 60 -27.16 -66.36 -10.47
C TYR B 60 -26.43 -67.65 -10.14
N GLN B 61 -26.81 -68.25 -9.03
CA GLN B 61 -26.40 -69.59 -8.66
C GLN B 61 -27.63 -70.50 -8.65
N GLN B 62 -27.45 -71.74 -9.09
CA GLN B 62 -28.58 -72.67 -9.16
C GLN B 62 -28.11 -74.07 -8.81
N LYS B 63 -28.42 -74.51 -7.60
CA LYS B 63 -28.24 -75.90 -7.25
C LYS B 63 -29.25 -76.75 -8.02
N PRO B 64 -28.92 -78.01 -8.31
CA PRO B 64 -29.83 -78.84 -9.11
C PRO B 64 -31.18 -79.01 -8.44
N GLY B 65 -32.22 -78.97 -9.25
CA GLY B 65 -33.58 -79.07 -8.74
C GLY B 65 -33.98 -77.93 -7.82
N GLN B 66 -33.36 -76.77 -7.97
CA GLN B 66 -33.64 -75.63 -7.11
C GLN B 66 -33.88 -74.37 -7.94
N PRO B 67 -34.78 -73.51 -7.49
CA PRO B 67 -34.95 -72.21 -8.14
C PRO B 67 -33.68 -71.39 -8.06
N PRO B 68 -33.17 -70.92 -9.20
CA PRO B 68 -31.96 -70.08 -9.17
C PRO B 68 -32.25 -68.72 -8.54
N LYS B 69 -31.41 -68.34 -7.58
CA LYS B 69 -31.53 -67.08 -6.87
C LYS B 69 -30.70 -66.01 -7.58
N VAL B 70 -30.57 -64.85 -6.92
CA VAL B 70 -29.78 -63.74 -7.42
C VAL B 70 -28.75 -63.36 -6.37
N LEU B 71 -27.51 -63.14 -6.80
CA LEU B 71 -26.43 -62.76 -5.90
C LEU B 71 -26.08 -61.29 -5.98
N ILE B 72 -26.26 -60.65 -7.13
CA ILE B 72 -25.82 -59.28 -7.33
C ILE B 72 -26.90 -58.45 -7.99
N TYR B 73 -27.17 -57.26 -7.45
CA TYR B 73 -28.07 -56.33 -8.12
C TYR B 73 -27.51 -55.93 -9.47
N ALA B 74 -26.19 -55.69 -9.52
CA ALA B 74 -25.51 -55.07 -10.64
C ALA B 74 -24.09 -55.60 -10.72
N ALA B 75 -23.21 -54.84 -11.39
CA ALA B 75 -21.82 -55.24 -11.57
C ALA B 75 -21.21 -55.83 -10.30
N SER B 76 -21.21 -55.06 -9.20
CA SER B 76 -20.42 -55.42 -8.03
C SER B 76 -21.23 -55.66 -6.77
N ASN B 77 -22.21 -54.81 -6.47
CA ASN B 77 -22.95 -54.90 -5.21
C ASN B 77 -23.66 -56.24 -5.07
N VAL B 78 -24.06 -56.54 -3.83
CA VAL B 78 -24.63 -57.83 -3.47
C VAL B 78 -26.00 -57.62 -2.84
N GLU B 79 -26.94 -58.51 -3.13
CA GLU B 79 -28.27 -58.45 -2.55
C GLU B 79 -28.25 -58.92 -1.10
N SER B 80 -29.20 -58.40 -0.31
CA SER B 80 -29.35 -58.84 1.06
C SER B 80 -29.85 -60.27 1.11
N GLY B 81 -29.33 -61.04 2.07
CA GLY B 81 -29.62 -62.45 2.17
C GLY B 81 -28.57 -63.35 1.55
N VAL B 82 -27.79 -62.83 0.61
CA VAL B 82 -26.65 -63.54 0.04
C VAL B 82 -25.47 -63.34 0.97
N PRO B 83 -24.78 -64.41 1.39
CA PRO B 83 -23.66 -64.23 2.32
C PRO B 83 -22.58 -63.34 1.75
N ALA B 84 -21.94 -62.57 2.65
CA ALA B 84 -20.95 -61.58 2.25
C ALA B 84 -19.72 -62.20 1.60
N ARG B 85 -19.51 -63.51 1.74
CA ARG B 85 -18.40 -64.16 1.05
C ARG B 85 -18.49 -64.03 -0.45
N PHE B 86 -19.70 -63.96 -1.00
CA PHE B 86 -19.89 -63.74 -2.42
C PHE B 86 -19.52 -62.31 -2.78
N SER B 87 -18.79 -62.14 -3.88
CA SER B 87 -18.51 -60.79 -4.36
C SER B 87 -18.30 -60.87 -5.87
N GLY B 88 -18.21 -59.70 -6.49
CA GLY B 88 -17.95 -59.65 -7.92
C GLY B 88 -17.62 -58.24 -8.33
N SER B 89 -17.03 -58.12 -9.51
CA SER B 89 -16.65 -56.81 -10.05
C SER B 89 -16.27 -56.96 -11.51
N GLY B 90 -16.10 -55.83 -12.20
CA GLY B 90 -15.70 -55.81 -13.58
C GLY B 90 -16.18 -54.57 -14.31
N SER B 91 -15.86 -54.47 -15.59
CA SER B 91 -16.32 -53.35 -16.40
C SER B 91 -16.40 -53.79 -17.86
N GLY B 92 -17.24 -53.09 -18.61
CA GLY B 92 -17.34 -53.34 -20.04
C GLY B 92 -17.71 -54.78 -20.33
N THR B 93 -16.82 -55.45 -21.07
CA THR B 93 -17.06 -56.85 -21.39
C THR B 93 -16.57 -57.78 -20.29
N ASP B 94 -15.51 -57.38 -19.58
CA ASP B 94 -14.88 -58.25 -18.59
C ASP B 94 -15.64 -58.18 -17.27
N PHE B 95 -16.03 -59.33 -16.73
CA PHE B 95 -16.63 -59.35 -15.41
C PHE B 95 -16.23 -60.65 -14.72
N SER B 96 -16.24 -60.66 -13.39
CA SER B 96 -15.81 -61.84 -12.67
C SER B 96 -16.33 -61.81 -11.24
N LEU B 97 -16.69 -62.99 -10.74
CA LEU B 97 -17.09 -63.16 -9.35
C LEU B 97 -15.88 -63.45 -8.47
N ASN B 98 -16.16 -63.71 -7.21
CA ASN B 98 -15.17 -64.07 -6.21
C ASN B 98 -15.88 -64.77 -5.07
N ILE B 99 -15.62 -66.07 -4.92
CA ILE B 99 -16.18 -66.87 -3.85
C ILE B 99 -15.00 -67.35 -3.02
N HIS B 100 -14.64 -66.58 -2.01
CA HIS B 100 -13.35 -66.80 -1.37
C HIS B 100 -13.44 -67.99 -0.41
N PRO B 101 -14.38 -68.01 0.55
CA PRO B 101 -14.64 -69.26 1.30
C PRO B 101 -15.63 -70.13 0.53
N VAL B 102 -15.16 -71.28 0.07
CA VAL B 102 -16.02 -72.21 -0.65
C VAL B 102 -16.37 -73.38 0.27
N GLU B 103 -17.66 -73.71 0.33
CA GLU B 103 -18.14 -74.81 1.14
C GLU B 103 -18.93 -75.77 0.27
N GLU B 104 -19.49 -76.81 0.92
CA GLU B 104 -20.27 -77.80 0.19
C GLU B 104 -21.53 -77.20 -0.42
N ASP B 105 -22.03 -76.11 0.15
CA ASP B 105 -23.24 -75.47 -0.40
C ASP B 105 -22.95 -74.83 -1.75
N ASP B 106 -21.77 -74.24 -1.91
CA ASP B 106 -21.44 -73.55 -3.15
C ASP B 106 -21.00 -74.52 -4.23
N ILE B 107 -21.86 -75.50 -4.53
CA ILE B 107 -21.62 -76.48 -5.59
C ILE B 107 -22.83 -76.42 -6.52
N ALA B 108 -22.70 -75.65 -7.59
CA ALA B 108 -23.82 -75.42 -8.51
C ALA B 108 -23.36 -74.77 -9.80
N MET B 109 -24.30 -74.47 -10.69
CA MET B 109 -24.02 -73.74 -11.92
C MET B 109 -24.33 -72.27 -11.73
N TYR B 110 -23.47 -71.42 -12.26
CA TYR B 110 -23.53 -69.97 -12.06
C TYR B 110 -23.67 -69.29 -13.41
N PHE B 111 -24.82 -68.65 -13.62
CA PHE B 111 -25.12 -67.95 -14.86
C PHE B 111 -24.77 -66.47 -14.71
N CYS B 112 -24.62 -65.78 -15.83
CA CYS B 112 -24.37 -64.34 -15.83
C CYS B 112 -25.23 -63.66 -16.88
N GLN B 113 -26.02 -62.68 -16.44
CA GLN B 113 -26.98 -61.94 -17.27
C GLN B 113 -26.35 -60.66 -17.82
N GLN B 114 -27.10 -59.95 -18.66
CA GLN B 114 -26.89 -58.58 -19.09
C GLN B 114 -28.27 -57.96 -19.24
N SER B 115 -28.34 -56.63 -19.23
CA SER B 115 -29.64 -55.96 -19.30
C SER B 115 -29.69 -54.84 -20.33
N ARG B 116 -28.78 -54.80 -21.30
CA ARG B 116 -28.67 -53.62 -22.14
C ARG B 116 -29.61 -53.69 -23.33
N LYS B 117 -29.53 -54.75 -24.12
CA LYS B 117 -30.36 -54.92 -25.31
C LYS B 117 -31.68 -55.53 -24.90
N VAL B 118 -32.73 -55.24 -25.66
CA VAL B 118 -34.10 -55.65 -25.33
C VAL B 118 -34.16 -57.16 -25.12
N PRO B 119 -33.53 -57.99 -25.96
CA PRO B 119 -33.39 -59.40 -25.58
C PRO B 119 -32.41 -59.56 -24.42
N TRP B 120 -32.92 -59.86 -23.23
CA TRP B 120 -32.08 -60.11 -22.06
C TRP B 120 -31.59 -61.55 -22.11
N THR B 121 -30.27 -61.73 -22.24
CA THR B 121 -29.67 -63.04 -22.47
C THR B 121 -28.86 -63.48 -21.25
N PHE B 122 -29.08 -64.72 -20.82
CA PHE B 122 -28.20 -65.37 -19.85
C PHE B 122 -26.95 -65.92 -20.51
N GLY B 123 -26.13 -66.63 -19.73
CA GLY B 123 -24.92 -67.20 -20.25
C GLY B 123 -25.02 -68.71 -20.43
N GLY B 124 -23.88 -69.39 -20.36
CA GLY B 124 -23.86 -70.83 -20.52
C GLY B 124 -23.95 -71.55 -19.19
N GLY B 125 -22.87 -72.20 -18.79
CA GLY B 125 -22.86 -72.93 -17.54
C GLY B 125 -21.49 -73.02 -16.91
N THR B 126 -21.40 -72.65 -15.63
CA THR B 126 -20.15 -72.70 -14.89
C THR B 126 -20.35 -73.58 -13.65
N LYS B 127 -20.13 -74.88 -13.85
CA LYS B 127 -20.31 -75.84 -12.76
C LYS B 127 -19.17 -75.73 -11.76
N LEU B 128 -19.53 -75.64 -10.48
CA LEU B 128 -18.56 -75.63 -9.40
C LEU B 128 -18.45 -77.03 -8.80
N GLU B 129 -17.22 -77.54 -8.68
CA GLU B 129 -16.99 -78.88 -8.18
C GLU B 129 -15.92 -78.86 -7.09
N ILE B 130 -16.15 -79.65 -6.04
CA ILE B 130 -15.12 -79.85 -5.02
C ILE B 130 -13.98 -80.64 -5.64
N LYS B 131 -12.76 -80.09 -5.55
CA LYS B 131 -11.62 -80.69 -6.20
C LYS B 131 -11.12 -81.90 -5.42
N ARG B 132 -10.53 -82.85 -6.16
CA ARG B 132 -10.07 -84.10 -5.59
C ARG B 132 -8.91 -84.62 -6.43
N THR B 160 -8.12 -85.51 -5.84
CA THR B 160 -7.08 -86.20 -6.58
C THR B 160 -7.70 -87.06 -7.67
N VAL B 161 -6.93 -87.23 -8.76
CA VAL B 161 -7.43 -87.99 -9.91
C VAL B 161 -7.79 -89.40 -9.48
N ALA B 162 -9.01 -89.82 -9.83
CA ALA B 162 -9.52 -91.14 -9.48
C ALA B 162 -9.70 -91.95 -10.76
N ALA B 163 -9.08 -93.12 -10.81
CA ALA B 163 -9.19 -93.97 -11.99
C ALA B 163 -10.59 -94.58 -12.08
N PRO B 164 -11.18 -94.57 -13.27
CA PRO B 164 -12.51 -95.18 -13.44
C PRO B 164 -12.45 -96.66 -13.73
N SER B 165 -13.29 -97.44 -13.04
CA SER B 165 -13.44 -98.85 -13.39
C SER B 165 -14.54 -98.99 -14.45
N VAL B 166 -14.32 -99.90 -15.39
CA VAL B 166 -15.19 -100.05 -16.55
C VAL B 166 -15.89 -101.40 -16.46
N PHE B 167 -17.18 -101.40 -16.79
CA PHE B 167 -17.98 -102.62 -16.78
C PHE B 167 -18.93 -102.60 -17.96
N ILE B 168 -19.39 -103.78 -18.36
CA ILE B 168 -20.29 -103.91 -19.50
C ILE B 168 -21.50 -104.74 -19.10
N PHE B 169 -22.62 -104.46 -19.75
CA PHE B 169 -23.88 -105.15 -19.52
C PHE B 169 -24.45 -105.57 -20.87
N PRO B 170 -24.40 -106.84 -21.22
CA PRO B 170 -25.08 -107.31 -22.43
C PRO B 170 -26.59 -107.25 -22.24
N PRO B 171 -27.36 -107.09 -23.32
CA PRO B 171 -28.81 -107.16 -23.19
C PRO B 171 -29.25 -108.56 -22.80
N SER B 172 -30.21 -108.63 -21.87
CA SER B 172 -30.67 -109.91 -21.38
C SER B 172 -31.44 -110.67 -22.45
N ASP B 173 -31.48 -112.00 -22.30
CA ASP B 173 -32.20 -112.83 -23.27
C ASP B 173 -33.68 -112.49 -23.30
N GLU B 174 -34.27 -112.25 -22.12
CA GLU B 174 -35.67 -111.86 -22.07
C GLU B 174 -35.89 -110.52 -22.76
N GLN B 175 -34.90 -109.63 -22.69
CA GLN B 175 -34.99 -108.36 -23.41
C GLN B 175 -34.96 -108.59 -24.92
N LEU B 176 -34.16 -109.55 -25.39
CA LEU B 176 -34.18 -109.92 -26.80
C LEU B 176 -35.52 -110.54 -27.18
N LYS B 177 -36.17 -111.23 -26.24
CA LYS B 177 -37.50 -111.76 -26.50
C LYS B 177 -38.50 -110.65 -26.79
N SER B 178 -38.27 -109.46 -26.23
CA SER B 178 -39.13 -108.32 -26.55
C SER B 178 -38.86 -107.75 -27.94
N GLY B 179 -37.66 -107.98 -28.48
CA GLY B 179 -37.31 -107.51 -29.80
C GLY B 179 -36.29 -106.39 -29.86
N THR B 180 -35.65 -106.04 -28.75
CA THR B 180 -34.67 -104.98 -28.71
C THR B 180 -33.46 -105.43 -27.91
N ALA B 181 -32.31 -104.80 -28.18
CA ALA B 181 -31.07 -105.07 -27.46
C ALA B 181 -30.47 -103.75 -26.99
N SER B 182 -30.10 -103.70 -25.72
CA SER B 182 -29.49 -102.52 -25.11
C SER B 182 -28.19 -102.94 -24.44
N VAL B 183 -27.06 -102.50 -25.00
CA VAL B 183 -25.74 -102.81 -24.47
C VAL B 183 -25.28 -101.61 -23.66
N VAL B 184 -24.89 -101.86 -22.40
CA VAL B 184 -24.59 -100.79 -21.45
C VAL B 184 -23.10 -100.80 -21.14
N CYS B 185 -22.48 -99.61 -21.14
CA CYS B 185 -21.10 -99.43 -20.72
C CYS B 185 -21.09 -98.50 -19.53
N LEU B 186 -20.51 -98.95 -18.42
CA LEU B 186 -20.58 -98.25 -17.15
C LEU B 186 -19.18 -97.86 -16.68
N LEU B 187 -19.02 -96.63 -16.24
CA LEU B 187 -17.82 -96.18 -15.55
C LEU B 187 -18.09 -96.21 -14.05
N ASN B 188 -17.32 -97.03 -13.33
CA ASN B 188 -17.54 -97.21 -11.89
C ASN B 188 -16.83 -96.13 -11.09
N ASN B 189 -17.34 -94.90 -11.22
CA ASN B 189 -16.93 -93.73 -10.46
C ASN B 189 -15.56 -93.22 -10.90
N PHE B 190 -15.43 -91.89 -10.95
CA PHE B 190 -14.24 -91.23 -11.47
C PHE B 190 -14.34 -89.73 -11.22
N TYR B 191 -13.22 -89.13 -10.86
CA TYR B 191 -13.20 -87.68 -10.65
C TYR B 191 -13.11 -86.90 -11.96
N PRO B 192 -12.12 -87.16 -12.85
CA PRO B 192 -12.06 -86.37 -14.09
C PRO B 192 -13.22 -86.66 -15.02
N ARG B 193 -14.12 -85.69 -15.18
CA ARG B 193 -15.37 -85.90 -15.90
C ARG B 193 -15.14 -86.31 -17.35
N GLU B 194 -14.20 -85.64 -18.02
CA GLU B 194 -13.98 -85.89 -19.45
C GLU B 194 -13.49 -87.31 -19.68
N ALA B 195 -14.16 -88.02 -20.58
CA ALA B 195 -13.78 -89.36 -20.97
C ALA B 195 -14.38 -89.66 -22.33
N LYS B 196 -13.68 -90.46 -23.12
CA LYS B 196 -14.14 -90.85 -24.44
C LYS B 196 -14.53 -92.33 -24.44
N VAL B 197 -15.75 -92.59 -24.88
CA VAL B 197 -16.34 -93.93 -24.90
C VAL B 197 -16.49 -94.33 -26.36
N GLN B 198 -15.99 -95.52 -26.70
CA GLN B 198 -16.04 -96.04 -28.06
C GLN B 198 -16.77 -97.38 -28.05
N TRP B 199 -17.68 -97.56 -28.99
CA TRP B 199 -18.43 -98.81 -29.11
C TRP B 199 -17.86 -99.61 -30.27
N LYS B 200 -17.60 -100.90 -30.05
CA LYS B 200 -17.00 -101.77 -31.05
C LYS B 200 -17.86 -103.01 -31.21
N VAL B 201 -18.21 -103.31 -32.46
CA VAL B 201 -18.97 -104.53 -32.79
C VAL B 201 -18.19 -105.28 -33.86
N ASP B 202 -17.75 -106.50 -33.51
CA ASP B 202 -16.95 -107.34 -34.41
C ASP B 202 -15.76 -106.54 -34.97
N ASN B 203 -15.08 -105.82 -34.10
CA ASN B 203 -13.93 -104.98 -34.46
C ASN B 203 -14.31 -103.90 -35.48
N ALA B 204 -15.46 -103.27 -35.27
CA ALA B 204 -15.92 -102.16 -36.11
C ALA B 204 -16.44 -101.03 -35.21
N LEU B 205 -16.13 -99.79 -35.59
CA LEU B 205 -16.56 -98.64 -34.81
C LEU B 205 -18.01 -98.29 -35.11
N GLN B 206 -18.75 -97.86 -34.08
CA GLN B 206 -20.12 -97.42 -34.23
C GLN B 206 -20.20 -95.90 -34.10
N SER B 207 -21.35 -95.34 -34.51
CA SER B 207 -21.54 -93.90 -34.47
C SER B 207 -23.02 -93.57 -34.50
N GLY B 208 -23.42 -92.57 -33.71
CA GLY B 208 -24.73 -91.96 -33.84
C GLY B 208 -25.90 -92.75 -33.30
N ASN B 209 -25.66 -93.85 -32.58
CA ASN B 209 -26.75 -94.67 -32.08
C ASN B 209 -26.52 -95.07 -30.62
N SER B 210 -25.77 -94.26 -29.89
CA SER B 210 -25.52 -94.49 -28.47
C SER B 210 -25.84 -93.22 -27.69
N GLN B 211 -26.54 -93.39 -26.57
CA GLN B 211 -26.95 -92.28 -25.73
C GLN B 211 -26.22 -92.35 -24.40
N GLU B 212 -25.69 -91.22 -23.95
CA GLU B 212 -24.83 -91.15 -22.78
C GLU B 212 -25.51 -90.36 -21.67
N SER B 213 -25.29 -90.81 -20.43
CA SER B 213 -25.83 -90.16 -19.24
C SER B 213 -24.71 -90.00 -18.21
N VAL B 214 -24.65 -88.81 -17.62
CA VAL B 214 -23.64 -88.50 -16.62
C VAL B 214 -24.34 -87.94 -15.38
N THR B 215 -24.01 -88.52 -14.23
CA THR B 215 -24.56 -88.07 -12.97
C THR B 215 -23.81 -86.83 -12.47
N GLU B 216 -24.39 -86.18 -11.45
CA GLU B 216 -23.83 -84.95 -10.93
C GLU B 216 -22.64 -85.24 -10.01
N GLN B 217 -22.00 -84.16 -9.55
CA GLN B 217 -20.88 -84.29 -8.64
C GLN B 217 -21.36 -84.72 -7.26
N ASP B 218 -21.05 -85.96 -6.89
CA ASP B 218 -21.51 -86.50 -5.62
C ASP B 218 -20.81 -85.80 -4.45
N SER B 219 -21.55 -85.67 -3.35
CA SER B 219 -21.07 -84.91 -2.21
C SER B 219 -19.97 -85.61 -1.41
N LYS B 220 -20.02 -86.94 -1.30
CA LYS B 220 -19.14 -87.66 -0.38
C LYS B 220 -17.96 -88.32 -1.08
N ASP B 221 -18.18 -89.08 -2.16
CA ASP B 221 -17.06 -89.72 -2.83
C ASP B 221 -16.49 -88.85 -3.94
N SER B 222 -17.25 -87.83 -4.37
CA SER B 222 -16.78 -86.84 -5.35
C SER B 222 -16.33 -87.51 -6.66
N THR B 223 -17.14 -88.44 -7.15
CA THR B 223 -16.84 -89.19 -8.37
C THR B 223 -18.10 -89.25 -9.23
N TYR B 224 -18.00 -88.78 -10.47
CA TYR B 224 -19.11 -88.92 -11.42
C TYR B 224 -19.24 -90.37 -11.86
N SER B 225 -20.44 -90.71 -12.33
CA SER B 225 -20.70 -92.00 -12.96
C SER B 225 -21.27 -91.77 -14.35
N LEU B 226 -20.79 -92.56 -15.31
CA LEU B 226 -21.19 -92.42 -16.71
C LEU B 226 -21.76 -93.74 -17.21
N SER B 227 -22.85 -93.66 -17.97
CA SER B 227 -23.48 -94.82 -18.57
C SER B 227 -23.77 -94.52 -20.03
N SER B 228 -23.27 -95.38 -20.92
CA SER B 228 -23.51 -95.26 -22.35
C SER B 228 -24.32 -96.46 -22.80
N THR B 229 -25.47 -96.20 -23.42
CA THR B 229 -26.39 -97.25 -23.85
C THR B 229 -26.47 -97.26 -25.37
N LEU B 230 -26.21 -98.42 -25.96
CA LEU B 230 -26.40 -98.66 -27.38
C LEU B 230 -27.68 -99.46 -27.56
N THR B 231 -28.67 -98.87 -28.22
CA THR B 231 -29.96 -99.48 -28.45
C THR B 231 -30.07 -99.89 -29.91
N LEU B 232 -30.51 -101.12 -30.17
CA LEU B 232 -30.57 -101.64 -31.52
C LEU B 232 -31.65 -102.72 -31.60
N SER B 233 -32.07 -103.04 -32.82
CA SER B 233 -33.04 -104.10 -33.01
C SER B 233 -32.38 -105.47 -32.84
N LYS B 234 -33.20 -106.48 -32.61
CA LYS B 234 -32.69 -107.83 -32.40
C LYS B 234 -31.99 -108.38 -33.63
N ALA B 235 -32.55 -108.13 -34.83
CA ALA B 235 -31.97 -108.68 -36.04
C ALA B 235 -30.57 -108.16 -36.29
N ASP B 236 -30.35 -106.86 -36.11
CA ASP B 236 -29.02 -106.30 -36.31
C ASP B 236 -28.10 -106.65 -35.15
N TYR B 237 -28.64 -106.79 -33.93
CA TYR B 237 -27.81 -107.16 -32.78
C TYR B 237 -27.24 -108.55 -32.93
N GLU B 238 -28.06 -109.51 -33.38
CA GLU B 238 -27.60 -110.89 -33.53
C GLU B 238 -26.65 -111.07 -34.71
N LYS B 239 -26.50 -110.05 -35.56
CA LYS B 239 -25.64 -110.17 -36.74
C LYS B 239 -24.16 -110.15 -36.38
N HIS B 240 -23.79 -109.58 -35.23
CA HIS B 240 -22.41 -109.57 -34.76
C HIS B 240 -22.32 -110.26 -33.40
N LYS B 241 -21.13 -110.77 -33.09
CA LYS B 241 -20.92 -111.56 -31.88
C LYS B 241 -20.17 -110.81 -30.79
N VAL B 242 -18.98 -110.29 -31.09
CA VAL B 242 -18.16 -109.62 -30.09
C VAL B 242 -18.68 -108.20 -29.91
N TYR B 243 -18.94 -107.81 -28.66
CA TYR B 243 -19.38 -106.45 -28.35
C TYR B 243 -18.45 -105.88 -27.29
N ALA B 244 -17.84 -104.75 -27.58
CA ALA B 244 -16.79 -104.19 -26.74
C ALA B 244 -17.00 -102.71 -26.49
N CYS B 245 -16.57 -102.26 -25.32
CA CYS B 245 -16.55 -100.84 -24.96
C CYS B 245 -15.11 -100.46 -24.64
N GLU B 246 -14.64 -99.39 -25.29
CA GLU B 246 -13.31 -98.84 -25.08
C GLU B 246 -13.46 -97.53 -24.32
N VAL B 247 -12.75 -97.41 -23.20
CA VAL B 247 -12.80 -96.21 -22.37
C VAL B 247 -11.43 -95.59 -22.35
N THR B 248 -11.35 -94.31 -22.73
CA THR B 248 -10.13 -93.52 -22.60
C THR B 248 -10.39 -92.39 -21.60
N HIS B 249 -9.55 -92.32 -20.58
CA HIS B 249 -9.74 -91.38 -19.48
C HIS B 249 -8.38 -90.86 -19.04
N GLN B 250 -8.35 -89.63 -18.53
CA GLN B 250 -7.10 -88.98 -18.13
C GLN B 250 -6.73 -89.36 -16.69
N GLY B 251 -7.30 -90.48 -16.24
CA GLY B 251 -6.94 -91.07 -14.97
C GLY B 251 -6.35 -92.44 -15.19
N LEU B 252 -6.57 -92.99 -16.38
CA LEU B 252 -6.06 -94.29 -16.76
C LEU B 252 -4.82 -94.13 -17.63
N SER B 253 -3.75 -94.84 -17.28
CA SER B 253 -2.55 -94.80 -18.11
C SER B 253 -2.77 -95.46 -19.47
N SER B 254 -3.78 -96.34 -19.57
CA SER B 254 -4.10 -96.99 -20.82
C SER B 254 -5.61 -97.11 -20.96
N PRO B 255 -6.14 -97.14 -22.17
CA PRO B 255 -7.59 -97.36 -22.32
C PRO B 255 -8.00 -98.73 -21.82
N VAL B 256 -9.24 -98.83 -21.32
CA VAL B 256 -9.76 -100.07 -20.77
C VAL B 256 -10.80 -100.64 -21.72
N THR B 257 -10.67 -101.93 -22.02
CA THR B 257 -11.60 -102.64 -22.90
C THR B 257 -12.45 -103.59 -22.07
N LYS B 258 -13.77 -103.40 -22.12
CA LYS B 258 -14.71 -104.32 -21.52
C LYS B 258 -15.53 -104.94 -22.65
N SER B 259 -15.31 -106.23 -22.91
CA SER B 259 -15.89 -106.88 -24.06
C SER B 259 -16.55 -108.18 -23.65
N PHE B 260 -17.48 -108.65 -24.49
CA PHE B 260 -18.14 -109.91 -24.25
C PHE B 260 -18.51 -110.56 -25.58
N ASN B 261 -18.52 -111.88 -25.58
CA ASN B 261 -19.01 -112.68 -26.69
C ASN B 261 -20.45 -113.06 -26.42
N ARG B 262 -21.27 -113.10 -27.47
CA ARG B 262 -22.67 -113.46 -27.30
C ARG B 262 -22.80 -114.89 -26.79
N GLY B 263 -23.24 -115.03 -25.54
CA GLY B 263 -23.39 -116.33 -24.92
C GLY B 263 -23.27 -116.28 -23.41
N VAL C 21 -43.66 -64.46 2.93
CA VAL C 21 -43.49 -64.04 1.54
C VAL C 21 -42.91 -65.17 0.71
N GLN C 22 -43.76 -65.83 -0.07
CA GLN C 22 -43.37 -66.95 -0.91
C GLN C 22 -43.86 -66.69 -2.34
N LEU C 23 -43.69 -67.70 -3.19
CA LEU C 23 -44.18 -67.70 -4.55
C LEU C 23 -44.52 -69.12 -4.95
N GLN C 24 -45.65 -69.31 -5.63
CA GLN C 24 -46.09 -70.64 -6.04
C GLN C 24 -46.36 -70.63 -7.54
N GLN C 25 -46.03 -71.74 -8.21
CA GLN C 25 -46.25 -71.88 -9.63
C GLN C 25 -46.95 -73.21 -9.89
N SER C 26 -48.07 -73.16 -10.63
CA SER C 26 -48.99 -74.28 -10.70
C SER C 26 -49.03 -74.86 -12.11
N GLY C 27 -48.99 -76.19 -12.20
CA GLY C 27 -49.39 -76.89 -13.40
C GLY C 27 -48.27 -77.60 -14.13
N PRO C 28 -48.24 -78.93 -14.06
CA PRO C 28 -47.46 -79.71 -15.03
C PRO C 28 -48.31 -80.03 -16.25
N GLU C 29 -47.74 -79.84 -17.43
CA GLU C 29 -48.49 -79.95 -18.68
C GLU C 29 -47.89 -81.00 -19.60
N LEU C 30 -48.74 -81.52 -20.48
CA LEU C 30 -48.39 -82.53 -21.48
C LEU C 30 -49.09 -82.21 -22.80
N VAL C 31 -49.63 -81.00 -22.92
CA VAL C 31 -50.56 -80.68 -24.00
C VAL C 31 -49.90 -80.86 -25.37
N LYS C 32 -50.70 -81.28 -26.35
CA LYS C 32 -50.21 -81.62 -27.68
C LYS C 32 -49.64 -80.40 -28.39
N PRO C 33 -48.76 -80.62 -29.37
CA PRO C 33 -48.14 -79.49 -30.08
C PRO C 33 -49.19 -78.61 -30.77
N GLY C 34 -48.90 -77.31 -30.80
CA GLY C 34 -49.74 -76.34 -31.47
C GLY C 34 -50.70 -75.59 -30.57
N ALA C 35 -50.92 -76.05 -29.35
CA ALA C 35 -51.89 -75.44 -28.45
C ALA C 35 -51.26 -74.31 -27.66
N SER C 36 -51.99 -73.84 -26.64
CA SER C 36 -51.52 -72.78 -25.77
C SER C 36 -51.88 -73.12 -24.33
N VAL C 37 -50.96 -72.80 -23.41
CA VAL C 37 -51.15 -73.05 -21.99
C VAL C 37 -50.79 -71.78 -21.23
N LYS C 38 -51.69 -71.38 -20.33
CA LYS C 38 -51.47 -70.22 -19.46
C LYS C 38 -50.97 -70.73 -18.11
N ILE C 39 -49.65 -70.76 -17.96
CA ILE C 39 -49.06 -71.12 -16.67
C ILE C 39 -49.31 -70.01 -15.66
N SER C 40 -49.73 -70.40 -14.46
CA SER C 40 -50.18 -69.49 -13.43
C SER C 40 -49.22 -69.49 -12.24
N CYS C 41 -48.99 -68.31 -11.69
CA CYS C 41 -48.15 -68.13 -10.51
C CYS C 41 -48.90 -67.32 -9.44
N LYS C 42 -49.11 -67.93 -8.27
CA LYS C 42 -49.66 -67.22 -7.14
C LYS C 42 -48.56 -66.47 -6.40
N ALA C 43 -48.79 -65.17 -6.17
CA ALA C 43 -47.78 -64.29 -5.61
C ALA C 43 -47.59 -64.51 -4.12
N SER C 44 -48.64 -64.96 -3.43
CA SER C 44 -48.59 -65.30 -2.00
C SER C 44 -48.34 -64.02 -1.21
N GLY C 45 -47.22 -63.88 -0.51
CA GLY C 45 -47.07 -62.79 0.44
C GLY C 45 -46.54 -61.51 -0.17
N TYR C 46 -46.43 -61.47 -1.50
CA TYR C 46 -45.91 -60.28 -2.17
C TYR C 46 -46.82 -59.08 -1.94
N SER C 47 -46.31 -57.89 -2.22
CA SER C 47 -47.16 -56.71 -2.34
C SER C 47 -47.80 -56.61 -3.72
N PHE C 48 -47.29 -57.37 -4.69
CA PHE C 48 -47.85 -57.53 -6.03
C PHE C 48 -48.26 -56.20 -6.69
N THR C 49 -47.66 -55.09 -6.25
CA THR C 49 -47.93 -53.80 -6.87
C THR C 49 -46.67 -53.01 -7.20
N GLY C 50 -45.57 -53.20 -6.49
CA GLY C 50 -44.32 -52.53 -6.77
C GLY C 50 -43.17 -53.44 -7.15
N TYR C 51 -43.46 -54.58 -7.77
CA TYR C 51 -42.45 -55.61 -8.01
C TYR C 51 -42.74 -56.30 -9.33
N SER C 52 -41.85 -56.12 -10.31
CA SER C 52 -42.05 -56.73 -11.61
C SER C 52 -42.05 -58.25 -11.49
N MET C 53 -42.89 -58.89 -12.30
CA MET C 53 -43.13 -60.33 -12.20
C MET C 53 -42.54 -60.98 -13.46
N ASN C 54 -41.30 -61.43 -13.35
CA ASN C 54 -40.53 -61.81 -14.53
C ASN C 54 -40.77 -63.28 -14.89
N TRP C 55 -40.69 -63.56 -16.19
CA TRP C 55 -40.87 -64.90 -16.73
C TRP C 55 -39.56 -65.39 -17.33
N MET C 56 -39.20 -66.63 -16.99
CA MET C 56 -37.92 -67.20 -17.37
C MET C 56 -38.13 -68.58 -17.98
N LYS C 57 -37.22 -68.96 -18.87
CA LYS C 57 -37.24 -70.27 -19.52
C LYS C 57 -35.91 -70.97 -19.28
N GLN C 58 -35.92 -71.98 -18.43
CA GLN C 58 -34.76 -72.84 -18.23
C GLN C 58 -34.88 -74.03 -19.19
N SER C 59 -34.03 -74.04 -20.20
CA SER C 59 -33.95 -75.21 -21.07
C SER C 59 -33.47 -76.40 -20.25
N PRO C 60 -33.93 -77.62 -20.59
CA PRO C 60 -33.63 -78.77 -19.71
C PRO C 60 -32.15 -78.99 -19.46
N GLU C 61 -31.29 -78.81 -20.46
CA GLU C 61 -29.87 -79.05 -20.23
C GLU C 61 -29.30 -78.05 -19.22
N LYS C 62 -29.13 -76.80 -19.66
CA LYS C 62 -28.77 -75.72 -18.74
C LYS C 62 -29.39 -74.37 -19.09
N SER C 63 -29.90 -74.17 -20.30
CA SER C 63 -30.08 -72.81 -20.82
C SER C 63 -31.26 -72.08 -20.19
N LEU C 64 -30.96 -71.12 -19.32
CA LEU C 64 -31.93 -70.17 -18.81
C LEU C 64 -31.97 -68.95 -19.72
N GLU C 65 -33.15 -68.33 -19.82
CA GLU C 65 -33.28 -67.07 -20.53
C GLU C 65 -34.58 -66.38 -20.15
N TRP C 66 -34.63 -65.07 -20.40
CA TRP C 66 -35.71 -64.19 -19.97
C TRP C 66 -36.84 -64.20 -21.00
N ILE C 67 -38.02 -64.66 -20.57
CA ILE C 67 -39.21 -64.56 -21.42
C ILE C 67 -39.65 -63.11 -21.55
N GLY C 68 -40.11 -62.52 -20.45
CA GLY C 68 -40.69 -61.20 -20.52
C GLY C 68 -40.90 -60.62 -19.13
N GLU C 69 -41.36 -59.38 -19.11
CA GLU C 69 -41.53 -58.62 -17.88
C GLU C 69 -42.91 -57.96 -17.86
N ILE C 70 -43.56 -58.04 -16.70
CA ILE C 70 -44.89 -57.49 -16.48
C ILE C 70 -44.82 -56.54 -15.29
N ASN C 71 -45.42 -55.37 -15.45
CA ASN C 71 -45.55 -54.42 -14.35
C ASN C 71 -46.89 -54.63 -13.67
N PRO C 72 -46.95 -55.28 -12.50
CA PRO C 72 -48.25 -55.54 -11.88
C PRO C 72 -49.03 -54.27 -11.55
N SER C 73 -48.33 -53.16 -11.32
CA SER C 73 -49.02 -51.90 -11.06
C SER C 73 -49.87 -51.46 -12.24
N THR C 74 -49.32 -51.58 -13.45
CA THR C 74 -50.01 -51.11 -14.64
C THR C 74 -50.40 -52.27 -15.54
N GLY C 75 -49.43 -53.09 -15.92
CA GLY C 75 -49.68 -54.19 -16.84
C GLY C 75 -48.82 -54.11 -18.08
N GLY C 76 -47.75 -53.31 -18.01
CA GLY C 76 -46.85 -53.19 -19.15
C GLY C 76 -46.18 -54.51 -19.45
N THR C 77 -46.12 -54.86 -20.74
CA THR C 77 -45.57 -56.12 -21.21
C THR C 77 -44.34 -55.85 -22.08
N THR C 78 -43.17 -56.11 -21.50
CA THR C 78 -41.93 -56.02 -22.27
C THR C 78 -41.43 -57.44 -22.57
N ASP C 79 -41.49 -57.83 -23.84
CA ASP C 79 -41.26 -59.22 -24.21
C ASP C 79 -40.12 -59.31 -25.23
N ASN C 80 -39.41 -60.44 -25.18
CA ASN C 80 -38.32 -60.69 -26.12
C ASN C 80 -38.86 -60.82 -27.53
N GLN C 81 -38.12 -60.26 -28.50
CA GLN C 81 -38.60 -60.20 -29.87
C GLN C 81 -38.79 -61.59 -30.48
N LYS C 82 -37.82 -62.49 -30.26
CA LYS C 82 -37.91 -63.81 -30.88
C LYS C 82 -39.10 -64.58 -30.32
N PHE C 83 -39.39 -64.41 -29.04
CA PHE C 83 -40.57 -65.01 -28.42
C PHE C 83 -41.78 -64.09 -28.41
N LYS C 84 -41.70 -62.93 -29.07
CA LYS C 84 -42.87 -62.07 -29.18
C LYS C 84 -43.86 -62.65 -30.19
N ALA C 85 -43.45 -63.69 -30.92
CA ALA C 85 -44.28 -64.34 -31.92
C ALA C 85 -45.67 -64.69 -31.39
N LYS C 86 -45.74 -65.50 -30.33
CA LYS C 86 -47.03 -65.89 -29.80
C LYS C 86 -47.07 -65.97 -28.28
N ALA C 87 -46.00 -65.59 -27.58
CA ALA C 87 -46.02 -65.62 -26.12
C ALA C 87 -46.60 -64.30 -25.59
N THR C 88 -47.59 -64.41 -24.71
CA THR C 88 -48.25 -63.25 -24.11
C THR C 88 -48.26 -63.40 -22.60
N LEU C 89 -48.19 -62.27 -21.91
CA LEU C 89 -48.05 -62.21 -20.46
C LEU C 89 -49.20 -61.40 -19.89
N THR C 90 -49.88 -61.94 -18.88
CA THR C 90 -51.07 -61.31 -18.31
C THR C 90 -50.94 -61.26 -16.80
N VAL C 91 -51.38 -60.15 -16.21
CA VAL C 91 -51.40 -59.97 -14.77
C VAL C 91 -52.85 -59.96 -14.30
N ASP C 92 -53.13 -60.67 -13.21
CA ASP C 92 -54.46 -60.73 -12.61
C ASP C 92 -54.39 -60.04 -11.26
N LYS C 93 -55.08 -58.89 -11.15
CA LYS C 93 -55.05 -58.11 -9.93
C LYS C 93 -55.87 -58.76 -8.82
N SER C 94 -56.94 -59.47 -9.19
CA SER C 94 -57.82 -60.08 -8.19
C SER C 94 -57.05 -61.12 -7.38
N SER C 95 -56.41 -62.07 -8.06
CA SER C 95 -55.60 -63.09 -7.41
C SER C 95 -54.13 -62.73 -7.34
N SER C 96 -53.75 -61.55 -7.84
CA SER C 96 -52.37 -61.08 -7.88
C SER C 96 -51.46 -62.06 -8.61
N THR C 97 -51.97 -62.74 -9.64
CA THR C 97 -51.26 -63.83 -10.27
C THR C 97 -50.69 -63.41 -11.62
N ALA C 98 -49.79 -64.25 -12.14
CA ALA C 98 -49.21 -64.07 -13.46
C ALA C 98 -49.56 -65.26 -14.32
N TYR C 99 -50.06 -64.99 -15.52
CA TYR C 99 -50.44 -66.01 -16.50
C TYR C 99 -49.57 -65.82 -17.73
N MET C 100 -48.74 -66.80 -18.04
CA MET C 100 -47.94 -66.77 -19.26
C MET C 100 -48.53 -67.78 -20.24
N GLN C 101 -49.03 -67.27 -21.38
CA GLN C 101 -49.68 -68.11 -22.38
C GLN C 101 -48.86 -68.05 -23.66
N LEU C 102 -48.22 -69.16 -24.00
CA LEU C 102 -47.39 -69.24 -25.19
C LEU C 102 -48.15 -70.01 -26.26
N LYS C 103 -48.83 -69.26 -27.13
CA LYS C 103 -49.61 -69.87 -28.20
C LYS C 103 -48.70 -70.62 -29.17
N SER C 104 -49.21 -71.73 -29.71
CA SER C 104 -48.49 -72.62 -30.61
C SER C 104 -47.38 -73.34 -29.86
N LEU C 105 -47.32 -74.66 -30.01
CA LEU C 105 -46.37 -75.47 -29.26
C LEU C 105 -45.63 -76.39 -30.22
N THR C 106 -44.36 -76.63 -29.90
CA THR C 106 -43.49 -77.45 -30.72
C THR C 106 -42.54 -78.22 -29.82
N SER C 107 -41.85 -79.20 -30.42
CA SER C 107 -41.02 -80.12 -29.64
C SER C 107 -39.90 -79.39 -28.91
N GLU C 108 -39.21 -78.47 -29.60
CA GLU C 108 -38.06 -77.82 -28.99
C GLU C 108 -38.48 -76.89 -27.85
N ASP C 109 -39.65 -76.26 -27.97
CA ASP C 109 -40.17 -75.41 -26.89
C ASP C 109 -40.83 -76.28 -25.82
N SER C 110 -40.01 -77.16 -25.24
CA SER C 110 -40.42 -78.02 -24.12
C SER C 110 -39.35 -77.84 -23.04
N ALA C 111 -39.51 -76.80 -22.23
CA ALA C 111 -38.51 -76.46 -21.22
C ALA C 111 -39.21 -76.03 -19.94
N VAL C 112 -38.43 -75.99 -18.86
CA VAL C 112 -38.99 -75.57 -17.58
C VAL C 112 -39.27 -74.08 -17.63
N TYR C 113 -40.45 -73.69 -17.18
CA TYR C 113 -40.84 -72.28 -17.16
C TYR C 113 -40.97 -71.81 -15.72
N TYR C 114 -40.37 -70.65 -15.43
CA TYR C 114 -40.25 -70.13 -14.08
C TYR C 114 -40.82 -68.72 -14.03
N CYS C 115 -41.31 -68.35 -12.84
CA CYS C 115 -41.73 -66.98 -12.57
C CYS C 115 -40.96 -66.48 -11.37
N ALA C 116 -40.56 -65.21 -11.41
CA ALA C 116 -39.65 -64.69 -10.39
C ALA C 116 -40.06 -63.29 -9.97
N ARG C 117 -39.66 -62.94 -8.75
CA ARG C 117 -39.82 -61.60 -8.21
C ARG C 117 -38.71 -60.68 -8.69
N SER C 118 -39.09 -59.57 -9.33
CA SER C 118 -38.15 -58.59 -9.85
C SER C 118 -37.06 -59.26 -10.67
N ARG C 119 -35.83 -59.21 -10.18
CA ARG C 119 -34.71 -59.89 -10.81
C ARG C 119 -34.66 -61.37 -10.48
N GLY C 120 -35.36 -61.80 -9.44
CA GLY C 120 -35.39 -63.21 -9.10
C GLY C 120 -34.93 -63.57 -7.71
N ASP C 121 -35.09 -62.66 -6.75
CA ASP C 121 -34.75 -62.99 -5.37
C ASP C 121 -35.64 -64.12 -4.85
N TYR C 122 -36.89 -64.17 -5.32
CA TYR C 122 -37.80 -65.28 -5.03
C TYR C 122 -38.32 -65.82 -6.37
N TRP C 123 -38.08 -67.10 -6.61
CA TRP C 123 -38.61 -67.78 -7.79
C TRP C 123 -39.74 -68.72 -7.38
N GLY C 124 -40.45 -69.22 -8.39
CA GLY C 124 -41.40 -70.29 -8.16
C GLY C 124 -40.74 -71.64 -8.10
N GLN C 125 -41.50 -72.65 -7.70
CA GLN C 125 -40.95 -74.00 -7.64
C GLN C 125 -40.73 -74.56 -9.04
N GLY C 126 -41.46 -74.05 -10.01
CA GLY C 126 -41.20 -74.39 -11.40
C GLY C 126 -42.23 -75.34 -11.97
N THR C 127 -42.42 -75.26 -13.29
CA THR C 127 -43.28 -76.18 -14.00
C THR C 127 -42.50 -76.77 -15.17
N SER C 128 -42.77 -78.03 -15.48
CA SER C 128 -42.12 -78.71 -16.59
C SER C 128 -43.14 -78.85 -17.72
N VAL C 129 -43.24 -77.82 -18.55
CA VAL C 129 -44.11 -77.88 -19.72
C VAL C 129 -43.42 -78.72 -20.79
N THR C 130 -44.08 -79.80 -21.19
CA THR C 130 -43.47 -80.78 -22.08
C THR C 130 -44.42 -81.01 -23.26
N VAL C 131 -44.14 -80.32 -24.36
CA VAL C 131 -44.88 -80.51 -25.60
C VAL C 131 -44.58 -81.90 -26.12
N SER C 132 -45.58 -82.78 -26.12
CA SER C 132 -45.37 -84.18 -26.45
C SER C 132 -46.47 -84.65 -27.39
N LYS C 163 -46.07 -85.21 -28.53
CA LYS C 163 -47.04 -85.83 -29.43
C LYS C 163 -47.28 -87.28 -29.07
N ALA C 164 -46.47 -87.83 -28.15
CA ALA C 164 -46.60 -89.22 -27.73
C ALA C 164 -47.72 -89.38 -26.72
N SER C 165 -47.80 -90.54 -26.09
CA SER C 165 -48.87 -90.83 -25.15
C SER C 165 -48.29 -91.56 -23.94
N THR C 166 -49.08 -91.61 -22.87
CA THR C 166 -48.66 -92.31 -21.66
C THR C 166 -48.43 -93.78 -21.95
N LYS C 167 -47.33 -94.32 -21.42
CA LYS C 167 -46.93 -95.69 -21.70
C LYS C 167 -46.13 -96.22 -20.52
N GLY C 168 -46.35 -97.47 -20.16
CA GLY C 168 -45.71 -98.08 -19.02
C GLY C 168 -44.27 -98.45 -19.25
N PRO C 169 -43.46 -98.40 -18.20
CA PRO C 169 -42.04 -98.72 -18.32
C PRO C 169 -41.77 -100.20 -18.57
N SER C 170 -40.63 -100.45 -19.21
CA SER C 170 -40.13 -101.80 -19.38
C SER C 170 -38.85 -101.98 -18.56
N VAL C 171 -38.83 -103.02 -17.73
CA VAL C 171 -37.73 -103.28 -16.81
C VAL C 171 -37.00 -104.52 -17.27
N PHE C 172 -35.70 -104.38 -17.53
CA PHE C 172 -34.93 -105.53 -17.99
C PHE C 172 -33.66 -105.70 -17.15
N PRO C 173 -33.30 -106.93 -16.81
CA PRO C 173 -32.12 -107.15 -15.96
C PRO C 173 -30.82 -106.96 -16.71
N LEU C 174 -29.96 -106.11 -16.16
CA LEU C 174 -28.57 -105.97 -16.58
C LEU C 174 -27.78 -106.98 -15.74
N ALA C 175 -27.28 -108.01 -16.40
CA ALA C 175 -26.69 -109.19 -15.77
C ALA C 175 -25.45 -108.81 -14.97
N PRO C 176 -25.17 -109.52 -13.88
CA PRO C 176 -23.93 -109.29 -13.13
C PRO C 176 -22.70 -109.54 -14.00
N SER C 177 -21.63 -108.81 -13.68
CA SER C 177 -20.40 -108.94 -14.44
C SER C 177 -19.87 -110.37 -14.37
N SER C 178 -19.11 -110.75 -15.41
CA SER C 178 -18.63 -112.13 -15.51
C SER C 178 -17.75 -112.50 -14.33
N LYS C 179 -16.82 -111.64 -13.97
CA LYS C 179 -15.92 -111.90 -12.85
C LYS C 179 -15.87 -110.72 -11.90
N GLY C 184 -13.19 -109.98 -6.17
CA GLY C 184 -13.54 -109.04 -7.23
C GLY C 184 -14.90 -108.42 -7.06
N THR C 185 -15.07 -107.23 -7.63
CA THR C 185 -16.34 -106.50 -7.57
C THR C 185 -17.06 -106.64 -8.90
N ALA C 186 -18.36 -106.97 -8.84
CA ALA C 186 -19.17 -107.11 -10.03
C ALA C 186 -20.39 -106.18 -9.95
N ALA C 187 -20.78 -105.66 -11.10
CA ALA C 187 -21.91 -104.74 -11.20
C ALA C 187 -23.09 -105.43 -11.87
N LEU C 188 -24.28 -105.17 -11.35
CA LEU C 188 -25.52 -105.68 -11.92
C LEU C 188 -26.57 -104.59 -11.80
N GLY C 189 -27.77 -104.86 -12.29
CA GLY C 189 -28.84 -103.90 -12.11
C GLY C 189 -30.02 -104.11 -13.03
N CYS C 190 -30.71 -103.01 -13.33
CA CYS C 190 -31.89 -103.03 -14.18
C CYS C 190 -31.91 -101.79 -15.07
N LEU C 191 -32.33 -101.97 -16.32
CA LEU C 191 -32.61 -100.84 -17.20
C LEU C 191 -34.12 -100.61 -17.21
N VAL C 192 -34.53 -99.36 -17.03
CA VAL C 192 -35.93 -98.96 -17.17
C VAL C 192 -36.01 -98.15 -18.46
N LYS C 193 -36.78 -98.63 -19.42
CA LYS C 193 -36.76 -98.09 -20.77
C LYS C 193 -38.19 -97.97 -21.32
N ASP C 194 -38.39 -96.95 -22.15
CA ASP C 194 -39.68 -96.71 -22.82
C ASP C 194 -40.79 -96.50 -21.79
N TYR C 195 -40.65 -95.42 -21.03
CA TYR C 195 -41.66 -94.99 -20.07
C TYR C 195 -42.00 -93.54 -20.30
N PHE C 196 -43.29 -93.22 -20.22
CA PHE C 196 -43.78 -91.87 -20.41
C PHE C 196 -45.07 -91.70 -19.62
N PRO C 197 -45.23 -90.56 -18.91
CA PRO C 197 -44.25 -89.48 -18.72
C PRO C 197 -43.19 -89.79 -17.67
N GLU C 198 -42.19 -88.93 -17.59
CA GLU C 198 -41.18 -88.94 -16.53
C GLU C 198 -41.84 -88.51 -15.23
N PRO C 199 -41.31 -88.92 -14.05
CA PRO C 199 -40.14 -89.78 -13.86
C PRO C 199 -40.49 -91.20 -13.46
N VAL C 200 -39.47 -92.00 -13.15
CA VAL C 200 -39.64 -93.35 -12.64
C VAL C 200 -38.76 -93.50 -11.41
N THR C 201 -39.36 -93.98 -10.31
CA THR C 201 -38.64 -94.19 -9.07
C THR C 201 -38.14 -95.63 -9.00
N VAL C 202 -36.83 -95.80 -8.91
CA VAL C 202 -36.20 -97.11 -8.87
C VAL C 202 -35.45 -97.25 -7.56
N SER C 203 -35.77 -98.30 -6.80
CA SER C 203 -35.09 -98.62 -5.55
C SER C 203 -34.60 -100.06 -5.61
N TRP C 204 -33.87 -100.46 -4.57
CA TRP C 204 -33.33 -101.81 -4.48
C TRP C 204 -33.72 -102.43 -3.15
N ASN C 205 -34.31 -103.63 -3.22
CA ASN C 205 -34.78 -104.35 -2.04
C ASN C 205 -35.72 -103.48 -1.21
N SER C 206 -36.53 -102.69 -1.90
CA SER C 206 -37.45 -101.72 -1.28
C SER C 206 -36.71 -100.83 -0.29
N GLY C 207 -35.54 -100.35 -0.70
CA GLY C 207 -34.73 -99.48 0.13
C GLY C 207 -33.79 -100.20 1.09
N ALA C 208 -33.74 -101.52 1.06
CA ALA C 208 -32.84 -102.26 1.94
C ALA C 208 -31.42 -102.35 1.40
N LEU C 209 -31.17 -101.87 0.19
CA LEU C 209 -29.84 -101.86 -0.42
C LEU C 209 -29.58 -100.45 -0.93
N THR C 210 -28.72 -99.72 -0.22
CA THR C 210 -28.44 -98.32 -0.55
C THR C 210 -27.01 -98.07 -0.99
N SER C 211 -26.04 -98.77 -0.39
CA SER C 211 -24.64 -98.52 -0.72
C SER C 211 -24.33 -98.99 -2.14
N GLY C 212 -23.52 -98.21 -2.84
CA GLY C 212 -23.09 -98.57 -4.18
C GLY C 212 -24.17 -98.57 -5.23
N VAL C 213 -25.26 -97.85 -5.01
CA VAL C 213 -26.39 -97.80 -5.95
C VAL C 213 -26.29 -96.51 -6.75
N HIS C 214 -26.25 -96.63 -8.07
CA HIS C 214 -26.20 -95.49 -8.98
C HIS C 214 -27.36 -95.58 -9.95
N THR C 215 -28.28 -94.63 -9.86
CA THR C 215 -29.39 -94.51 -10.82
C THR C 215 -29.15 -93.26 -11.64
N PHE C 216 -28.99 -93.44 -12.94
CA PHE C 216 -28.67 -92.32 -13.82
C PHE C 216 -29.94 -91.52 -14.12
N PRO C 217 -29.82 -90.22 -14.37
CA PRO C 217 -31.00 -89.42 -14.75
C PRO C 217 -31.60 -89.93 -16.06
N ALA C 218 -32.92 -89.78 -16.18
CA ALA C 218 -33.61 -90.24 -17.37
C ALA C 218 -33.09 -89.54 -18.62
N VAL C 219 -32.91 -90.31 -19.68
CA VAL C 219 -32.42 -89.79 -20.96
C VAL C 219 -33.54 -89.88 -21.98
N LEU C 220 -33.58 -88.92 -22.90
CA LEU C 220 -34.63 -88.84 -23.91
C LEU C 220 -34.13 -89.50 -25.19
N GLN C 221 -34.87 -90.50 -25.66
CA GLN C 221 -34.48 -91.25 -26.84
C GLN C 221 -35.18 -90.72 -28.09
N SER C 222 -34.90 -91.36 -29.23
CA SER C 222 -35.45 -90.91 -30.50
C SER C 222 -36.96 -91.06 -30.54
N SER C 223 -37.48 -92.14 -29.95
CA SER C 223 -38.91 -92.41 -30.00
C SER C 223 -39.73 -91.46 -29.11
N GLY C 224 -39.07 -90.62 -28.33
CA GLY C 224 -39.75 -89.79 -27.37
C GLY C 224 -40.00 -90.44 -26.02
N LEU C 225 -39.44 -91.61 -25.78
CA LEU C 225 -39.60 -92.34 -24.54
C LEU C 225 -38.30 -92.32 -23.75
N TYR C 226 -38.42 -92.24 -22.43
CA TYR C 226 -37.27 -92.04 -21.56
C TYR C 226 -36.61 -93.36 -21.20
N SER C 227 -35.36 -93.27 -20.75
CA SER C 227 -34.59 -94.44 -20.35
C SER C 227 -33.64 -94.07 -19.22
N LEU C 228 -33.39 -95.04 -18.34
CA LEU C 228 -32.42 -94.90 -17.26
C LEU C 228 -31.88 -96.28 -16.92
N SER C 229 -30.73 -96.29 -16.25
CA SER C 229 -30.10 -97.52 -15.81
C SER C 229 -29.76 -97.41 -14.33
N SER C 230 -30.22 -98.36 -13.54
CA SER C 230 -29.94 -98.41 -12.11
C SER C 230 -29.01 -99.59 -11.85
N VAL C 231 -27.79 -99.31 -11.41
CA VAL C 231 -26.76 -100.32 -11.23
C VAL C 231 -26.28 -100.32 -9.79
N VAL C 232 -25.70 -101.45 -9.40
CA VAL C 232 -25.11 -101.61 -8.07
C VAL C 232 -23.88 -102.49 -8.21
N THR C 233 -22.82 -102.14 -7.48
CA THR C 233 -21.57 -102.87 -7.48
C THR C 233 -21.41 -103.58 -6.14
N VAL C 234 -21.21 -104.89 -6.19
CA VAL C 234 -21.18 -105.72 -4.99
C VAL C 234 -20.04 -106.73 -5.09
N PRO C 235 -19.53 -107.25 -3.97
CA PRO C 235 -18.51 -108.29 -4.03
C PRO C 235 -19.01 -109.53 -4.76
N SER C 236 -18.09 -110.21 -5.45
CA SER C 236 -18.46 -111.36 -6.27
C SER C 236 -19.04 -112.49 -5.43
N SER C 237 -18.61 -112.61 -4.17
CA SER C 237 -19.07 -113.71 -3.32
C SER C 237 -20.59 -113.66 -3.12
N SER C 238 -21.18 -112.47 -3.15
CA SER C 238 -22.62 -112.35 -3.00
C SER C 238 -23.37 -112.72 -4.26
N LEU C 239 -22.70 -112.73 -5.42
CA LEU C 239 -23.41 -112.92 -6.69
C LEU C 239 -24.20 -114.22 -6.72
N GLY C 240 -23.55 -115.33 -6.35
CA GLY C 240 -24.24 -116.61 -6.38
C GLY C 240 -25.15 -116.81 -5.18
N THR C 241 -25.07 -115.92 -4.19
CA THR C 241 -25.80 -116.10 -2.94
C THR C 241 -26.85 -115.01 -2.71
N GLN C 242 -26.45 -113.74 -2.77
CA GLN C 242 -27.36 -112.65 -2.45
C GLN C 242 -28.37 -112.44 -3.59
N THR C 243 -29.63 -112.24 -3.21
CA THR C 243 -30.67 -111.95 -4.19
C THR C 243 -30.85 -110.43 -4.31
N TYR C 244 -30.78 -109.92 -5.53
CA TYR C 244 -30.93 -108.49 -5.80
C TYR C 244 -32.18 -108.28 -6.65
N ILE C 245 -33.05 -107.38 -6.18
CA ILE C 245 -34.31 -107.10 -6.85
C ILE C 245 -34.43 -105.60 -7.02
N CYS C 246 -34.74 -105.16 -8.24
CA CYS C 246 -34.99 -103.77 -8.55
C CYS C 246 -36.49 -103.50 -8.51
N ASN C 247 -36.88 -102.47 -7.78
CA ASN C 247 -38.28 -102.08 -7.60
C ASN C 247 -38.50 -100.80 -8.40
N VAL C 248 -39.38 -100.88 -9.39
CA VAL C 248 -39.62 -99.79 -10.33
C VAL C 248 -41.06 -99.34 -10.19
N ASN C 249 -41.27 -98.05 -9.94
CA ASN C 249 -42.60 -97.46 -9.82
C ASN C 249 -42.71 -96.31 -10.80
N HIS C 250 -43.75 -96.35 -11.62
CA HIS C 250 -44.10 -95.29 -12.56
C HIS C 250 -45.57 -94.96 -12.33
N LYS C 251 -45.82 -94.02 -11.43
CA LYS C 251 -47.19 -93.61 -11.13
C LYS C 251 -47.97 -93.09 -12.35
N PRO C 252 -47.39 -92.29 -13.26
CA PRO C 252 -48.18 -91.82 -14.40
C PRO C 252 -48.86 -92.94 -15.19
N SER C 253 -48.21 -94.09 -15.35
CA SER C 253 -48.84 -95.26 -15.91
C SER C 253 -49.28 -96.26 -14.85
N ASN C 254 -49.06 -95.96 -13.58
CA ASN C 254 -49.44 -96.83 -12.46
C ASN C 254 -48.85 -98.24 -12.64
N THR C 255 -47.54 -98.31 -12.81
CA THR C 255 -46.85 -99.57 -13.05
C THR C 255 -45.82 -99.80 -11.96
N LYS C 256 -45.95 -100.93 -11.25
CA LYS C 256 -44.98 -101.33 -10.23
C LYS C 256 -44.45 -102.70 -10.57
N VAL C 257 -43.14 -102.81 -10.75
CA VAL C 257 -42.49 -104.05 -11.15
C VAL C 257 -41.32 -104.32 -10.23
N ASP C 258 -41.24 -105.54 -9.71
CA ASP C 258 -40.13 -105.98 -8.86
C ASP C 258 -39.42 -107.12 -9.60
N LYS C 259 -38.26 -106.82 -10.17
CA LYS C 259 -37.54 -107.77 -11.02
C LYS C 259 -36.23 -108.18 -10.36
N LYS C 260 -36.03 -109.48 -10.23
CA LYS C 260 -34.80 -110.03 -9.67
C LYS C 260 -33.75 -110.15 -10.77
N VAL C 261 -32.50 -109.86 -10.45
CA VAL C 261 -31.41 -109.93 -11.41
C VAL C 261 -30.57 -111.15 -11.11
N GLU C 262 -30.41 -112.02 -12.10
CA GLU C 262 -29.64 -113.24 -12.00
C GLU C 262 -28.91 -113.49 -13.31
N PRO C 263 -27.66 -113.96 -13.26
CA PRO C 263 -26.89 -114.30 -14.47
C PRO C 263 -27.56 -115.38 -15.31
N ILE D 22 20.21 -55.44 -34.74
CA ILE D 22 20.25 -54.36 -35.72
C ILE D 22 21.32 -54.65 -36.78
N VAL D 23 20.93 -54.54 -38.05
CA VAL D 23 21.84 -54.70 -39.17
C VAL D 23 21.82 -53.39 -39.96
N LEU D 24 22.99 -52.80 -40.15
CA LEU D 24 23.08 -51.51 -40.82
C LEU D 24 23.28 -51.68 -42.32
N THR D 25 22.98 -50.62 -43.06
CA THR D 25 23.13 -50.59 -44.51
C THR D 25 23.81 -49.29 -44.90
N GLN D 26 24.87 -49.39 -45.69
CA GLN D 26 25.70 -48.25 -46.06
C GLN D 26 25.46 -47.89 -47.52
N SER D 27 25.28 -46.60 -47.80
CA SER D 27 25.27 -46.09 -49.15
C SER D 27 26.11 -44.82 -49.23
N PRO D 28 26.83 -44.59 -50.35
CA PRO D 28 26.92 -45.53 -51.48
C PRO D 28 27.95 -46.63 -51.23
N ALA D 29 27.93 -47.67 -52.05
CA ALA D 29 28.95 -48.72 -51.93
C ALA D 29 30.33 -48.17 -52.19
N SER D 30 30.47 -47.31 -53.21
CA SER D 30 31.71 -46.60 -53.48
C SER D 30 31.39 -45.15 -53.75
N LEU D 31 32.33 -44.28 -53.43
CA LEU D 31 32.15 -42.84 -53.64
C LEU D 31 33.36 -42.29 -54.39
N ALA D 32 33.08 -41.39 -55.33
CA ALA D 32 34.10 -40.74 -56.12
C ALA D 32 34.36 -39.35 -55.57
N VAL D 33 35.59 -39.10 -55.14
CA VAL D 33 35.99 -37.83 -54.54
C VAL D 33 37.25 -37.34 -55.22
N SER D 34 37.26 -36.07 -55.60
CA SER D 34 38.48 -35.43 -56.05
C SER D 34 39.27 -34.92 -54.85
N LEU D 35 40.60 -34.94 -54.98
CA LEU D 35 41.45 -34.54 -53.86
C LEU D 35 41.14 -33.12 -53.43
N GLY D 36 40.71 -32.98 -52.17
CA GLY D 36 40.29 -31.70 -51.64
C GLY D 36 38.82 -31.39 -51.77
N GLN D 37 38.01 -32.31 -52.29
CA GLN D 37 36.59 -32.11 -52.47
C GLN D 37 35.84 -32.76 -51.32
N ARG D 38 34.78 -32.10 -50.86
CA ARG D 38 34.10 -32.53 -49.64
C ARG D 38 33.18 -33.72 -49.94
N ALA D 39 33.32 -34.77 -49.13
CA ALA D 39 32.61 -36.01 -49.36
C ALA D 39 31.88 -36.43 -48.08
N THR D 40 30.86 -37.27 -48.26
CA THR D 40 30.07 -37.77 -47.15
C THR D 40 29.47 -39.11 -47.53
N ILE D 41 29.47 -40.05 -46.57
CA ILE D 41 28.91 -41.38 -46.75
C ILE D 41 27.90 -41.63 -45.65
N SER D 42 26.79 -42.27 -46.02
CA SER D 42 25.67 -42.42 -45.09
C SER D 42 25.42 -43.89 -44.79
N CYS D 43 24.83 -44.14 -43.62
CA CYS D 43 24.34 -45.47 -43.30
C CYS D 43 23.11 -45.37 -42.42
N ARG D 44 22.30 -46.43 -42.48
CA ARG D 44 21.03 -46.53 -41.77
C ARG D 44 21.03 -47.76 -40.88
N ALA D 45 20.44 -47.64 -39.71
CA ALA D 45 20.26 -48.77 -38.81
C ALA D 45 18.81 -49.24 -38.85
N SER D 46 18.58 -50.47 -38.39
CA SER D 46 17.22 -51.00 -38.35
C SER D 46 16.33 -50.18 -37.44
N GLU D 47 16.85 -49.79 -36.27
CA GLU D 47 16.11 -48.92 -35.36
C GLU D 47 17.06 -47.86 -34.80
N SER D 48 16.54 -46.97 -33.96
CA SER D 48 17.36 -45.87 -33.45
C SER D 48 18.44 -46.40 -32.51
N VAL D 49 19.67 -45.98 -32.74
CA VAL D 49 20.82 -46.41 -31.94
C VAL D 49 21.07 -45.49 -30.77
N GLU D 50 20.11 -44.64 -30.41
CA GLU D 50 20.23 -43.73 -29.28
C GLU D 50 19.67 -44.37 -28.02
N TYR D 51 20.40 -44.27 -26.93
CA TYR D 51 19.93 -44.71 -25.62
C TYR D 51 20.24 -43.65 -24.58
N TYR D 52 19.22 -43.27 -23.81
CA TYR D 52 19.38 -42.39 -22.65
C TYR D 52 20.01 -41.05 -23.05
N GLY D 53 19.62 -40.53 -24.20
CA GLY D 53 20.09 -39.25 -24.68
C GLY D 53 21.39 -39.28 -25.45
N THR D 54 21.97 -40.45 -25.71
CA THR D 54 23.24 -40.57 -26.39
C THR D 54 23.15 -41.69 -27.43
N SER D 55 23.73 -41.45 -28.61
CA SER D 55 23.85 -42.50 -29.61
C SER D 55 25.03 -43.41 -29.29
N LEU D 56 24.89 -44.69 -29.62
CA LEU D 56 25.86 -45.70 -29.25
C LEU D 56 26.56 -46.28 -30.47
N MET D 57 26.85 -45.44 -31.45
CA MET D 57 27.32 -45.93 -32.74
C MET D 57 28.72 -45.40 -33.05
N GLN D 58 29.49 -46.18 -33.78
CA GLN D 58 30.89 -45.86 -34.06
C GLN D 58 31.21 -46.18 -35.51
N TRP D 59 32.21 -45.49 -36.05
CA TRP D 59 32.70 -45.74 -37.41
C TRP D 59 34.18 -46.05 -37.40
N TYR D 60 34.62 -46.75 -38.45
CA TYR D 60 35.95 -47.31 -38.52
C TYR D 60 36.53 -47.09 -39.91
N GLN D 61 37.84 -46.86 -39.98
CA GLN D 61 38.56 -46.80 -41.25
C GLN D 61 39.61 -47.89 -41.29
N GLN D 62 39.80 -48.48 -42.47
CA GLN D 62 40.71 -49.62 -42.59
C GLN D 62 41.39 -49.58 -43.95
N LYS D 63 42.65 -49.18 -43.99
CA LYS D 63 43.48 -49.36 -45.18
C LYS D 63 43.79 -50.84 -45.37
N PRO D 64 44.06 -51.27 -46.60
CA PRO D 64 44.30 -52.69 -46.84
C PRO D 64 45.51 -53.20 -46.07
N GLY D 65 45.36 -54.40 -45.51
CA GLY D 65 46.41 -54.99 -44.71
C GLY D 65 46.77 -54.20 -43.47
N GLN D 66 45.84 -53.39 -42.96
CA GLN D 66 46.09 -52.52 -41.83
C GLN D 66 45.05 -52.71 -40.76
N PRO D 67 45.46 -52.71 -39.50
CA PRO D 67 44.50 -52.69 -38.39
C PRO D 67 43.61 -51.46 -38.47
N PRO D 68 42.29 -51.65 -38.49
CA PRO D 68 41.40 -50.48 -38.57
C PRO D 68 41.38 -49.68 -37.28
N LYS D 69 41.45 -48.35 -37.42
CA LYS D 69 41.46 -47.44 -36.30
C LYS D 69 40.04 -46.97 -35.98
N VAL D 70 39.93 -46.14 -34.96
CA VAL D 70 38.64 -45.59 -34.53
C VAL D 70 38.61 -44.12 -34.91
N LEU D 71 37.57 -43.72 -35.63
CA LEU D 71 37.35 -42.31 -35.95
C LEU D 71 36.40 -41.62 -35.00
N ILE D 72 35.38 -42.32 -34.48
CA ILE D 72 34.29 -41.66 -33.78
C ILE D 72 33.93 -42.39 -32.49
N TYR D 73 33.84 -41.64 -31.38
CA TYR D 73 33.31 -42.21 -30.13
C TYR D 73 31.87 -42.65 -30.29
N ALA D 74 31.05 -41.78 -30.86
CA ALA D 74 29.61 -41.73 -30.62
C ALA D 74 28.89 -41.21 -31.84
N ALA D 75 27.72 -40.61 -31.65
CA ALA D 75 27.10 -39.85 -32.73
C ALA D 75 28.12 -38.93 -33.41
N SER D 76 28.93 -38.20 -32.63
CA SER D 76 29.79 -37.17 -33.18
C SER D 76 31.25 -37.23 -32.75
N ASN D 77 31.54 -37.58 -31.50
CA ASN D 77 32.85 -37.29 -30.90
C ASN D 77 33.97 -38.06 -31.58
N VAL D 78 35.13 -37.42 -31.68
CA VAL D 78 36.28 -37.91 -32.42
C VAL D 78 37.42 -38.19 -31.44
N GLU D 79 38.15 -39.28 -31.67
CA GLU D 79 39.25 -39.67 -30.80
C GLU D 79 40.50 -38.82 -31.05
N SER D 80 41.34 -38.73 -30.02
CA SER D 80 42.60 -38.01 -30.13
C SER D 80 43.55 -38.75 -31.06
N GLY D 81 44.32 -37.97 -31.83
CA GLY D 81 45.21 -38.51 -32.85
C GLY D 81 44.60 -38.53 -34.23
N VAL D 82 43.28 -38.59 -34.34
CA VAL D 82 42.58 -38.47 -35.61
C VAL D 82 42.48 -36.98 -35.93
N PRO D 83 42.86 -36.55 -37.13
CA PRO D 83 42.80 -35.12 -37.44
C PRO D 83 41.38 -34.59 -37.36
N ALA D 84 41.27 -33.31 -37.00
CA ALA D 84 39.97 -32.67 -36.78
C ALA D 84 39.15 -32.53 -38.05
N ARG D 85 39.75 -32.77 -39.22
CA ARG D 85 39.02 -32.72 -40.47
C ARG D 85 37.86 -33.71 -40.51
N PHE D 86 38.03 -34.89 -39.92
CA PHE D 86 36.95 -35.87 -39.83
C PHE D 86 35.87 -35.37 -38.88
N SER D 87 34.61 -35.63 -39.24
CA SER D 87 33.52 -35.44 -38.29
C SER D 87 32.38 -36.36 -38.72
N GLY D 88 31.43 -36.57 -37.82
CA GLY D 88 30.27 -37.35 -38.15
C GLY D 88 29.06 -36.82 -37.40
N SER D 89 27.89 -37.04 -37.98
CA SER D 89 26.68 -36.49 -37.39
C SER D 89 25.49 -37.32 -37.89
N GLY D 90 24.37 -37.21 -37.17
CA GLY D 90 23.18 -37.96 -37.49
C GLY D 90 22.40 -38.35 -36.25
N SER D 91 21.29 -39.05 -36.45
CA SER D 91 20.44 -39.44 -35.34
C SER D 91 19.58 -40.63 -35.76
N GLY D 92 18.99 -41.28 -34.76
CA GLY D 92 18.08 -42.37 -35.02
C GLY D 92 18.75 -43.46 -35.85
N THR D 93 18.35 -43.53 -37.11
CA THR D 93 18.94 -44.52 -38.01
C THR D 93 19.92 -43.88 -38.99
N ASP D 94 19.70 -42.61 -39.37
CA ASP D 94 20.52 -41.99 -40.40
C ASP D 94 21.77 -41.37 -39.80
N PHE D 95 22.94 -41.74 -40.34
CA PHE D 95 24.19 -41.13 -39.90
C PHE D 95 25.09 -40.94 -41.11
N SER D 96 25.97 -39.92 -41.03
CA SER D 96 26.79 -39.56 -42.18
C SER D 96 28.09 -38.91 -41.71
N LEU D 97 29.11 -39.00 -42.57
CA LEU D 97 30.39 -38.34 -42.36
C LEU D 97 30.33 -36.88 -42.79
N ASN D 98 31.39 -36.15 -42.42
CA ASN D 98 31.74 -34.86 -42.98
C ASN D 98 33.26 -34.77 -43.00
N ILE D 99 33.84 -34.91 -44.19
CA ILE D 99 35.29 -34.86 -44.39
C ILE D 99 35.62 -33.89 -45.52
N HIS D 100 35.90 -32.65 -45.17
CA HIS D 100 36.12 -31.62 -46.18
C HIS D 100 37.52 -31.74 -46.79
N PRO D 101 38.61 -31.78 -46.00
CA PRO D 101 39.93 -31.99 -46.60
C PRO D 101 40.18 -33.46 -46.86
N VAL D 102 40.32 -33.81 -48.13
CA VAL D 102 40.57 -35.20 -48.53
C VAL D 102 41.92 -35.29 -49.21
N GLU D 103 42.73 -36.25 -48.78
CA GLU D 103 44.06 -36.48 -49.33
C GLU D 103 44.19 -37.93 -49.76
N GLU D 104 45.41 -38.33 -50.10
CA GLU D 104 45.66 -39.68 -50.59
C GLU D 104 45.46 -40.72 -49.49
N ASP D 105 45.58 -40.30 -48.21
CA ASP D 105 45.45 -41.25 -47.12
C ASP D 105 44.01 -41.70 -46.92
N ASP D 106 43.05 -40.89 -47.36
CA ASP D 106 41.64 -41.23 -47.19
C ASP D 106 41.14 -42.15 -48.29
N ILE D 107 41.87 -43.25 -48.52
CA ILE D 107 41.49 -44.26 -49.50
C ILE D 107 41.45 -45.58 -48.73
N ALA D 108 40.27 -45.96 -48.24
CA ALA D 108 40.13 -47.15 -47.42
C ALA D 108 38.67 -47.57 -47.30
N MET D 109 38.42 -48.63 -46.54
CA MET D 109 37.08 -49.11 -46.25
C MET D 109 36.59 -48.48 -44.96
N TYR D 110 35.32 -48.06 -44.95
CA TYR D 110 34.75 -47.34 -43.81
C TYR D 110 33.52 -48.09 -43.34
N PHE D 111 33.41 -48.28 -42.03
CA PHE D 111 32.40 -49.15 -41.43
C PHE D 111 31.58 -48.41 -40.39
N CYS D 112 30.30 -48.75 -40.31
CA CYS D 112 29.35 -48.22 -39.34
C CYS D 112 29.11 -49.28 -38.27
N GLN D 113 28.69 -48.85 -37.09
CA GLN D 113 28.43 -49.80 -36.01
C GLN D 113 27.07 -49.50 -35.35
N GLN D 114 26.62 -50.41 -34.49
CA GLN D 114 25.52 -50.22 -33.56
C GLN D 114 25.90 -50.92 -32.26
N SER D 115 25.37 -50.44 -31.14
CA SER D 115 25.70 -51.03 -29.85
C SER D 115 24.53 -51.19 -28.90
N ARG D 116 23.30 -50.91 -29.34
CA ARG D 116 22.15 -51.10 -28.45
C ARG D 116 21.94 -52.57 -28.12
N LYS D 117 21.92 -53.43 -29.13
CA LYS D 117 21.62 -54.83 -28.96
C LYS D 117 22.91 -55.60 -28.68
N VAL D 118 22.76 -56.73 -27.97
CA VAL D 118 23.93 -57.52 -27.58
C VAL D 118 24.77 -57.93 -28.78
N PRO D 119 24.20 -58.47 -29.89
CA PRO D 119 25.02 -58.67 -31.08
C PRO D 119 25.51 -57.35 -31.65
N TRP D 120 26.81 -57.14 -31.62
CA TRP D 120 27.42 -55.89 -32.08
C TRP D 120 27.90 -56.10 -33.51
N THR D 121 27.16 -55.57 -34.47
CA THR D 121 27.37 -55.88 -35.88
C THR D 121 27.62 -54.62 -36.67
N PHE D 122 28.51 -54.70 -37.65
CA PHE D 122 28.85 -53.57 -38.49
C PHE D 122 27.91 -53.44 -39.68
N GLY D 123 28.25 -52.56 -40.62
CA GLY D 123 27.46 -52.37 -41.82
C GLY D 123 28.06 -53.07 -43.03
N GLY D 124 27.91 -52.47 -44.20
CA GLY D 124 28.44 -53.05 -45.41
C GLY D 124 29.84 -52.54 -45.75
N GLY D 125 29.97 -51.84 -46.87
CA GLY D 125 31.26 -51.33 -47.27
C GLY D 125 31.19 -50.07 -48.10
N THR D 126 31.96 -49.06 -47.70
CA THR D 126 32.01 -47.78 -48.42
C THR D 126 33.44 -47.56 -48.91
N LYS D 127 33.68 -47.92 -50.17
CA LYS D 127 35.00 -47.75 -50.76
C LYS D 127 35.22 -46.29 -51.15
N LEU D 128 36.29 -45.70 -50.61
CA LEU D 128 36.66 -44.34 -50.95
C LEU D 128 37.81 -44.37 -51.95
N GLU D 129 37.59 -43.81 -53.12
CA GLU D 129 38.57 -43.80 -54.20
C GLU D 129 38.62 -42.43 -54.86
N ILE D 130 39.82 -42.00 -55.22
CA ILE D 130 40.00 -40.68 -55.83
C ILE D 130 39.38 -40.67 -57.23
N LYS D 131 38.66 -39.60 -57.54
CA LYS D 131 37.91 -39.49 -58.78
C LYS D 131 38.82 -39.12 -59.94
N ARG D 132 38.62 -39.80 -61.07
CA ARG D 132 39.30 -39.51 -62.31
C ARG D 132 38.28 -39.52 -63.45
N THR D 160 38.59 -38.80 -64.51
CA THR D 160 37.77 -38.85 -65.72
C THR D 160 37.71 -40.27 -66.26
N VAL D 161 36.60 -40.58 -66.95
CA VAL D 161 36.38 -41.93 -67.45
C VAL D 161 37.47 -42.31 -68.42
N ALA D 162 38.13 -43.44 -68.14
CA ALA D 162 39.22 -43.94 -68.96
C ALA D 162 38.80 -45.25 -69.59
N ALA D 163 38.90 -45.35 -70.91
CA ALA D 163 38.48 -46.55 -71.61
C ALA D 163 39.45 -47.69 -71.36
N PRO D 164 38.95 -48.90 -71.09
CA PRO D 164 39.84 -50.05 -70.91
C PRO D 164 40.14 -50.79 -72.19
N SER D 165 41.38 -51.24 -72.35
CA SER D 165 41.71 -52.15 -73.43
C SER D 165 41.72 -53.60 -72.93
N VAL D 166 41.18 -54.50 -73.74
CA VAL D 166 41.00 -55.88 -73.35
C VAL D 166 42.03 -56.74 -74.07
N PHE D 167 42.75 -57.55 -73.29
CA PHE D 167 43.75 -58.46 -73.84
C PHE D 167 43.36 -59.88 -73.44
N ILE D 168 43.76 -60.84 -74.27
CA ILE D 168 43.39 -62.23 -74.04
C ILE D 168 44.63 -63.11 -74.12
N PHE D 169 44.69 -64.11 -73.23
CA PHE D 169 45.80 -65.04 -73.13
C PHE D 169 45.23 -66.45 -73.30
N PRO D 170 45.48 -67.11 -74.42
CA PRO D 170 45.09 -68.53 -74.55
C PRO D 170 45.94 -69.39 -73.64
N PRO D 171 45.42 -70.54 -73.20
CA PRO D 171 46.25 -71.47 -72.43
C PRO D 171 47.40 -71.98 -73.28
N SER D 172 48.59 -72.01 -72.69
CA SER D 172 49.78 -72.38 -73.43
C SER D 172 49.80 -73.87 -73.75
N ASP D 173 50.59 -74.24 -74.74
CA ASP D 173 50.73 -75.65 -75.10
C ASP D 173 51.29 -76.46 -73.94
N GLU D 174 52.28 -75.91 -73.23
CA GLU D 174 52.80 -76.58 -72.05
C GLU D 174 51.72 -76.72 -70.98
N GLN D 175 50.88 -75.69 -70.82
CA GLN D 175 49.77 -75.79 -69.89
C GLN D 175 48.79 -76.86 -70.34
N LEU D 176 48.55 -76.97 -71.65
CA LEU D 176 47.67 -78.01 -72.17
C LEU D 176 48.22 -79.40 -71.88
N LYS D 177 49.54 -79.57 -72.00
CA LYS D 177 50.14 -80.86 -71.69
C LYS D 177 50.01 -81.21 -70.22
N SER D 178 49.92 -80.20 -69.35
CA SER D 178 49.84 -80.45 -67.91
C SER D 178 48.53 -81.09 -67.50
N GLY D 179 47.48 -80.99 -68.31
CA GLY D 179 46.20 -81.55 -68.00
C GLY D 179 45.11 -80.56 -67.66
N THR D 180 45.36 -79.26 -67.78
CA THR D 180 44.39 -78.22 -67.47
C THR D 180 44.62 -77.05 -68.39
N ALA D 181 43.54 -76.48 -68.93
CA ALA D 181 43.61 -75.34 -69.84
C ALA D 181 42.84 -74.18 -69.24
N SER D 182 43.53 -73.05 -69.06
CA SER D 182 42.94 -71.84 -68.52
C SER D 182 43.16 -70.69 -69.50
N VAL D 183 42.07 -70.06 -69.92
CA VAL D 183 42.11 -68.89 -70.79
C VAL D 183 41.87 -67.66 -69.93
N VAL D 184 42.67 -66.61 -70.15
CA VAL D 184 42.68 -65.43 -69.31
C VAL D 184 42.22 -64.23 -70.14
N CYS D 185 41.37 -63.39 -69.53
CA CYS D 185 40.90 -62.16 -70.14
C CYS D 185 41.19 -61.02 -69.18
N LEU D 186 42.07 -60.11 -69.59
CA LEU D 186 42.54 -59.03 -68.71
C LEU D 186 42.07 -57.68 -69.24
N LEU D 187 41.72 -56.80 -68.32
CA LEU D 187 41.37 -55.42 -68.62
C LEU D 187 42.58 -54.54 -68.33
N ASN D 188 43.22 -54.03 -69.38
CA ASN D 188 44.45 -53.24 -69.22
C ASN D 188 44.11 -51.82 -68.74
N ASN D 189 43.74 -51.75 -67.46
CA ASN D 189 43.58 -50.49 -66.72
C ASN D 189 42.31 -49.75 -67.10
N PHE D 190 41.58 -49.27 -66.09
CA PHE D 190 40.33 -48.53 -66.28
C PHE D 190 39.89 -47.95 -64.93
N TYR D 191 39.34 -46.74 -65.00
CA TYR D 191 38.87 -46.07 -63.78
C TYR D 191 37.49 -46.57 -63.31
N PRO D 192 36.43 -46.53 -64.16
CA PRO D 192 35.09 -46.90 -63.65
C PRO D 192 35.02 -48.35 -63.20
N ARG D 193 34.57 -48.58 -61.98
CA ARG D 193 34.61 -49.89 -61.34
C ARG D 193 33.89 -50.97 -62.13
N GLU D 194 32.66 -50.72 -62.54
CA GLU D 194 31.81 -51.78 -63.07
C GLU D 194 32.14 -52.11 -64.52
N ALA D 195 32.29 -53.40 -64.79
CA ALA D 195 32.45 -53.91 -66.15
C ALA D 195 31.92 -55.33 -66.19
N LYS D 196 31.26 -55.67 -67.30
CA LYS D 196 30.64 -56.98 -67.45
C LYS D 196 31.42 -57.79 -68.49
N VAL D 197 31.78 -59.02 -68.12
CA VAL D 197 32.63 -59.89 -68.93
C VAL D 197 31.80 -61.09 -69.35
N GLN D 198 31.79 -61.39 -70.64
CA GLN D 198 31.04 -62.51 -71.20
C GLN D 198 32.03 -63.44 -71.90
N TRP D 199 31.93 -64.73 -71.60
CA TRP D 199 32.79 -65.74 -72.20
C TRP D 199 32.04 -66.49 -73.29
N LYS D 200 32.67 -66.64 -74.45
CA LYS D 200 32.10 -67.36 -75.58
C LYS D 200 33.04 -68.49 -75.95
N VAL D 201 32.50 -69.71 -76.01
CA VAL D 201 33.25 -70.88 -76.44
C VAL D 201 32.56 -71.41 -77.70
N ASP D 202 33.18 -71.18 -78.86
CA ASP D 202 32.51 -71.36 -80.15
C ASP D 202 31.20 -70.58 -80.19
N ASN D 203 31.26 -69.32 -79.76
CA ASN D 203 30.10 -68.41 -79.76
C ASN D 203 28.96 -68.97 -78.92
N ALA D 204 29.30 -69.61 -77.79
CA ALA D 204 28.31 -70.14 -76.86
C ALA D 204 28.49 -69.49 -75.50
N LEU D 205 27.39 -69.12 -74.86
CA LEU D 205 27.44 -68.43 -73.59
C LEU D 205 27.31 -69.41 -72.44
N GLN D 206 28.39 -69.56 -71.67
CA GLN D 206 28.40 -70.46 -70.51
C GLN D 206 28.45 -69.65 -69.22
N SER D 207 28.18 -70.34 -68.11
CA SER D 207 28.20 -69.70 -66.80
C SER D 207 28.65 -70.71 -65.75
N GLY D 208 29.20 -70.20 -64.65
CA GLY D 208 29.51 -71.03 -63.50
C GLY D 208 30.87 -71.69 -63.50
N ASN D 209 31.78 -71.28 -64.37
CA ASN D 209 33.12 -71.85 -64.43
C ASN D 209 34.18 -70.79 -64.68
N SER D 210 33.93 -69.55 -64.28
CA SER D 210 34.86 -68.45 -64.46
C SER D 210 35.16 -67.79 -63.12
N GLN D 211 36.44 -67.46 -62.90
CA GLN D 211 36.88 -66.83 -61.67
C GLN D 211 37.51 -65.49 -61.98
N GLU D 212 37.16 -64.48 -61.19
CA GLU D 212 37.57 -63.10 -61.44
C GLU D 212 38.35 -62.54 -60.27
N SER D 213 39.42 -61.81 -60.56
CA SER D 213 40.23 -61.15 -59.55
C SER D 213 40.59 -59.74 -60.00
N VAL D 214 40.54 -58.80 -59.05
CA VAL D 214 40.72 -57.38 -59.33
C VAL D 214 41.70 -56.79 -58.33
N THR D 215 42.56 -55.91 -58.84
CA THR D 215 43.50 -55.17 -58.01
C THR D 215 42.81 -53.98 -57.35
N GLU D 216 43.49 -53.40 -56.37
CA GLU D 216 42.94 -52.26 -55.65
C GLU D 216 43.24 -50.96 -56.40
N GLN D 217 42.65 -49.87 -55.91
CA GLN D 217 42.87 -48.55 -56.51
C GLN D 217 44.33 -48.14 -56.40
N ASP D 218 44.99 -48.02 -57.55
CA ASP D 218 46.33 -47.48 -57.57
C ASP D 218 46.30 -45.96 -57.44
N SER D 219 47.11 -45.45 -56.52
CA SER D 219 47.06 -44.03 -56.18
C SER D 219 47.68 -43.13 -57.22
N LYS D 220 48.34 -43.69 -58.24
CA LYS D 220 49.06 -42.91 -59.23
C LYS D 220 48.32 -42.83 -60.56
N ASP D 221 47.92 -43.96 -61.14
CA ASP D 221 47.22 -43.92 -62.43
C ASP D 221 45.71 -43.96 -62.26
N SER D 222 45.24 -44.43 -61.10
CA SER D 222 43.80 -44.48 -60.79
C SER D 222 43.04 -45.30 -61.83
N THR D 223 43.58 -46.45 -62.18
CA THR D 223 42.98 -47.36 -63.16
C THR D 223 42.93 -48.76 -62.58
N TYR D 224 41.75 -49.36 -62.58
CA TYR D 224 41.57 -50.69 -62.03
C TYR D 224 41.96 -51.75 -63.07
N SER D 225 42.38 -52.91 -62.57
CA SER D 225 42.73 -54.03 -63.45
C SER D 225 41.92 -55.26 -63.04
N LEU D 226 41.40 -55.95 -64.04
CA LEU D 226 40.55 -57.12 -63.83
C LEU D 226 41.10 -58.29 -64.64
N SER D 227 40.96 -59.49 -64.08
CA SER D 227 41.33 -60.72 -64.77
C SER D 227 40.24 -61.76 -64.57
N SER D 228 39.74 -62.30 -65.67
CA SER D 228 38.75 -63.38 -65.65
C SER D 228 39.38 -64.61 -66.27
N THR D 229 39.43 -65.69 -65.49
CA THR D 229 40.06 -66.94 -65.90
C THR D 229 38.99 -68.02 -66.05
N LEU D 230 38.99 -68.67 -67.20
CA LEU D 230 38.12 -69.82 -67.46
C LEU D 230 38.98 -71.07 -67.52
N THR D 231 38.73 -72.01 -66.61
CA THR D 231 39.56 -73.18 -66.43
C THR D 231 38.76 -74.43 -66.74
N LEU D 232 39.31 -75.30 -67.58
CA LEU D 232 38.66 -76.56 -67.96
C LEU D 232 39.72 -77.64 -68.15
N SER D 233 39.25 -78.84 -68.43
CA SER D 233 40.16 -79.96 -68.70
C SER D 233 40.63 -79.94 -70.15
N LYS D 234 41.47 -80.90 -70.49
CA LYS D 234 42.03 -80.96 -71.85
C LYS D 234 40.95 -81.22 -72.89
N ALA D 235 40.13 -82.26 -72.68
CA ALA D 235 39.07 -82.57 -73.64
C ALA D 235 38.04 -81.46 -73.72
N ASP D 236 37.72 -80.84 -72.59
CA ASP D 236 36.77 -79.75 -72.57
C ASP D 236 37.26 -78.55 -73.38
N TYR D 237 38.55 -78.20 -73.25
CA TYR D 237 39.07 -77.06 -74.00
C TYR D 237 39.24 -77.40 -75.47
N GLU D 238 39.75 -78.59 -75.79
CA GLU D 238 39.98 -78.98 -77.17
C GLU D 238 38.70 -79.27 -77.94
N LYS D 239 37.55 -79.31 -77.25
CA LYS D 239 36.29 -79.62 -77.90
C LYS D 239 35.82 -78.50 -78.83
N HIS D 240 36.19 -77.26 -78.55
CA HIS D 240 35.79 -76.11 -79.36
C HIS D 240 37.01 -75.31 -79.79
N LYS D 241 36.82 -74.52 -80.85
CA LYS D 241 37.90 -73.78 -81.49
C LYS D 241 37.91 -72.30 -81.10
N VAL D 242 36.81 -71.59 -81.30
CA VAL D 242 36.77 -70.15 -81.09
C VAL D 242 36.57 -69.88 -79.60
N TYR D 243 37.45 -69.06 -79.03
CA TYR D 243 37.32 -68.60 -77.65
C TYR D 243 37.33 -67.08 -77.65
N ALA D 244 36.27 -66.47 -77.12
CA ALA D 244 36.08 -65.04 -77.17
C ALA D 244 35.74 -64.48 -75.80
N CYS D 245 36.21 -63.27 -75.54
CA CYS D 245 35.90 -62.52 -74.33
C CYS D 245 35.32 -61.18 -74.74
N GLU D 246 34.10 -60.90 -74.31
CA GLU D 246 33.43 -59.64 -74.61
C GLU D 246 33.33 -58.83 -73.33
N VAL D 247 33.85 -57.61 -73.34
CA VAL D 247 33.82 -56.73 -72.18
C VAL D 247 32.96 -55.53 -72.53
N THR D 248 31.95 -55.26 -71.71
CA THR D 248 31.13 -54.06 -71.83
C THR D 248 31.36 -53.19 -70.59
N HIS D 249 31.58 -51.90 -70.82
CA HIS D 249 32.05 -50.99 -69.80
C HIS D 249 31.46 -49.61 -70.06
N GLN D 250 31.38 -48.80 -69.00
CA GLN D 250 30.84 -47.44 -69.12
C GLN D 250 31.95 -46.45 -69.48
N GLY D 251 32.98 -46.99 -70.11
CA GLY D 251 34.08 -46.20 -70.62
C GLY D 251 34.30 -46.45 -72.10
N LEU D 252 33.61 -47.47 -72.62
CA LEU D 252 33.68 -47.83 -74.03
C LEU D 252 32.34 -47.55 -74.70
N SER D 253 32.39 -47.01 -75.92
CA SER D 253 31.17 -46.76 -76.66
C SER D 253 30.47 -48.05 -77.05
N SER D 254 31.23 -49.10 -77.34
CA SER D 254 30.67 -50.39 -77.71
C SER D 254 31.45 -51.48 -77.02
N PRO D 255 30.86 -52.66 -76.79
CA PRO D 255 31.62 -53.75 -76.18
C PRO D 255 32.81 -54.16 -77.03
N VAL D 256 33.90 -54.53 -76.36
CA VAL D 256 35.14 -54.93 -77.03
C VAL D 256 35.29 -56.43 -76.91
N THR D 257 35.49 -57.10 -78.03
CA THR D 257 35.60 -58.56 -78.08
C THR D 257 36.99 -58.96 -78.54
N LYS D 258 37.66 -59.78 -77.74
CA LYS D 258 38.95 -60.37 -78.09
C LYS D 258 38.75 -61.87 -78.25
N SER D 259 39.04 -62.38 -79.45
CA SER D 259 38.80 -63.79 -79.75
C SER D 259 40.04 -64.40 -80.37
N PHE D 260 40.13 -65.72 -80.24
CA PHE D 260 41.24 -66.47 -80.83
C PHE D 260 40.77 -67.86 -81.22
N ASN D 261 41.46 -68.43 -82.21
CA ASN D 261 41.23 -69.80 -82.65
C ASN D 261 42.42 -70.65 -82.24
N ARG D 262 42.16 -71.89 -81.85
CA ARG D 262 43.23 -72.78 -81.40
C ARG D 262 44.23 -73.02 -82.52
N GLY D 263 45.45 -72.54 -82.31
CA GLY D 263 46.51 -72.68 -83.30
C GLY D 263 47.52 -71.56 -83.25
N VAL E 21 53.08 -47.19 -27.15
CA VAL E 21 52.48 -48.45 -26.71
C VAL E 21 52.00 -49.24 -27.92
N GLN E 22 52.20 -50.55 -27.90
CA GLN E 22 51.90 -51.42 -29.03
C GLN E 22 51.05 -52.60 -28.58
N LEU E 23 50.58 -53.36 -29.56
CA LEU E 23 49.81 -54.58 -29.35
C LEU E 23 50.33 -55.63 -30.31
N GLN E 24 50.58 -56.84 -29.82
CA GLN E 24 51.12 -57.91 -30.65
C GLN E 24 50.11 -59.04 -30.74
N GLN E 25 50.03 -59.68 -31.90
CA GLN E 25 49.19 -60.86 -32.11
C GLN E 25 50.03 -61.96 -32.74
N SER E 26 49.87 -63.19 -32.26
CA SER E 26 50.72 -64.29 -32.67
C SER E 26 49.90 -65.45 -33.21
N GLY E 27 50.34 -66.00 -34.34
CA GLY E 27 49.85 -67.27 -34.80
C GLY E 27 49.10 -67.25 -36.12
N PRO E 28 49.78 -67.60 -37.21
CA PRO E 28 49.07 -67.94 -38.45
C PRO E 28 48.64 -69.39 -38.43
N GLU E 29 47.34 -69.63 -38.55
CA GLU E 29 46.76 -70.94 -38.33
C GLU E 29 46.36 -71.59 -39.66
N LEU E 30 46.64 -72.89 -39.76
CA LEU E 30 46.39 -73.67 -40.96
C LEU E 30 45.88 -75.06 -40.62
N VAL E 31 45.12 -75.20 -39.53
CA VAL E 31 44.80 -76.52 -39.02
C VAL E 31 43.62 -77.12 -39.79
N LYS E 32 43.45 -78.44 -39.65
CA LYS E 32 42.39 -79.16 -40.33
C LYS E 32 41.03 -78.82 -39.72
N PRO E 33 39.94 -79.07 -40.45
CA PRO E 33 38.61 -78.79 -39.91
C PRO E 33 38.32 -79.59 -38.65
N GLY E 34 37.53 -79.00 -37.76
CA GLY E 34 37.14 -79.63 -36.52
C GLY E 34 38.10 -79.47 -35.38
N ALA E 35 39.22 -78.78 -35.59
CA ALA E 35 40.25 -78.63 -34.58
C ALA E 35 39.93 -77.49 -33.63
N SER E 36 40.92 -77.11 -32.82
CA SER E 36 40.75 -76.08 -31.81
C SER E 36 42.11 -75.50 -31.44
N VAL E 37 42.28 -74.19 -31.64
CA VAL E 37 43.53 -73.50 -31.40
C VAL E 37 43.26 -72.16 -30.72
N LYS E 38 44.08 -71.85 -29.73
CA LYS E 38 43.96 -70.62 -28.94
C LYS E 38 44.75 -69.52 -29.64
N ILE E 39 44.04 -68.53 -30.19
CA ILE E 39 44.69 -67.36 -30.78
C ILE E 39 45.09 -66.39 -29.68
N SER E 40 46.35 -65.99 -29.68
CA SER E 40 46.93 -65.23 -28.59
C SER E 40 47.36 -63.84 -29.05
N CYS E 41 47.18 -62.85 -28.18
CA CYS E 41 47.72 -61.51 -28.42
C CYS E 41 48.17 -60.87 -27.11
N LYS E 42 49.40 -60.34 -27.14
CA LYS E 42 50.01 -59.68 -26.00
C LYS E 42 49.69 -58.19 -25.98
N ALA E 43 49.38 -57.66 -24.79
CA ALA E 43 48.93 -56.28 -24.66
C ALA E 43 50.10 -55.29 -24.63
N SER E 44 51.25 -55.73 -24.14
CA SER E 44 52.48 -54.93 -24.08
C SER E 44 52.28 -53.80 -23.07
N GLY E 45 52.38 -52.52 -23.47
CA GLY E 45 52.43 -51.44 -22.49
C GLY E 45 51.08 -51.11 -21.89
N TYR E 46 50.05 -51.85 -22.28
CA TYR E 46 48.71 -51.68 -21.74
C TYR E 46 48.72 -51.86 -20.22
N SER E 47 47.89 -51.10 -19.51
CA SER E 47 47.65 -51.42 -18.11
C SER E 47 46.84 -52.70 -17.96
N PHE E 48 45.98 -53.00 -18.94
CA PHE E 48 45.25 -54.26 -19.05
C PHE E 48 44.40 -54.46 -17.81
N THR E 49 44.04 -53.34 -17.16
CA THR E 49 43.16 -53.37 -15.99
C THR E 49 41.94 -52.48 -16.13
N GLY E 50 42.04 -51.34 -16.80
CA GLY E 50 40.91 -50.47 -17.07
C GLY E 50 40.52 -50.36 -18.53
N TYR E 51 41.01 -51.26 -19.38
CA TYR E 51 40.78 -51.20 -20.83
C TYR E 51 40.21 -52.54 -21.28
N SER E 52 38.99 -52.51 -21.81
CA SER E 52 38.39 -53.75 -22.30
C SER E 52 39.16 -54.27 -23.51
N MET E 53 39.05 -55.57 -23.74
CA MET E 53 39.91 -56.25 -24.72
C MET E 53 38.99 -57.01 -25.66
N ASN E 54 38.58 -56.35 -26.75
CA ASN E 54 37.57 -56.88 -27.65
C ASN E 54 38.19 -57.72 -28.76
N TRP E 55 37.61 -58.90 -28.98
CA TRP E 55 38.00 -59.79 -30.07
C TRP E 55 37.11 -59.55 -31.28
N MET E 56 37.70 -59.63 -32.47
CA MET E 56 37.08 -59.18 -33.70
C MET E 56 37.33 -60.20 -34.81
N LYS E 57 36.35 -60.36 -35.69
CA LYS E 57 36.45 -61.25 -36.84
C LYS E 57 36.33 -60.44 -38.12
N GLN E 58 37.23 -60.67 -39.07
CA GLN E 58 37.23 -59.97 -40.34
C GLN E 58 37.14 -61.05 -41.43
N SER E 59 35.98 -61.16 -42.06
CA SER E 59 35.81 -62.08 -43.17
C SER E 59 36.60 -61.57 -44.37
N PRO E 60 37.19 -62.48 -45.15
CA PRO E 60 38.20 -62.04 -46.14
C PRO E 60 37.72 -60.97 -47.11
N GLU E 61 36.49 -61.06 -47.62
CA GLU E 61 36.06 -60.08 -48.61
C GLU E 61 35.95 -58.67 -48.01
N LYS E 62 34.92 -58.46 -47.19
CA LYS E 62 34.79 -57.20 -46.45
C LYS E 62 34.19 -57.35 -45.05
N SER E 63 33.57 -58.48 -44.73
CA SER E 63 32.67 -58.56 -43.58
C SER E 63 33.41 -58.58 -42.24
N LEU E 64 32.95 -57.76 -41.30
CA LEU E 64 33.51 -57.69 -39.96
C LEU E 64 32.41 -57.87 -38.92
N GLU E 65 32.60 -58.82 -38.00
CA GLU E 65 31.65 -59.06 -36.92
C GLU E 65 32.38 -59.22 -35.60
N TRP E 66 31.78 -58.66 -34.54
CA TRP E 66 32.35 -58.63 -33.19
C TRP E 66 32.18 -60.00 -32.54
N ILE E 67 33.31 -60.64 -32.23
CA ILE E 67 33.27 -61.97 -31.64
C ILE E 67 32.80 -61.90 -30.18
N GLY E 68 33.45 -61.07 -29.38
CA GLY E 68 33.12 -61.02 -27.97
C GLY E 68 33.88 -59.92 -27.26
N GLU E 69 33.54 -59.75 -25.99
CA GLU E 69 34.09 -58.69 -25.14
C GLU E 69 34.45 -59.27 -23.78
N ILE E 70 35.63 -58.88 -23.30
CA ILE E 70 36.15 -59.38 -22.03
C ILE E 70 36.58 -58.19 -21.17
N ASN E 71 36.25 -58.24 -19.90
CA ASN E 71 36.78 -57.30 -18.93
C ASN E 71 38.06 -57.90 -18.35
N PRO E 72 39.24 -57.37 -18.69
CA PRO E 72 40.48 -57.97 -18.17
C PRO E 72 40.60 -57.93 -16.65
N SER E 73 40.03 -56.90 -16.01
CA SER E 73 40.14 -56.78 -14.56
C SER E 73 39.44 -57.92 -13.84
N THR E 74 38.25 -58.30 -14.30
CA THR E 74 37.48 -59.35 -13.63
C THR E 74 37.41 -60.61 -14.47
N GLY E 75 36.94 -60.48 -15.72
CA GLY E 75 36.81 -61.63 -16.59
C GLY E 75 35.43 -61.82 -17.15
N GLY E 76 34.61 -60.77 -17.12
CA GLY E 76 33.28 -60.85 -17.70
C GLY E 76 33.35 -61.14 -19.19
N THR E 77 32.50 -62.07 -19.62
CA THR E 77 32.52 -62.60 -20.99
C THR E 77 31.18 -62.30 -21.67
N THR E 78 31.12 -61.20 -22.41
CA THR E 78 29.92 -60.87 -23.17
C THR E 78 30.13 -61.23 -24.64
N ASP E 79 29.47 -62.29 -25.10
CA ASP E 79 29.68 -62.79 -26.45
C ASP E 79 28.38 -62.66 -27.25
N ASN E 80 28.54 -62.42 -28.55
CA ASN E 80 27.37 -62.42 -29.43
C ASN E 80 26.81 -63.84 -29.56
N GLN E 81 25.50 -63.92 -29.75
CA GLN E 81 24.81 -65.22 -29.69
C GLN E 81 25.19 -66.12 -30.86
N LYS E 82 25.31 -65.56 -32.06
CA LYS E 82 25.49 -66.39 -33.25
C LYS E 82 26.82 -67.14 -33.22
N PHE E 83 27.86 -66.54 -32.63
CA PHE E 83 29.10 -67.26 -32.39
C PHE E 83 29.27 -67.71 -30.94
N LYS E 84 28.22 -67.60 -30.12
CA LYS E 84 28.29 -68.12 -28.76
C LYS E 84 28.31 -69.65 -28.75
N ALA E 85 28.04 -70.26 -29.90
CA ALA E 85 27.95 -71.71 -30.04
C ALA E 85 29.08 -72.44 -29.32
N LYS E 86 30.33 -72.11 -29.65
CA LYS E 86 31.46 -72.75 -28.99
C LYS E 86 32.61 -71.80 -28.68
N ALA E 87 32.48 -70.51 -28.95
CA ALA E 87 33.58 -69.58 -28.74
C ALA E 87 33.74 -69.26 -27.26
N THR E 88 34.99 -69.34 -26.77
CA THR E 88 35.35 -68.97 -25.41
C THR E 88 36.46 -67.93 -25.47
N LEU E 89 36.50 -67.05 -24.48
CA LEU E 89 37.47 -65.97 -24.43
C LEU E 89 38.10 -65.92 -23.04
N THR E 90 39.42 -65.77 -22.99
CA THR E 90 40.18 -65.90 -21.74
C THR E 90 41.23 -64.81 -21.68
N VAL E 91 41.55 -64.36 -20.46
CA VAL E 91 42.65 -63.41 -20.24
C VAL E 91 43.73 -64.11 -19.42
N ASP E 92 44.99 -63.84 -19.76
CA ASP E 92 46.13 -64.32 -19.00
C ASP E 92 46.74 -63.11 -18.30
N LYS E 93 46.46 -62.98 -17.00
CA LYS E 93 46.92 -61.84 -16.24
C LYS E 93 48.44 -61.86 -16.08
N SER E 94 49.02 -63.06 -15.96
CA SER E 94 50.46 -63.17 -15.75
C SER E 94 51.22 -62.61 -16.95
N SER E 95 50.87 -63.04 -18.15
CA SER E 95 51.47 -62.52 -19.37
C SER E 95 50.70 -61.35 -19.96
N SER E 96 49.58 -60.97 -19.34
CA SER E 96 48.74 -59.85 -19.80
C SER E 96 48.23 -60.07 -21.22
N THR E 97 48.02 -61.32 -21.61
CA THR E 97 47.63 -61.65 -22.98
C THR E 97 46.14 -61.95 -23.06
N ALA E 98 45.63 -62.00 -24.28
CA ALA E 98 44.25 -62.37 -24.56
C ALA E 98 44.24 -63.60 -25.44
N TYR E 99 43.43 -64.59 -25.05
CA TYR E 99 43.36 -65.89 -25.71
C TYR E 99 41.92 -66.09 -26.18
N MET E 100 41.73 -66.24 -27.48
CA MET E 100 40.41 -66.51 -28.03
C MET E 100 40.40 -67.94 -28.57
N GLN E 101 39.48 -68.76 -28.07
CA GLN E 101 39.32 -70.14 -28.51
C GLN E 101 38.01 -70.28 -29.26
N LEU E 102 38.06 -70.35 -30.59
CA LEU E 102 36.89 -70.63 -31.39
C LEU E 102 36.80 -72.14 -31.55
N LYS E 103 36.13 -72.77 -30.58
CA LYS E 103 36.01 -74.22 -30.59
C LYS E 103 35.20 -74.69 -31.78
N SER E 104 35.66 -75.77 -32.41
CA SER E 104 35.09 -76.35 -33.62
C SER E 104 35.29 -75.43 -34.81
N LEU E 105 35.77 -75.97 -35.93
CA LEU E 105 36.12 -75.18 -37.10
C LEU E 105 35.43 -75.75 -38.32
N THR E 106 35.01 -74.84 -39.21
CA THR E 106 34.43 -75.20 -40.49
C THR E 106 35.06 -74.33 -41.57
N SER E 107 35.01 -74.83 -42.80
CA SER E 107 35.64 -74.12 -43.91
C SER E 107 35.10 -72.70 -44.05
N GLU E 108 33.84 -72.49 -43.68
CA GLU E 108 33.28 -71.14 -43.68
C GLU E 108 34.00 -70.25 -42.67
N ASP E 109 34.33 -70.80 -41.49
CA ASP E 109 34.94 -70.03 -40.42
C ASP E 109 36.46 -69.95 -40.64
N SER E 110 36.84 -69.29 -41.74
CA SER E 110 38.23 -69.04 -42.07
C SER E 110 38.36 -67.54 -42.31
N ALA E 111 38.62 -66.79 -41.24
CA ALA E 111 38.65 -65.33 -41.29
C ALA E 111 39.77 -64.82 -40.42
N VAL E 112 40.22 -63.60 -40.72
CA VAL E 112 41.33 -63.00 -39.98
C VAL E 112 40.82 -62.49 -38.64
N TYR E 113 41.50 -62.86 -37.57
CA TYR E 113 41.02 -62.55 -36.22
C TYR E 113 41.91 -61.51 -35.55
N TYR E 114 41.29 -60.50 -34.95
CA TYR E 114 41.99 -59.37 -34.36
C TYR E 114 41.57 -59.20 -32.90
N CYS E 115 42.39 -58.47 -32.15
CA CYS E 115 42.02 -58.04 -30.81
C CYS E 115 42.42 -56.57 -30.66
N ALA E 116 41.59 -55.78 -29.97
CA ALA E 116 41.87 -54.36 -29.79
C ALA E 116 41.38 -53.92 -28.42
N ARG E 117 41.89 -52.78 -27.94
CA ARG E 117 41.39 -52.26 -26.67
C ARG E 117 40.19 -51.37 -26.92
N SER E 118 39.18 -51.49 -26.06
CA SER E 118 37.98 -50.67 -26.10
C SER E 118 37.38 -50.60 -27.49
N ARG E 119 37.16 -49.39 -27.97
CA ARG E 119 36.57 -49.20 -29.28
C ARG E 119 37.45 -49.69 -30.42
N GLY E 120 38.75 -49.84 -30.20
CA GLY E 120 39.62 -50.35 -31.24
C GLY E 120 40.69 -49.37 -31.70
N ASP E 121 41.15 -48.54 -30.76
CA ASP E 121 42.15 -47.53 -31.08
C ASP E 121 43.38 -48.14 -31.74
N TYR E 122 43.97 -49.16 -31.11
CA TYR E 122 45.02 -49.99 -31.71
C TYR E 122 44.54 -51.43 -31.73
N TRP E 123 44.65 -52.06 -32.89
CA TRP E 123 44.33 -53.46 -33.09
C TRP E 123 45.62 -54.28 -33.10
N GLY E 124 45.45 -55.60 -33.09
CA GLY E 124 46.59 -56.48 -33.28
C GLY E 124 47.05 -56.47 -34.73
N GLN E 125 48.27 -56.98 -34.95
CA GLN E 125 48.81 -57.01 -36.30
C GLN E 125 47.97 -57.89 -37.22
N GLY E 126 47.25 -58.85 -36.65
CA GLY E 126 46.34 -59.67 -37.42
C GLY E 126 46.78 -61.13 -37.43
N THR E 127 45.83 -62.01 -37.19
CA THR E 127 46.05 -63.45 -37.28
C THR E 127 44.99 -64.04 -38.19
N SER E 128 45.44 -64.77 -39.21
CA SER E 128 44.56 -65.33 -40.22
C SER E 128 44.49 -66.84 -40.03
N VAL E 129 43.31 -67.32 -39.66
CA VAL E 129 43.08 -68.76 -39.55
C VAL E 129 42.67 -69.28 -40.92
N THR E 130 42.88 -70.58 -41.16
CA THR E 130 42.54 -71.16 -42.46
C THR E 130 42.12 -72.62 -42.23
N VAL E 131 40.81 -72.84 -42.24
CA VAL E 131 40.26 -74.19 -42.15
C VAL E 131 40.41 -74.86 -43.51
N SER E 132 41.38 -75.76 -43.63
CA SER E 132 41.73 -76.34 -44.92
C SER E 132 41.78 -77.86 -44.81
N LYS E 163 41.04 -78.55 -45.68
CA LYS E 163 41.13 -80.00 -45.73
C LYS E 163 42.29 -80.46 -46.59
N ALA E 164 42.88 -79.55 -47.36
CA ALA E 164 43.98 -79.89 -48.26
C ALA E 164 45.32 -79.85 -47.52
N SER E 165 46.42 -79.95 -48.28
CA SER E 165 47.75 -79.93 -47.69
C SER E 165 48.66 -79.12 -48.59
N THR E 166 49.85 -78.80 -48.07
CA THR E 166 50.77 -77.91 -48.75
C THR E 166 51.12 -78.43 -50.14
N LYS E 167 51.07 -77.54 -51.12
CA LYS E 167 51.33 -77.90 -52.51
C LYS E 167 52.07 -76.76 -53.18
N GLY E 168 53.08 -77.10 -53.98
CA GLY E 168 53.82 -76.11 -54.74
C GLY E 168 53.01 -75.57 -55.89
N PRO E 169 53.33 -74.34 -56.31
CA PRO E 169 52.60 -73.73 -57.42
C PRO E 169 53.04 -74.25 -58.78
N SER E 170 52.09 -74.27 -59.71
CA SER E 170 52.37 -74.57 -61.10
C SER E 170 52.41 -73.27 -61.88
N VAL E 171 53.50 -73.09 -62.63
CA VAL E 171 53.74 -71.87 -63.39
C VAL E 171 53.52 -72.18 -64.87
N PHE E 172 52.66 -71.40 -65.51
CA PHE E 172 52.41 -71.56 -66.93
C PHE E 172 52.64 -70.25 -67.67
N PRO E 173 53.15 -70.30 -68.90
CA PRO E 173 53.36 -69.07 -69.66
C PRO E 173 52.06 -68.56 -70.28
N LEU E 174 51.94 -67.25 -70.33
CA LEU E 174 50.80 -66.57 -70.96
C LEU E 174 51.39 -65.72 -72.07
N ALA E 175 51.25 -66.22 -73.31
CA ALA E 175 51.97 -65.81 -74.50
C ALA E 175 51.70 -64.35 -74.83
N PRO E 176 52.65 -63.66 -75.47
CA PRO E 176 52.44 -62.27 -75.85
C PRO E 176 51.27 -62.13 -76.82
N SER E 177 50.69 -60.92 -76.84
CA SER E 177 49.60 -60.64 -77.76
C SER E 177 50.07 -60.81 -79.20
N SER E 178 49.12 -61.17 -80.08
CA SER E 178 49.48 -61.47 -81.47
C SER E 178 50.09 -60.26 -82.16
N LYS E 179 49.61 -59.05 -81.84
CA LYS E 179 50.17 -57.84 -82.42
C LYS E 179 50.73 -56.93 -81.33
N GLY E 184 51.05 -51.56 -81.60
CA GLY E 184 50.41 -51.20 -80.34
C GLY E 184 51.17 -51.68 -79.12
N THR E 185 50.44 -52.28 -78.17
CA THR E 185 51.02 -52.80 -76.94
C THR E 185 50.61 -54.25 -76.76
N ALA E 186 51.58 -55.11 -76.46
CA ALA E 186 51.33 -56.53 -76.28
C ALA E 186 51.58 -56.92 -74.83
N ALA E 187 50.71 -57.77 -74.29
CA ALA E 187 50.79 -58.20 -72.91
C ALA E 187 51.22 -59.66 -72.85
N LEU E 188 52.03 -59.99 -71.84
CA LEU E 188 52.46 -61.35 -71.59
C LEU E 188 52.63 -61.53 -70.09
N GLY E 189 52.54 -62.77 -69.62
CA GLY E 189 52.59 -62.99 -68.19
C GLY E 189 52.81 -64.42 -67.79
N CYS E 190 52.62 -64.66 -66.50
CA CYS E 190 52.78 -65.98 -65.91
C CYS E 190 51.58 -66.29 -65.02
N LEU E 191 51.04 -67.49 -65.16
CA LEU E 191 49.93 -67.96 -64.34
C LEU E 191 50.49 -68.88 -63.25
N VAL E 192 50.33 -68.46 -62.00
CA VAL E 192 50.77 -69.24 -60.84
C VAL E 192 49.52 -69.83 -60.21
N LYS E 193 49.31 -71.13 -60.41
CA LYS E 193 48.04 -71.77 -60.11
C LYS E 193 48.25 -72.99 -59.23
N ASP E 194 47.28 -73.27 -58.37
CA ASP E 194 47.26 -74.48 -57.54
C ASP E 194 48.46 -74.54 -56.60
N TYR E 195 48.51 -73.57 -55.70
CA TYR E 195 49.48 -73.55 -54.63
C TYR E 195 48.76 -73.45 -53.29
N PHE E 196 49.48 -73.75 -52.21
CA PHE E 196 48.96 -73.75 -50.86
C PHE E 196 50.13 -73.81 -49.89
N PRO E 197 50.22 -72.89 -48.91
CA PRO E 197 49.37 -71.74 -48.60
C PRO E 197 49.68 -70.45 -49.34
N GLU E 198 48.82 -69.45 -49.10
CA GLU E 198 48.99 -68.07 -49.49
C GLU E 198 50.10 -67.45 -48.65
N PRO E 199 50.90 -66.52 -49.19
CA PRO E 199 50.92 -66.03 -50.57
C PRO E 199 52.08 -66.55 -51.42
N VAL E 200 52.12 -66.11 -52.66
CA VAL E 200 53.24 -66.34 -53.57
C VAL E 200 53.73 -65.00 -54.09
N THR E 201 55.04 -64.78 -54.04
CA THR E 201 55.63 -63.52 -54.49
C THR E 201 56.18 -63.71 -55.90
N VAL E 202 55.71 -62.87 -56.82
CA VAL E 202 56.09 -62.95 -58.22
C VAL E 202 56.77 -61.65 -58.62
N SER E 203 58.00 -61.77 -59.13
CA SER E 203 58.75 -60.65 -59.66
C SER E 203 59.08 -60.95 -61.12
N TRP E 204 59.68 -59.97 -61.80
CA TRP E 204 60.03 -60.12 -63.21
C TRP E 204 61.49 -59.76 -63.40
N ASN E 205 62.28 -60.69 -63.93
CA ASN E 205 63.71 -60.50 -64.16
C ASN E 205 64.41 -60.06 -62.88
N SER E 206 64.08 -60.73 -61.78
CA SER E 206 64.61 -60.40 -60.45
C SER E 206 64.30 -58.96 -60.08
N GLY E 207 63.10 -58.50 -60.46
CA GLY E 207 62.66 -57.15 -60.17
C GLY E 207 63.12 -56.09 -61.14
N ALA E 208 63.81 -56.47 -62.21
CA ALA E 208 64.30 -55.51 -63.20
C ALA E 208 63.20 -54.92 -64.06
N LEU E 209 61.98 -55.46 -63.99
CA LEU E 209 60.85 -54.99 -64.80
C LEU E 209 59.71 -54.66 -63.85
N THR E 210 59.48 -53.36 -63.62
CA THR E 210 58.46 -52.90 -62.70
C THR E 210 57.37 -52.06 -63.38
N SER E 211 57.74 -51.20 -64.32
CA SER E 211 56.74 -50.38 -65.00
C SER E 211 55.86 -51.25 -65.89
N GLY E 212 54.55 -50.98 -65.87
CA GLY E 212 53.62 -51.76 -66.66
C GLY E 212 53.43 -53.18 -66.17
N VAL E 213 53.78 -53.46 -64.91
CA VAL E 213 53.68 -54.81 -64.35
C VAL E 213 52.57 -54.81 -63.31
N HIS E 214 51.64 -55.77 -63.45
CA HIS E 214 50.52 -55.89 -62.54
C HIS E 214 50.49 -57.30 -61.97
N THR E 215 50.48 -57.38 -60.64
CA THR E 215 50.37 -58.65 -59.93
C THR E 215 48.99 -58.69 -59.29
N PHE E 216 48.09 -59.46 -59.89
CA PHE E 216 46.72 -59.53 -59.41
C PHE E 216 46.67 -60.28 -58.08
N PRO E 217 45.74 -59.94 -57.19
CA PRO E 217 45.65 -60.64 -55.91
C PRO E 217 45.26 -62.10 -56.09
N ALA E 218 45.63 -62.92 -55.12
CA ALA E 218 45.32 -64.34 -55.15
C ALA E 218 43.82 -64.58 -55.10
N VAL E 219 43.37 -65.62 -55.80
CA VAL E 219 41.98 -66.06 -55.79
C VAL E 219 41.93 -67.53 -55.40
N LEU E 220 40.94 -67.89 -54.58
CA LEU E 220 40.78 -69.26 -54.10
C LEU E 220 39.96 -70.04 -55.10
N GLN E 221 40.44 -71.24 -55.45
CA GLN E 221 39.73 -72.10 -56.38
C GLN E 221 38.92 -73.15 -55.62
N SER E 222 38.06 -73.86 -56.38
CA SER E 222 37.20 -74.87 -55.77
C SER E 222 38.01 -76.03 -55.20
N SER E 223 39.23 -76.22 -55.70
CA SER E 223 40.10 -77.29 -55.21
C SER E 223 40.69 -76.98 -53.83
N GLY E 224 40.48 -75.76 -53.32
CA GLY E 224 41.13 -75.32 -52.11
C GLY E 224 42.51 -74.75 -52.32
N LEU E 225 42.99 -74.72 -53.57
CA LEU E 225 44.29 -74.16 -53.91
C LEU E 225 44.11 -72.79 -54.52
N TYR E 226 45.09 -71.91 -54.30
CA TYR E 226 45.00 -70.53 -54.73
C TYR E 226 45.57 -70.33 -56.13
N SER E 227 45.14 -69.26 -56.78
CA SER E 227 45.57 -68.94 -58.13
C SER E 227 45.83 -67.45 -58.25
N LEU E 228 46.75 -67.10 -59.14
CA LEU E 228 47.05 -65.71 -59.46
C LEU E 228 47.73 -65.67 -60.82
N SER E 229 47.78 -64.48 -61.41
CA SER E 229 48.48 -64.27 -62.67
C SER E 229 49.15 -62.91 -62.64
N SER E 230 50.40 -62.85 -63.06
CA SER E 230 51.17 -61.62 -63.11
C SER E 230 51.44 -61.27 -64.57
N VAL E 231 51.10 -60.05 -64.97
CA VAL E 231 51.14 -59.65 -66.36
C VAL E 231 52.00 -58.41 -66.52
N VAL E 232 52.52 -58.22 -67.73
CA VAL E 232 53.21 -57.00 -68.11
C VAL E 232 52.81 -56.64 -69.54
N THR E 233 52.54 -55.35 -69.74
CA THR E 233 52.22 -54.82 -71.06
C THR E 233 53.42 -54.04 -71.57
N VAL E 234 53.89 -54.38 -72.76
CA VAL E 234 55.14 -53.84 -73.29
C VAL E 234 54.96 -53.46 -74.76
N PRO E 235 55.81 -52.60 -75.31
CA PRO E 235 55.73 -52.30 -76.75
C PRO E 235 55.94 -53.55 -77.58
N SER E 236 55.29 -53.59 -78.75
CA SER E 236 55.37 -54.76 -79.62
C SER E 236 56.79 -55.03 -80.08
N SER E 237 57.61 -53.98 -80.24
CA SER E 237 58.97 -54.15 -80.73
C SER E 237 59.79 -55.04 -79.81
N SER E 238 59.63 -54.89 -78.49
CA SER E 238 60.33 -55.74 -77.55
C SER E 238 59.94 -57.21 -77.68
N LEU E 239 58.75 -57.49 -78.23
CA LEU E 239 58.30 -58.86 -78.39
C LEU E 239 59.33 -59.70 -79.14
N GLY E 240 59.91 -59.14 -80.21
CA GLY E 240 60.95 -59.85 -80.92
C GLY E 240 62.24 -60.00 -80.13
N THR E 241 62.62 -58.96 -79.38
CA THR E 241 63.96 -58.88 -78.82
C THR E 241 64.00 -59.15 -77.32
N GLN E 242 63.23 -58.40 -76.54
CA GLN E 242 63.34 -58.46 -75.09
C GLN E 242 62.92 -59.83 -74.56
N THR E 243 63.74 -60.39 -73.68
CA THR E 243 63.39 -61.63 -73.00
C THR E 243 62.71 -61.32 -71.68
N TYR E 244 61.54 -61.90 -71.46
CA TYR E 244 60.75 -61.66 -70.26
C TYR E 244 60.71 -62.93 -69.43
N ILE E 245 61.18 -62.84 -68.18
CA ILE E 245 61.28 -63.98 -67.28
C ILE E 245 60.64 -63.60 -65.96
N CYS E 246 59.73 -64.45 -65.48
CA CYS E 246 59.05 -64.25 -64.21
C CYS E 246 59.66 -65.18 -63.15
N ASN E 247 59.94 -64.62 -61.98
CA ASN E 247 60.41 -65.35 -60.81
C ASN E 247 59.22 -65.55 -59.88
N VAL E 248 58.97 -66.82 -59.54
CA VAL E 248 57.85 -67.21 -58.69
C VAL E 248 58.42 -67.83 -57.42
N ASN E 249 58.02 -67.30 -56.26
CA ASN E 249 58.52 -67.75 -54.97
C ASN E 249 57.33 -68.17 -54.11
N HIS E 250 57.32 -69.43 -53.71
CA HIS E 250 56.38 -69.95 -52.71
C HIS E 250 57.22 -70.62 -51.62
N LYS E 251 57.58 -69.83 -50.61
CA LYS E 251 58.40 -70.36 -49.52
C LYS E 251 57.76 -71.51 -48.76
N PRO E 252 56.46 -71.52 -48.45
CA PRO E 252 55.89 -72.66 -47.71
C PRO E 252 56.16 -74.00 -48.35
N SER E 253 56.14 -74.09 -49.68
CA SER E 253 56.51 -75.30 -50.39
C SER E 253 57.94 -75.25 -50.92
N ASN E 254 58.67 -74.17 -50.68
CA ASN E 254 60.04 -73.99 -51.13
C ASN E 254 60.16 -74.18 -52.65
N THR E 255 59.33 -73.42 -53.38
CA THR E 255 59.29 -73.50 -54.83
C THR E 255 59.76 -72.17 -55.42
N LYS E 256 60.81 -72.23 -56.24
CA LYS E 256 61.29 -71.07 -56.99
C LYS E 256 61.31 -71.43 -58.47
N VAL E 257 60.70 -70.58 -59.30
CA VAL E 257 60.57 -70.85 -60.72
C VAL E 257 61.01 -69.61 -61.49
N ASP E 258 61.89 -69.83 -62.48
CA ASP E 258 62.25 -68.81 -63.46
C ASP E 258 61.66 -69.24 -64.80
N LYS E 259 60.56 -68.61 -65.20
CA LYS E 259 59.83 -69.02 -66.40
C LYS E 259 59.88 -67.91 -67.43
N LYS E 260 60.30 -68.24 -68.65
CA LYS E 260 60.41 -67.27 -69.73
C LYS E 260 59.15 -67.32 -70.58
N VAL E 261 58.60 -66.15 -70.88
CA VAL E 261 57.38 -66.05 -71.68
C VAL E 261 57.75 -65.65 -73.10
N GLU E 262 57.49 -66.54 -74.05
CA GLU E 262 57.80 -66.34 -75.45
C GLU E 262 56.61 -66.73 -76.30
N PRO E 263 56.45 -66.13 -77.49
CA PRO E 263 55.35 -66.47 -78.39
C PRO E 263 55.55 -67.81 -79.09
N CYS F 15 11.86 31.18 -51.36
CA CYS F 15 12.92 31.37 -50.38
C CYS F 15 14.04 32.22 -50.96
N VAL F 16 14.16 33.45 -50.48
CA VAL F 16 15.13 34.41 -51.01
C VAL F 16 16.10 34.78 -49.89
N ASN F 17 17.40 34.59 -50.14
CA ASN F 17 18.45 35.03 -49.23
C ASN F 17 18.76 36.49 -49.54
N LEU F 18 18.60 37.36 -48.55
CA LEU F 18 18.99 38.75 -48.73
C LEU F 18 20.51 38.89 -48.62
N THR F 19 21.07 39.82 -49.39
CA THR F 19 22.52 39.84 -49.61
C THR F 19 23.19 41.20 -49.41
N THR F 20 22.48 42.20 -48.91
CA THR F 20 23.09 43.53 -48.84
C THR F 20 22.98 44.19 -47.47
N ARG F 21 23.34 43.46 -46.41
CA ARG F 21 23.40 44.04 -45.08
C ARG F 21 24.71 44.78 -44.86
N THR F 22 24.83 45.43 -43.70
CA THR F 22 26.02 46.22 -43.36
C THR F 22 26.50 45.95 -41.94
N GLN F 23 26.07 44.84 -41.34
CA GLN F 23 26.61 44.34 -40.07
C GLN F 23 26.42 45.39 -38.98
N LEU F 24 27.46 46.11 -38.57
CA LEU F 24 27.49 47.14 -37.53
C LEU F 24 27.16 46.55 -36.15
N PRO F 25 27.89 45.48 -35.76
CA PRO F 25 27.66 44.79 -34.47
C PRO F 25 26.21 44.78 -33.97
N PRO F 26 25.98 44.32 -32.73
CA PRO F 26 24.68 44.53 -32.08
C PRO F 26 24.67 45.82 -31.26
N ALA F 27 23.55 46.02 -30.57
CA ALA F 27 23.37 47.16 -29.67
C ALA F 27 22.43 46.76 -28.54
N TYR F 28 22.49 47.52 -27.44
CA TYR F 28 21.69 47.22 -26.26
C TYR F 28 21.13 48.51 -25.68
N THR F 29 19.97 48.40 -25.01
CA THR F 29 19.40 49.53 -24.27
C THR F 29 18.85 49.02 -22.96
N ASN F 30 18.19 49.91 -22.22
CA ASN F 30 17.66 49.58 -20.90
C ASN F 30 16.14 49.53 -20.94
N SER F 31 15.57 48.48 -20.33
CA SER F 31 14.12 48.39 -20.13
C SER F 31 13.81 48.98 -18.77
N PHE F 32 13.42 50.26 -18.76
CA PHE F 32 13.36 51.01 -17.52
C PHE F 32 12.33 50.43 -16.55
N THR F 33 11.05 50.46 -16.92
CA THR F 33 10.02 50.01 -15.99
C THR F 33 8.93 49.21 -16.71
N ARG F 34 9.19 48.67 -17.89
CA ARG F 34 8.19 47.99 -18.68
C ARG F 34 8.29 46.48 -18.52
N GLY F 35 7.22 45.79 -18.91
CA GLY F 35 7.16 44.34 -18.85
C GLY F 35 6.17 43.78 -17.85
N VAL F 36 5.37 44.62 -17.19
CA VAL F 36 4.47 44.14 -16.16
C VAL F 36 3.10 43.83 -16.77
N TYR F 37 2.57 42.65 -16.48
CA TYR F 37 1.29 42.21 -17.00
C TYR F 37 0.42 41.71 -15.85
N TYR F 38 -0.89 41.65 -16.10
CA TYR F 38 -1.83 41.14 -15.11
C TYR F 38 -1.59 39.66 -14.91
N PRO F 39 -1.06 39.26 -13.76
CA PRO F 39 -0.69 37.83 -13.57
C PRO F 39 -1.89 36.89 -13.67
N ASP F 40 -3.06 37.33 -13.20
CA ASP F 40 -4.27 36.51 -13.26
C ASP F 40 -5.42 37.41 -13.68
N LYS F 41 -6.64 36.87 -13.61
CA LYS F 41 -7.83 37.59 -14.01
C LYS F 41 -8.67 38.05 -12.81
N VAL F 42 -8.05 38.16 -11.63
CA VAL F 42 -8.79 38.57 -10.44
C VAL F 42 -8.89 40.09 -10.39
N PHE F 43 -10.00 40.58 -9.84
CA PHE F 43 -10.22 42.01 -9.66
C PHE F 43 -9.84 42.39 -8.23
N ARG F 44 -8.92 43.33 -8.09
CA ARG F 44 -8.51 43.84 -6.79
C ARG F 44 -8.55 45.36 -6.84
N SER F 45 -9.05 45.98 -5.77
CA SER F 45 -9.25 47.42 -5.73
C SER F 45 -8.53 48.03 -4.54
N SER F 46 -7.63 48.96 -4.82
CA SER F 46 -6.92 49.74 -3.81
C SER F 46 -6.17 48.84 -2.83
N VAL F 47 -5.45 47.86 -3.36
CA VAL F 47 -4.64 46.96 -2.55
C VAL F 47 -3.29 46.78 -3.22
N LEU F 48 -2.26 46.50 -2.43
CA LEU F 48 -0.94 46.14 -2.95
C LEU F 48 -0.81 44.62 -2.83
N HIS F 49 -0.72 43.96 -3.97
CA HIS F 49 -0.69 42.51 -4.02
C HIS F 49 0.67 42.00 -4.51
N SER F 50 1.23 41.04 -3.80
CA SER F 50 2.55 40.51 -4.11
C SER F 50 2.40 39.18 -4.84
N THR F 51 3.12 39.04 -5.95
CA THR F 51 3.01 37.87 -6.81
C THR F 51 4.39 37.44 -7.28
N GLN F 52 4.66 36.14 -7.21
CA GLN F 52 5.87 35.56 -7.79
C GLN F 52 5.50 34.90 -9.12
N ASP F 53 6.08 35.41 -10.20
CA ASP F 53 5.73 34.92 -11.53
C ASP F 53 6.95 35.09 -12.43
N LEU F 54 6.74 35.05 -13.74
CA LEU F 54 7.78 35.34 -14.72
C LEU F 54 7.60 36.77 -15.17
N PHE F 55 8.50 37.65 -14.76
CA PHE F 55 8.43 39.06 -15.08
C PHE F 55 9.71 39.51 -15.75
N LEU F 56 9.65 40.67 -16.40
CA LEU F 56 10.86 41.29 -16.93
C LEU F 56 11.50 42.14 -15.84
N PRO F 57 12.68 41.78 -15.35
CA PRO F 57 13.30 42.55 -14.26
C PRO F 57 13.55 43.99 -14.69
N PHE F 58 13.36 44.90 -13.72
CA PHE F 58 13.53 46.32 -14.01
C PHE F 58 14.98 46.63 -14.39
N PHE F 59 15.12 47.55 -15.35
CA PHE F 59 16.42 48.14 -15.70
C PHE F 59 17.42 47.09 -16.18
N SER F 60 16.93 46.07 -16.89
CA SER F 60 17.83 45.13 -17.54
C SER F 60 18.13 45.59 -18.97
N ASN F 61 19.28 45.14 -19.48
CA ASN F 61 19.64 45.48 -20.84
C ASN F 61 18.96 44.53 -21.82
N VAL F 62 18.30 45.10 -22.81
CA VAL F 62 17.56 44.36 -23.83
C VAL F 62 18.22 44.64 -25.18
N THR F 63 18.27 43.60 -26.02
CA THR F 63 18.91 43.73 -27.32
C THR F 63 18.10 44.64 -28.23
N TRP F 64 18.81 45.48 -28.97
CA TRP F 64 18.24 46.52 -29.82
C TRP F 64 18.51 46.19 -31.27
N PHE F 65 17.48 46.18 -32.10
CA PHE F 65 17.62 45.82 -33.50
C PHE F 65 17.01 46.90 -34.37
N HIS F 66 17.72 47.25 -35.44
CA HIS F 66 17.34 48.34 -36.33
C HIS F 66 16.92 47.77 -37.68
N ALA F 67 16.28 48.64 -38.48
CA ALA F 67 16.02 48.31 -39.88
C ALA F 67 16.24 49.52 -40.79
N ILE F 68 17.04 50.50 -40.36
CA ILE F 68 17.15 51.76 -41.09
C ILE F 68 17.96 51.54 -42.36
N HIS F 69 17.68 52.35 -43.38
CA HIS F 69 18.36 52.20 -44.66
C HIS F 69 19.57 53.13 -44.77
N VAL F 70 19.34 54.44 -44.65
CA VAL F 70 20.39 55.45 -44.79
C VAL F 70 21.12 55.31 -46.12
N GLY F 75 27.09 54.38 -45.74
CA GLY F 75 25.68 54.06 -45.58
C GLY F 75 25.43 52.76 -44.84
N THR F 76 24.84 52.88 -43.65
CA THR F 76 24.56 51.73 -42.80
C THR F 76 23.18 51.19 -43.16
N LYS F 77 23.16 50.11 -43.95
CA LYS F 77 21.93 49.49 -44.43
C LYS F 77 21.65 48.27 -43.57
N ARG F 78 20.77 48.43 -42.59
CA ARG F 78 20.56 47.44 -41.55
C ARG F 78 19.25 46.70 -41.75
N PHE F 79 19.27 45.39 -41.53
CA PHE F 79 18.07 44.56 -41.48
C PHE F 79 18.31 43.48 -40.42
N ASP F 80 17.44 43.45 -39.42
CA ASP F 80 17.64 42.59 -38.25
C ASP F 80 16.47 41.63 -38.13
N ASN F 81 16.71 40.37 -38.46
CA ASN F 81 15.75 39.32 -38.19
C ASN F 81 16.45 38.02 -37.77
N PRO F 82 17.36 38.06 -36.79
CA PRO F 82 18.09 36.86 -36.41
C PRO F 82 17.25 35.93 -35.56
N VAL F 83 17.53 34.64 -35.67
CA VAL F 83 16.90 33.66 -34.79
C VAL F 83 17.49 33.81 -33.40
N LEU F 84 16.63 33.90 -32.39
CA LEU F 84 17.02 34.22 -31.03
C LEU F 84 16.45 33.19 -30.08
N PRO F 85 17.12 32.94 -28.97
CA PRO F 85 16.59 32.00 -27.98
C PRO F 85 15.30 32.52 -27.35
N PHE F 86 14.45 31.58 -26.94
CA PHE F 86 13.21 31.93 -26.25
C PHE F 86 13.44 32.14 -24.76
N ASN F 87 13.97 31.13 -24.08
CA ASN F 87 14.36 31.23 -22.67
C ASN F 87 13.17 31.60 -21.79
N ASP F 88 12.18 30.71 -21.76
CA ASP F 88 11.05 30.75 -20.82
C ASP F 88 10.44 32.15 -20.71
N GLY F 89 10.14 32.76 -21.85
CA GLY F 89 9.42 34.04 -21.79
C GLY F 89 10.19 35.13 -22.50
N VAL F 90 9.49 35.88 -23.34
CA VAL F 90 10.08 36.94 -24.14
C VAL F 90 9.26 38.20 -24.00
N TYR F 91 9.92 39.33 -23.79
CA TYR F 91 9.31 40.65 -23.87
C TYR F 91 9.79 41.31 -25.16
N PHE F 92 8.85 41.65 -26.03
CA PHE F 92 9.15 42.17 -27.35
C PHE F 92 8.52 43.54 -27.50
N ALA F 93 9.33 44.56 -27.76
CA ALA F 93 8.84 45.89 -28.02
C ALA F 93 9.19 46.27 -29.46
N SER F 94 8.35 47.11 -30.07
CA SER F 94 8.59 47.51 -31.45
C SER F 94 8.13 48.96 -31.62
N THR F 95 9.10 49.88 -31.67
CA THR F 95 8.80 51.29 -31.87
C THR F 95 8.83 51.54 -33.38
N GLU F 96 7.65 51.63 -34.00
CA GLU F 96 7.57 51.77 -35.45
C GLU F 96 6.50 52.78 -35.83
N LYS F 97 6.91 53.81 -36.58
CA LYS F 97 5.95 54.72 -37.19
C LYS F 97 5.30 54.10 -38.41
N SER F 98 6.06 53.32 -39.17
CA SER F 98 5.54 52.53 -40.28
C SER F 98 5.50 51.06 -39.86
N ASN F 99 4.46 50.36 -40.30
CA ASN F 99 4.22 48.99 -39.86
C ASN F 99 5.24 48.04 -40.50
N ILE F 100 6.46 48.09 -39.96
CA ILE F 100 7.52 47.24 -40.46
C ILE F 100 7.52 45.90 -39.77
N ILE F 101 7.43 45.89 -38.43
CA ILE F 101 7.36 44.65 -37.68
C ILE F 101 6.00 44.02 -37.91
N ARG F 102 5.97 42.88 -38.60
CA ARG F 102 4.71 42.30 -39.04
C ARG F 102 4.51 40.84 -38.63
N GLY F 103 5.33 40.29 -37.75
CA GLY F 103 4.96 39.03 -37.13
C GLY F 103 6.13 38.36 -36.44
N TRP F 104 5.85 37.14 -35.97
CA TRP F 104 6.84 36.34 -35.24
C TRP F 104 6.72 34.87 -35.61
N ILE F 105 7.84 34.18 -35.40
CA ILE F 105 8.02 32.76 -35.63
C ILE F 105 8.50 32.14 -34.33
N PHE F 106 7.88 31.04 -33.93
CA PHE F 106 8.31 30.29 -32.75
C PHE F 106 8.54 28.84 -33.12
N GLY F 107 9.40 28.18 -32.36
CA GLY F 107 9.59 26.75 -32.52
C GLY F 107 10.92 26.31 -31.92
N THR F 108 11.28 25.06 -32.22
CA THR F 108 12.52 24.46 -31.75
C THR F 108 13.57 24.36 -32.83
N THR F 109 13.24 23.73 -33.96
CA THR F 109 14.17 23.60 -35.08
C THR F 109 13.79 24.46 -36.28
N LEU F 110 12.54 24.91 -36.36
CA LEU F 110 12.07 25.74 -37.47
C LEU F 110 12.31 25.08 -38.82
N SER F 116 5.08 25.08 -34.60
CA SER F 116 5.74 26.29 -35.09
C SER F 116 4.71 27.39 -35.35
N LEU F 117 4.62 28.35 -34.43
CA LEU F 117 3.62 29.40 -34.53
C LEU F 117 4.07 30.51 -35.47
N LEU F 118 3.36 30.66 -36.59
CA LEU F 118 3.49 31.84 -37.44
C LEU F 118 2.40 32.83 -37.02
N ILE F 119 2.76 33.78 -36.18
CA ILE F 119 1.82 34.83 -35.79
C ILE F 119 2.13 36.05 -36.64
N VAL F 120 1.42 36.19 -37.76
CA VAL F 120 1.80 37.19 -38.75
C VAL F 120 0.58 38.01 -39.13
N ASN F 121 0.83 39.22 -39.63
CA ASN F 121 -0.21 40.13 -40.08
C ASN F 121 0.17 40.60 -41.48
N ASN F 122 -0.50 40.06 -42.49
CA ASN F 122 -0.14 40.34 -43.89
C ASN F 122 -1.01 41.43 -44.48
N ALA F 123 -1.34 42.43 -43.65
CA ALA F 123 -2.00 43.67 -44.05
C ALA F 123 -3.48 43.46 -44.35
N THR F 124 -3.95 42.21 -44.26
CA THR F 124 -5.36 41.94 -44.46
C THR F 124 -6.00 41.46 -43.17
N ASN F 125 -5.42 40.43 -42.55
CA ASN F 125 -5.88 39.93 -41.27
C ASN F 125 -4.70 39.28 -40.55
N VAL F 126 -4.85 39.12 -39.25
CA VAL F 126 -3.81 38.53 -38.39
C VAL F 126 -4.06 37.03 -38.36
N VAL F 127 -3.13 36.25 -38.88
CA VAL F 127 -3.27 34.81 -38.95
C VAL F 127 -2.23 34.14 -38.05
N ILE F 128 -2.69 33.13 -37.31
CA ILE F 128 -1.86 32.35 -36.40
C ILE F 128 -2.01 30.89 -36.82
N LYS F 129 -0.92 30.28 -37.28
CA LYS F 129 -0.93 28.89 -37.70
C LYS F 129 0.19 28.14 -37.01
N VAL F 130 -0.02 26.84 -36.79
CA VAL F 130 0.85 26.04 -35.94
C VAL F 130 1.26 24.82 -36.75
N CYS F 131 0.99 24.84 -38.05
CA CYS F 131 1.34 23.71 -38.90
C CYS F 131 2.86 23.52 -38.90
N GLU F 132 3.29 22.27 -39.08
CA GLU F 132 4.71 21.96 -39.06
C GLU F 132 5.33 22.51 -40.33
N PHE F 133 5.80 23.74 -40.23
CA PHE F 133 6.30 24.53 -41.34
C PHE F 133 7.73 24.16 -41.72
N GLN F 134 8.15 24.67 -42.87
CA GLN F 134 9.55 24.75 -43.26
C GLN F 134 9.85 26.18 -43.66
N PHE F 135 10.91 26.75 -43.09
CA PHE F 135 11.12 28.19 -43.09
C PHE F 135 12.25 28.59 -44.04
N CYS F 136 11.93 29.45 -45.00
CA CYS F 136 12.96 30.09 -45.79
C CYS F 136 13.82 30.98 -44.89
N ASN F 137 15.13 30.86 -45.03
CA ASN F 137 16.03 31.74 -44.30
C ASN F 137 15.82 33.18 -44.76
N ASP F 138 15.95 34.10 -43.81
CA ASP F 138 15.67 35.53 -44.03
C ASP F 138 14.25 35.73 -44.52
N PRO F 139 13.24 35.46 -43.68
CA PRO F 139 11.86 35.67 -44.13
C PRO F 139 11.40 37.10 -43.91
N PHE F 140 10.56 37.58 -44.83
CA PHE F 140 10.08 38.96 -44.80
C PHE F 140 8.84 39.06 -45.67
N LEU F 141 8.14 40.18 -45.53
CA LEU F 141 7.01 40.51 -46.39
C LEU F 141 7.40 41.72 -47.23
N GLY F 142 6.83 41.83 -48.44
CA GLY F 142 7.17 42.95 -49.28
C GLY F 142 6.02 43.93 -49.44
N VAL F 143 6.35 45.22 -49.52
CA VAL F 143 5.34 46.26 -49.71
C VAL F 143 5.78 47.10 -50.88
N TYR F 144 5.18 46.87 -52.06
CA TYR F 144 5.64 47.53 -53.27
C TYR F 144 4.91 48.86 -53.45
N TYR F 145 5.63 49.84 -53.97
CA TYR F 145 5.15 51.21 -54.08
C TYR F 145 5.34 51.71 -55.51
N HIS F 146 4.44 52.59 -55.95
CA HIS F 146 4.55 53.20 -57.26
C HIS F 146 4.77 54.71 -57.15
N SER F 151 -0.28 54.72 -52.76
CA SER F 151 -0.31 53.65 -53.76
C SER F 151 0.61 52.50 -53.35
N TRP F 152 0.43 52.01 -52.13
CA TRP F 152 1.24 50.93 -51.60
C TRP F 152 0.43 49.64 -51.55
N MET F 153 1.01 48.56 -52.08
CA MET F 153 0.32 47.28 -52.13
C MET F 153 1.19 46.17 -51.56
N GLU F 154 0.57 45.27 -50.80
CA GLU F 154 1.31 44.19 -50.15
C GLU F 154 1.52 43.02 -51.09
N SER F 155 2.65 42.32 -50.91
CA SER F 155 2.99 41.14 -51.69
C SER F 155 4.18 40.44 -51.03
N GLU F 156 4.77 39.50 -51.76
CA GLU F 156 6.07 38.94 -51.44
C GLU F 156 6.08 38.31 -50.03
N PHE F 157 5.29 37.25 -49.89
CA PHE F 157 5.18 36.60 -48.59
C PHE F 157 6.49 35.97 -48.16
N ARG F 158 7.11 35.17 -49.05
CA ARG F 158 8.47 34.65 -48.88
C ARG F 158 8.61 33.70 -47.69
N VAL F 159 7.53 33.57 -46.91
CA VAL F 159 7.46 32.53 -45.89
C VAL F 159 6.96 31.25 -46.57
N TYR F 160 6.93 30.16 -45.82
CA TYR F 160 6.32 28.90 -46.26
C TYR F 160 7.07 28.21 -47.38
N SER F 161 8.30 27.76 -47.11
CA SER F 161 8.89 26.72 -47.95
C SER F 161 7.97 25.50 -48.00
N SER F 162 7.32 25.18 -46.89
CA SER F 162 6.33 24.12 -46.83
C SER F 162 5.46 24.30 -45.60
N ALA F 163 4.23 23.79 -45.68
CA ALA F 163 3.28 23.79 -44.56
C ALA F 163 2.33 22.62 -44.74
N ASN F 164 2.54 21.56 -43.94
CA ASN F 164 1.94 20.27 -44.27
C ASN F 164 0.92 19.72 -43.29
N ASN F 165 1.29 19.55 -42.01
CA ASN F 165 0.54 18.63 -41.15
C ASN F 165 -0.51 19.34 -40.30
N CYS F 166 -0.22 20.55 -39.84
CA CYS F 166 -1.18 21.43 -39.18
C CYS F 166 -1.58 20.89 -37.81
N THR F 167 -2.84 20.53 -37.57
CA THR F 167 -3.43 20.54 -36.22
C THR F 167 -3.34 21.96 -35.64
N PHE F 168 -3.46 22.95 -36.52
CA PHE F 168 -3.22 24.35 -36.19
C PHE F 168 -4.49 25.11 -35.84
N GLU F 169 -4.38 26.43 -35.77
CA GLU F 169 -5.51 27.32 -35.54
C GLU F 169 -5.57 28.31 -36.69
N TYR F 170 -6.49 29.27 -36.59
CA TYR F 170 -6.63 30.33 -37.58
C TYR F 170 -7.52 31.42 -37.01
N VAL F 171 -7.17 32.67 -37.33
CA VAL F 171 -7.97 33.82 -36.98
C VAL F 171 -7.98 34.76 -38.18
N SER F 172 -9.11 35.42 -38.41
CA SER F 172 -9.23 36.32 -39.54
C SER F 172 -10.36 37.31 -39.31
N GLN F 173 -10.00 38.59 -39.26
CA GLN F 173 -10.98 39.69 -39.24
C GLN F 173 -10.55 40.70 -40.29
N PRO F 174 -10.84 40.44 -41.57
CA PRO F 174 -10.25 41.22 -42.66
C PRO F 174 -10.35 42.73 -42.49
N PHE F 175 -9.23 43.43 -42.68
CA PHE F 175 -9.18 44.88 -42.56
C PHE F 175 -8.22 45.42 -43.60
N LEU F 176 -7.85 46.69 -43.45
CA LEU F 176 -6.84 47.32 -44.28
C LEU F 176 -5.85 48.04 -43.37
N MET F 177 -4.59 48.08 -43.80
CA MET F 177 -3.52 48.64 -43.01
C MET F 177 -2.79 49.73 -43.79
N ASP F 178 -2.33 50.75 -43.07
CA ASP F 178 -1.58 51.85 -43.67
C ASP F 178 -0.16 51.38 -43.96
N LEU F 179 0.02 50.84 -45.16
CA LEU F 179 1.32 50.30 -45.59
C LEU F 179 2.16 51.41 -46.24
N GLU F 180 2.26 52.54 -45.56
CA GLU F 180 2.94 53.70 -46.13
C GLU F 180 4.12 54.09 -45.25
N GLY F 181 5.26 54.32 -45.89
CA GLY F 181 6.43 54.80 -45.19
C GLY F 181 6.33 56.29 -44.96
N LYS F 182 6.00 56.70 -43.74
CA LYS F 182 5.83 58.11 -43.40
C LYS F 182 6.98 58.54 -42.51
N GLN F 183 7.62 59.65 -42.86
CA GLN F 183 8.71 60.17 -42.05
C GLN F 183 8.17 60.76 -40.75
N GLY F 184 8.72 60.32 -39.63
CA GLY F 184 8.25 60.78 -38.34
C GLY F 184 9.13 60.23 -37.23
N ASN F 185 8.78 60.59 -36.00
CA ASN F 185 9.52 60.16 -34.82
C ASN F 185 8.88 58.94 -34.14
N PHE F 186 8.69 57.86 -34.88
CA PHE F 186 8.34 56.55 -34.32
C PHE F 186 7.12 56.64 -33.40
N LYS F 187 5.97 56.94 -34.02
CA LYS F 187 4.78 57.30 -33.25
C LYS F 187 4.28 56.14 -32.38
N ASN F 188 4.27 54.93 -32.91
CA ASN F 188 3.60 53.80 -32.27
C ASN F 188 4.60 52.92 -31.53
N LEU F 189 4.24 52.52 -30.31
CA LEU F 189 4.99 51.55 -29.53
C LEU F 189 4.09 50.37 -29.19
N ARG F 190 4.50 49.18 -29.57
CA ARG F 190 3.75 47.96 -29.29
C ARG F 190 4.60 47.03 -28.44
N GLU F 191 4.03 46.56 -27.34
CA GLU F 191 4.73 45.72 -26.39
C GLU F 191 3.97 44.41 -26.22
N PHE F 192 4.73 43.31 -26.17
CA PHE F 192 4.14 41.98 -26.09
C PHE F 192 4.92 41.14 -25.10
N VAL F 193 4.19 40.35 -24.32
CA VAL F 193 4.75 39.33 -23.45
C VAL F 193 4.33 37.97 -23.99
N PHE F 194 5.29 37.16 -24.37
CA PHE F 194 5.06 35.79 -24.83
C PHE F 194 5.56 34.82 -23.78
N LYS F 195 4.69 33.93 -23.33
CA LYS F 195 5.09 32.90 -22.38
C LYS F 195 4.45 31.58 -22.75
N ASN F 196 5.10 30.48 -22.35
CA ASN F 196 4.69 29.13 -22.71
C ASN F 196 4.72 28.27 -21.45
N ILE F 197 3.53 27.96 -20.90
CA ILE F 197 3.42 27.17 -19.68
C ILE F 197 2.35 26.11 -19.84
N ASP F 198 2.70 24.87 -19.50
CA ASP F 198 1.77 23.74 -19.49
C ASP F 198 1.06 23.57 -20.84
N GLY F 199 1.81 23.76 -21.91
CA GLY F 199 1.27 23.62 -23.24
C GLY F 199 0.43 24.78 -23.71
N TYR F 200 0.31 25.84 -22.91
CA TYR F 200 -0.47 27.02 -23.25
C TYR F 200 0.48 28.14 -23.64
N PHE F 201 0.22 28.76 -24.78
CA PHE F 201 0.95 29.94 -25.22
C PHE F 201 0.12 31.18 -24.85
N LYS F 202 0.62 31.97 -23.92
CA LYS F 202 -0.07 33.14 -23.42
C LYS F 202 0.59 34.38 -23.99
N ILE F 203 -0.21 35.26 -24.58
CA ILE F 203 0.26 36.51 -25.15
C ILE F 203 -0.46 37.66 -24.47
N TYR F 204 0.32 38.58 -23.91
CA TYR F 204 -0.16 39.83 -23.35
C TYR F 204 0.30 40.96 -24.25
N SER F 205 -0.57 41.97 -24.45
CA SER F 205 -0.25 43.01 -25.43
C SER F 205 -0.58 44.39 -24.87
N LYS F 206 0.11 45.38 -25.41
CA LYS F 206 -0.15 46.79 -25.09
C LYS F 206 0.27 47.65 -26.28
N HIS F 207 -0.53 48.69 -26.53
CA HIS F 207 -0.25 49.62 -27.63
C HIS F 207 -0.28 51.03 -27.04
N THR F 208 0.73 51.83 -27.38
CA THR F 208 0.88 53.15 -26.78
C THR F 208 1.38 54.17 -27.80
N PRO F 209 0.80 55.38 -27.84
CA PRO F 209 1.40 56.44 -28.65
C PRO F 209 2.62 57.03 -27.95
N ILE F 210 3.71 57.18 -28.70
CA ILE F 210 4.95 57.77 -28.21
C ILE F 210 5.47 58.75 -29.25
N ASN F 211 6.41 59.60 -28.82
CA ASN F 211 7.09 60.54 -29.71
C ASN F 211 8.56 60.55 -29.32
N LEU F 212 9.34 59.66 -29.94
CA LEU F 212 10.78 59.55 -29.67
C LEU F 212 11.47 59.03 -30.92
N VAL F 213 12.70 59.51 -31.15
CA VAL F 213 13.42 59.14 -32.35
C VAL F 213 14.13 57.80 -32.16
N ARG F 214 14.57 57.50 -30.95
CA ARG F 214 15.34 56.29 -30.69
C ARG F 214 15.14 55.85 -29.25
N ASP F 215 15.77 54.71 -28.92
CA ASP F 215 15.81 54.16 -27.56
C ASP F 215 14.41 53.69 -27.16
N LEU F 216 14.28 53.13 -25.96
CA LEU F 216 13.01 52.64 -25.45
C LEU F 216 12.46 53.64 -24.44
N PRO F 217 11.29 54.21 -24.68
CA PRO F 217 10.77 55.25 -23.77
C PRO F 217 10.52 54.72 -22.38
N GLN F 218 10.76 55.57 -21.38
CA GLN F 218 10.46 55.22 -20.00
C GLN F 218 8.96 55.34 -19.74
N GLY F 219 8.49 54.57 -18.77
CA GLY F 219 7.09 54.60 -18.39
C GLY F 219 6.63 53.23 -17.93
N PHE F 220 5.50 53.22 -17.23
CA PHE F 220 4.91 52.00 -16.71
C PHE F 220 3.59 51.73 -17.41
N SER F 221 3.46 50.54 -17.99
CA SER F 221 2.24 50.12 -18.66
C SER F 221 1.92 48.68 -18.28
N ALA F 222 0.67 48.43 -17.92
CA ALA F 222 0.21 47.10 -17.55
C ALA F 222 -0.33 46.39 -18.78
N LEU F 223 0.42 45.41 -19.26
CA LEU F 223 0.08 44.72 -20.51
C LEU F 223 -1.13 43.83 -20.27
N GLU F 224 -2.18 44.04 -21.06
CA GLU F 224 -3.42 43.30 -20.87
C GLU F 224 -3.29 41.90 -21.46
N PRO F 225 -4.02 40.92 -20.92
CA PRO F 225 -3.97 39.57 -21.47
C PRO F 225 -4.65 39.49 -22.83
N LEU F 226 -3.87 39.26 -23.89
CA LEU F 226 -4.46 39.23 -25.22
C LEU F 226 -5.10 37.89 -25.53
N VAL F 227 -4.30 36.82 -25.58
CA VAL F 227 -4.82 35.51 -26.01
C VAL F 227 -4.17 34.42 -25.18
N ASP F 228 -4.89 33.31 -25.02
CA ASP F 228 -4.38 32.09 -24.40
C ASP F 228 -4.65 30.95 -25.36
N LEU F 229 -3.64 30.56 -26.13
CA LEU F 229 -3.80 29.52 -27.13
C LEU F 229 -3.39 28.16 -26.56
N PRO F 230 -4.27 27.17 -26.54
CA PRO F 230 -3.87 25.83 -26.07
C PRO F 230 -2.99 25.11 -27.09
N ILE F 231 -1.72 25.54 -27.16
CA ILE F 231 -0.87 25.14 -28.27
C ILE F 231 -0.32 23.73 -28.05
N GLY F 232 0.46 23.55 -26.99
CA GLY F 232 1.01 22.26 -26.65
C GLY F 232 2.21 21.82 -27.46
N ILE F 233 3.20 22.71 -27.63
CA ILE F 233 4.45 22.36 -28.31
C ILE F 233 5.61 22.92 -27.50
N ASN F 234 6.82 22.45 -27.83
CA ASN F 234 8.02 23.00 -27.22
C ASN F 234 8.56 24.16 -28.04
N ILE F 235 8.84 25.27 -27.38
CA ILE F 235 9.38 26.46 -28.02
C ILE F 235 10.68 26.84 -27.34
N THR F 236 11.75 26.98 -28.13
CA THR F 236 13.04 27.39 -27.62
C THR F 236 13.73 28.44 -28.49
N ARG F 237 13.13 28.84 -29.60
CA ARG F 237 13.74 29.81 -30.50
C ARG F 237 12.62 30.56 -31.24
N PHE F 238 12.89 31.82 -31.55
CA PHE F 238 11.92 32.65 -32.24
C PHE F 238 12.63 33.64 -33.16
N GLN F 239 11.91 34.08 -34.18
CA GLN F 239 12.46 34.97 -35.20
C GLN F 239 11.39 35.93 -35.67
N THR F 240 11.70 37.22 -35.66
CA THR F 240 10.72 38.22 -36.07
C THR F 240 10.64 38.31 -37.60
N LEU F 241 9.49 38.81 -38.07
CA LEU F 241 9.22 38.99 -39.49
C LEU F 241 8.85 40.43 -39.76
N LEU F 242 9.58 41.06 -40.68
CA LEU F 242 9.49 42.47 -40.99
C LEU F 242 8.89 42.69 -42.37
N ALA F 243 8.75 43.96 -42.73
CA ALA F 243 8.28 44.38 -44.03
C ALA F 243 9.37 45.16 -44.74
N LEU F 244 9.47 44.98 -46.06
CA LEU F 244 10.55 45.55 -46.86
C LEU F 244 9.93 46.32 -48.01
N HIS F 245 10.35 47.58 -48.18
CA HIS F 245 9.71 48.49 -49.13
C HIS F 245 10.41 48.42 -50.49
N ARG F 246 10.02 47.44 -51.29
CA ARG F 246 10.44 47.42 -52.68
C ARG F 246 9.72 48.50 -53.48
N SER F 247 10.43 49.10 -54.42
CA SER F 247 9.85 50.16 -55.24
C SER F 247 10.66 50.28 -56.52
N TYR F 248 10.27 51.25 -57.35
CA TYR F 248 10.99 51.51 -58.60
C TYR F 248 12.38 52.06 -58.31
N LEU F 249 12.53 52.79 -57.20
CA LEU F 249 13.75 53.55 -56.96
C LEU F 249 14.95 52.64 -56.74
N THR F 250 14.73 51.45 -56.17
CA THR F 250 15.82 50.53 -55.89
C THR F 250 15.72 49.32 -56.81
N PRO F 251 16.47 49.27 -57.91
CA PRO F 251 16.41 48.11 -58.81
C PRO F 251 17.43 47.04 -58.45
N GLY F 252 17.48 45.98 -59.27
CA GLY F 252 18.55 45.01 -59.16
C GLY F 252 18.16 43.63 -58.65
N ASP F 253 17.00 43.12 -59.08
CA ASP F 253 16.35 41.80 -58.96
C ASP F 253 15.80 41.58 -57.56
N SER F 254 15.63 40.31 -57.17
CA SER F 254 15.09 39.97 -55.86
C SER F 254 15.83 40.70 -54.75
N SER F 255 17.13 40.47 -54.64
CA SER F 255 17.94 41.27 -53.74
C SER F 255 18.11 42.68 -54.31
N SER F 256 18.55 43.60 -53.44
CA SER F 256 18.82 45.00 -53.72
C SER F 256 17.54 45.81 -53.94
N GLY F 257 16.37 45.18 -54.00
CA GLY F 257 15.14 45.94 -53.99
C GLY F 257 14.93 46.66 -52.67
N TRP F 258 15.13 45.94 -51.57
CA TRP F 258 15.35 46.48 -50.23
C TRP F 258 14.62 47.78 -49.90
N THR F 259 15.37 48.85 -49.70
CA THR F 259 14.86 50.11 -49.16
C THR F 259 14.01 49.85 -47.92
N ALA F 260 14.65 49.27 -46.92
CA ALA F 260 13.95 48.91 -45.69
C ALA F 260 13.47 50.14 -44.95
N GLY F 261 12.23 50.08 -44.47
CA GLY F 261 11.68 51.19 -43.71
C GLY F 261 12.28 51.27 -42.32
N ALA F 262 12.35 52.49 -41.80
CA ALA F 262 12.94 52.70 -40.49
C ALA F 262 12.07 52.09 -39.40
N ALA F 263 12.69 51.25 -38.58
CA ALA F 263 12.00 50.59 -37.48
C ALA F 263 13.05 50.15 -36.47
N ALA F 264 12.60 49.85 -35.25
CA ALA F 264 13.50 49.44 -34.19
C ALA F 264 12.73 48.59 -33.20
N TYR F 265 13.18 47.35 -32.99
CA TYR F 265 12.53 46.45 -32.05
C TYR F 265 13.52 45.97 -31.00
N TYR F 266 13.03 45.75 -29.79
CA TYR F 266 13.83 45.44 -28.64
C TYR F 266 13.37 44.11 -28.06
N VAL F 267 14.33 43.27 -27.67
CA VAL F 267 14.04 41.92 -27.19
C VAL F 267 14.67 41.75 -25.82
N GLY F 268 13.85 41.26 -24.86
CA GLY F 268 14.35 40.93 -23.54
C GLY F 268 13.77 39.61 -23.07
N TYR F 269 14.39 39.05 -22.04
CA TYR F 269 14.05 37.73 -21.54
C TYR F 269 13.47 37.84 -20.13
N LEU F 270 12.38 37.11 -19.91
CA LEU F 270 11.72 37.09 -18.61
C LEU F 270 12.51 36.24 -17.62
N GLN F 271 12.38 36.57 -16.34
CA GLN F 271 12.99 35.82 -15.26
C GLN F 271 11.97 35.57 -14.16
N PRO F 272 12.13 34.50 -13.39
CA PRO F 272 11.31 34.33 -12.18
C PRO F 272 11.58 35.45 -11.19
N ARG F 273 10.55 36.24 -10.90
CA ARG F 273 10.70 37.40 -10.03
C ARG F 273 9.46 37.55 -9.17
N THR F 274 9.65 38.18 -8.02
CA THR F 274 8.56 38.53 -7.11
C THR F 274 8.34 40.04 -7.21
N PHE F 275 7.11 40.43 -7.50
CA PHE F 275 6.74 41.82 -7.69
C PHE F 275 5.65 42.19 -6.69
N LEU F 276 5.56 43.49 -6.39
CA LEU F 276 4.43 44.03 -5.64
C LEU F 276 3.71 45.00 -6.54
N LEU F 277 2.44 44.71 -6.85
CA LEU F 277 1.66 45.44 -7.83
C LEU F 277 0.59 46.25 -7.11
N LYS F 278 0.44 47.52 -7.48
CA LYS F 278 -0.51 48.42 -6.85
C LYS F 278 -1.76 48.48 -7.70
N TYR F 279 -2.83 47.84 -7.24
CA TYR F 279 -4.13 47.95 -7.86
C TYR F 279 -4.83 49.23 -7.37
N ASN F 280 -5.41 49.96 -8.31
CA ASN F 280 -6.09 51.21 -8.02
C ASN F 280 -7.57 50.95 -7.75
N GLU F 281 -8.35 52.03 -7.68
CA GLU F 281 -9.79 51.89 -7.44
C GLU F 281 -10.46 51.13 -8.59
N ASN F 282 -10.03 51.39 -9.83
CA ASN F 282 -10.57 50.66 -10.96
C ASN F 282 -10.15 49.20 -10.95
N GLY F 283 -8.98 48.89 -10.41
CA GLY F 283 -8.46 47.54 -10.49
C GLY F 283 -7.39 47.44 -11.56
N THR F 284 -6.74 48.57 -11.83
CA THR F 284 -5.69 48.67 -12.84
C THR F 284 -4.34 48.71 -12.13
N ILE F 285 -3.41 47.89 -12.60
CA ILE F 285 -2.07 47.89 -12.01
C ILE F 285 -1.35 49.14 -12.48
N THR F 286 -1.35 50.17 -11.63
CA THR F 286 -0.79 51.47 -11.98
C THR F 286 0.67 51.63 -11.57
N ASP F 287 1.20 50.75 -10.73
CA ASP F 287 2.59 50.82 -10.32
C ASP F 287 3.02 49.46 -9.83
N ALA F 288 4.34 49.25 -9.78
CA ALA F 288 4.89 48.00 -9.31
C ALA F 288 6.29 48.23 -8.80
N VAL F 289 6.71 47.39 -7.86
CA VAL F 289 8.07 47.39 -7.35
C VAL F 289 8.65 45.99 -7.50
N ASP F 290 9.89 45.90 -7.97
CA ASP F 290 10.60 44.64 -8.11
C ASP F 290 11.39 44.39 -6.84
N CYS F 291 11.07 43.29 -6.15
CA CYS F 291 11.66 43.05 -4.84
C CYS F 291 13.17 42.84 -4.92
N ALA F 292 13.66 42.28 -6.03
CA ALA F 292 15.09 42.03 -6.16
C ALA F 292 15.85 43.22 -6.73
N LEU F 293 15.14 44.31 -7.08
CA LEU F 293 15.81 45.44 -7.71
C LEU F 293 16.80 46.11 -6.79
N ASP F 294 16.38 46.47 -5.58
CA ASP F 294 17.17 47.29 -4.68
C ASP F 294 16.83 46.94 -3.24
N PRO F 295 17.73 47.22 -2.30
CA PRO F 295 17.36 47.06 -0.89
C PRO F 295 16.13 47.87 -0.49
N LEU F 296 15.97 49.07 -1.05
CA LEU F 296 14.77 49.84 -0.77
C LEU F 296 13.54 49.17 -1.36
N SER F 297 13.64 48.61 -2.56
CA SER F 297 12.52 47.85 -3.11
C SER F 297 12.27 46.59 -2.29
N GLU F 298 13.32 45.98 -1.75
CA GLU F 298 13.15 44.82 -0.89
C GLU F 298 12.41 45.16 0.40
N THR F 299 12.74 46.29 1.03
CA THR F 299 12.02 46.66 2.25
C THR F 299 10.61 47.11 1.94
N LYS F 300 10.39 47.70 0.75
CA LYS F 300 9.03 48.00 0.32
C LYS F 300 8.21 46.73 0.15
N CYS F 301 8.81 45.69 -0.43
CA CYS F 301 8.11 44.41 -0.56
C CYS F 301 7.82 43.79 0.80
N THR F 302 8.80 43.80 1.70
CA THR F 302 8.62 43.17 3.01
C THR F 302 7.55 43.91 3.82
N LEU F 303 7.51 45.23 3.71
CA LEU F 303 6.50 46.01 4.41
C LEU F 303 5.17 46.07 3.69
N LYS F 304 5.10 45.58 2.44
CA LYS F 304 3.89 45.66 1.63
C LYS F 304 3.38 47.08 1.51
N SER F 305 4.29 48.01 1.21
CA SER F 305 3.93 49.41 1.06
C SER F 305 4.83 50.05 0.02
N PHE F 306 4.31 51.09 -0.64
CA PHE F 306 5.11 51.89 -1.55
C PHE F 306 5.79 53.06 -0.87
N THR F 307 5.50 53.29 0.41
CA THR F 307 6.18 54.30 1.22
C THR F 307 6.61 53.66 2.52
N VAL F 308 7.83 53.96 2.96
CA VAL F 308 8.39 53.41 4.18
C VAL F 308 8.81 54.55 5.09
N GLU F 309 8.45 54.45 6.35
CA GLU F 309 8.79 55.47 7.33
C GLU F 309 10.26 55.32 7.76
N LYS F 310 10.74 56.32 8.49
CA LYS F 310 12.11 56.27 9.00
C LYS F 310 12.26 55.11 9.96
N GLY F 311 13.33 54.34 9.79
CA GLY F 311 13.58 53.23 10.68
C GLY F 311 14.52 52.22 10.05
N ILE F 312 14.70 51.12 10.76
CA ILE F 312 15.54 50.01 10.32
C ILE F 312 14.65 48.77 10.21
N TYR F 313 14.72 48.08 9.08
CA TYR F 313 13.85 46.96 8.80
C TYR F 313 14.68 45.78 8.32
N GLN F 314 14.45 44.61 8.91
CA GLN F 314 15.08 43.39 8.41
C GLN F 314 14.32 42.89 7.19
N THR F 315 15.06 42.55 6.15
CA THR F 315 14.44 42.24 4.87
C THR F 315 14.69 40.79 4.47
N SER F 316 15.91 40.30 4.67
CA SER F 316 16.23 38.93 4.29
C SER F 316 17.44 38.41 5.05
N ASN F 317 18.02 37.31 4.58
CA ASN F 317 19.18 36.72 5.22
C ASN F 317 20.33 36.64 4.22
N PHE F 318 21.54 36.77 4.75
CA PHE F 318 22.78 36.63 4.00
C PHE F 318 23.44 35.32 4.40
N ARG F 319 23.77 34.49 3.41
CA ARG F 319 24.45 33.22 3.65
C ARG F 319 25.54 33.05 2.61
N VAL F 320 26.71 32.60 3.06
CA VAL F 320 27.75 32.19 2.12
C VAL F 320 27.51 30.75 1.69
N GLN F 321 27.95 30.42 0.49
CA GLN F 321 27.71 29.11 -0.10
C GLN F 321 29.02 28.35 -0.27
N PRO F 322 28.99 27.03 -0.09
CA PRO F 322 30.20 26.22 -0.25
C PRO F 322 30.62 26.15 -1.72
N THR F 323 31.92 25.91 -1.94
CA THR F 323 32.48 25.74 -3.28
C THR F 323 33.52 24.63 -3.24
N GLU F 324 33.56 23.82 -4.30
CA GLU F 324 34.59 22.79 -4.48
C GLU F 324 34.58 21.80 -3.33
N SER F 325 33.53 20.99 -3.22
CA SER F 325 33.40 19.99 -2.18
C SER F 325 34.61 19.08 -2.16
N ILE F 326 35.15 18.83 -0.97
CA ILE F 326 36.36 18.03 -0.79
C ILE F 326 36.05 16.81 0.04
N VAL F 327 36.80 15.73 -0.21
CA VAL F 327 36.67 14.49 0.55
C VAL F 327 38.07 13.97 0.85
N ARG F 328 38.27 13.47 2.07
CA ARG F 328 39.52 12.84 2.48
C ARG F 328 39.26 11.43 2.98
N PHE F 329 40.11 10.50 2.57
CA PHE F 329 40.05 9.10 3.00
C PHE F 329 41.48 8.59 3.18
N PRO F 330 41.70 7.52 3.95
CA PRO F 330 43.06 7.02 4.16
C PRO F 330 43.78 6.69 2.87
N ASN F 331 45.11 6.57 2.91
CA ASN F 331 45.89 6.44 1.69
C ASN F 331 45.77 5.07 1.03
N ILE F 332 44.55 4.74 0.58
CA ILE F 332 44.17 3.67 -0.34
C ILE F 332 44.61 2.29 0.15
N THR F 333 45.02 2.19 1.41
CA THR F 333 45.13 0.91 2.11
C THR F 333 45.92 -0.15 1.34
N ASN F 334 45.70 -1.41 1.69
CA ASN F 334 46.26 -2.55 0.98
C ASN F 334 45.47 -2.87 -0.28
N LEU F 335 46.18 -3.19 -1.37
CA LEU F 335 45.52 -3.54 -2.62
C LEU F 335 45.14 -5.02 -2.64
N CYS F 336 44.03 -5.33 -3.30
CA CYS F 336 43.54 -6.70 -3.34
C CYS F 336 44.21 -7.47 -4.46
N PRO F 337 44.64 -8.72 -4.20
CA PRO F 337 45.47 -9.46 -5.17
C PRO F 337 44.70 -9.98 -6.37
N PHE F 338 44.44 -9.08 -7.34
CA PHE F 338 43.94 -9.53 -8.63
C PHE F 338 45.06 -9.88 -9.58
N GLY F 339 46.26 -9.32 -9.34
CA GLY F 339 47.38 -9.60 -10.23
C GLY F 339 47.75 -11.07 -10.27
N GLU F 340 47.69 -11.74 -9.13
CA GLU F 340 48.02 -13.16 -9.09
C GLU F 340 47.02 -14.00 -9.86
N VAL F 341 45.72 -13.80 -9.58
CA VAL F 341 44.70 -14.63 -10.22
C VAL F 341 44.63 -14.33 -11.71
N PHE F 342 44.81 -13.07 -12.09
CA PHE F 342 44.58 -12.67 -13.47
C PHE F 342 45.73 -13.08 -14.38
N ASN F 343 46.98 -12.84 -13.95
CA ASN F 343 48.14 -13.09 -14.79
C ASN F 343 49.19 -13.94 -14.11
N ALA F 344 48.78 -15.08 -13.53
CA ALA F 344 49.72 -16.07 -13.03
C ALA F 344 50.31 -16.87 -14.17
N THR F 345 51.01 -17.97 -13.85
CA THR F 345 51.71 -18.76 -14.85
C THR F 345 50.83 -19.89 -15.38
N ARG F 346 50.35 -20.77 -14.51
CA ARG F 346 49.59 -21.94 -14.94
C ARG F 346 48.16 -21.85 -14.43
N PHE F 347 47.19 -22.04 -15.34
CA PHE F 347 45.79 -22.09 -14.97
C PHE F 347 45.36 -23.54 -14.81
N ALA F 348 44.08 -23.78 -14.57
CA ALA F 348 43.53 -25.12 -14.42
C ALA F 348 42.46 -25.35 -15.48
N SER F 349 42.36 -26.61 -15.93
CA SER F 349 41.39 -26.96 -16.94
C SER F 349 39.97 -26.89 -16.36
N VAL F 350 38.99 -26.77 -17.25
CA VAL F 350 37.62 -26.51 -16.84
C VAL F 350 36.99 -27.67 -16.08
N TYR F 351 37.52 -28.90 -16.21
CA TYR F 351 36.94 -30.00 -15.47
C TYR F 351 37.11 -29.82 -13.97
N ALA F 352 38.19 -29.15 -13.56
CA ALA F 352 38.38 -28.74 -12.16
C ALA F 352 38.76 -27.27 -12.19
N TRP F 353 37.74 -26.40 -12.20
CA TRP F 353 37.95 -24.96 -12.29
C TRP F 353 38.50 -24.47 -10.95
N ASN F 354 39.56 -23.67 -10.99
CA ASN F 354 40.16 -23.21 -9.74
C ASN F 354 39.30 -22.10 -9.14
N ARG F 355 39.17 -22.10 -7.81
CA ARG F 355 38.37 -21.10 -7.12
C ARG F 355 39.22 -20.45 -6.01
N LYS F 356 39.46 -19.16 -6.15
CA LYS F 356 40.13 -18.39 -5.11
C LYS F 356 39.17 -17.37 -4.50
N ARG F 357 39.04 -17.38 -3.19
CA ARG F 357 38.23 -16.39 -2.50
C ARG F 357 39.11 -15.22 -2.08
N ILE F 358 38.51 -14.03 -2.12
CA ILE F 358 39.20 -12.80 -1.72
C ILE F 358 38.27 -11.97 -0.85
N SER F 359 38.83 -11.39 0.20
CA SER F 359 38.10 -10.60 1.18
C SER F 359 39.10 -9.68 1.87
N ASN F 360 38.57 -8.73 2.64
CA ASN F 360 39.38 -7.81 3.44
C ASN F 360 40.38 -7.05 2.57
N CYS F 361 39.90 -6.56 1.43
CA CYS F 361 40.83 -5.94 0.49
C CYS F 361 40.14 -4.85 -0.30
N VAL F 362 40.96 -3.99 -0.90
CA VAL F 362 40.50 -2.92 -1.77
C VAL F 362 40.67 -3.38 -3.22
N ALA F 363 39.56 -3.49 -3.93
CA ALA F 363 39.50 -4.01 -5.29
C ALA F 363 39.40 -2.86 -6.26
N ASP F 364 40.36 -2.78 -7.20
CA ASP F 364 40.40 -1.73 -8.20
C ASP F 364 39.97 -2.31 -9.54
N TYR F 365 38.65 -2.31 -9.78
CA TYR F 365 38.14 -2.84 -11.04
C TYR F 365 38.44 -1.92 -12.21
N SER F 366 38.74 -0.64 -11.90
CA SER F 366 39.03 0.33 -12.95
C SER F 366 40.23 -0.11 -13.78
N VAL F 367 41.27 -0.62 -13.11
CA VAL F 367 42.42 -1.16 -13.82
C VAL F 367 41.98 -2.29 -14.74
N LEU F 368 40.93 -3.01 -14.36
CA LEU F 368 40.47 -4.13 -15.17
C LEU F 368 39.75 -3.66 -16.43
N TYR F 369 38.67 -2.89 -16.28
CA TYR F 369 37.93 -2.56 -17.50
C TYR F 369 38.65 -1.50 -18.33
N ASN F 370 39.64 -0.80 -17.75
CA ASN F 370 40.45 0.11 -18.55
C ASN F 370 41.42 -0.65 -19.45
N SER F 371 41.84 -1.84 -19.03
CA SER F 371 42.80 -2.62 -19.82
C SER F 371 42.16 -3.10 -21.12
N ALA F 372 42.87 -2.91 -22.23
CA ALA F 372 42.36 -3.24 -23.55
C ALA F 372 42.76 -4.64 -24.02
N SER F 373 43.54 -5.38 -23.24
CA SER F 373 43.97 -6.72 -23.62
C SER F 373 42.92 -7.78 -23.35
N PHE F 374 41.65 -7.41 -23.20
CA PHE F 374 40.63 -8.31 -22.68
C PHE F 374 39.55 -8.50 -23.75
N SER F 375 39.32 -9.77 -24.13
CA SER F 375 38.41 -10.05 -25.23
C SER F 375 36.95 -9.82 -24.83
N THR F 376 36.55 -10.33 -23.68
CA THR F 376 35.16 -10.25 -23.24
C THR F 376 35.09 -9.75 -21.80
N PHE F 377 34.30 -8.70 -21.61
CA PHE F 377 34.09 -8.11 -20.28
C PHE F 377 32.60 -7.96 -20.04
N LYS F 378 31.82 -8.98 -20.37
CA LYS F 378 30.40 -8.92 -20.11
C LYS F 378 30.13 -9.07 -18.62
N CYS F 379 29.29 -8.19 -18.09
CA CYS F 379 29.02 -8.11 -16.65
C CYS F 379 27.52 -8.30 -16.42
N TYR F 380 27.17 -9.21 -15.52
CA TYR F 380 25.78 -9.57 -15.27
C TYR F 380 25.38 -9.10 -13.88
N GLY F 381 24.22 -8.46 -13.78
CA GLY F 381 23.69 -8.05 -12.50
C GLY F 381 24.07 -6.64 -12.10
N VAL F 382 25.36 -6.31 -12.17
CA VAL F 382 25.86 -5.01 -11.74
C VAL F 382 26.49 -4.28 -12.92
N SER F 383 26.42 -2.95 -12.87
CA SER F 383 27.00 -2.15 -13.93
C SER F 383 28.53 -2.23 -13.88
N PRO F 384 29.19 -2.35 -15.03
CA PRO F 384 30.67 -2.43 -15.01
C PRO F 384 31.32 -1.18 -14.47
N THR F 385 30.75 0.00 -14.73
CA THR F 385 31.36 1.24 -14.24
C THR F 385 31.11 1.45 -12.76
N LYS F 386 29.97 0.98 -12.23
CA LYS F 386 29.62 1.15 -10.84
C LYS F 386 30.24 0.10 -9.93
N LEU F 387 31.10 -0.77 -10.47
CA LEU F 387 31.66 -1.86 -9.67
C LEU F 387 32.47 -1.33 -8.48
N ASN F 388 33.25 -0.27 -8.71
CA ASN F 388 34.02 0.32 -7.62
C ASN F 388 33.14 0.93 -6.54
N ASP F 389 31.87 1.21 -6.85
CA ASP F 389 31.02 1.92 -5.89
C ASP F 389 30.57 1.00 -4.75
N LEU F 390 30.22 -0.24 -5.06
CA LEU F 390 29.57 -1.11 -4.09
C LEU F 390 30.57 -2.01 -3.37
N CYS F 391 30.26 -2.31 -2.11
CA CYS F 391 31.08 -3.19 -1.28
C CYS F 391 30.33 -4.51 -1.10
N PHE F 392 31.06 -5.61 -1.23
CA PHE F 392 30.48 -6.94 -1.10
C PHE F 392 31.18 -7.72 0.00
N THR F 393 30.53 -8.77 0.48
CA THR F 393 31.08 -9.57 1.57
C THR F 393 32.36 -10.29 1.13
N ASN F 394 32.31 -10.96 -0.03
CA ASN F 394 33.49 -11.66 -0.53
C ASN F 394 33.37 -11.83 -2.04
N VAL F 395 34.50 -12.11 -2.69
CA VAL F 395 34.54 -12.27 -4.14
C VAL F 395 35.22 -13.60 -4.46
N TYR F 396 34.57 -14.42 -5.27
CA TYR F 396 35.11 -15.70 -5.70
C TYR F 396 35.55 -15.59 -7.16
N ALA F 397 36.84 -15.81 -7.40
CA ALA F 397 37.39 -15.84 -8.75
C ALA F 397 37.54 -17.28 -9.18
N ASP F 398 36.79 -17.68 -10.19
CA ASP F 398 36.88 -19.02 -10.76
C ASP F 398 37.63 -18.96 -12.09
N SER F 399 38.80 -19.59 -12.12
CA SER F 399 39.71 -19.52 -13.26
C SER F 399 39.69 -20.82 -14.02
N PHE F 400 39.70 -20.70 -15.36
CA PHE F 400 39.83 -21.84 -16.26
C PHE F 400 40.20 -21.32 -17.64
N VAL F 401 40.34 -22.25 -18.58
CA VAL F 401 40.65 -21.94 -19.97
C VAL F 401 39.65 -22.66 -20.86
N ILE F 402 39.12 -21.95 -21.86
CA ILE F 402 38.03 -22.44 -22.69
C ILE F 402 38.42 -22.22 -24.15
N ARG F 403 37.74 -22.92 -25.06
CA ARG F 403 37.87 -22.62 -26.47
C ARG F 403 37.27 -21.25 -26.76
N GLY F 404 37.82 -20.59 -27.79
CA GLY F 404 37.33 -19.25 -28.13
C GLY F 404 35.87 -19.24 -28.50
N ASP F 405 35.42 -20.22 -29.28
CA ASP F 405 34.01 -20.28 -29.67
C ASP F 405 33.12 -20.54 -28.47
N GLU F 406 33.56 -21.37 -27.54
CA GLU F 406 32.76 -21.77 -26.39
C GLU F 406 32.77 -20.76 -25.25
N VAL F 407 33.50 -19.65 -25.41
CA VAL F 407 33.52 -18.62 -24.36
C VAL F 407 32.13 -18.06 -24.13
N ARG F 408 31.34 -17.92 -25.19
CA ARG F 408 29.97 -17.44 -25.04
C ARG F 408 29.12 -18.42 -24.25
N GLN F 409 29.56 -19.68 -24.14
CA GLN F 409 28.81 -20.66 -23.36
C GLN F 409 28.83 -20.33 -21.88
N ILE F 410 29.84 -19.60 -21.41
CA ILE F 410 29.93 -19.22 -20.01
C ILE F 410 29.07 -17.98 -19.79
N ALA F 411 27.79 -18.19 -19.52
CA ALA F 411 26.84 -17.11 -19.33
C ALA F 411 25.56 -17.70 -18.76
N PRO F 412 24.83 -16.95 -17.95
CA PRO F 412 23.54 -17.43 -17.44
C PRO F 412 22.57 -17.69 -18.58
N GLY F 413 22.00 -18.89 -18.59
CA GLY F 413 21.01 -19.26 -19.58
C GLY F 413 21.55 -19.88 -20.86
N GLN F 414 22.64 -20.64 -20.79
CA GLN F 414 23.23 -21.28 -21.96
C GLN F 414 23.51 -22.74 -21.66
N THR F 415 23.48 -23.54 -22.72
CA THR F 415 23.73 -24.98 -22.63
C THR F 415 24.82 -25.39 -23.61
N GLY F 416 25.47 -26.52 -23.32
CA GLY F 416 26.53 -27.01 -24.15
C GLY F 416 27.42 -28.02 -23.43
N LYS F 417 28.49 -28.45 -24.09
CA LYS F 417 29.40 -29.41 -23.47
C LYS F 417 30.06 -28.86 -22.22
N ILE F 418 30.50 -27.59 -22.26
CA ILE F 418 31.13 -27.00 -21.09
C ILE F 418 30.09 -26.43 -20.13
N ALA F 419 29.05 -25.77 -20.65
CA ALA F 419 28.08 -25.10 -19.79
C ALA F 419 27.26 -26.10 -18.98
N ASP F 420 26.83 -27.21 -19.57
CA ASP F 420 25.91 -28.11 -18.88
C ASP F 420 26.64 -29.18 -18.08
N TYR F 421 27.92 -29.42 -18.37
CA TYR F 421 28.68 -30.46 -17.71
C TYR F 421 29.90 -29.94 -16.95
N ASN F 422 30.74 -29.13 -17.60
CA ASN F 422 31.98 -28.71 -16.97
C ASN F 422 31.74 -27.62 -15.93
N TYR F 423 31.23 -26.47 -16.34
CA TYR F 423 31.02 -25.36 -15.43
C TYR F 423 29.69 -24.71 -15.73
N LYS F 424 28.93 -24.40 -14.68
CA LYS F 424 27.59 -23.82 -14.83
C LYS F 424 27.43 -22.66 -13.86
N LEU F 425 26.80 -21.53 -14.35
CA LEU F 425 26.39 -20.35 -13.63
C LEU F 425 24.88 -20.38 -13.34
N PRO F 426 24.43 -19.75 -12.28
CA PRO F 426 23.00 -19.69 -11.99
C PRO F 426 22.26 -18.81 -12.99
N ASP F 427 20.94 -19.01 -13.05
CA ASP F 427 20.10 -18.13 -13.85
C ASP F 427 20.15 -16.70 -13.30
N ASP F 428 20.14 -16.55 -11.99
CA ASP F 428 20.32 -15.26 -11.33
C ASP F 428 21.78 -15.17 -10.89
N PHE F 429 22.59 -14.47 -11.67
CA PHE F 429 24.03 -14.37 -11.44
C PHE F 429 24.42 -12.91 -11.32
N THR F 430 25.22 -12.59 -10.30
CA THR F 430 25.80 -11.26 -10.14
C THR F 430 27.32 -11.38 -10.27
N GLY F 431 27.89 -10.60 -11.18
CA GLY F 431 29.33 -10.63 -11.37
C GLY F 431 29.69 -10.28 -12.79
N CYS F 432 30.90 -10.69 -13.18
CA CYS F 432 31.42 -10.42 -14.51
C CYS F 432 32.13 -11.67 -15.01
N VAL F 433 32.22 -11.80 -16.33
CA VAL F 433 32.93 -12.92 -16.94
C VAL F 433 34.10 -12.40 -17.76
N ILE F 434 35.28 -12.38 -17.13
CA ILE F 434 36.50 -11.89 -17.77
C ILE F 434 37.01 -12.96 -18.71
N ALA F 435 37.31 -12.57 -19.95
CA ALA F 435 37.89 -13.51 -20.90
C ALA F 435 38.92 -12.78 -21.75
N TRP F 436 40.11 -13.37 -21.90
CA TRP F 436 41.12 -12.79 -22.77
C TRP F 436 41.77 -13.87 -23.61
N ASN F 437 42.09 -13.53 -24.86
CA ASN F 437 42.81 -14.45 -25.72
C ASN F 437 44.24 -14.64 -25.20
N SER F 438 44.66 -15.90 -25.10
CA SER F 438 45.98 -16.25 -24.59
C SER F 438 46.57 -17.32 -25.51
N ASN F 439 46.46 -17.10 -26.82
CA ASN F 439 46.90 -18.10 -27.78
C ASN F 439 48.39 -18.37 -27.66
N ASN F 440 49.21 -17.32 -27.59
CA ASN F 440 50.66 -17.53 -27.60
C ASN F 440 51.17 -18.03 -26.26
N LEU F 441 50.49 -17.69 -25.15
CA LEU F 441 50.90 -18.26 -23.86
C LEU F 441 50.60 -19.75 -23.79
N ASP F 442 49.38 -20.15 -24.13
CA ASP F 442 48.88 -21.49 -23.82
C ASP F 442 48.98 -22.46 -24.98
N SER F 443 49.58 -22.07 -26.10
CA SER F 443 49.75 -22.96 -27.24
C SER F 443 51.23 -23.10 -27.55
N LYS F 444 51.70 -24.35 -27.63
CA LYS F 444 53.07 -24.66 -27.98
C LYS F 444 53.10 -25.37 -29.33
N VAL F 445 54.27 -25.35 -29.97
CA VAL F 445 54.43 -26.01 -31.26
C VAL F 445 54.14 -27.49 -31.09
N GLY F 446 53.28 -28.02 -31.96
CA GLY F 446 52.78 -29.36 -31.80
C GLY F 446 51.58 -29.48 -30.89
N GLY F 447 51.06 -28.37 -30.37
CA GLY F 447 49.86 -28.39 -29.56
C GLY F 447 50.14 -28.62 -28.10
N ASN F 448 49.07 -28.48 -27.31
CA ASN F 448 49.09 -28.75 -25.88
C ASN F 448 47.87 -29.60 -25.53
N TYR F 449 48.10 -30.65 -24.74
CA TYR F 449 47.05 -31.61 -24.44
C TYR F 449 46.85 -31.78 -22.94
N ASN F 450 47.52 -30.97 -22.12
CA ASN F 450 47.32 -31.05 -20.67
C ASN F 450 45.99 -30.44 -20.23
N TYR F 451 45.40 -29.58 -21.04
CA TYR F 451 44.08 -29.03 -20.77
C TYR F 451 43.01 -29.90 -21.40
N LEU F 452 42.10 -30.40 -20.56
CA LEU F 452 41.08 -31.35 -20.97
C LEU F 452 39.76 -30.99 -20.31
N TYR F 453 38.65 -31.41 -20.93
CA TYR F 453 37.33 -31.05 -20.46
C TYR F 453 36.46 -32.29 -20.35
N ARG F 454 35.40 -32.16 -19.54
CA ARG F 454 34.41 -33.20 -19.38
C ARG F 454 33.36 -33.09 -20.47
N LEU F 455 33.25 -34.14 -21.30
CA LEU F 455 32.24 -34.20 -22.34
C LEU F 455 30.88 -34.65 -21.83
N PHE F 456 30.84 -35.70 -21.02
CA PHE F 456 29.61 -36.40 -20.67
C PHE F 456 29.48 -36.49 -19.16
N ARG F 457 28.31 -36.12 -18.65
CA ARG F 457 27.99 -36.27 -17.23
C ARG F 457 26.54 -36.70 -17.13
N LYS F 458 26.25 -37.58 -16.16
CA LYS F 458 24.90 -38.15 -16.06
C LYS F 458 23.86 -37.08 -15.81
N SER F 459 24.14 -36.14 -14.91
CA SER F 459 23.20 -35.09 -14.55
C SER F 459 23.85 -33.73 -14.78
N ASN F 460 23.05 -32.79 -15.29
CA ASN F 460 23.53 -31.42 -15.45
C ASN F 460 23.89 -30.84 -14.08
N LEU F 461 25.15 -30.47 -13.92
CA LEU F 461 25.66 -30.07 -12.62
C LEU F 461 24.97 -28.79 -12.13
N LYS F 462 24.84 -28.69 -10.81
CA LYS F 462 24.26 -27.52 -10.19
C LYS F 462 25.20 -26.33 -10.33
N PRO F 463 24.67 -25.11 -10.19
CA PRO F 463 25.55 -23.93 -10.28
C PRO F 463 26.68 -23.99 -9.27
N PHE F 464 27.87 -23.58 -9.71
CA PHE F 464 29.09 -23.62 -8.90
C PHE F 464 29.32 -25.01 -8.30
N GLU F 465 29.35 -26.01 -9.18
CA GLU F 465 29.66 -27.37 -8.80
C GLU F 465 30.91 -27.83 -9.51
N ARG F 466 31.71 -28.64 -8.82
CA ARG F 466 32.96 -29.17 -9.37
C ARG F 466 32.95 -30.69 -9.24
N ASP F 467 33.13 -31.37 -10.36
CA ASP F 467 33.12 -32.82 -10.41
C ASP F 467 34.45 -33.30 -11.01
N ILE F 468 35.40 -33.64 -10.13
CA ILE F 468 36.70 -34.14 -10.57
C ILE F 468 36.74 -35.65 -10.63
N SER F 469 35.68 -36.33 -10.20
CA SER F 469 35.64 -37.78 -10.20
C SER F 469 35.80 -38.32 -11.61
N THR F 470 36.89 -39.04 -11.85
CA THR F 470 37.19 -39.61 -13.16
C THR F 470 36.54 -40.99 -13.29
N GLU F 471 35.20 -40.99 -13.24
CA GLU F 471 34.42 -42.21 -13.38
C GLU F 471 33.99 -42.39 -14.82
N ILE F 472 34.32 -43.54 -15.40
CA ILE F 472 34.07 -43.77 -16.82
C ILE F 472 32.57 -43.95 -17.07
N TYR F 473 32.09 -43.32 -18.13
CA TYR F 473 30.66 -43.16 -18.38
C TYR F 473 29.97 -44.49 -18.66
N GLN F 474 28.76 -44.66 -18.11
CA GLN F 474 27.92 -45.81 -18.47
C GLN F 474 27.55 -45.76 -19.95
N ALA F 475 26.78 -44.73 -20.33
CA ALA F 475 26.33 -44.55 -21.72
C ALA F 475 25.66 -45.80 -22.26
N GLY F 476 24.80 -46.40 -21.46
CA GLY F 476 24.07 -47.59 -21.85
C GLY F 476 23.81 -48.47 -20.64
N SER F 477 23.26 -49.65 -20.93
CA SER F 477 22.90 -50.62 -19.90
C SER F 477 24.04 -51.56 -19.55
N THR F 478 25.14 -51.54 -20.29
CA THR F 478 26.23 -52.46 -20.01
C THR F 478 26.98 -52.03 -18.76
N PRO F 479 27.37 -52.97 -17.90
CA PRO F 479 28.17 -52.62 -16.72
C PRO F 479 29.59 -52.25 -17.11
N CYS F 480 30.12 -51.21 -16.47
CA CYS F 480 31.47 -50.77 -16.76
C CYS F 480 32.52 -51.66 -16.11
N ASN F 481 32.43 -51.86 -14.79
CA ASN F 481 33.43 -52.60 -14.04
C ASN F 481 34.80 -51.97 -14.20
N GLY F 482 34.84 -50.65 -14.42
CA GLY F 482 36.09 -49.91 -14.47
C GLY F 482 36.92 -50.08 -15.73
N VAL F 483 36.33 -50.60 -16.80
CA VAL F 483 37.05 -50.80 -18.06
C VAL F 483 36.30 -50.13 -19.20
N GLU F 484 37.06 -49.52 -20.11
CA GLU F 484 36.49 -48.80 -21.24
C GLU F 484 36.07 -49.77 -22.35
N GLY F 485 34.77 -49.82 -22.64
CA GLY F 485 34.26 -50.65 -23.70
C GLY F 485 33.70 -49.83 -24.84
N PHE F 486 32.93 -50.49 -25.70
CA PHE F 486 32.19 -49.76 -26.74
C PHE F 486 31.20 -48.80 -26.11
N ASN F 487 30.47 -49.26 -25.09
CA ASN F 487 29.44 -48.44 -24.50
C ASN F 487 29.96 -47.64 -23.31
N CYS F 488 30.97 -48.17 -22.62
CA CYS F 488 31.52 -47.54 -21.43
C CYS F 488 32.90 -46.99 -21.76
N TYR F 489 33.17 -45.76 -21.35
CA TYR F 489 34.31 -44.99 -21.82
C TYR F 489 34.49 -43.69 -21.04
N PHE F 490 35.68 -43.13 -21.17
CA PHE F 490 36.15 -42.06 -20.31
C PHE F 490 35.33 -40.78 -20.51
N PRO F 491 35.13 -39.99 -19.45
CA PRO F 491 34.38 -38.74 -19.59
C PRO F 491 35.23 -37.51 -19.88
N LEU F 492 36.55 -37.60 -19.80
CA LEU F 492 37.45 -36.46 -19.96
C LEU F 492 38.26 -36.62 -21.23
N GLN F 493 38.35 -35.56 -22.02
CA GLN F 493 39.09 -35.59 -23.28
C GLN F 493 39.76 -34.24 -23.52
N SER F 494 40.95 -34.27 -24.11
CA SER F 494 41.79 -33.09 -24.23
C SER F 494 41.26 -32.12 -25.28
N TYR F 495 41.59 -30.84 -25.10
CA TYR F 495 41.13 -29.81 -26.04
C TYR F 495 41.79 -29.97 -27.41
N GLY F 496 43.11 -29.86 -27.46
CA GLY F 496 43.84 -29.74 -28.71
C GLY F 496 44.24 -28.30 -28.96
N PHE F 497 45.51 -27.99 -28.73
CA PHE F 497 45.99 -26.61 -28.71
C PHE F 497 47.09 -26.35 -29.74
N GLN F 498 46.88 -26.80 -30.97
CA GLN F 498 47.86 -26.55 -32.02
C GLN F 498 48.01 -25.05 -32.25
N PRO F 499 49.23 -24.55 -32.42
CA PRO F 499 49.40 -23.09 -32.62
C PRO F 499 48.68 -22.56 -33.85
N THR F 500 48.59 -23.35 -34.90
CA THR F 500 47.88 -22.95 -36.12
C THR F 500 46.45 -23.49 -36.04
N ASN F 501 45.53 -22.64 -35.57
CA ASN F 501 44.12 -23.02 -35.43
C ASN F 501 43.27 -21.80 -35.70
N GLY F 502 41.98 -22.03 -35.93
CA GLY F 502 41.04 -20.95 -36.04
C GLY F 502 40.89 -20.21 -34.72
N VAL F 503 40.41 -18.97 -34.82
CA VAL F 503 40.32 -18.10 -33.64
C VAL F 503 39.44 -18.73 -32.58
N GLY F 504 38.34 -19.37 -33.00
CA GLY F 504 37.49 -20.05 -32.04
C GLY F 504 38.19 -21.21 -31.35
N TYR F 505 39.14 -21.83 -32.04
CA TYR F 505 39.85 -22.97 -31.44
C TYR F 505 40.98 -22.50 -30.52
N GLN F 506 41.36 -21.22 -30.61
CA GLN F 506 42.46 -20.71 -29.80
C GLN F 506 42.03 -20.63 -28.33
N PRO F 507 42.96 -20.77 -27.39
CA PRO F 507 42.59 -20.72 -25.98
C PRO F 507 42.24 -19.32 -25.52
N TYR F 508 41.11 -19.21 -24.81
CA TYR F 508 40.72 -18.00 -24.10
C TYR F 508 40.76 -18.31 -22.61
N ARG F 509 41.58 -17.58 -21.87
CA ARG F 509 41.59 -17.71 -20.43
C ARG F 509 40.41 -16.94 -19.88
N VAL F 510 39.52 -17.65 -19.16
CA VAL F 510 38.28 -17.10 -18.67
C VAL F 510 38.25 -17.24 -17.16
N VAL F 511 38.07 -16.13 -16.47
CA VAL F 511 37.89 -16.10 -15.02
C VAL F 511 36.57 -15.39 -14.73
N VAL F 512 35.75 -16.01 -13.90
CA VAL F 512 34.46 -15.41 -13.55
C VAL F 512 34.52 -14.91 -12.11
N LEU F 513 34.11 -13.66 -11.91
CA LEU F 513 34.03 -13.11 -10.57
C LEU F 513 32.60 -13.17 -10.05
N SER F 514 32.41 -13.86 -8.95
CA SER F 514 31.12 -13.94 -8.27
C SER F 514 31.20 -13.13 -6.99
N PHE F 515 30.42 -12.05 -6.93
CA PHE F 515 30.41 -11.17 -5.77
C PHE F 515 29.29 -11.61 -4.84
N GLU F 516 29.65 -12.28 -3.76
CA GLU F 516 28.67 -12.79 -2.81
C GLU F 516 28.58 -11.84 -1.62
N LEU F 517 27.35 -11.45 -1.29
CA LEU F 517 27.06 -10.52 -0.19
C LEU F 517 26.26 -11.31 0.84
N LEU F 518 26.90 -11.65 1.95
CA LEU F 518 26.24 -12.37 3.03
C LEU F 518 25.83 -11.40 4.13
N HIS F 519 25.33 -11.97 5.23
CA HIS F 519 24.93 -11.15 6.37
C HIS F 519 26.14 -10.59 7.10
N ALA F 520 27.32 -11.18 6.86
CA ALA F 520 28.54 -10.68 7.46
C ALA F 520 28.89 -9.31 6.87
N PRO F 521 29.64 -8.47 7.61
CA PRO F 521 30.02 -7.16 7.08
C PRO F 521 30.84 -7.26 5.79
N ALA F 522 30.60 -6.34 4.86
CA ALA F 522 31.34 -6.33 3.61
C ALA F 522 32.80 -5.99 3.86
N THR F 523 33.70 -6.73 3.21
CA THR F 523 35.13 -6.54 3.39
C THR F 523 35.87 -6.25 2.10
N VAL F 524 35.25 -6.47 0.94
CA VAL F 524 35.84 -6.14 -0.35
C VAL F 524 35.27 -4.79 -0.77
N CYS F 525 36.13 -3.77 -0.84
CA CYS F 525 35.66 -2.43 -1.14
C CYS F 525 36.55 -1.78 -2.19
N GLY F 526 35.95 -0.92 -3.00
CA GLY F 526 36.65 -0.25 -4.06
C GLY F 526 37.26 1.07 -3.62
N PRO F 527 38.15 1.62 -4.44
CA PRO F 527 38.69 2.95 -4.15
C PRO F 527 37.60 4.01 -4.20
N LYS F 528 37.76 5.03 -3.35
CA LYS F 528 36.72 6.05 -3.23
C LYS F 528 37.07 7.20 -4.17
N LYS F 529 38.17 7.94 -3.92
CA LYS F 529 38.69 9.11 -4.67
C LYS F 529 39.16 10.17 -3.69
N SER F 530 40.35 10.00 -3.11
CA SER F 530 40.89 11.02 -2.23
C SER F 530 41.24 12.29 -3.01
N THR F 531 41.08 13.43 -2.36
CA THR F 531 41.39 14.73 -2.95
C THR F 531 42.21 15.54 -1.97
N ASN F 532 42.57 16.75 -2.38
CA ASN F 532 43.40 17.62 -1.55
C ASN F 532 42.56 18.43 -0.58
N LEU F 533 43.24 19.11 0.35
CA LEU F 533 42.56 19.88 1.38
C LEU F 533 42.70 21.37 1.12
N VAL F 534 41.60 22.12 1.33
CA VAL F 534 41.60 23.57 1.25
C VAL F 534 41.13 24.12 2.59
N LYS F 535 41.92 25.01 3.18
CA LYS F 535 41.72 25.36 4.58
C LYS F 535 40.67 26.43 4.81
N ASN F 536 40.91 27.65 4.33
CA ASN F 536 40.12 28.81 4.75
C ASN F 536 39.09 29.21 3.70
N LYS F 537 38.12 28.32 3.48
CA LYS F 537 37.02 28.58 2.57
C LYS F 537 35.76 27.94 3.12
N CYS F 538 34.61 28.54 2.78
CA CYS F 538 33.33 27.91 3.03
C CYS F 538 33.16 26.78 2.04
N VAL F 539 33.23 25.54 2.51
CA VAL F 539 33.27 24.39 1.61
C VAL F 539 32.35 23.28 2.12
N ASN F 540 32.11 22.30 1.25
CA ASN F 540 31.45 21.05 1.62
C ASN F 540 32.53 20.01 1.87
N PHE F 541 32.43 19.30 2.99
CA PHE F 541 33.43 18.30 3.32
C PHE F 541 32.77 16.98 3.66
N ASN F 542 33.44 15.89 3.28
CA ASN F 542 33.04 14.54 3.63
C ASN F 542 34.28 13.78 4.10
N PHE F 543 34.55 13.87 5.40
CA PHE F 543 35.70 13.20 6.00
C PHE F 543 35.28 11.83 6.51
N ASN F 544 35.58 10.78 5.74
CA ASN F 544 35.29 9.40 6.14
C ASN F 544 33.84 9.20 6.54
N GLY F 545 32.92 9.73 5.73
CA GLY F 545 31.52 9.64 6.02
C GLY F 545 30.94 10.75 6.87
N LEU F 546 31.79 11.63 7.40
CA LEU F 546 31.33 12.80 8.14
C LEU F 546 31.09 13.94 7.16
N THR F 547 29.82 14.25 6.92
CA THR F 547 29.43 15.21 5.90
C THR F 547 29.00 16.51 6.56
N GLY F 548 29.50 17.63 6.06
CA GLY F 548 29.13 18.92 6.63
C GLY F 548 29.57 20.08 5.77
N THR F 549 29.29 21.28 6.27
CA THR F 549 29.60 22.53 5.61
C THR F 549 30.37 23.43 6.55
N GLY F 550 31.32 24.18 6.00
CA GLY F 550 32.01 25.15 6.81
C GLY F 550 33.43 25.49 6.42
N VAL F 551 34.15 26.15 7.33
CA VAL F 551 35.51 26.61 7.11
C VAL F 551 36.44 25.81 8.02
N LEU F 552 37.52 25.30 7.44
CA LEU F 552 38.41 24.33 8.09
C LEU F 552 39.75 25.01 8.39
N THR F 553 39.84 25.61 9.57
CA THR F 553 41.09 26.20 10.02
C THR F 553 42.02 25.12 10.55
N GLU F 554 43.32 25.39 10.55
CA GLU F 554 44.25 24.50 11.23
C GLU F 554 44.21 24.76 12.72
N SER F 555 43.97 23.70 13.49
CA SER F 555 43.60 23.82 14.90
C SER F 555 44.71 23.28 15.78
N ASN F 556 44.71 23.75 17.03
CA ASN F 556 45.64 23.29 18.06
C ASN F 556 45.00 22.31 19.03
N LYS F 557 43.80 21.80 18.72
CA LYS F 557 43.21 20.76 19.53
C LYS F 557 44.14 19.54 19.57
N LYS F 558 44.26 18.95 20.75
CA LYS F 558 45.14 17.80 20.95
C LYS F 558 44.27 16.56 21.10
N PHE F 559 43.92 15.95 19.97
CA PHE F 559 43.13 14.74 19.99
C PHE F 559 43.99 13.56 20.46
N LEU F 560 43.35 12.60 21.12
CA LEU F 560 44.00 11.36 21.44
C LEU F 560 44.10 10.50 20.18
N PRO F 561 45.11 9.63 20.10
CA PRO F 561 45.37 8.93 18.82
C PRO F 561 44.19 8.11 18.31
N PHE F 562 43.37 7.55 19.18
CA PHE F 562 42.25 6.73 18.71
C PHE F 562 41.11 7.58 18.15
N GLN F 563 40.98 8.82 18.61
CA GLN F 563 39.85 9.65 18.21
C GLN F 563 39.99 10.09 16.75
N GLN F 564 38.85 10.40 16.12
CA GLN F 564 38.81 10.80 14.73
C GLN F 564 38.21 12.18 14.50
N PHE F 565 37.39 12.68 15.43
CA PHE F 565 36.87 14.03 15.34
C PHE F 565 36.33 14.45 16.70
N GLY F 566 36.12 15.75 16.87
CA GLY F 566 35.77 16.32 18.15
C GLY F 566 34.48 17.11 18.10
N ARG F 567 33.64 16.89 19.10
CA ARG F 567 32.34 17.52 19.23
C ARG F 567 32.38 18.51 20.39
N ASP F 568 31.42 19.42 20.40
CA ASP F 568 31.30 20.40 21.47
C ASP F 568 30.04 20.12 22.29
N ILE F 569 29.75 21.04 23.21
CA ILE F 569 28.48 21.00 23.93
C ILE F 569 27.35 21.19 22.93
N ALA F 570 26.20 20.55 23.20
CA ALA F 570 25.03 20.46 22.34
C ALA F 570 25.32 19.61 21.10
N ASP F 571 26.45 18.90 21.09
CA ASP F 571 26.76 17.90 20.06
C ASP F 571 26.76 18.50 18.66
N THR F 572 27.70 19.41 18.42
CA THR F 572 27.99 19.91 17.09
C THR F 572 29.45 19.61 16.75
N THR F 573 29.67 18.98 15.61
CA THR F 573 31.02 18.62 15.19
C THR F 573 31.81 19.89 14.91
N ASP F 574 32.74 20.23 15.80
CA ASP F 574 33.53 21.44 15.66
C ASP F 574 35.03 21.16 15.51
N ALA F 575 35.43 19.90 15.32
CA ALA F 575 36.81 19.62 14.95
C ALA F 575 36.87 18.23 14.32
N VAL F 576 37.95 17.99 13.58
CA VAL F 576 38.12 16.71 12.88
C VAL F 576 39.57 16.54 12.48
N ARG F 577 40.04 15.30 12.45
CA ARG F 577 41.38 14.99 11.93
C ARG F 577 41.24 14.29 10.58
N ASP F 578 41.98 14.78 9.60
CA ASP F 578 41.87 14.21 8.26
C ASP F 578 42.52 12.82 8.21
N PRO F 579 41.90 11.87 7.49
CA PRO F 579 42.47 10.51 7.42
C PRO F 579 43.89 10.47 6.89
N GLN F 580 44.16 11.13 5.76
CA GLN F 580 45.52 11.24 5.28
C GLN F 580 46.24 12.38 6.00
N THR F 581 47.55 12.19 6.24
CA THR F 581 48.37 13.19 6.92
C THR F 581 47.71 13.64 8.22
N LEU F 582 47.64 12.73 9.18
CA LEU F 582 46.86 12.89 10.40
C LEU F 582 47.10 14.24 11.06
N GLU F 583 46.08 15.09 11.12
CA GLU F 583 46.16 16.40 11.72
C GLU F 583 44.76 16.95 11.95
N ILE F 584 44.57 17.61 13.09
CA ILE F 584 43.25 18.06 13.51
C ILE F 584 42.92 19.35 12.78
N LEU F 585 41.68 19.43 12.27
CA LEU F 585 41.15 20.64 11.65
C LEU F 585 39.97 21.13 12.47
N ASP F 586 39.76 22.45 12.47
CA ASP F 586 38.69 23.09 13.21
C ASP F 586 37.61 23.55 12.24
N ILE F 587 36.39 23.13 12.49
CA ILE F 587 35.25 23.52 11.65
C ILE F 587 34.54 24.70 12.29
N THR F 588 34.34 25.75 11.50
CA THR F 588 33.53 26.87 11.94
C THR F 588 32.45 27.11 10.90
N PRO F 589 31.23 27.46 11.33
CA PRO F 589 30.12 27.56 10.37
C PRO F 589 30.36 28.68 9.36
N CYS F 590 29.82 28.48 8.16
CA CYS F 590 29.92 29.49 7.12
C CYS F 590 29.19 30.75 7.55
N SER F 591 29.73 31.90 7.15
CA SER F 591 29.18 33.18 7.60
C SER F 591 27.73 33.31 7.17
N PHE F 592 26.88 33.71 8.12
CA PHE F 592 25.47 33.93 7.85
C PHE F 592 24.95 34.97 8.83
N GLY F 593 23.84 35.59 8.45
CA GLY F 593 23.21 36.55 9.35
C GLY F 593 21.97 37.12 8.71
N GLY F 594 21.34 38.04 9.43
CA GLY F 594 20.27 38.82 8.86
C GLY F 594 20.82 40.02 8.11
N VAL F 595 19.99 40.59 7.23
CA VAL F 595 20.34 41.82 6.54
C VAL F 595 19.19 42.81 6.71
N SER F 596 19.51 44.02 7.13
CA SER F 596 18.53 45.04 7.44
C SER F 596 18.80 46.27 6.61
N VAL F 597 17.75 47.03 6.33
CA VAL F 597 17.84 48.24 5.52
C VAL F 597 17.51 49.43 6.39
N ILE F 598 18.40 50.42 6.40
CA ILE F 598 18.23 51.66 7.15
C ILE F 598 17.79 52.72 6.17
N THR F 599 16.59 53.26 6.36
CA THR F 599 15.99 54.24 5.48
C THR F 599 15.59 55.48 6.25
N PRO F 600 15.95 56.67 5.77
CA PRO F 600 15.43 57.91 6.36
C PRO F 600 13.98 58.20 5.99
N GLY F 601 13.36 57.37 5.14
CA GLY F 601 12.00 57.59 4.71
C GLY F 601 11.89 57.99 3.26
N THR F 602 11.05 57.30 2.49
CA THR F 602 10.86 57.66 1.09
C THR F 602 10.28 59.06 0.94
N ASN F 603 9.64 59.58 1.99
CA ASN F 603 9.28 60.98 2.01
C ASN F 603 10.52 61.86 1.93
N THR F 604 11.60 61.45 2.61
CA THR F 604 12.81 62.24 2.65
C THR F 604 13.74 61.88 1.49
N SER F 605 14.05 60.60 1.32
CA SER F 605 15.00 60.19 0.30
C SER F 605 14.81 58.72 -0.03
N ASN F 606 15.30 58.33 -1.20
CA ASN F 606 15.36 56.93 -1.60
C ASN F 606 16.69 56.28 -1.28
N GLN F 607 17.62 57.03 -0.68
CA GLN F 607 18.92 56.51 -0.33
C GLN F 607 18.83 55.65 0.92
N VAL F 608 19.51 54.50 0.90
CA VAL F 608 19.42 53.52 1.97
C VAL F 608 20.81 53.08 2.39
N ALA F 609 20.89 52.50 3.58
CA ALA F 609 22.09 51.82 4.07
C ALA F 609 21.74 50.37 4.36
N VAL F 610 22.74 49.51 4.37
CA VAL F 610 22.54 48.08 4.51
C VAL F 610 23.40 47.55 5.64
N LEU F 611 22.77 46.95 6.64
CA LEU F 611 23.47 46.35 7.76
C LEU F 611 23.42 44.83 7.63
N TYR F 612 24.58 44.22 7.43
CA TYR F 612 24.72 42.77 7.45
C TYR F 612 25.08 42.39 8.88
N GLN F 613 24.11 41.85 9.62
CA GLN F 613 24.28 41.65 11.05
C GLN F 613 25.26 40.52 11.33
N ASP F 614 26.18 40.78 12.27
CA ASP F 614 27.12 39.77 12.77
C ASP F 614 27.96 39.17 11.64
N VAL F 615 28.37 40.02 10.70
CA VAL F 615 29.15 39.61 9.56
C VAL F 615 30.37 40.51 9.44
N ASN F 616 31.54 39.93 9.25
CA ASN F 616 32.73 40.72 9.06
C ASN F 616 32.65 41.37 7.71
N CYS F 617 33.19 42.55 7.59
CA CYS F 617 33.10 43.30 6.35
C CYS F 617 33.94 42.69 5.23
N THR F 618 34.86 41.80 5.57
CA THR F 618 35.65 41.12 4.54
C THR F 618 34.69 40.46 3.58
N GLU F 619 33.79 39.62 4.08
CA GLU F 619 32.76 39.00 3.27
C GLU F 619 31.72 40.06 2.91
N VAL F 620 31.25 40.02 1.67
CA VAL F 620 30.31 41.02 1.17
C VAL F 620 29.07 41.11 2.03
N ASN F 641 30.79 52.91 0.78
CA ASN F 641 31.27 53.21 2.11
C ASN F 641 31.02 52.04 3.06
N VAL F 642 32.09 51.40 3.50
CA VAL F 642 32.01 50.20 4.33
C VAL F 642 32.54 50.50 5.72
N PHE F 643 31.81 50.06 6.74
CA PHE F 643 32.14 50.36 8.13
C PHE F 643 31.84 49.13 8.96
N GLN F 644 32.67 48.83 9.94
CA GLN F 644 32.48 47.66 10.79
C GLN F 644 32.05 47.97 12.20
N THR F 645 30.84 47.62 12.55
CA THR F 645 30.27 47.82 13.88
C THR F 645 30.18 46.49 14.61
N ARG F 646 29.93 46.56 15.90
CA ARG F 646 29.68 45.34 16.66
C ARG F 646 28.38 44.68 16.25
N ALA F 647 27.43 45.47 15.73
CA ALA F 647 26.19 44.90 15.24
C ALA F 647 26.38 44.20 13.90
N GLY F 648 27.39 44.59 13.14
CA GLY F 648 27.66 43.97 11.86
C GLY F 648 28.28 44.97 10.90
N CYS F 649 28.33 44.57 9.63
CA CYS F 649 28.95 45.39 8.60
C CYS F 649 27.90 46.35 8.03
N LEU F 650 28.17 47.65 8.14
CA LEU F 650 27.26 48.67 7.65
C LEU F 650 27.83 49.27 6.35
N ILE F 651 27.06 49.17 5.27
CA ILE F 651 27.49 49.61 3.95
C ILE F 651 26.53 50.67 3.45
N GLY F 652 27.08 51.81 3.02
CA GLY F 652 26.28 52.92 2.53
C GLY F 652 26.13 54.06 3.51
N ALA F 653 26.74 53.98 4.69
CA ALA F 653 26.69 55.05 5.67
C ALA F 653 28.11 55.44 6.06
N GLU F 654 28.30 56.72 6.34
CA GLU F 654 29.61 57.27 6.65
C GLU F 654 29.74 57.48 8.15
N HIS F 655 30.78 56.91 8.73
CA HIS F 655 31.04 57.06 10.16
C HIS F 655 31.64 58.43 10.44
N VAL F 656 31.19 59.07 11.52
CA VAL F 656 31.65 60.40 11.92
C VAL F 656 32.07 60.35 13.38
N ASN F 657 32.93 61.29 13.77
CA ASN F 657 33.33 61.40 15.17
C ASN F 657 32.22 62.02 16.02
N ASN F 658 31.37 62.82 15.40
CA ASN F 658 30.35 63.55 16.16
C ASN F 658 29.33 62.58 16.77
N SER F 659 28.73 63.01 17.87
CA SER F 659 27.73 62.22 18.58
C SER F 659 26.43 63.01 18.66
N TYR F 660 25.33 62.34 18.34
CA TYR F 660 24.01 62.96 18.39
C TYR F 660 23.05 62.03 19.10
N GLU F 661 21.85 62.54 19.38
CA GLU F 661 20.78 61.70 19.89
C GLU F 661 20.43 60.62 18.86
N CYS F 662 20.11 59.43 19.35
CA CYS F 662 19.82 58.32 18.47
C CYS F 662 18.61 58.61 17.60
N ASP F 663 18.75 58.34 16.30
CA ASP F 663 17.66 58.51 15.34
C ASP F 663 17.20 57.17 14.80
N ILE F 664 18.09 56.37 14.23
CA ILE F 664 17.78 55.01 13.80
C ILE F 664 18.74 54.07 14.54
N PRO F 665 18.27 53.31 15.51
CA PRO F 665 19.17 52.46 16.30
C PRO F 665 19.74 51.33 15.45
N ILE F 666 21.06 51.21 15.45
CA ILE F 666 21.75 50.09 14.81
C ILE F 666 22.15 49.04 15.83
N GLY F 667 22.72 49.46 16.94
CA GLY F 667 23.06 48.57 18.02
C GLY F 667 24.46 48.83 18.56
N ALA F 668 24.71 48.32 19.76
CA ALA F 668 26.00 48.46 20.42
C ALA F 668 26.42 49.92 20.55
N GLY F 669 25.46 50.78 20.81
CA GLY F 669 25.71 52.20 20.94
C GLY F 669 25.84 52.94 19.63
N ILE F 670 25.62 52.28 18.50
CA ILE F 670 25.75 52.90 17.18
C ILE F 670 24.36 53.17 16.64
N CYS F 671 24.15 54.41 16.19
CA CYS F 671 22.89 54.83 15.59
C CYS F 671 23.17 55.45 14.23
N ALA F 672 22.10 55.65 13.46
CA ALA F 672 22.20 56.20 12.12
C ALA F 672 21.26 57.39 11.98
N SER F 673 21.62 58.29 11.07
CA SER F 673 20.85 59.50 10.86
C SER F 673 21.04 59.98 9.43
N TYR F 674 20.19 60.93 9.03
CA TYR F 674 20.23 61.51 7.68
C TYR F 674 20.59 62.98 7.78
N GLN F 675 21.78 63.34 7.31
CA GLN F 675 22.17 64.74 7.21
C GLN F 675 22.08 65.22 5.76
N GLN F 690 21.55 64.80 2.50
CA GLN F 690 22.79 64.65 1.75
C GLN F 690 23.28 63.20 1.75
N SER F 691 23.48 62.65 2.94
CA SER F 691 24.01 61.30 3.07
C SER F 691 23.60 60.73 4.42
N ILE F 692 23.76 59.42 4.56
CA ILE F 692 23.45 58.70 5.78
C ILE F 692 24.72 58.59 6.62
N ILE F 693 24.62 58.99 7.88
CA ILE F 693 25.75 58.92 8.81
C ILE F 693 25.48 57.84 9.83
N ALA F 694 26.55 57.22 10.30
CA ALA F 694 26.54 56.34 11.45
C ALA F 694 27.45 56.93 12.53
N TYR F 695 27.00 56.90 13.78
CA TYR F 695 27.75 57.52 14.85
C TYR F 695 27.50 56.78 16.16
N THR F 696 28.31 57.11 17.15
CA THR F 696 28.05 56.69 18.52
C THR F 696 27.04 57.64 19.14
N MET F 697 25.94 57.10 19.64
CA MET F 697 24.87 57.94 20.16
C MET F 697 25.32 58.68 21.41
N SER F 698 24.75 59.88 21.59
CA SER F 698 25.02 60.71 22.75
C SER F 698 23.90 60.53 23.77
N LEU F 699 24.29 60.28 25.02
CA LEU F 699 23.30 60.08 26.07
C LEU F 699 22.68 61.40 26.51
N GLY F 700 23.34 62.51 26.22
CA GLY F 700 22.85 63.81 26.62
C GLY F 700 24.00 64.78 26.76
N ALA F 701 23.67 65.97 27.25
CA ALA F 701 24.64 67.03 27.45
C ALA F 701 25.21 66.95 28.85
N GLU F 702 26.54 66.89 28.95
CA GLU F 702 27.20 66.89 30.25
C GLU F 702 26.86 68.15 31.02
N ASN F 703 26.58 67.99 32.31
CA ASN F 703 26.19 69.11 33.17
C ASN F 703 26.80 68.91 34.56
N SER F 704 27.93 69.55 34.81
CA SER F 704 28.53 69.53 36.14
C SER F 704 27.83 70.58 36.99
N VAL F 705 26.98 70.12 37.92
CA VAL F 705 26.23 71.04 38.76
C VAL F 705 27.18 71.73 39.73
N ALA F 706 26.99 73.04 39.91
CA ALA F 706 27.88 73.86 40.72
C ALA F 706 27.65 73.55 42.21
N TYR F 707 28.21 72.43 42.63
CA TYR F 707 28.03 71.95 44.00
C TYR F 707 29.08 72.56 44.92
N SER F 708 28.61 72.99 46.09
CA SER F 708 29.49 73.42 47.17
C SER F 708 28.86 72.96 48.48
N ASN F 709 29.63 73.08 49.56
CA ASN F 709 29.11 72.74 50.87
C ASN F 709 28.29 73.86 51.49
N ASN F 710 28.19 75.01 50.83
CA ASN F 710 27.39 76.11 51.34
C ASN F 710 26.61 76.85 50.24
N SER F 711 26.37 76.22 49.11
CA SER F 711 25.65 76.84 48.00
C SER F 711 24.36 76.09 47.70
N ILE F 712 23.29 76.85 47.46
CA ILE F 712 21.98 76.31 47.12
C ILE F 712 21.37 77.02 45.92
N ALA F 713 20.51 76.34 45.19
CA ALA F 713 19.80 76.96 44.10
C ALA F 713 18.32 76.93 44.45
N ILE F 714 17.63 78.05 44.32
CA ILE F 714 16.22 78.18 44.67
C ILE F 714 15.46 78.66 43.45
N PRO F 715 14.31 78.08 43.13
CA PRO F 715 13.50 78.59 42.02
C PRO F 715 12.80 79.89 42.40
N THR F 716 12.88 80.87 41.51
CA THR F 716 12.18 82.12 41.69
C THR F 716 10.92 82.22 40.85
N ASN F 717 10.53 81.15 40.18
CA ASN F 717 9.37 81.14 39.29
C ASN F 717 8.97 79.69 39.06
N PHE F 718 8.08 79.47 38.10
CA PHE F 718 7.57 78.13 37.81
C PHE F 718 6.92 78.15 36.43
N THR F 719 6.50 76.97 35.98
CA THR F 719 6.02 76.77 34.62
C THR F 719 4.56 76.38 34.55
N ILE F 720 4.13 75.41 35.37
CA ILE F 720 2.82 74.78 35.25
C ILE F 720 2.75 74.05 33.92
N SER F 721 3.14 72.78 33.91
CA SER F 721 3.21 71.97 32.71
C SER F 721 2.02 71.04 32.63
N VAL F 722 1.55 70.78 31.42
CA VAL F 722 0.53 69.78 31.15
C VAL F 722 1.08 68.82 30.10
N THR F 723 1.22 67.56 30.49
CA THR F 723 1.69 66.51 29.59
C THR F 723 0.58 65.47 29.42
N THR F 724 0.77 64.60 28.44
CA THR F 724 -0.22 63.57 28.15
C THR F 724 0.40 62.20 28.31
N GLU F 725 -0.35 61.28 28.91
CA GLU F 725 0.04 59.89 29.00
C GLU F 725 -1.08 59.05 28.40
N ILE F 726 -0.75 58.20 27.44
CA ILE F 726 -1.72 57.38 26.72
C ILE F 726 -1.56 55.95 27.19
N LEU F 727 -2.65 55.34 27.66
CA LEU F 727 -2.63 53.98 28.19
C LEU F 727 -3.72 53.15 27.53
N PRO F 728 -3.37 52.02 26.91
CA PRO F 728 -4.41 51.08 26.47
C PRO F 728 -5.16 50.51 27.66
N VAL F 729 -6.46 50.35 27.50
CA VAL F 729 -7.27 49.74 28.54
C VAL F 729 -7.98 48.47 28.08
N SER F 730 -8.17 48.28 26.78
CA SER F 730 -8.91 47.12 26.28
C SER F 730 -8.43 46.81 24.87
N MET F 731 -8.72 45.59 24.43
CA MET F 731 -8.53 45.18 23.05
C MET F 731 -9.86 44.73 22.47
N THR F 732 -9.87 44.46 21.17
CA THR F 732 -11.08 44.04 20.50
C THR F 732 -11.55 42.69 21.04
N LYS F 733 -12.82 42.60 21.36
CA LYS F 733 -13.42 41.35 21.81
C LYS F 733 -13.74 40.51 20.58
N THR F 734 -12.99 39.43 20.40
CA THR F 734 -13.14 38.57 19.24
C THR F 734 -13.67 37.21 19.67
N SER F 735 -14.32 36.53 18.74
CA SER F 735 -14.83 35.19 18.96
C SER F 735 -14.59 34.39 17.69
N VAL F 736 -14.11 33.15 17.88
CA VAL F 736 -13.83 32.27 16.76
C VAL F 736 -14.62 30.99 16.96
N ASP F 737 -15.49 30.68 16.01
CA ASP F 737 -16.21 29.41 16.01
C ASP F 737 -15.27 28.36 15.42
N CYS F 738 -14.63 27.59 16.30
CA CYS F 738 -13.57 26.69 15.86
C CYS F 738 -14.06 25.70 14.81
N THR F 739 -15.30 25.23 14.94
CA THR F 739 -15.84 24.35 13.91
C THR F 739 -15.96 25.07 12.57
N MET F 740 -16.45 26.30 12.57
CA MET F 740 -16.56 27.06 11.33
C MET F 740 -15.20 27.36 10.72
N TYR F 741 -14.20 27.70 11.55
CA TYR F 741 -12.87 27.97 11.03
C TYR F 741 -12.23 26.72 10.45
N ILE F 742 -12.21 25.64 11.21
CA ILE F 742 -11.49 24.44 10.80
C ILE F 742 -12.20 23.74 9.64
N CYS F 743 -13.52 23.57 9.75
CA CYS F 743 -14.25 22.74 8.82
C CYS F 743 -15.19 23.50 7.89
N GLY F 744 -15.55 24.74 8.23
CA GLY F 744 -16.52 25.44 7.42
C GLY F 744 -17.86 24.74 7.44
N ASP F 745 -18.43 24.53 6.25
CA ASP F 745 -19.72 23.88 6.11
C ASP F 745 -19.62 22.38 5.86
N SER F 746 -18.41 21.82 5.83
CA SER F 746 -18.24 20.42 5.50
C SER F 746 -18.68 19.55 6.67
N THR F 747 -19.68 18.69 6.43
CA THR F 747 -20.11 17.75 7.45
C THR F 747 -19.09 16.62 7.61
N GLU F 748 -18.32 16.35 6.56
CA GLU F 748 -17.27 15.33 6.65
C GLU F 748 -16.20 15.73 7.66
N CYS F 749 -15.71 16.96 7.55
CA CYS F 749 -14.76 17.47 8.54
C CYS F 749 -15.41 17.56 9.93
N SER F 750 -16.71 17.89 9.96
CA SER F 750 -17.41 17.96 11.24
C SER F 750 -17.50 16.60 11.92
N ASN F 751 -17.62 15.52 11.14
CA ASN F 751 -17.57 14.18 11.73
C ASN F 751 -16.21 13.93 12.37
N LEU F 752 -15.14 14.33 11.70
CA LEU F 752 -13.84 14.41 12.34
C LEU F 752 -13.83 15.58 13.30
N LEU F 753 -12.68 15.79 13.94
CA LEU F 753 -12.46 16.87 14.89
C LEU F 753 -13.23 16.61 16.18
N LEU F 754 -14.07 15.58 16.18
CA LEU F 754 -14.57 15.03 17.43
C LEU F 754 -13.58 14.03 18.01
N GLN F 755 -12.79 13.39 17.15
CA GLN F 755 -11.73 12.51 17.62
C GLN F 755 -10.61 13.31 18.27
N TYR F 756 -10.58 14.63 18.05
CA TYR F 756 -9.53 15.45 18.63
C TYR F 756 -9.90 15.94 20.02
N GLY F 757 -11.11 15.64 20.48
CA GLY F 757 -11.48 15.92 21.85
C GLY F 757 -12.16 17.25 22.06
N SER F 758 -11.76 17.97 23.12
CA SER F 758 -12.37 19.22 23.51
C SER F 758 -11.43 20.41 23.31
N PHE F 759 -10.63 20.37 22.25
CA PHE F 759 -9.77 21.52 21.96
C PHE F 759 -10.59 22.76 21.62
N CYS F 760 -11.67 22.59 20.86
CA CYS F 760 -12.50 23.72 20.46
C CYS F 760 -13.17 24.36 21.67
N THR F 761 -13.62 23.55 22.62
CA THR F 761 -14.22 24.09 23.84
C THR F 761 -13.20 24.90 24.63
N GLN F 762 -11.96 24.40 24.73
CA GLN F 762 -10.92 25.16 25.41
C GLN F 762 -10.66 26.49 24.73
N LEU F 763 -10.57 26.48 23.40
CA LEU F 763 -10.27 27.70 22.66
C LEU F 763 -11.40 28.72 22.81
N ASN F 764 -12.65 28.27 22.69
CA ASN F 764 -13.78 29.15 22.89
C ASN F 764 -13.83 29.71 24.30
N ARG F 765 -13.53 28.88 25.30
CA ARG F 765 -13.52 29.35 26.69
C ARG F 765 -12.45 30.41 26.89
N ALA F 766 -11.26 30.21 26.33
CA ALA F 766 -10.20 31.21 26.46
C ALA F 766 -10.60 32.53 25.80
N LEU F 767 -11.19 32.46 24.60
CA LEU F 767 -11.57 33.69 23.90
C LEU F 767 -12.70 34.41 24.64
N THR F 768 -13.66 33.66 25.18
CA THR F 768 -14.73 34.27 25.97
C THR F 768 -14.18 34.91 27.24
N GLY F 769 -13.22 34.26 27.89
CA GLY F 769 -12.60 34.87 29.05
C GLY F 769 -11.90 36.18 28.72
N ILE F 770 -11.19 36.21 27.58
CA ILE F 770 -10.56 37.46 27.16
C ILE F 770 -11.60 38.54 26.89
N ALA F 771 -12.70 38.17 26.22
CA ALA F 771 -13.74 39.13 25.89
C ALA F 771 -14.36 39.73 27.16
N VAL F 772 -14.62 38.88 28.16
CA VAL F 772 -15.16 39.38 29.42
C VAL F 772 -14.13 40.25 30.13
N GLU F 773 -12.86 39.86 30.06
CA GLU F 773 -11.77 40.62 30.66
C GLU F 773 -11.69 42.02 30.10
N GLN F 774 -11.99 42.20 28.81
CA GLN F 774 -11.92 43.55 28.24
C GLN F 774 -12.96 44.49 28.85
N ASP F 775 -14.21 44.03 28.96
CA ASP F 775 -15.23 44.84 29.63
C ASP F 775 -14.89 45.07 31.09
N LYS F 776 -14.31 44.07 31.76
CA LYS F 776 -13.88 44.27 33.14
C LYS F 776 -12.81 45.35 33.23
N ASN F 777 -11.86 45.36 32.29
CA ASN F 777 -10.83 46.39 32.26
C ASN F 777 -11.44 47.78 32.09
N THR F 778 -12.36 47.91 31.14
CA THR F 778 -12.99 49.21 30.89
C THR F 778 -13.77 49.68 32.12
N GLN F 779 -14.51 48.77 32.75
CA GLN F 779 -15.25 49.13 33.96
C GLN F 779 -14.32 49.57 35.07
N GLU F 780 -13.22 48.84 35.28
CA GLU F 780 -12.31 49.17 36.36
C GLU F 780 -11.61 50.51 36.12
N VAL F 781 -11.34 50.84 34.86
CA VAL F 781 -10.68 52.11 34.59
C VAL F 781 -11.66 53.28 34.70
N PHE F 782 -12.82 53.18 34.03
CA PHE F 782 -13.65 54.36 33.89
C PHE F 782 -14.76 54.44 34.93
N ALA F 783 -15.36 53.33 35.33
CA ALA F 783 -16.48 53.36 36.28
C ALA F 783 -15.96 53.45 37.72
N GLN F 784 -15.13 54.46 37.95
CA GLN F 784 -14.56 54.73 39.27
C GLN F 784 -15.31 55.82 40.01
N VAL F 785 -16.48 56.22 39.51
CA VAL F 785 -17.22 57.36 40.05
C VAL F 785 -18.62 56.90 40.39
N LYS F 786 -19.11 57.32 41.55
CA LYS F 786 -20.51 57.13 41.95
C LYS F 786 -21.23 58.44 41.71
N GLN F 787 -22.37 58.37 41.02
CA GLN F 787 -23.15 59.54 40.59
C GLN F 787 -22.44 60.25 39.45
N ILE F 788 -23.18 60.59 38.40
CA ILE F 788 -22.62 61.27 37.25
C ILE F 788 -22.63 62.77 37.53
N TYR F 789 -21.47 63.29 37.93
CA TYR F 789 -21.35 64.69 38.28
C TYR F 789 -21.38 65.57 37.03
N LYS F 790 -21.99 66.74 37.17
CA LYS F 790 -22.11 67.70 36.09
C LYS F 790 -21.56 69.05 36.54
N THR F 791 -20.91 69.75 35.62
CA THR F 791 -20.44 71.09 35.93
C THR F 791 -21.61 72.08 35.91
N PRO F 792 -21.54 73.14 36.70
CA PRO F 792 -22.61 74.15 36.69
C PRO F 792 -22.60 74.92 35.38
N PRO F 793 -23.73 75.52 35.00
CA PRO F 793 -23.74 76.33 33.77
C PRO F 793 -22.78 77.51 33.83
N ILE F 794 -22.59 78.10 35.00
CA ILE F 794 -21.67 79.22 35.17
C ILE F 794 -20.29 78.65 35.48
N LYS F 795 -19.39 78.73 34.51
CA LYS F 795 -18.06 78.15 34.62
C LYS F 795 -17.06 79.23 35.01
N ASP F 796 -17.11 79.61 36.29
CA ASP F 796 -16.17 80.57 36.87
C ASP F 796 -15.17 79.79 37.71
N PHE F 797 -14.07 79.38 37.10
CA PHE F 797 -13.08 78.53 37.73
C PHE F 797 -11.80 79.29 38.02
N GLY F 798 -11.93 80.57 38.36
CA GLY F 798 -10.79 81.39 38.68
C GLY F 798 -9.84 81.66 37.54
N GLY F 799 -10.35 81.79 36.31
CA GLY F 799 -9.51 82.07 35.18
C GLY F 799 -9.13 80.84 34.39
N PHE F 800 -9.10 79.69 35.06
CA PHE F 800 -8.80 78.43 34.40
C PHE F 800 -9.90 78.05 33.42
N ASN F 801 -9.49 77.57 32.25
CA ASN F 801 -10.39 77.34 31.13
C ASN F 801 -10.34 75.86 30.75
N PHE F 802 -11.43 75.14 31.02
CA PHE F 802 -11.52 73.72 30.72
C PHE F 802 -12.40 73.44 29.50
N SER F 803 -12.55 74.42 28.61
CA SER F 803 -13.48 74.28 27.50
C SER F 803 -13.12 73.11 26.60
N GLN F 804 -11.84 72.94 26.30
CA GLN F 804 -11.42 71.92 25.34
C GLN F 804 -11.46 70.50 25.91
N ILE F 805 -11.69 70.34 27.21
CA ILE F 805 -11.74 69.00 27.79
C ILE F 805 -13.14 68.72 28.33
N LEU F 806 -13.92 69.77 28.55
CA LEU F 806 -15.31 69.59 28.93
C LEU F 806 -16.14 69.19 27.71
N PRO F 807 -17.26 68.50 27.92
CA PRO F 807 -18.08 68.08 26.78
C PRO F 807 -18.69 69.26 26.05
N ASP F 808 -18.94 69.08 24.76
CA ASP F 808 -19.62 70.08 23.95
C ASP F 808 -20.93 69.54 23.42
N PRO F 809 -22.02 70.31 23.47
CA PRO F 809 -23.29 69.80 22.94
C PRO F 809 -23.41 69.89 21.42
N SER F 810 -22.42 70.45 20.74
CA SER F 810 -22.38 70.33 19.28
C SER F 810 -22.33 68.86 18.86
N LYS F 811 -21.75 68.02 19.70
CA LYS F 811 -21.89 66.56 19.71
C LYS F 811 -21.44 65.80 18.46
N PRO F 812 -20.14 65.67 18.22
CA PRO F 812 -19.68 64.35 17.81
C PRO F 812 -19.59 63.52 19.09
N SER F 813 -20.63 62.73 19.37
CA SER F 813 -20.84 62.17 20.71
C SER F 813 -20.88 63.26 21.77
N LYS F 814 -21.18 62.92 23.02
CA LYS F 814 -21.04 63.87 24.12
C LYS F 814 -19.56 64.01 24.51
N ARG F 815 -18.75 64.31 23.51
CA ARG F 815 -17.30 64.30 23.67
C ARG F 815 -16.74 65.72 23.69
N SER F 816 -15.51 65.84 24.19
CA SER F 816 -14.82 67.10 24.21
C SER F 816 -14.09 67.34 22.89
N PHE F 817 -13.49 68.53 22.77
CA PHE F 817 -12.65 68.84 21.62
C PHE F 817 -11.43 67.91 21.57
N ILE F 818 -10.77 67.72 22.72
CA ILE F 818 -9.61 66.85 22.79
C ILE F 818 -10.02 65.41 22.48
N GLU F 819 -11.17 64.97 22.99
CA GLU F 819 -11.62 63.61 22.71
C GLU F 819 -11.96 63.44 21.23
N ASP F 820 -12.53 64.47 20.60
CA ASP F 820 -12.75 64.38 19.15
C ASP F 820 -11.43 64.27 18.40
N LEU F 821 -10.43 65.06 18.79
CA LEU F 821 -9.11 64.94 18.18
C LEU F 821 -8.56 63.53 18.34
N LEU F 822 -8.67 62.97 19.54
CA LEU F 822 -8.16 61.63 19.80
C LEU F 822 -8.89 60.58 18.97
N PHE F 823 -10.21 60.71 18.85
CA PHE F 823 -10.98 59.71 18.12
C PHE F 823 -10.76 59.80 16.63
N ASN F 824 -10.45 60.99 16.10
CA ASN F 824 -10.11 61.10 14.69
C ASN F 824 -8.69 60.64 14.43
N LYS F 825 -7.80 60.78 15.43
CA LYS F 825 -6.38 60.55 15.19
C LYS F 825 -6.05 59.09 14.88
N VAL F 826 -6.56 58.15 15.68
CA VAL F 826 -6.24 56.73 15.51
C VAL F 826 -7.38 56.06 14.76
N THR F 827 -7.03 55.24 13.77
CA THR F 827 -8.01 54.56 12.93
C THR F 827 -8.49 53.27 13.59
N LYS F 854 -17.21 39.99 8.88
CA LYS F 854 -17.02 38.71 9.55
C LYS F 854 -16.92 37.57 8.54
N PHE F 855 -15.96 36.67 8.77
CA PHE F 855 -15.68 35.60 7.83
C PHE F 855 -15.17 34.38 8.58
N ASN F 856 -15.59 33.19 8.12
CA ASN F 856 -15.03 31.92 8.57
C ASN F 856 -15.11 31.73 10.08
N GLY F 857 -16.19 32.22 10.69
CA GLY F 857 -16.40 32.04 12.11
C GLY F 857 -15.81 33.11 13.00
N LEU F 858 -15.22 34.16 12.43
CA LEU F 858 -14.63 35.24 13.21
C LEU F 858 -15.69 36.32 13.39
N THR F 859 -16.07 36.58 14.64
CA THR F 859 -17.01 37.64 14.96
C THR F 859 -16.36 38.61 15.93
N VAL F 860 -16.83 39.86 15.90
CA VAL F 860 -16.37 40.90 16.81
C VAL F 860 -17.53 41.30 17.70
N LEU F 861 -17.40 41.03 18.99
CA LEU F 861 -18.41 41.37 19.98
C LEU F 861 -18.24 42.81 20.44
N PRO F 862 -19.29 43.62 20.36
CA PRO F 862 -19.19 45.03 20.75
C PRO F 862 -18.91 45.16 22.25
N PRO F 863 -18.17 46.19 22.65
CA PRO F 863 -17.96 46.41 24.09
C PRO F 863 -19.27 46.76 24.78
N LEU F 864 -19.36 46.33 26.05
CA LEU F 864 -20.57 46.58 26.82
C LEU F 864 -20.85 48.07 26.94
N LEU F 865 -19.84 48.86 27.28
CA LEU F 865 -19.98 50.30 27.36
C LEU F 865 -19.73 50.90 25.98
N THR F 866 -20.67 51.71 25.52
CA THR F 866 -20.48 52.42 24.27
C THR F 866 -19.49 53.56 24.48
N ASP F 867 -19.00 54.11 23.37
CA ASP F 867 -18.11 55.27 23.46
C ASP F 867 -18.78 56.43 24.15
N GLU F 868 -20.08 56.60 23.95
CA GLU F 868 -20.81 57.68 24.64
C GLU F 868 -20.82 57.46 26.14
N MET F 869 -20.98 56.21 26.59
CA MET F 869 -20.99 55.95 28.03
C MET F 869 -19.62 56.17 28.65
N ILE F 870 -18.55 55.78 27.94
CA ILE F 870 -17.20 56.02 28.44
C ILE F 870 -16.93 57.52 28.50
N ALA F 871 -17.40 58.27 27.49
CA ALA F 871 -17.25 59.71 27.51
C ALA F 871 -18.04 60.33 28.65
N GLN F 872 -19.22 59.78 28.95
CA GLN F 872 -20.00 60.27 30.09
C GLN F 872 -19.29 60.01 31.40
N TYR F 873 -18.68 58.83 31.55
CA TYR F 873 -17.89 58.54 32.75
C TYR F 873 -16.72 59.49 32.87
N THR F 874 -16.02 59.73 31.76
CA THR F 874 -14.89 60.66 31.76
C THR F 874 -15.32 62.07 32.12
N SER F 875 -16.47 62.50 31.58
CA SER F 875 -16.97 63.84 31.88
C SER F 875 -17.39 63.95 33.34
N ALA F 876 -17.97 62.89 33.90
CA ALA F 876 -18.33 62.90 35.31
C ALA F 876 -17.10 62.98 36.20
N LEU F 877 -16.05 62.23 35.86
CA LEU F 877 -14.80 62.33 36.61
C LEU F 877 -14.21 63.73 36.51
N LEU F 878 -14.23 64.31 35.31
CA LEU F 878 -13.70 65.66 35.13
C LEU F 878 -14.50 66.69 35.91
N ALA F 879 -15.84 66.59 35.88
CA ALA F 879 -16.67 67.51 36.64
C ALA F 879 -16.43 67.36 38.14
N GLY F 880 -16.32 66.12 38.61
CA GLY F 880 -16.05 65.91 40.01
C GLY F 880 -14.73 66.50 40.46
N THR F 881 -13.69 66.32 39.64
CA THR F 881 -12.38 66.84 40.05
C THR F 881 -12.31 68.36 39.90
N ILE F 882 -13.06 68.94 38.97
CA ILE F 882 -13.09 70.38 38.84
C ILE F 882 -13.86 71.03 39.99
N THR F 883 -14.98 70.42 40.39
CA THR F 883 -15.87 71.08 41.33
C THR F 883 -15.53 70.76 42.77
N SER F 884 -15.17 69.51 43.06
CA SER F 884 -15.04 69.05 44.43
C SER F 884 -13.64 68.59 44.82
N GLY F 885 -12.65 68.74 43.95
CA GLY F 885 -11.30 68.35 44.30
C GLY F 885 -11.17 66.85 44.42
N TRP F 886 -10.46 66.40 45.45
CA TRP F 886 -10.33 64.97 45.71
C TRP F 886 -11.41 64.45 46.64
N THR F 887 -12.34 65.31 47.08
CA THR F 887 -13.34 64.89 48.05
C THR F 887 -14.29 63.85 47.47
N PHE F 888 -14.61 63.95 46.17
CA PHE F 888 -15.55 63.01 45.58
C PHE F 888 -14.97 61.62 45.47
N GLY F 889 -13.63 61.50 45.47
CA GLY F 889 -13.02 60.19 45.48
C GLY F 889 -13.23 59.44 46.79
N ALA F 890 -13.19 60.17 47.91
CA ALA F 890 -13.33 59.53 49.21
C ALA F 890 -14.78 59.31 49.60
N GLY F 891 -15.58 60.37 49.62
CA GLY F 891 -16.98 60.24 49.96
C GLY F 891 -17.87 61.05 49.04
N ALA F 892 -18.75 61.86 49.62
CA ALA F 892 -19.59 62.74 48.83
C ALA F 892 -18.77 63.88 48.24
N ALA F 893 -19.18 64.33 47.05
CA ALA F 893 -18.51 65.45 46.40
C ALA F 893 -18.74 66.72 47.20
N LEU F 894 -17.68 67.21 47.84
CA LEU F 894 -17.73 68.44 48.62
C LEU F 894 -17.24 69.58 47.73
N GLN F 895 -18.11 70.51 47.41
CA GLN F 895 -17.73 71.62 46.58
C GLN F 895 -16.69 72.49 47.17
N ILE F 896 -15.81 72.96 46.32
CA ILE F 896 -14.80 73.92 46.76
C ILE F 896 -14.39 74.79 45.59
N PRO F 897 -14.32 76.10 45.80
CA PRO F 897 -13.98 76.99 44.69
C PRO F 897 -12.64 76.63 44.09
N PHE F 898 -12.57 76.69 42.77
CA PHE F 898 -11.29 76.48 42.10
C PHE F 898 -10.35 77.62 42.46
N ALA F 899 -9.04 77.31 42.45
CA ALA F 899 -7.98 78.17 42.95
C ALA F 899 -7.95 78.18 44.48
N MET F 900 -8.96 77.55 45.10
CA MET F 900 -8.80 77.13 46.49
C MET F 900 -8.41 75.66 46.54
N GLN F 901 -9.02 74.85 45.68
CA GLN F 901 -8.50 73.52 45.39
C GLN F 901 -7.05 73.59 44.93
N MET F 902 -6.72 74.56 44.08
CA MET F 902 -5.36 74.63 43.56
C MET F 902 -4.39 75.11 44.63
N ALA F 903 -4.85 75.92 45.57
CA ALA F 903 -4.05 76.25 46.74
C ALA F 903 -3.83 75.07 47.66
N TYR F 904 -4.86 74.24 47.86
CA TYR F 904 -4.67 72.93 48.49
C TYR F 904 -3.57 72.15 47.82
N ARG F 905 -3.58 72.09 46.49
CA ARG F 905 -2.62 71.29 45.76
C ARG F 905 -1.21 71.86 45.83
N PHE F 906 -1.08 73.18 45.85
CA PHE F 906 0.23 73.78 46.13
C PHE F 906 0.72 73.41 47.53
N ASN F 907 -0.16 73.46 48.53
CA ASN F 907 0.23 72.95 49.84
C ASN F 907 0.70 71.51 49.74
N GLY F 908 0.03 70.70 48.91
CA GLY F 908 0.43 69.33 48.69
C GLY F 908 1.82 69.18 48.12
N ILE F 909 2.24 70.05 47.22
CA ILE F 909 3.57 69.97 46.63
C ILE F 909 4.59 70.78 47.43
N GLY F 910 4.24 71.23 48.63
CA GLY F 910 5.17 71.97 49.45
C GLY F 910 5.29 73.44 49.14
N VAL F 911 4.34 74.03 48.42
CA VAL F 911 4.31 75.47 48.18
C VAL F 911 3.18 76.06 49.01
N THR F 912 3.48 77.16 49.69
CA THR F 912 2.64 77.64 50.80
C THR F 912 1.46 78.49 50.34
N GLN F 913 0.50 77.90 49.64
CA GLN F 913 -0.64 78.63 49.10
C GLN F 913 -0.17 79.92 48.46
N ASN F 914 -0.85 81.03 48.74
CA ASN F 914 -0.27 82.36 48.65
C ASN F 914 0.44 82.62 47.33
N VAL F 915 1.49 81.86 47.06
CA VAL F 915 2.16 81.89 45.76
C VAL F 915 1.15 81.64 44.64
N LEU F 916 0.12 80.85 44.90
CA LEU F 916 -0.96 80.69 43.93
C LEU F 916 -1.83 81.94 43.87
N TYR F 917 -2.31 82.41 45.03
CA TYR F 917 -3.22 83.54 45.04
C TYR F 917 -2.55 84.81 44.51
N GLU F 918 -1.28 85.01 44.85
CA GLU F 918 -0.55 86.16 44.35
C GLU F 918 -0.18 86.02 42.88
N ASN F 919 -0.29 84.82 42.32
CA ASN F 919 -0.01 84.58 40.90
C ASN F 919 -1.20 83.89 40.23
N GLN F 920 -2.42 84.24 40.61
CA GLN F 920 -3.58 83.50 40.16
C GLN F 920 -3.93 83.80 38.71
N LYS F 921 -3.27 84.77 38.08
CA LYS F 921 -3.49 85.00 36.66
C LYS F 921 -2.36 84.47 35.80
N LEU F 922 -1.12 84.58 36.26
CA LEU F 922 -0.03 83.84 35.61
C LEU F 922 -0.33 82.34 35.63
N ILE F 923 -0.68 81.82 36.81
CA ILE F 923 -1.22 80.48 36.93
C ILE F 923 -2.68 80.55 36.51
N ALA F 924 -3.03 79.84 35.42
CA ALA F 924 -4.27 79.90 34.67
C ALA F 924 -3.94 80.28 33.23
N ASN F 925 -3.21 81.38 33.04
CA ASN F 925 -2.68 81.66 31.71
C ASN F 925 -1.73 80.57 31.26
N GLN F 926 -0.83 80.13 32.16
CA GLN F 926 0.08 79.05 31.82
C GLN F 926 -0.67 77.75 31.56
N PHE F 927 -1.69 77.47 32.38
CA PHE F 927 -2.48 76.26 32.20
C PHE F 927 -3.22 76.28 30.87
N ASN F 928 -3.82 77.42 30.52
CA ASN F 928 -4.57 77.53 29.28
C ASN F 928 -3.65 77.43 28.08
N SER F 929 -2.47 78.04 28.15
CA SER F 929 -1.49 77.90 27.07
C SER F 929 -1.05 76.45 26.93
N ALA F 930 -0.89 75.75 28.05
CA ALA F 930 -0.49 74.35 27.99
C ALA F 930 -1.58 73.49 27.37
N ILE F 931 -2.84 73.77 27.67
CA ILE F 931 -3.94 73.03 27.05
C ILE F 931 -4.01 73.32 25.55
N GLY F 932 -3.80 74.57 25.17
CA GLY F 932 -3.72 74.90 23.75
C GLY F 932 -2.59 74.15 23.06
N LYS F 933 -1.45 74.01 23.74
CA LYS F 933 -0.35 73.25 23.15
C LYS F 933 -0.70 71.77 23.05
N ILE F 934 -1.44 71.24 24.02
CA ILE F 934 -1.91 69.86 23.92
C ILE F 934 -2.75 69.67 22.67
N GLN F 935 -3.73 70.54 22.45
CA GLN F 935 -4.60 70.36 21.29
C GLN F 935 -3.84 70.58 19.99
N ASP F 936 -2.92 71.53 19.97
CA ASP F 936 -2.11 71.75 18.77
C ASP F 936 -1.24 70.54 18.45
N SER F 937 -0.60 69.95 19.47
CA SER F 937 0.24 68.79 19.22
C SER F 937 -0.58 67.56 18.83
N LEU F 938 -1.80 67.44 19.36
CA LEU F 938 -2.66 66.34 18.94
C LEU F 938 -3.08 66.51 17.48
N SER F 939 -3.42 67.74 17.08
CA SER F 939 -3.81 67.97 15.70
C SER F 939 -2.64 67.81 14.73
N SER F 940 -1.44 68.18 15.16
CA SER F 940 -0.28 68.16 14.27
C SER F 940 0.35 66.78 14.14
N THR F 941 0.84 66.23 15.24
CA THR F 941 1.63 65.00 15.21
C THR F 941 0.72 63.78 15.09
N ALA F 942 1.06 62.88 14.17
CA ALA F 942 0.20 61.72 13.91
C ALA F 942 0.53 60.56 14.83
N SER F 943 1.76 60.45 15.29
CA SER F 943 2.23 59.29 16.04
C SER F 943 1.95 59.38 17.53
N ALA F 944 1.28 60.44 17.98
CA ALA F 944 1.07 60.66 19.41
C ALA F 944 0.32 59.49 20.04
N LEU F 945 -0.71 58.99 19.37
CA LEU F 945 -1.50 57.87 19.89
C LEU F 945 -0.93 56.52 19.47
N GLY F 946 0.36 56.47 19.14
CA GLY F 946 0.93 55.27 18.55
C GLY F 946 0.66 54.03 19.37
N LYS F 947 0.82 54.11 20.68
CA LYS F 947 0.58 52.96 21.54
C LYS F 947 -0.80 52.35 21.27
N LEU F 948 -1.84 53.18 21.29
CA LEU F 948 -3.17 52.66 20.98
C LEU F 948 -3.19 52.04 19.60
N GLN F 949 -2.67 52.76 18.60
CA GLN F 949 -2.59 52.20 17.25
C GLN F 949 -1.91 50.85 17.27
N ASP F 950 -0.83 50.72 18.02
CA ASP F 950 -0.10 49.45 18.07
C ASP F 950 -1.06 48.32 18.39
N VAL F 951 -1.85 48.47 19.44
CA VAL F 951 -2.77 47.40 19.84
C VAL F 951 -3.66 47.02 18.67
N VAL F 952 -4.27 48.01 18.02
CA VAL F 952 -5.15 47.72 16.89
C VAL F 952 -4.41 46.92 15.84
N ASN F 953 -3.21 47.39 15.45
CA ASN F 953 -2.45 46.66 14.45
C ASN F 953 -2.13 45.26 14.95
N GLN F 954 -1.66 45.15 16.19
CA GLN F 954 -1.29 43.86 16.73
C GLN F 954 -2.47 42.92 16.75
N ASN F 955 -3.69 43.45 16.82
CA ASN F 955 -4.85 42.59 16.68
C ASN F 955 -5.08 42.24 15.22
N ALA F 956 -5.21 43.24 14.36
CA ALA F 956 -5.67 43.00 12.99
C ALA F 956 -4.73 42.05 12.27
N GLN F 957 -3.42 42.33 12.33
CA GLN F 957 -2.45 41.44 11.72
C GLN F 957 -2.66 40.01 12.16
N ALA F 958 -2.80 39.79 13.47
CA ALA F 958 -3.03 38.44 13.96
C ALA F 958 -4.24 37.82 13.29
N LEU F 959 -5.37 38.52 13.30
CA LEU F 959 -6.56 38.00 12.63
C LEU F 959 -6.26 37.72 11.16
N ASN F 960 -5.57 38.66 10.50
CA ASN F 960 -5.22 38.44 9.11
C ASN F 960 -4.48 37.13 8.94
N THR F 961 -3.46 36.90 9.77
CA THR F 961 -2.70 35.65 9.68
C THR F 961 -3.64 34.47 9.80
N LEU F 962 -4.55 34.52 10.78
CA LEU F 962 -5.50 33.43 10.95
C LEU F 962 -6.24 33.16 9.65
N VAL F 963 -6.79 34.21 9.03
CA VAL F 963 -7.52 34.01 7.77
C VAL F 963 -6.57 33.48 6.71
N LYS F 964 -5.36 34.02 6.65
CA LYS F 964 -4.43 33.56 5.63
C LYS F 964 -3.87 32.19 5.92
N GLN F 965 -4.17 31.62 7.09
CA GLN F 965 -3.82 30.23 7.35
C GLN F 965 -4.89 29.27 6.87
N LEU F 966 -5.97 29.78 6.28
CA LEU F 966 -7.00 28.95 5.67
C LEU F 966 -6.72 28.65 4.21
N SER F 967 -5.61 29.16 3.66
CA SER F 967 -5.24 28.94 2.27
C SER F 967 -3.89 28.23 2.23
N SER F 968 -3.64 27.39 3.23
CA SER F 968 -2.41 26.63 3.31
C SER F 968 -2.71 25.15 3.21
N ASN F 969 -1.93 24.43 2.40
CA ASN F 969 -2.18 23.02 2.21
C ASN F 969 -1.83 22.21 3.46
N PHE F 970 -0.80 22.65 4.19
CA PHE F 970 -0.29 21.91 5.34
C PHE F 970 0.14 20.50 4.93
N GLY F 971 0.66 20.37 3.71
CA GLY F 971 1.05 19.07 3.20
C GLY F 971 -0.09 18.26 2.62
N ALA F 972 -1.17 18.92 2.20
CA ALA F 972 -2.31 18.25 1.59
C ALA F 972 -2.42 18.68 0.14
N ILE F 973 -3.36 18.05 -0.57
CA ILE F 973 -3.52 18.33 -1.99
C ILE F 973 -4.05 19.73 -2.26
N SER F 974 -4.85 20.29 -1.35
CA SER F 974 -5.40 21.63 -1.54
C SER F 974 -5.84 22.17 -0.19
N SER F 975 -6.01 23.48 -0.13
CA SER F 975 -6.64 24.14 1.01
C SER F 975 -8.15 24.23 0.88
N VAL F 976 -8.69 24.08 -0.33
CA VAL F 976 -10.13 24.01 -0.52
C VAL F 976 -10.59 22.60 -0.16
N LEU F 977 -11.42 22.52 0.87
CA LEU F 977 -11.82 21.21 1.39
C LEU F 977 -12.82 20.53 0.46
N ASN F 978 -13.68 21.32 -0.19
CA ASN F 978 -14.62 20.76 -1.16
C ASN F 978 -13.91 20.15 -2.35
N ASP F 979 -12.75 20.70 -2.73
CA ASP F 979 -11.96 20.08 -3.79
C ASP F 979 -11.49 18.69 -3.38
N ILE F 980 -10.99 18.55 -2.15
CA ILE F 980 -10.55 17.25 -1.66
C ILE F 980 -11.71 16.27 -1.65
N LEU F 981 -12.88 16.72 -1.19
CA LEU F 981 -14.04 15.83 -1.20
C LEU F 981 -14.48 15.48 -2.62
N SER F 982 -14.31 16.42 -3.56
CA SER F 982 -14.78 16.18 -4.92
C SER F 982 -13.88 15.19 -5.66
N ARG F 983 -12.57 15.32 -5.56
CA ARG F 983 -11.67 14.50 -6.37
C ARG F 983 -10.95 13.43 -5.55
N LEU F 984 -11.56 12.92 -4.48
CA LEU F 984 -10.95 11.85 -3.71
C LEU F 984 -12.03 10.97 -3.08
N ASP F 985 -11.68 9.69 -2.99
CA ASP F 985 -12.47 8.68 -2.31
C ASP F 985 -12.30 8.91 -0.81
N PRO F 986 -13.38 8.85 -0.03
CA PRO F 986 -13.33 9.27 1.38
C PRO F 986 -12.25 8.57 2.21
N PRO F 987 -11.87 7.33 1.90
CA PRO F 987 -10.70 6.78 2.63
C PRO F 987 -9.42 7.59 2.49
N GLU F 988 -9.16 8.22 1.35
CA GLU F 988 -7.98 9.08 1.20
C GLU F 988 -8.31 10.53 1.54
N ALA F 989 -9.51 10.98 1.16
CA ALA F 989 -9.95 12.31 1.53
C ALA F 989 -9.93 12.49 3.05
N GLU F 990 -10.14 11.41 3.80
CA GLU F 990 -10.07 11.50 5.24
C GLU F 990 -8.67 11.87 5.72
N VAL F 991 -7.64 11.27 5.11
CA VAL F 991 -6.27 11.62 5.47
C VAL F 991 -5.96 13.07 5.10
N GLN F 992 -6.39 13.50 3.91
CA GLN F 992 -6.14 14.88 3.51
C GLN F 992 -6.86 15.87 4.44
N ILE F 993 -8.10 15.57 4.79
CA ILE F 993 -8.90 16.38 5.70
C ILE F 993 -8.21 16.40 7.06
N ASP F 994 -7.62 15.28 7.46
CA ASP F 994 -6.92 15.22 8.74
C ASP F 994 -5.72 16.15 8.75
N ARG F 995 -4.97 16.18 7.65
CA ARG F 995 -3.84 17.11 7.56
C ARG F 995 -4.31 18.56 7.63
N LEU F 996 -5.38 18.89 6.90
CA LEU F 996 -5.91 20.25 6.97
C LEU F 996 -6.39 20.58 8.37
N ILE F 997 -7.05 19.62 9.05
CA ILE F 997 -7.54 19.84 10.40
C ILE F 997 -6.38 20.12 11.33
N THR F 998 -5.31 19.33 11.24
CA THR F 998 -4.17 19.53 12.12
C THR F 998 -3.54 20.90 11.90
N GLY F 999 -3.36 21.30 10.64
CA GLY F 999 -2.79 22.60 10.36
C GLY F 999 -3.65 23.75 10.87
N ARG F 1000 -4.95 23.70 10.59
CA ARG F 1000 -5.84 24.78 11.00
C ARG F 1000 -5.97 24.84 12.52
N LEU F 1001 -6.01 23.68 13.18
CA LEU F 1001 -6.08 23.64 14.64
C LEU F 1001 -4.81 24.22 15.26
N GLN F 1002 -3.65 23.89 14.69
CA GLN F 1002 -2.41 24.49 15.19
C GLN F 1002 -2.42 26.00 15.02
N SER F 1003 -2.89 26.48 13.87
CA SER F 1003 -2.98 27.92 13.65
C SER F 1003 -3.90 28.58 14.66
N LEU F 1004 -5.05 27.97 14.93
CA LEU F 1004 -6.00 28.56 15.86
C LEU F 1004 -5.48 28.52 17.29
N GLN F 1005 -4.77 27.45 17.66
CA GLN F 1005 -4.16 27.40 18.98
C GLN F 1005 -3.10 28.47 19.14
N THR F 1006 -2.28 28.68 18.10
CA THR F 1006 -1.28 29.74 18.15
C THR F 1006 -1.96 31.09 18.32
N TYR F 1007 -3.03 31.34 17.57
CA TYR F 1007 -3.76 32.59 17.70
C TYR F 1007 -4.29 32.78 19.10
N VAL F 1008 -4.88 31.73 19.69
CA VAL F 1008 -5.46 31.85 21.02
C VAL F 1008 -4.37 32.10 22.06
N THR F 1009 -3.23 31.42 21.93
CA THR F 1009 -2.14 31.63 22.89
C THR F 1009 -1.60 33.06 22.80
N GLN F 1010 -1.40 33.58 21.59
N GLN F 1010 -1.40 33.56 21.58
CA GLN F 1010 -0.91 34.95 21.49
CA GLN F 1010 -0.95 34.94 21.41
C GLN F 1010 -1.97 35.95 21.95
C GLN F 1010 -1.97 35.93 21.96
N GLN F 1011 -3.26 35.64 21.76
CA GLN F 1011 -4.30 36.51 22.28
C GLN F 1011 -4.30 36.51 23.81
N LEU F 1012 -4.07 35.36 24.43
CA LEU F 1012 -4.00 35.31 25.89
C LEU F 1012 -2.81 36.12 26.41
N ILE F 1013 -1.66 36.01 25.74
CA ILE F 1013 -0.50 36.77 26.18
C ILE F 1013 -0.73 38.27 26.01
N ARG F 1014 -1.26 38.68 24.86
CA ARG F 1014 -1.57 40.09 24.64
C ARG F 1014 -2.66 40.59 25.58
N ALA F 1015 -3.59 39.72 25.96
CA ALA F 1015 -4.63 40.10 26.90
C ALA F 1015 -4.07 40.30 28.29
N ALA F 1016 -3.09 39.49 28.68
CA ALA F 1016 -2.40 39.72 29.95
C ALA F 1016 -1.65 41.05 29.93
N GLU F 1017 -1.02 41.36 28.80
CA GLU F 1017 -0.33 42.65 28.68
C GLU F 1017 -1.32 43.81 28.77
N ILE F 1018 -2.45 43.70 28.09
CA ILE F 1018 -3.47 44.75 28.13
C ILE F 1018 -4.07 44.86 29.52
N ARG F 1019 -4.23 43.72 30.23
CA ARG F 1019 -4.73 43.77 31.59
C ARG F 1019 -3.77 44.48 32.52
N ALA F 1020 -2.46 44.25 32.36
CA ALA F 1020 -1.50 45.00 33.15
C ALA F 1020 -1.60 46.49 32.84
N SER F 1021 -1.74 46.84 31.56
CA SER F 1021 -1.89 48.24 31.19
C SER F 1021 -3.17 48.85 31.79
N ALA F 1022 -4.26 48.09 31.78
CA ALA F 1022 -5.52 48.59 32.31
C ALA F 1022 -5.48 48.73 33.83
N ASN F 1023 -4.79 47.82 34.51
CA ASN F 1023 -4.61 47.97 35.95
C ASN F 1023 -3.78 49.22 36.26
N LEU F 1024 -2.73 49.47 35.48
CA LEU F 1024 -1.97 50.70 35.66
C LEU F 1024 -2.82 51.92 35.41
N ALA F 1025 -3.67 51.88 34.37
CA ALA F 1025 -4.54 53.00 34.07
C ALA F 1025 -5.56 53.24 35.18
N ALA F 1026 -6.09 52.17 35.75
CA ALA F 1026 -7.01 52.32 36.88
C ALA F 1026 -6.31 52.91 38.09
N THR F 1027 -5.08 52.47 38.35
CA THR F 1027 -4.30 53.04 39.44
C THR F 1027 -4.01 54.52 39.22
N LYS F 1028 -3.73 54.90 37.98
CA LYS F 1028 -3.51 56.31 37.67
C LYS F 1028 -4.80 57.11 37.77
N MET F 1029 -5.94 56.54 37.40
CA MET F 1029 -7.21 57.22 37.62
C MET F 1029 -7.46 57.46 39.10
N SER F 1030 -7.16 56.45 39.93
CA SER F 1030 -7.40 56.61 41.36
C SER F 1030 -6.45 57.62 41.99
N GLU F 1031 -5.15 57.51 41.70
CA GLU F 1031 -4.15 58.28 42.44
C GLU F 1031 -3.77 59.59 41.79
N CYS F 1032 -4.05 59.79 40.51
CA CYS F 1032 -3.76 61.04 39.81
C CYS F 1032 -4.98 61.91 39.60
N VAL F 1033 -6.13 61.31 39.30
CA VAL F 1033 -7.35 62.07 39.03
C VAL F 1033 -8.18 62.25 40.30
N LEU F 1034 -8.33 61.20 41.09
CA LEU F 1034 -9.13 61.28 42.31
C LEU F 1034 -8.34 61.75 43.51
N GLY F 1035 -7.04 62.01 43.35
CA GLY F 1035 -6.23 62.53 44.42
C GLY F 1035 -4.99 63.20 43.87
N GLN F 1036 -4.12 63.62 44.77
CA GLN F 1036 -2.83 64.19 44.41
C GLN F 1036 -1.74 63.24 44.84
N SER F 1037 -0.89 62.85 43.89
CA SER F 1037 0.10 61.82 44.13
C SER F 1037 1.44 62.41 44.53
N LYS F 1038 2.07 61.81 45.53
CA LYS F 1038 3.43 62.14 45.91
C LYS F 1038 4.46 61.23 45.26
N ARG F 1039 4.02 60.22 44.53
CA ARG F 1039 4.93 59.32 43.83
C ARG F 1039 5.55 60.04 42.66
N VAL F 1040 6.88 59.99 42.57
CA VAL F 1040 7.59 60.75 41.54
C VAL F 1040 7.37 60.12 40.18
N ASP F 1041 7.02 60.95 39.19
CA ASP F 1041 6.84 60.59 37.80
C ASP F 1041 5.70 59.60 37.58
N PHE F 1042 4.87 59.33 38.59
CA PHE F 1042 3.70 58.51 38.40
C PHE F 1042 2.58 59.24 37.68
N CYS F 1043 2.47 60.55 37.87
CA CYS F 1043 1.44 61.38 37.25
C CYS F 1043 2.14 62.53 36.52
N GLY F 1044 3.14 62.19 35.72
CA GLY F 1044 3.83 63.16 34.90
C GLY F 1044 5.13 63.65 35.51
N LYS F 1045 5.89 64.38 34.70
CA LYS F 1045 7.19 64.90 35.09
C LYS F 1045 7.01 66.25 35.76
N GLY F 1046 7.46 66.36 37.00
CA GLY F 1046 7.32 67.54 37.80
C GLY F 1046 6.66 67.20 39.11
N TYR F 1047 6.18 68.23 39.80
CA TYR F 1047 5.43 68.05 41.05
C TYR F 1047 3.96 68.02 40.71
N HIS F 1048 3.35 66.84 40.86
CA HIS F 1048 1.99 66.63 40.39
C HIS F 1048 1.00 67.55 41.11
N LEU F 1049 0.21 68.27 40.33
CA LEU F 1049 -0.91 69.02 40.86
C LEU F 1049 -2.22 68.28 40.67
N MET F 1050 -2.60 67.97 39.43
CA MET F 1050 -3.86 67.28 39.19
C MET F 1050 -3.89 66.74 37.78
N SER F 1051 -4.59 65.63 37.59
CA SER F 1051 -4.72 65.03 36.28
C SER F 1051 -6.18 65.05 35.83
N PHE F 1052 -6.35 65.04 34.50
CA PHE F 1052 -7.67 65.08 33.88
C PHE F 1052 -7.81 63.88 32.97
N PRO F 1053 -8.85 63.07 33.12
CA PRO F 1053 -9.03 61.93 32.20
C PRO F 1053 -9.69 62.37 30.91
N GLN F 1054 -9.30 61.73 29.82
CA GLN F 1054 -9.98 61.87 28.53
C GLN F 1054 -10.11 60.48 27.92
N SER F 1055 -11.30 60.17 27.41
CA SER F 1055 -11.51 58.88 26.77
C SER F 1055 -10.82 58.85 25.41
N ALA F 1056 -10.04 57.82 25.16
CA ALA F 1056 -9.37 57.61 23.88
C ALA F 1056 -10.04 56.42 23.21
N PRO F 1057 -10.06 56.40 21.87
CA PRO F 1057 -10.96 55.48 21.16
C PRO F 1057 -10.91 54.04 21.64
N HIS F 1058 -9.77 53.60 22.15
CA HIS F 1058 -9.66 52.25 22.67
C HIS F 1058 -8.82 52.21 23.95
N GLY F 1059 -8.78 53.32 24.68
CA GLY F 1059 -8.00 53.42 25.89
C GLY F 1059 -8.28 54.71 26.64
N VAL F 1060 -7.30 55.17 27.41
CA VAL F 1060 -7.45 56.37 28.22
C VAL F 1060 -6.26 57.29 27.98
N VAL F 1061 -6.47 58.59 28.13
CA VAL F 1061 -5.42 59.59 28.08
C VAL F 1061 -5.51 60.40 29.38
N PHE F 1062 -4.38 60.63 30.02
CA PHE F 1062 -4.32 61.47 31.19
C PHE F 1062 -3.58 62.75 30.86
N LEU F 1063 -4.22 63.88 31.12
CA LEU F 1063 -3.60 65.19 31.03
C LEU F 1063 -3.10 65.54 32.42
N HIS F 1064 -1.80 65.35 32.64
CA HIS F 1064 -1.20 65.62 33.93
C HIS F 1064 -0.75 67.07 33.99
N VAL F 1065 -1.29 67.81 34.95
CA VAL F 1065 -0.85 69.16 35.27
C VAL F 1065 0.07 69.04 36.47
N THR F 1066 1.35 69.35 36.26
CA THR F 1066 2.36 69.31 37.29
C THR F 1066 2.96 70.69 37.45
N TYR F 1067 3.47 70.95 38.64
CA TYR F 1067 4.20 72.17 38.94
C TYR F 1067 5.66 71.92 38.62
N VAL F 1068 6.15 72.49 37.55
CA VAL F 1068 7.55 72.37 37.16
C VAL F 1068 8.27 73.63 37.63
N PRO F 1069 9.09 73.56 38.66
CA PRO F 1069 9.81 74.75 39.10
C PRO F 1069 10.93 75.10 38.14
N ALA F 1070 11.37 76.35 38.25
CA ALA F 1070 12.72 76.84 37.94
C ALA F 1070 12.70 78.08 37.07
N GLN F 1071 13.00 79.21 37.70
CA GLN F 1071 13.79 80.27 37.10
C GLN F 1071 14.78 80.59 38.22
N GLU F 1072 15.82 79.79 38.31
CA GLU F 1072 16.46 79.59 39.60
C GLU F 1072 17.65 80.54 39.79
N LYS F 1073 18.05 80.67 41.04
CA LYS F 1073 19.12 81.57 41.37
C LYS F 1073 19.99 80.89 42.39
N ASN F 1074 21.15 81.44 42.69
CA ASN F 1074 22.09 80.81 43.57
C ASN F 1074 22.27 81.60 44.84
N PHE F 1075 22.32 80.92 45.96
CA PHE F 1075 22.45 81.60 47.21
C PHE F 1075 23.38 80.86 48.11
N THR F 1076 23.81 81.48 49.19
CA THR F 1076 24.64 80.85 50.21
C THR F 1076 23.76 80.36 51.34
N THR F 1077 23.98 79.11 51.76
CA THR F 1077 23.16 78.50 52.80
C THR F 1077 24.00 78.13 54.02
N ALA F 1078 23.31 78.06 55.15
CA ALA F 1078 23.85 77.59 56.41
C ALA F 1078 22.90 76.57 57.01
N PRO F 1079 23.43 75.45 57.53
CA PRO F 1079 22.54 74.48 58.20
C PRO F 1079 21.76 75.08 59.35
N ALA F 1080 22.36 76.01 60.08
CA ALA F 1080 21.74 76.61 61.24
C ALA F 1080 22.32 78.01 61.42
N ILE F 1081 21.59 78.82 62.18
CA ILE F 1081 22.00 80.19 62.49
C ILE F 1081 22.30 80.26 63.98
N CYS F 1082 23.47 80.80 64.32
CA CYS F 1082 23.91 80.89 65.70
C CYS F 1082 23.54 82.26 66.26
N HIS F 1083 22.61 82.29 67.21
CA HIS F 1083 22.24 83.52 67.89
C HIS F 1083 22.16 83.24 69.38
N ASP F 1084 22.92 84.01 70.17
CA ASP F 1084 23.01 83.82 71.62
C ASP F 1084 23.50 82.42 71.96
N GLY F 1085 24.27 81.82 71.05
CA GLY F 1085 24.74 80.46 71.24
C GLY F 1085 23.66 79.43 71.39
N LYS F 1086 22.67 79.42 70.51
CA LYS F 1086 21.52 78.54 70.67
C LYS F 1086 21.19 77.69 69.45
N ALA F 1087 21.90 77.87 68.33
CA ALA F 1087 21.77 76.95 67.20
C ALA F 1087 20.34 76.85 66.67
N HIS F 1088 19.82 77.92 66.08
CA HIS F 1088 18.47 77.96 65.56
C HIS F 1088 18.39 77.22 64.22
N PHE F 1089 17.28 76.53 63.99
CA PHE F 1089 17.01 75.79 62.77
C PHE F 1089 15.70 76.25 62.15
N PRO F 1090 15.59 76.26 60.82
CA PRO F 1090 14.34 76.73 60.21
C PRO F 1090 13.20 75.72 60.43
N ARG F 1091 12.02 76.26 60.73
CA ARG F 1091 10.88 75.39 60.99
C ARG F 1091 10.46 74.63 59.73
N GLU F 1092 10.28 75.34 58.63
CA GLU F 1092 9.73 74.73 57.42
C GLU F 1092 10.51 75.06 56.15
N GLY F 1093 11.42 76.01 56.17
CA GLY F 1093 12.13 76.42 54.97
C GLY F 1093 13.63 76.18 55.11
N VAL F 1094 14.39 77.03 54.44
CA VAL F 1094 15.84 76.93 54.39
C VAL F 1094 16.44 78.32 54.59
N PHE F 1095 17.56 78.35 55.31
CA PHE F 1095 18.33 79.58 55.49
C PHE F 1095 19.10 79.87 54.21
N VAL F 1096 18.84 81.01 53.59
CA VAL F 1096 19.54 81.42 52.38
C VAL F 1096 20.13 82.79 52.61
N SER F 1097 21.14 83.12 51.81
CA SER F 1097 21.87 84.37 52.00
C SER F 1097 22.00 85.13 50.69
N ASN F 1098 21.72 86.41 50.74
CA ASN F 1098 22.31 87.37 49.82
C ASN F 1098 23.78 87.53 50.16
N GLY F 1099 24.45 88.42 49.42
CA GLY F 1099 25.84 88.70 49.73
C GLY F 1099 26.04 89.12 51.18
N THR F 1100 25.03 89.74 51.78
CA THR F 1100 25.22 90.31 53.12
C THR F 1100 24.19 89.79 54.13
N HIS F 1101 22.95 89.56 53.71
CA HIS F 1101 21.87 89.28 54.64
C HIS F 1101 21.37 87.83 54.49
N TRP F 1102 20.63 87.39 55.50
CA TRP F 1102 20.12 86.04 55.60
C TRP F 1102 18.60 86.04 55.76
N PHE F 1103 17.94 85.05 55.17
CA PHE F 1103 16.50 84.94 55.18
C PHE F 1103 16.10 83.47 55.29
N VAL F 1104 14.82 83.23 55.59
CA VAL F 1104 14.25 81.89 55.61
C VAL F 1104 13.26 81.78 54.46
N THR F 1105 13.66 81.13 53.38
CA THR F 1105 12.75 80.99 52.26
C THR F 1105 12.19 79.57 52.21
N GLN F 1106 11.00 79.44 51.64
CA GLN F 1106 10.48 78.12 51.36
C GLN F 1106 11.32 77.47 50.27
N ARG F 1107 11.39 76.14 50.30
CA ARG F 1107 12.44 75.44 49.57
C ARG F 1107 12.19 75.42 48.07
N ASN F 1108 10.93 75.52 47.64
CA ASN F 1108 10.61 75.40 46.23
C ASN F 1108 10.27 76.72 45.56
N PHE F 1109 10.13 77.81 46.32
CA PHE F 1109 9.86 79.12 45.76
C PHE F 1109 10.64 80.15 46.58
N TYR F 1110 11.21 81.14 45.92
CA TYR F 1110 12.06 82.12 46.61
C TYR F 1110 11.17 83.20 47.19
N GLU F 1111 11.17 83.30 48.52
CA GLU F 1111 10.38 84.28 49.26
C GLU F 1111 11.12 84.56 50.56
N PRO F 1112 11.96 85.60 50.62
CA PRO F 1112 13.02 85.63 51.64
C PRO F 1112 12.53 85.59 53.09
N GLN F 1113 11.78 86.59 53.56
CA GLN F 1113 11.36 86.69 54.96
C GLN F 1113 12.53 86.69 55.96
N ILE F 1114 12.52 87.64 56.90
CA ILE F 1114 13.64 87.79 57.82
C ILE F 1114 13.61 86.69 58.87
N ILE F 1115 14.77 86.45 59.50
CA ILE F 1115 14.89 85.41 60.50
C ILE F 1115 14.15 85.83 61.76
N THR F 1116 13.24 84.99 62.23
CA THR F 1116 12.50 85.29 63.45
C THR F 1116 12.43 84.04 64.33
N THR F 1117 12.01 84.25 65.58
CA THR F 1117 11.74 83.13 66.46
C THR F 1117 10.48 82.37 66.05
N ASP F 1118 9.63 82.99 65.24
CA ASP F 1118 8.40 82.34 64.83
C ASP F 1118 8.65 81.28 63.75
N ASN F 1119 9.64 81.50 62.89
CA ASN F 1119 9.94 80.57 61.82
C ASN F 1119 11.19 79.72 62.07
N THR F 1120 11.73 79.75 63.28
CA THR F 1120 12.85 78.89 63.66
C THR F 1120 12.57 78.27 65.01
N PHE F 1121 13.27 77.17 65.29
CA PHE F 1121 13.24 76.53 66.59
C PHE F 1121 14.66 76.33 67.09
N VAL F 1122 14.81 76.35 68.41
CA VAL F 1122 16.12 76.33 69.07
C VAL F 1122 16.40 74.91 69.52
N SER F 1123 17.62 74.44 69.29
CA SER F 1123 18.04 73.10 69.73
C SER F 1123 19.54 73.08 69.93
N GLY F 1124 19.97 73.04 71.19
CA GLY F 1124 21.37 72.87 71.50
C GLY F 1124 22.15 74.18 71.45
N ASN F 1125 23.48 74.05 71.49
CA ASN F 1125 24.38 75.19 71.39
C ASN F 1125 25.08 75.18 70.04
N CYS F 1126 26.00 76.12 69.86
CA CYS F 1126 26.55 76.38 68.54
C CYS F 1126 27.79 75.54 68.26
N ASP F 1127 28.16 74.66 69.19
CA ASP F 1127 29.42 73.91 69.03
C ASP F 1127 29.25 72.73 68.09
N VAL F 1128 28.04 72.17 67.99
CA VAL F 1128 27.89 70.87 67.34
C VAL F 1128 27.71 71.02 65.84
N VAL F 1129 26.81 71.91 65.40
CA VAL F 1129 26.47 72.01 63.99
C VAL F 1129 27.69 72.46 63.20
N ILE F 1130 28.00 71.73 62.11
CA ILE F 1130 29.27 71.92 61.43
C ILE F 1130 29.32 73.25 60.68
N GLY F 1131 28.29 73.56 59.90
CA GLY F 1131 28.32 74.75 59.08
C GLY F 1131 27.52 75.91 59.63
N ILE F 1132 27.37 75.98 60.96
CA ILE F 1132 26.54 77.01 61.56
C ILE F 1132 27.17 78.38 61.33
N VAL F 1133 26.32 79.40 61.17
CA VAL F 1133 26.75 80.74 60.81
C VAL F 1133 26.16 81.73 61.81
N ASN F 1134 26.97 82.69 62.24
CA ASN F 1134 26.51 83.76 63.11
C ASN F 1134 25.45 84.60 62.40
N ASN F 1135 24.38 84.92 63.12
CA ASN F 1135 23.43 85.93 62.67
C ASN F 1135 22.46 86.21 63.81
N THR F 1136 21.73 87.30 63.68
CA THR F 1136 20.70 87.66 64.64
C THR F 1136 19.36 87.05 64.21
N VAL F 1137 18.60 86.58 65.20
CA VAL F 1137 17.24 86.12 64.97
C VAL F 1137 16.31 87.12 65.65
N TYR F 1138 15.31 87.57 64.91
CA TYR F 1138 14.44 88.65 65.38
C TYR F 1138 13.39 88.09 66.32
N ASP F 1139 13.24 88.74 67.47
CA ASP F 1139 12.20 88.37 68.42
C ASP F 1139 11.00 89.27 68.21
N PRO F 1140 9.85 88.72 67.78
CA PRO F 1140 8.68 89.60 67.57
C PRO F 1140 8.21 90.28 68.84
N LEU F 1141 8.36 89.66 70.00
CA LEU F 1141 7.80 90.20 71.24
C LEU F 1141 8.61 91.38 71.77
N GLN F 1142 9.94 91.30 71.69
CA GLN F 1142 10.78 92.29 72.35
C GLN F 1142 10.52 93.73 71.95
N PRO F 1143 10.38 94.10 70.67
CA PRO F 1143 10.13 95.52 70.35
C PRO F 1143 8.90 96.10 71.02
N GLU F 1144 7.83 95.31 71.13
CA GLU F 1144 6.63 95.78 71.81
C GLU F 1144 6.92 96.03 73.29
N LEU F 1145 7.91 95.33 73.84
CA LEU F 1145 8.24 95.47 75.26
C LEU F 1145 9.59 96.17 75.44
N CYS G 15 -58.79 -18.32 12.29
CA CYS G 15 -58.34 -16.94 12.24
C CYS G 15 -59.43 -16.04 11.68
N VAL G 16 -60.35 -15.63 12.55
CA VAL G 16 -61.56 -14.95 12.15
C VAL G 16 -61.28 -13.45 12.06
N ASN G 17 -61.83 -12.81 11.03
CA ASN G 17 -61.70 -11.37 10.89
C ASN G 17 -62.75 -10.70 11.76
N LEU G 18 -62.32 -9.80 12.64
CA LEU G 18 -63.25 -9.13 13.54
C LEU G 18 -63.89 -7.95 12.82
N THR G 19 -65.21 -7.97 12.73
CA THR G 19 -65.95 -7.11 11.80
C THR G 19 -67.03 -6.30 12.51
N THR G 20 -66.70 -5.66 13.63
CA THR G 20 -67.65 -4.82 14.33
C THR G 20 -67.01 -3.50 14.79
N ARG G 21 -65.88 -3.12 14.20
CA ARG G 21 -65.24 -1.86 14.56
C ARG G 21 -66.12 -0.68 14.14
N THR G 22 -65.96 0.43 14.87
CA THR G 22 -66.78 1.62 14.67
C THR G 22 -65.94 2.87 14.39
N GLN G 23 -64.69 2.67 13.95
CA GLN G 23 -63.82 3.75 13.51
C GLN G 23 -63.51 4.77 14.62
N LEU G 24 -64.12 5.97 14.53
CA LEU G 24 -63.86 7.11 15.40
C LEU G 24 -62.43 7.65 15.29
N PRO G 25 -62.00 8.00 14.07
CA PRO G 25 -60.56 8.26 13.72
C PRO G 25 -59.52 7.80 14.73
N PRO G 26 -58.27 8.24 14.59
CA PRO G 26 -57.30 8.02 15.67
C PRO G 26 -57.29 9.17 16.67
N ALA G 27 -56.46 9.01 17.70
CA ALA G 27 -56.33 10.00 18.76
C ALA G 27 -54.85 10.21 19.06
N TYR G 28 -54.56 11.20 19.90
CA TYR G 28 -53.19 11.56 20.23
C TYR G 28 -53.14 12.13 21.64
N THR G 29 -51.96 12.06 22.26
CA THR G 29 -51.79 12.60 23.61
C THR G 29 -50.32 12.97 23.84
N ASN G 30 -50.07 13.72 24.91
CA ASN G 30 -48.75 14.27 25.20
C ASN G 30 -47.95 13.30 26.05
N SER G 31 -46.76 12.93 25.58
CA SER G 31 -45.82 12.13 26.36
C SER G 31 -44.89 13.10 27.09
N PHE G 32 -45.31 13.53 28.27
CA PHE G 32 -44.70 14.65 28.97
C PHE G 32 -43.21 14.46 29.24
N THR G 33 -42.85 13.46 30.05
CA THR G 33 -41.46 13.28 30.46
C THR G 33 -41.05 11.82 30.43
N ARG G 34 -41.95 10.92 30.05
CA ARG G 34 -41.69 9.49 30.10
C ARG G 34 -40.82 9.05 28.94
N GLY G 35 -40.29 7.83 29.05
CA GLY G 35 -39.48 7.24 28.01
C GLY G 35 -37.99 7.22 28.29
N VAL G 36 -37.56 7.57 29.49
CA VAL G 36 -36.13 7.60 29.82
C VAL G 36 -35.71 6.25 30.38
N TYR G 37 -34.66 5.68 29.80
CA TYR G 37 -34.13 4.39 30.22
C TYR G 37 -32.64 4.52 30.52
N TYR G 38 -32.12 3.58 31.30
CA TYR G 38 -30.70 3.57 31.59
C TYR G 38 -29.94 3.25 30.32
N PRO G 39 -29.09 4.15 29.81
CA PRO G 39 -28.43 3.87 28.53
C PRO G 39 -27.50 2.67 28.57
N ASP G 40 -26.85 2.42 29.71
CA ASP G 40 -25.92 1.31 29.85
C ASP G 40 -26.03 0.74 31.26
N LYS G 41 -25.07 -0.12 31.61
CA LYS G 41 -25.04 -0.75 32.92
C LYS G 41 -24.03 -0.12 33.85
N VAL G 42 -23.44 1.02 33.48
CA VAL G 42 -22.46 1.67 34.33
C VAL G 42 -23.15 2.29 35.54
N PHE G 43 -22.50 2.24 36.69
CA PHE G 43 -23.01 2.82 37.92
C PHE G 43 -22.42 4.21 38.11
N ARG G 44 -23.28 5.21 38.28
CA ARG G 44 -22.86 6.57 38.54
C ARG G 44 -23.69 7.11 39.70
N SER G 45 -23.02 7.77 40.65
CA SER G 45 -23.66 8.21 41.88
C SER G 45 -23.47 9.71 42.07
N SER G 46 -24.60 10.42 42.20
CA SER G 46 -24.61 11.85 42.49
C SER G 46 -23.80 12.64 41.45
N VAL G 47 -24.03 12.33 40.18
CA VAL G 47 -23.34 13.01 39.08
C VAL G 47 -24.32 13.16 37.92
N LEU G 48 -24.25 14.29 37.22
CA LEU G 48 -25.05 14.52 36.03
C LEU G 48 -24.24 14.06 34.83
N HIS G 49 -24.81 13.14 34.06
CA HIS G 49 -24.12 12.55 32.92
C HIS G 49 -24.85 12.89 31.62
N SER G 50 -24.12 13.41 30.64
CA SER G 50 -24.68 13.76 29.36
C SER G 50 -24.35 12.66 28.35
N THR G 51 -25.40 12.10 27.75
CA THR G 51 -25.24 10.99 26.83
C THR G 51 -26.09 11.19 25.58
N GLN G 52 -25.55 10.80 24.43
CA GLN G 52 -26.26 10.84 23.16
C GLN G 52 -26.69 9.43 22.81
N ASP G 53 -28.01 9.22 22.71
CA ASP G 53 -28.54 7.89 22.44
C ASP G 53 -29.86 8.05 21.70
N LEU G 54 -30.68 6.99 21.70
CA LEU G 54 -32.02 7.04 21.13
C LEU G 54 -33.02 7.20 22.26
N PHE G 55 -33.64 8.37 22.33
CA PHE G 55 -34.57 8.69 23.41
C PHE G 55 -35.90 9.17 22.84
N LEU G 56 -36.93 9.09 23.67
CA LEU G 56 -38.21 9.67 23.33
C LEU G 56 -38.20 11.15 23.74
N PRO G 57 -38.25 12.08 22.79
CA PRO G 57 -38.15 13.50 23.13
C PRO G 57 -39.27 13.92 24.06
N PHE G 58 -38.94 14.81 24.99
CA PHE G 58 -39.93 15.28 25.96
C PHE G 58 -41.07 16.01 25.25
N PHE G 59 -42.28 15.80 25.77
CA PHE G 59 -43.47 16.51 25.31
C PHE G 59 -43.74 16.32 23.83
N SER G 60 -43.54 15.10 23.32
CA SER G 60 -43.95 14.77 21.97
C SER G 60 -45.41 14.34 21.95
N ASN G 61 -45.98 14.27 20.75
CA ASN G 61 -47.34 13.77 20.60
C ASN G 61 -47.25 12.30 20.20
N VAL G 62 -47.87 11.42 20.99
CA VAL G 62 -47.84 9.98 20.77
C VAL G 62 -49.25 9.53 20.41
N THR G 63 -49.33 8.48 19.59
CA THR G 63 -50.63 8.03 19.09
C THR G 63 -51.34 7.20 20.16
N TRP G 64 -52.66 7.36 20.23
CA TRP G 64 -53.49 6.81 21.28
C TRP G 64 -54.41 5.76 20.68
N PHE G 65 -54.55 4.62 21.36
CA PHE G 65 -55.48 3.58 20.93
C PHE G 65 -56.30 3.11 22.13
N HIS G 66 -57.57 2.81 21.87
CA HIS G 66 -58.53 2.37 22.87
C HIS G 66 -58.91 0.91 22.64
N ALA G 67 -59.68 0.36 23.57
CA ALA G 67 -60.34 -0.93 23.40
C ALA G 67 -61.74 -0.86 23.98
N ILE G 68 -62.31 0.34 24.05
CA ILE G 68 -63.55 0.56 24.79
C ILE G 68 -64.73 -0.05 24.05
N HIS G 69 -65.76 -0.43 24.80
CA HIS G 69 -66.98 -1.01 24.27
C HIS G 69 -68.23 -0.17 24.55
N VAL G 70 -68.34 0.37 25.76
CA VAL G 70 -69.51 1.16 26.17
C VAL G 70 -70.77 0.31 26.09
N GLY G 75 -73.28 4.35 21.07
CA GLY G 75 -72.14 3.65 21.64
C GLY G 75 -71.14 3.22 20.58
N THR G 76 -69.86 3.25 20.95
CA THR G 76 -68.78 2.88 20.05
C THR G 76 -68.12 1.61 20.56
N LYS G 77 -67.82 0.69 19.64
CA LYS G 77 -67.25 -0.61 19.98
C LYS G 77 -65.89 -0.70 19.28
N ARG G 78 -64.85 -0.34 20.00
CA ARG G 78 -63.51 -0.19 19.43
C ARG G 78 -62.62 -1.37 19.79
N PHE G 79 -61.76 -1.75 18.86
CA PHE G 79 -60.74 -2.78 19.10
C PHE G 79 -59.59 -2.49 18.15
N ASP G 80 -58.52 -1.90 18.67
CA ASP G 80 -57.44 -1.37 17.85
C ASP G 80 -56.22 -2.28 17.98
N ASN G 81 -55.91 -3.01 16.90
CA ASN G 81 -54.62 -3.70 16.77
C ASN G 81 -54.06 -3.46 15.37
N PRO G 82 -53.72 -2.21 15.03
CA PRO G 82 -53.16 -1.93 13.71
C PRO G 82 -51.68 -2.28 13.65
N VAL G 83 -51.18 -2.34 12.42
CA VAL G 83 -49.75 -2.46 12.17
C VAL G 83 -49.15 -1.06 12.11
N LEU G 84 -48.06 -0.85 12.84
CA LEU G 84 -47.44 0.45 12.93
C LEU G 84 -45.95 0.36 12.59
N PRO G 85 -45.37 1.41 12.02
CA PRO G 85 -43.93 1.37 11.73
C PRO G 85 -43.11 1.29 13.00
N PHE G 86 -41.92 0.69 12.88
CA PHE G 86 -41.02 0.62 14.02
C PHE G 86 -40.18 1.88 14.12
N ASN G 87 -39.45 2.22 13.05
CA ASN G 87 -38.72 3.47 12.94
C ASN G 87 -37.74 3.69 14.09
N ASP G 88 -36.75 2.81 14.21
CA ASP G 88 -35.66 2.97 15.18
C ASP G 88 -36.17 3.06 16.61
N GLY G 89 -36.79 1.99 17.08
CA GLY G 89 -37.23 1.93 18.46
C GLY G 89 -38.65 2.42 18.63
N VAL G 90 -39.34 1.85 19.62
CA VAL G 90 -40.73 2.18 19.91
C VAL G 90 -40.92 2.25 21.42
N TYR G 91 -41.65 3.27 21.86
CA TYR G 91 -42.05 3.41 23.25
C TYR G 91 -43.52 3.06 23.37
N PHE G 92 -43.83 2.05 24.18
CA PHE G 92 -45.18 1.54 24.34
C PHE G 92 -45.61 1.78 25.79
N ALA G 93 -46.83 2.30 25.97
CA ALA G 93 -47.31 2.60 27.31
C ALA G 93 -48.76 2.17 27.43
N SER G 94 -49.01 1.13 28.21
CA SER G 94 -50.35 0.56 28.33
C SER G 94 -50.91 0.89 29.71
N THR G 95 -52.05 1.58 29.72
CA THR G 95 -52.81 1.84 30.94
C THR G 95 -54.00 0.89 30.90
N GLU G 96 -54.15 0.07 31.94
CA GLU G 96 -55.18 -0.97 31.95
C GLU G 96 -55.56 -1.33 33.36
N LYS G 97 -56.85 -1.62 33.57
CA LYS G 97 -57.30 -2.25 34.80
C LYS G 97 -57.37 -3.77 34.62
N SER G 98 -57.95 -4.22 33.52
CA SER G 98 -57.91 -5.61 33.12
C SER G 98 -56.59 -5.90 32.41
N ASN G 99 -56.28 -7.18 32.26
CA ASN G 99 -55.03 -7.61 31.61
C ASN G 99 -55.27 -7.88 30.13
N ILE G 100 -55.75 -6.85 29.45
CA ILE G 100 -56.20 -7.00 28.07
C ILE G 100 -55.02 -7.04 27.10
N ILE G 101 -54.14 -6.05 27.17
CA ILE G 101 -52.94 -6.07 26.34
C ILE G 101 -52.02 -7.17 26.86
N ARG G 102 -51.59 -8.05 25.96
CA ARG G 102 -50.88 -9.24 26.40
C ARG G 102 -49.64 -9.55 25.59
N GLY G 103 -49.25 -8.70 24.65
CA GLY G 103 -48.02 -8.95 23.91
C GLY G 103 -47.93 -8.08 22.67
N TRP G 104 -46.89 -8.37 21.89
CA TRP G 104 -46.59 -7.60 20.69
C TRP G 104 -46.07 -8.52 19.59
N ILE G 105 -46.10 -7.99 18.37
CA ILE G 105 -45.64 -8.65 17.16
C ILE G 105 -44.65 -7.72 16.48
N PHE G 106 -43.48 -8.24 16.14
CA PHE G 106 -42.46 -7.46 15.46
C PHE G 106 -42.06 -8.15 14.16
N GLY G 107 -41.61 -7.35 13.20
CA GLY G 107 -41.10 -7.93 11.97
C GLY G 107 -41.15 -7.02 10.77
N THR G 108 -40.58 -7.49 9.65
CA THR G 108 -40.52 -6.67 8.44
C THR G 108 -41.67 -6.99 7.49
N THR G 109 -42.15 -8.23 7.51
CA THR G 109 -43.24 -8.66 6.64
C THR G 109 -44.41 -9.30 7.39
N LEU G 110 -44.20 -9.74 8.63
CA LEU G 110 -45.25 -10.41 9.40
C LEU G 110 -45.86 -11.59 8.63
N SER G 116 -40.42 -11.11 13.83
CA SER G 116 -41.09 -12.39 14.03
C SER G 116 -41.10 -12.77 15.51
N LEU G 117 -40.84 -11.77 16.37
CA LEU G 117 -40.84 -12.00 17.81
C LEU G 117 -42.26 -12.02 18.34
N LEU G 118 -42.80 -13.20 18.66
CA LEU G 118 -44.12 -13.28 19.26
C LEU G 118 -43.93 -13.21 20.77
N ILE G 119 -43.82 -11.99 21.28
CA ILE G 119 -43.85 -11.76 22.71
C ILE G 119 -45.31 -11.69 23.14
N VAL G 120 -45.76 -12.66 23.94
CA VAL G 120 -47.16 -12.75 24.31
C VAL G 120 -47.27 -13.45 25.66
N ASN G 121 -48.30 -13.07 26.42
CA ASN G 121 -48.67 -13.72 27.66
C ASN G 121 -49.97 -14.50 27.40
N ASN G 122 -49.87 -15.83 27.38
CA ASN G 122 -51.03 -16.67 27.09
C ASN G 122 -51.72 -17.17 28.35
N ALA G 123 -51.71 -16.33 29.40
CA ALA G 123 -52.47 -16.49 30.64
C ALA G 123 -51.88 -17.56 31.56
N THR G 124 -50.81 -18.22 31.12
CA THR G 124 -50.13 -19.17 31.99
C THR G 124 -48.68 -18.76 32.24
N ASN G 125 -48.03 -18.25 31.20
CA ASN G 125 -46.65 -17.77 31.31
C ASN G 125 -46.43 -16.72 30.22
N VAL G 126 -45.18 -16.36 30.00
CA VAL G 126 -44.80 -15.39 28.97
C VAL G 126 -43.84 -16.10 28.03
N VAL G 127 -44.27 -16.30 26.79
CA VAL G 127 -43.50 -17.05 25.80
C VAL G 127 -42.99 -16.08 24.74
N ILE G 128 -41.73 -16.24 24.35
CA ILE G 128 -41.11 -15.46 23.28
C ILE G 128 -40.64 -16.42 22.22
N LYS G 129 -41.12 -16.23 20.99
CA LYS G 129 -40.73 -17.10 19.89
C LYS G 129 -40.40 -16.23 18.68
N VAL G 130 -39.47 -16.70 17.86
CA VAL G 130 -38.88 -15.89 16.80
C VAL G 130 -38.97 -16.68 15.49
N CYS G 131 -39.73 -17.78 15.51
CA CYS G 131 -39.88 -18.60 14.31
C CYS G 131 -40.52 -17.78 13.19
N GLU G 132 -40.27 -18.21 11.96
CA GLU G 132 -40.80 -17.50 10.80
C GLU G 132 -42.28 -17.82 10.68
N PHE G 133 -43.09 -17.05 11.39
CA PHE G 133 -44.53 -17.22 11.45
C PHE G 133 -45.21 -16.72 10.20
N GLN G 134 -46.50 -17.02 10.09
CA GLN G 134 -47.42 -16.29 9.23
C GLN G 134 -48.59 -15.82 10.09
N PHE G 135 -48.92 -14.54 9.98
CA PHE G 135 -49.79 -13.85 10.93
C PHE G 135 -51.19 -13.68 10.38
N CYS G 136 -52.16 -14.27 11.07
CA CYS G 136 -53.55 -14.05 10.75
C CYS G 136 -53.92 -12.60 11.00
N ASN G 137 -54.62 -12.00 10.04
CA ASN G 137 -55.07 -10.62 10.22
C ASN G 137 -56.00 -10.52 11.42
N ASP G 138 -55.85 -9.43 12.16
CA ASP G 138 -56.55 -9.20 13.41
C ASP G 138 -56.27 -10.32 14.43
N PRO G 139 -55.04 -10.41 14.93
CA PRO G 139 -54.72 -11.44 15.93
C PRO G 139 -55.16 -11.01 17.31
N PHE G 140 -55.70 -11.95 18.08
CA PHE G 140 -56.27 -11.67 19.38
C PHE G 140 -56.39 -12.96 20.19
N LEU G 141 -56.60 -12.79 21.51
CA LEU G 141 -56.82 -13.89 22.42
C LEU G 141 -58.18 -13.69 23.10
N GLY G 142 -58.92 -14.78 23.30
CA GLY G 142 -60.24 -14.71 23.88
C GLY G 142 -60.25 -15.07 25.34
N VAL G 143 -61.16 -14.44 26.08
CA VAL G 143 -61.32 -14.70 27.51
C VAL G 143 -62.79 -15.00 27.79
N TYR G 144 -63.12 -16.27 27.96
CA TYR G 144 -64.52 -16.66 28.08
C TYR G 144 -64.99 -16.60 29.54
N TYR G 145 -66.26 -16.24 29.70
CA TYR G 145 -66.93 -16.12 30.99
C TYR G 145 -68.23 -16.92 30.97
N HIS G 146 -68.58 -17.49 32.12
CA HIS G 146 -69.90 -18.10 32.31
C HIS G 146 -70.16 -18.38 33.79
N SER G 151 -66.50 -17.07 36.19
CA SER G 151 -65.49 -17.98 35.65
C SER G 151 -64.77 -17.35 34.46
N TRP G 152 -63.49 -17.06 34.64
CA TRP G 152 -62.66 -16.38 33.65
C TRP G 152 -61.60 -17.36 33.15
N MET G 153 -61.77 -17.86 31.92
CA MET G 153 -60.80 -18.80 31.35
C MET G 153 -60.32 -18.35 29.97
N GLU G 154 -59.02 -18.47 29.75
CA GLU G 154 -58.42 -18.07 28.47
C GLU G 154 -58.66 -19.12 27.40
N SER G 155 -58.75 -18.67 26.16
CA SER G 155 -58.90 -19.54 25.00
C SER G 155 -58.68 -18.70 23.75
N GLU G 156 -59.01 -19.30 22.61
CA GLU G 156 -59.05 -18.61 21.32
C GLU G 156 -57.73 -17.88 21.04
N PHE G 157 -56.67 -18.67 20.94
CA PHE G 157 -55.35 -18.11 20.69
C PHE G 157 -55.32 -17.40 19.34
N ARG G 158 -55.84 -18.04 18.30
CA ARG G 158 -56.24 -17.41 17.05
C ARG G 158 -55.07 -16.85 16.24
N VAL G 159 -53.87 -16.92 16.83
CA VAL G 159 -52.63 -16.62 16.12
C VAL G 159 -52.20 -17.87 15.34
N TYR G 160 -51.07 -17.75 14.63
CA TYR G 160 -50.41 -18.88 13.97
C TYR G 160 -51.12 -19.42 12.75
N SER G 161 -51.22 -18.60 11.70
CA SER G 161 -51.57 -19.14 10.39
C SER G 161 -50.58 -20.24 9.98
N SER G 162 -49.29 -20.03 10.23
CA SER G 162 -48.27 -21.01 9.92
C SER G 162 -47.01 -20.73 10.74
N ALA G 163 -46.30 -21.80 11.08
CA ALA G 163 -45.03 -21.69 11.79
C ALA G 163 -44.18 -22.94 11.56
N ASN G 164 -43.17 -22.84 10.69
CA ASN G 164 -42.39 -24.02 10.32
C ASN G 164 -40.93 -23.95 10.78
N ASN G 165 -40.19 -22.91 10.38
CA ASN G 165 -38.80 -22.81 10.76
C ASN G 165 -38.64 -21.83 11.91
N CYS G 166 -37.75 -22.13 12.85
CA CYS G 166 -37.71 -21.32 14.07
C CYS G 166 -36.44 -20.51 14.27
N THR G 167 -35.29 -21.17 14.47
CA THR G 167 -34.10 -20.50 14.98
C THR G 167 -34.47 -19.59 16.15
N PHE G 168 -35.45 -20.01 16.95
CA PHE G 168 -36.12 -19.13 17.90
C PHE G 168 -35.56 -19.22 19.31
N GLU G 169 -36.31 -18.64 20.26
CA GLU G 169 -36.00 -18.66 21.67
C GLU G 169 -37.24 -19.14 22.42
N TYR G 170 -37.18 -19.20 23.74
CA TYR G 170 -38.36 -19.57 24.54
C TYR G 170 -38.07 -19.19 25.99
N VAL G 171 -39.13 -18.73 26.68
CA VAL G 171 -39.08 -18.42 28.10
C VAL G 171 -40.39 -18.93 28.70
N SER G 172 -40.34 -19.43 29.93
CA SER G 172 -41.54 -19.96 30.56
C SER G 172 -41.36 -19.98 32.07
N GLN G 173 -42.23 -19.24 32.76
CA GLN G 173 -42.31 -19.25 34.22
C GLN G 173 -43.78 -19.43 34.61
N PRO G 174 -44.32 -20.65 34.47
CA PRO G 174 -45.77 -20.86 34.62
C PRO G 174 -46.38 -20.24 35.87
N PHE G 175 -47.43 -19.46 35.69
CA PHE G 175 -48.15 -18.85 36.80
C PHE G 175 -49.64 -18.84 36.48
N LEU G 176 -50.43 -18.26 37.36
CA LEU G 176 -51.84 -17.99 37.09
C LEU G 176 -52.09 -16.50 37.24
N MET G 177 -52.68 -15.90 36.21
CA MET G 177 -52.94 -14.47 36.17
C MET G 177 -54.44 -14.23 36.19
N ASP G 178 -54.83 -13.09 36.74
CA ASP G 178 -56.23 -12.75 36.95
C ASP G 178 -56.84 -12.18 35.67
N LEU G 179 -57.53 -13.06 34.92
CA LEU G 179 -58.25 -12.65 33.71
C LEU G 179 -59.58 -11.99 34.08
N GLU G 180 -59.49 -10.95 34.88
CA GLU G 180 -60.66 -10.33 35.49
C GLU G 180 -60.81 -8.90 34.98
N GLY G 181 -62.06 -8.47 34.88
CA GLY G 181 -62.40 -7.13 34.42
C GLY G 181 -63.15 -6.37 35.50
N LYS G 182 -62.61 -5.21 35.85
CA LYS G 182 -63.17 -4.39 36.93
C LYS G 182 -63.62 -3.05 36.36
N GLN G 183 -63.99 -2.14 37.28
CA GLN G 183 -64.16 -0.72 36.98
C GLN G 183 -63.28 0.05 37.96
N GLY G 184 -62.00 0.18 37.63
CA GLY G 184 -61.03 0.71 38.56
C GLY G 184 -60.10 1.76 38.00
N ASN G 185 -60.47 2.33 36.85
CA ASN G 185 -59.76 3.47 36.26
C ASN G 185 -58.32 3.12 35.91
N PHE G 186 -58.14 1.94 35.30
CA PHE G 186 -56.85 1.53 34.76
C PHE G 186 -55.74 1.61 35.79
N LYS G 187 -55.82 0.79 36.84
CA LYS G 187 -54.94 0.92 37.99
C LYS G 187 -53.49 0.56 37.70
N ASN G 188 -53.19 -0.04 36.55
CA ASN G 188 -51.84 -0.45 36.21
C ASN G 188 -51.35 0.31 34.99
N LEU G 189 -50.08 0.71 35.01
CA LEU G 189 -49.42 1.35 33.89
C LEU G 189 -48.11 0.63 33.61
N ARG G 190 -47.95 0.13 32.38
CA ARG G 190 -46.76 -0.60 31.98
C ARG G 190 -46.08 0.15 30.85
N GLU G 191 -44.80 0.47 31.04
CA GLU G 191 -44.01 1.12 30.01
C GLU G 191 -42.92 0.19 29.50
N PHE G 192 -42.74 0.19 28.18
CA PHE G 192 -41.74 -0.62 27.52
C PHE G 192 -41.03 0.23 26.48
N VAL G 193 -39.72 0.02 26.38
CA VAL G 193 -38.90 0.60 25.33
C VAL G 193 -38.30 -0.55 24.55
N PHE G 194 -38.63 -0.65 23.27
CA PHE G 194 -38.12 -1.68 22.39
C PHE G 194 -37.14 -1.05 21.41
N LYS G 195 -35.89 -1.50 21.42
CA LYS G 195 -34.94 -1.03 20.43
C LYS G 195 -34.20 -2.22 19.85
N ASN G 196 -33.73 -2.07 18.61
CA ASN G 196 -33.08 -3.16 17.87
C ASN G 196 -31.79 -2.60 17.28
N ILE G 197 -30.67 -2.92 17.92
CA ILE G 197 -29.36 -2.42 17.49
C ILE G 197 -28.36 -3.57 17.45
N ASP G 198 -27.62 -3.65 16.34
CA ASP G 198 -26.59 -4.67 16.13
C ASP G 198 -27.16 -6.08 16.28
N GLY G 199 -28.37 -6.27 15.76
CA GLY G 199 -29.03 -7.55 15.86
C GLY G 199 -29.53 -7.90 17.25
N TYR G 200 -29.38 -6.99 18.22
CA TYR G 200 -29.79 -7.22 19.59
C TYR G 200 -31.10 -6.49 19.84
N PHE G 201 -32.10 -7.22 20.33
CA PHE G 201 -33.38 -6.64 20.72
C PHE G 201 -33.33 -6.33 22.20
N LYS G 202 -33.24 -5.05 22.55
CA LYS G 202 -33.18 -4.61 23.93
C LYS G 202 -34.56 -4.14 24.35
N ILE G 203 -35.07 -4.72 25.43
CA ILE G 203 -36.36 -4.35 26.00
C ILE G 203 -36.13 -3.80 27.39
N TYR G 204 -36.54 -2.55 27.60
CA TYR G 204 -36.54 -1.91 28.90
C TYR G 204 -37.98 -1.83 29.39
N SER G 205 -38.20 -2.03 30.68
CA SER G 205 -39.56 -2.14 31.16
C SER G 205 -39.69 -1.45 32.51
N LYS G 206 -40.94 -1.09 32.83
CA LYS G 206 -41.27 -0.51 34.13
C LYS G 206 -42.76 -0.64 34.37
N HIS G 207 -43.15 -0.77 35.65
CA HIS G 207 -44.54 -0.84 36.07
C HIS G 207 -44.80 0.24 37.09
N THR G 208 -46.03 0.77 37.11
CA THR G 208 -46.40 1.84 38.04
C THR G 208 -47.89 1.72 38.38
N PRO G 209 -48.25 1.80 39.66
CA PRO G 209 -49.67 1.92 40.01
C PRO G 209 -50.15 3.35 39.82
N ILE G 210 -51.30 3.49 39.15
CA ILE G 210 -51.88 4.79 38.87
C ILE G 210 -53.39 4.70 39.11
N ASN G 211 -54.02 5.87 39.29
CA ASN G 211 -55.47 5.96 39.36
C ASN G 211 -55.93 7.16 38.54
N LEU G 212 -56.15 6.94 37.24
CA LEU G 212 -56.65 7.97 36.34
C LEU G 212 -57.49 7.32 35.25
N VAL G 213 -58.60 7.98 34.90
CA VAL G 213 -59.53 7.38 33.94
C VAL G 213 -58.98 7.47 32.52
N ARG G 214 -58.36 8.59 32.17
CA ARG G 214 -57.90 8.81 30.79
C ARG G 214 -56.51 9.43 30.81
N ASP G 215 -55.93 9.52 29.60
CA ASP G 215 -54.68 10.24 29.34
C ASP G 215 -53.49 9.52 29.94
N LEU G 216 -52.28 10.00 29.61
CA LEU G 216 -51.05 9.44 30.14
C LEU G 216 -50.59 10.30 31.30
N PRO G 217 -50.51 9.76 32.52
CA PRO G 217 -50.15 10.59 33.68
C PRO G 217 -48.79 11.23 33.53
N GLN G 218 -48.69 12.49 33.96
CA GLN G 218 -47.42 13.19 33.95
C GLN G 218 -46.52 12.67 35.06
N GLY G 219 -45.24 12.53 34.74
CA GLY G 219 -44.27 12.06 35.72
C GLY G 219 -43.01 11.57 35.03
N PHE G 220 -42.06 11.15 35.86
CA PHE G 220 -40.78 10.65 35.40
C PHE G 220 -40.55 9.27 35.98
N SER G 221 -40.23 8.31 35.11
CA SER G 221 -39.93 6.94 35.53
C SER G 221 -38.81 6.40 34.64
N ALA G 222 -37.76 5.87 35.26
CA ALA G 222 -36.63 5.33 34.54
C ALA G 222 -36.82 3.84 34.31
N LEU G 223 -36.75 3.44 33.04
CA LEU G 223 -36.98 2.05 32.64
C LEU G 223 -35.66 1.29 32.72
N GLU G 224 -35.59 0.33 33.64
CA GLU G 224 -34.42 -0.52 33.73
C GLU G 224 -34.38 -1.49 32.55
N PRO G 225 -33.19 -1.94 32.15
CA PRO G 225 -33.12 -2.91 31.05
C PRO G 225 -33.71 -4.25 31.45
N LEU G 226 -34.86 -4.60 30.88
CA LEU G 226 -35.49 -5.86 31.22
C LEU G 226 -34.72 -7.03 30.63
N VAL G 227 -34.63 -7.10 29.31
CA VAL G 227 -34.00 -8.24 28.65
C VAL G 227 -33.21 -7.76 27.44
N ASP G 228 -32.20 -8.54 27.06
CA ASP G 228 -31.48 -8.35 25.80
C ASP G 228 -31.51 -9.69 25.07
N LEU G 229 -32.06 -9.70 23.87
CA LEU G 229 -32.17 -10.91 23.08
C LEU G 229 -31.24 -10.85 21.89
N PRO G 230 -30.33 -11.82 21.73
CA PRO G 230 -29.47 -11.86 20.54
C PRO G 230 -30.22 -12.41 19.33
N ILE G 231 -31.11 -11.58 18.77
CA ILE G 231 -32.09 -12.10 17.82
C ILE G 231 -31.56 -12.02 16.40
N GLY G 232 -31.08 -10.83 16.00
CA GLY G 232 -30.48 -10.68 14.68
C GLY G 232 -31.43 -10.81 13.50
N ILE G 233 -32.59 -10.17 13.54
CA ILE G 233 -33.48 -10.09 12.39
C ILE G 233 -33.87 -8.62 12.19
N ASN G 234 -34.54 -8.35 11.09
CA ASN G 234 -34.98 -6.99 10.79
C ASN G 234 -36.40 -6.75 11.28
N ILE G 235 -36.61 -5.63 11.97
CA ILE G 235 -37.93 -5.23 12.45
C ILE G 235 -38.21 -3.83 11.92
N THR G 236 -39.34 -3.67 11.23
CA THR G 236 -39.79 -2.37 10.76
C THR G 236 -41.25 -2.10 11.04
N ARG G 237 -42.02 -3.12 11.45
CA ARG G 237 -43.43 -2.93 11.78
C ARG G 237 -43.76 -3.80 12.98
N PHE G 238 -44.78 -3.37 13.74
CA PHE G 238 -45.18 -4.08 14.93
C PHE G 238 -46.68 -3.91 15.14
N GLN G 239 -47.26 -4.84 15.90
CA GLN G 239 -48.70 -4.90 16.12
C GLN G 239 -48.99 -5.55 17.46
N THR G 240 -49.74 -4.86 18.32
CA THR G 240 -50.05 -5.41 19.62
C THR G 240 -51.17 -6.45 19.52
N LEU G 241 -51.24 -7.31 20.54
CA LEU G 241 -52.24 -8.37 20.63
C LEU G 241 -53.05 -8.13 21.90
N LEU G 242 -54.30 -7.72 21.73
CA LEU G 242 -55.17 -7.52 22.87
C LEU G 242 -55.87 -8.82 23.24
N ALA G 243 -56.44 -8.84 24.44
CA ALA G 243 -57.29 -9.94 24.90
C ALA G 243 -58.74 -9.53 24.73
N LEU G 244 -59.60 -10.52 24.52
CA LEU G 244 -60.99 -10.27 24.16
C LEU G 244 -61.88 -11.14 25.03
N HIS G 245 -62.98 -10.56 25.51
CA HIS G 245 -63.98 -11.35 26.22
C HIS G 245 -64.98 -11.94 25.23
N ARG G 246 -65.55 -13.07 25.60
CA ARG G 246 -66.57 -13.72 24.77
C ARG G 246 -67.67 -14.25 25.67
N SER G 247 -68.14 -13.41 26.59
CA SER G 247 -69.13 -13.82 27.58
C SER G 247 -70.43 -14.26 26.90
N TYR G 248 -71.26 -14.96 27.68
CA TYR G 248 -72.52 -15.48 27.15
C TYR G 248 -73.46 -14.36 26.72
N LEU G 249 -73.31 -13.18 27.33
CA LEU G 249 -74.18 -12.07 26.99
C LEU G 249 -73.94 -11.58 25.57
N THR G 250 -72.81 -11.97 24.98
CA THR G 250 -72.44 -11.52 23.65
C THR G 250 -72.62 -12.66 22.65
N PRO G 251 -73.67 -12.65 21.83
CA PRO G 251 -73.81 -13.69 20.80
C PRO G 251 -73.17 -13.30 19.48
N GLY G 252 -73.30 -14.15 18.47
CA GLY G 252 -72.83 -13.80 17.14
C GLY G 252 -71.78 -14.72 16.56
N ASP G 253 -71.69 -15.95 17.02
CA ASP G 253 -70.72 -16.99 16.57
C ASP G 253 -69.31 -16.40 16.67
N SER G 254 -68.45 -16.63 15.68
CA SER G 254 -67.04 -16.28 15.81
C SER G 254 -66.83 -14.78 16.01
N SER G 255 -67.46 -13.97 15.17
CA SER G 255 -67.33 -12.53 15.26
C SER G 255 -68.46 -11.97 16.12
N SER G 256 -68.51 -10.65 16.24
CA SER G 256 -69.64 -9.92 16.83
C SER G 256 -69.87 -10.28 18.29
N GLY G 257 -69.07 -11.15 18.87
CA GLY G 257 -69.16 -11.36 20.31
C GLY G 257 -68.53 -10.18 21.02
N TRP G 258 -67.22 -10.04 20.86
CA TRP G 258 -66.50 -8.84 21.24
C TRP G 258 -66.73 -8.42 22.68
N THR G 259 -67.35 -7.25 22.87
CA THR G 259 -67.45 -6.62 24.18
C THR G 259 -66.09 -6.51 24.84
N ALA G 260 -65.12 -5.95 24.12
CA ALA G 260 -63.77 -5.82 24.66
C ALA G 260 -63.76 -4.87 25.84
N GLY G 261 -63.04 -5.25 26.89
CA GLY G 261 -62.97 -4.44 28.10
C GLY G 261 -62.19 -3.15 27.86
N ALA G 262 -62.39 -2.20 28.76
CA ALA G 262 -61.70 -0.92 28.65
C ALA G 262 -60.20 -1.10 28.87
N ALA G 263 -59.41 -0.51 27.98
CA ALA G 263 -57.96 -0.51 28.07
C ALA G 263 -57.45 0.53 27.08
N ALA G 264 -56.30 1.13 27.41
CA ALA G 264 -55.74 2.14 26.53
C ALA G 264 -54.24 1.89 26.37
N TYR G 265 -53.72 2.22 25.20
CA TYR G 265 -52.28 2.13 25.01
C TYR G 265 -51.79 3.20 24.03
N TYR G 266 -50.61 3.73 24.32
CA TYR G 266 -50.02 4.84 23.59
C TYR G 266 -48.71 4.38 22.97
N VAL G 267 -48.43 4.86 21.77
CA VAL G 267 -47.24 4.48 21.01
C VAL G 267 -46.49 5.73 20.59
N GLY G 268 -45.19 5.77 20.87
CA GLY G 268 -44.32 6.84 20.43
C GLY G 268 -43.04 6.28 19.85
N TYR G 269 -42.23 7.17 19.27
CA TYR G 269 -41.03 6.76 18.58
C TYR G 269 -39.80 7.44 19.18
N LEU G 270 -38.66 6.76 19.08
CA LEU G 270 -37.41 7.23 19.61
C LEU G 270 -36.59 7.89 18.52
N GLN G 271 -35.79 8.90 18.90
CA GLN G 271 -34.96 9.64 17.97
C GLN G 271 -33.58 9.85 18.57
N PRO G 272 -32.56 10.07 17.75
CA PRO G 272 -31.24 10.41 18.29
C PRO G 272 -31.29 11.75 19.02
N ARG G 273 -30.99 11.71 20.31
CA ARG G 273 -31.06 12.88 21.16
C ARG G 273 -29.94 12.84 22.18
N THR G 274 -29.56 14.03 22.65
CA THR G 274 -28.61 14.19 23.74
C THR G 274 -29.38 14.57 25.00
N PHE G 275 -29.17 13.80 26.06
CA PHE G 275 -29.89 13.97 27.31
C PHE G 275 -28.91 14.14 28.45
N LEU G 276 -29.31 14.93 29.45
CA LEU G 276 -28.55 15.05 30.68
C LEU G 276 -29.33 14.35 31.78
N LEU G 277 -28.76 13.28 32.31
CA LEU G 277 -29.42 12.40 33.27
C LEU G 277 -28.81 12.63 34.65
N LYS G 278 -29.66 12.81 35.66
CA LYS G 278 -29.22 13.05 37.02
C LYS G 278 -29.28 11.73 37.79
N TYR G 279 -28.11 11.22 38.15
CA TYR G 279 -27.99 10.02 38.98
C TYR G 279 -28.00 10.41 40.45
N ASN G 280 -28.80 9.69 41.23
CA ASN G 280 -28.89 9.95 42.65
C ASN G 280 -27.74 9.25 43.37
N GLU G 281 -27.81 9.20 44.70
CA GLU G 281 -26.76 8.54 45.48
C GLU G 281 -26.76 7.04 45.24
N ASN G 282 -27.88 6.50 44.76
CA ASN G 282 -28.04 5.06 44.56
C ASN G 282 -27.86 4.64 43.11
N GLY G 283 -27.41 5.52 42.24
CA GLY G 283 -27.23 5.18 40.84
C GLY G 283 -28.49 5.17 40.02
N THR G 284 -29.60 5.63 40.56
CA THR G 284 -30.89 5.67 39.87
C THR G 284 -31.05 7.00 39.15
N ILE G 285 -31.41 6.92 37.87
CA ILE G 285 -31.70 8.14 37.10
C ILE G 285 -33.03 8.71 37.58
N THR G 286 -32.96 9.76 38.39
CA THR G 286 -34.16 10.36 38.98
C THR G 286 -34.68 11.56 38.23
N ASP G 287 -33.94 12.07 37.24
CA ASP G 287 -34.39 13.21 36.46
C ASP G 287 -33.57 13.29 35.18
N ALA G 288 -34.09 14.02 34.20
CA ALA G 288 -33.40 14.19 32.94
C ALA G 288 -33.88 15.46 32.27
N VAL G 289 -32.98 16.06 31.49
CA VAL G 289 -33.33 17.20 30.65
C VAL G 289 -32.95 16.88 29.21
N ASP G 290 -33.79 17.33 28.29
CA ASP G 290 -33.58 17.11 26.85
C ASP G 290 -32.92 18.38 26.28
N CYS G 291 -31.75 18.21 25.68
CA CYS G 291 -30.95 19.36 25.29
C CYS G 291 -31.63 20.17 24.19
N ALA G 292 -32.40 19.53 23.33
CA ALA G 292 -33.04 20.20 22.21
C ALA G 292 -34.44 20.70 22.54
N LEU G 293 -34.94 20.46 23.76
CA LEU G 293 -36.29 20.86 24.09
C LEU G 293 -36.48 22.37 24.09
N ASP G 294 -35.63 23.08 24.82
CA ASP G 294 -35.84 24.50 25.07
C ASP G 294 -34.48 25.18 25.17
N PRO G 295 -34.43 26.50 24.96
CA PRO G 295 -33.19 27.23 25.26
C PRO G 295 -32.73 27.07 26.70
N LEU G 296 -33.67 27.04 27.65
CA LEU G 296 -33.31 26.80 29.03
C LEU G 296 -32.74 25.40 29.19
N SER G 297 -33.35 24.40 28.56
CA SER G 297 -32.80 23.05 28.62
C SER G 297 -31.44 22.99 27.94
N GLU G 298 -31.27 23.73 26.84
CA GLU G 298 -29.98 23.74 26.16
C GLU G 298 -28.89 24.35 27.03
N THR G 299 -29.19 25.44 27.75
CA THR G 299 -28.17 26.02 28.62
C THR G 299 -27.93 25.16 29.85
N LYS G 300 -28.96 24.43 30.31
CA LYS G 300 -28.74 23.45 31.38
C LYS G 300 -27.79 22.36 30.90
N CYS G 301 -27.96 21.90 29.66
CA CYS G 301 -27.04 20.90 29.11
C CYS G 301 -25.62 21.45 28.99
N THR G 302 -25.49 22.67 28.48
CA THR G 302 -24.15 23.23 28.29
C THR G 302 -23.44 23.47 29.61
N LEU G 303 -24.18 23.93 30.63
CA LEU G 303 -23.59 24.17 31.93
C LEU G 303 -23.46 22.90 32.78
N LYS G 304 -24.00 21.78 32.31
CA LYS G 304 -23.98 20.52 33.06
C LYS G 304 -24.58 20.70 34.46
N SER G 305 -25.72 21.38 34.51
CA SER G 305 -26.39 21.63 35.78
C SER G 305 -27.89 21.70 35.57
N PHE G 306 -28.64 21.26 36.57
CA PHE G 306 -30.08 21.38 36.55
C PHE G 306 -30.57 22.74 37.04
N THR G 307 -29.67 23.54 37.61
CA THR G 307 -29.98 24.91 38.02
C THR G 307 -28.96 25.84 37.38
N VAL G 308 -29.44 26.91 36.75
CA VAL G 308 -28.58 27.90 36.11
C VAL G 308 -28.71 29.21 36.85
N GLU G 309 -27.58 29.86 37.12
CA GLU G 309 -27.58 31.14 37.81
C GLU G 309 -27.98 32.25 36.86
N LYS G 310 -28.29 33.42 37.42
CA LYS G 310 -28.58 34.59 36.61
C LYS G 310 -27.39 34.94 35.73
N GLY G 311 -27.65 35.24 34.47
CA GLY G 311 -26.60 35.63 33.56
C GLY G 311 -26.96 35.32 32.13
N ILE G 312 -25.94 35.45 31.27
CA ILE G 312 -26.07 35.21 29.84
C ILE G 312 -25.05 34.14 29.45
N TYR G 313 -25.52 33.12 28.74
CA TYR G 313 -24.68 31.98 28.38
C TYR G 313 -24.85 31.66 26.91
N GLN G 314 -23.74 31.57 26.20
CA GLN G 314 -23.76 31.10 24.83
C GLN G 314 -23.98 29.58 24.80
N THR G 315 -24.90 29.14 23.94
CA THR G 315 -25.30 27.74 23.96
C THR G 315 -24.93 27.03 22.67
N SER G 316 -25.12 27.70 21.54
CA SER G 316 -24.82 27.10 20.24
C SER G 316 -24.59 28.18 19.19
N ASN G 317 -24.62 27.79 17.92
CA ASN G 317 -24.45 28.73 16.82
C ASN G 317 -25.66 28.66 15.90
N PHE G 318 -25.97 29.80 15.28
CA PHE G 318 -27.07 29.93 14.33
C PHE G 318 -26.46 30.13 12.96
N ARG G 319 -26.67 29.17 12.06
CA ARG G 319 -26.19 29.27 10.70
C ARG G 319 -27.36 29.16 9.73
N VAL G 320 -27.43 30.10 8.79
CA VAL G 320 -28.36 29.98 7.68
C VAL G 320 -27.80 29.03 6.63
N GLN G 321 -28.60 28.04 6.25
CA GLN G 321 -28.12 26.99 5.38
C GLN G 321 -28.40 27.34 3.92
N PRO G 322 -27.56 26.90 2.99
CA PRO G 322 -27.76 27.25 1.58
C PRO G 322 -28.96 26.54 0.98
N THR G 323 -29.87 27.31 0.41
CA THR G 323 -31.01 26.78 -0.34
C THR G 323 -30.60 26.62 -1.80
N GLU G 324 -31.03 25.51 -2.39
CA GLU G 324 -30.78 25.15 -3.79
C GLU G 324 -29.30 25.26 -4.16
N SER G 325 -29.01 25.31 -5.46
CA SER G 325 -27.65 25.46 -5.95
C SER G 325 -27.71 25.94 -7.38
N ILE G 326 -26.89 26.93 -7.72
CA ILE G 326 -26.93 27.57 -9.03
C ILE G 326 -25.54 27.47 -9.65
N VAL G 327 -25.50 27.22 -10.96
CA VAL G 327 -24.25 27.20 -11.71
C VAL G 327 -24.39 28.18 -12.87
N ARG G 328 -23.32 28.94 -13.13
CA ARG G 328 -23.27 29.89 -14.23
C ARG G 328 -22.02 29.62 -15.04
N PHE G 329 -22.18 29.40 -16.34
CA PHE G 329 -21.09 28.93 -17.19
C PHE G 329 -21.09 29.70 -18.51
N PRO G 330 -20.00 29.67 -19.28
CA PRO G 330 -19.96 30.40 -20.55
C PRO G 330 -21.10 29.98 -21.47
N ASN G 331 -21.45 30.91 -22.36
CA ASN G 331 -22.75 30.92 -23.02
C ASN G 331 -22.77 29.99 -24.24
N ILE G 332 -21.87 29.00 -24.27
CA ILE G 332 -21.78 27.88 -25.21
C ILE G 332 -20.98 28.25 -26.45
N THR G 333 -21.39 29.32 -27.14
CA THR G 333 -20.67 29.84 -28.30
C THR G 333 -20.60 28.74 -29.38
N ASN G 334 -19.42 28.38 -29.87
CA ASN G 334 -19.34 27.46 -31.01
C ASN G 334 -19.68 26.04 -30.63
N LEU G 335 -20.19 25.29 -31.60
CA LEU G 335 -20.47 23.86 -31.46
C LEU G 335 -19.56 23.08 -32.40
N CYS G 336 -19.07 21.95 -31.93
CA CYS G 336 -18.07 21.21 -32.69
C CYS G 336 -18.72 20.54 -33.89
N PRO G 337 -18.11 20.64 -35.08
CA PRO G 337 -18.80 20.26 -36.32
C PRO G 337 -18.96 18.75 -36.51
N PHE G 338 -19.98 18.19 -35.86
CA PHE G 338 -20.35 16.80 -36.13
C PHE G 338 -21.25 16.70 -37.35
N GLY G 339 -21.89 17.81 -37.73
CA GLY G 339 -22.91 17.76 -38.76
C GLY G 339 -22.38 17.34 -40.11
N GLU G 340 -21.27 17.93 -40.54
CA GLU G 340 -20.71 17.58 -41.85
C GLU G 340 -20.12 16.17 -41.84
N VAL G 341 -19.61 15.73 -40.68
CA VAL G 341 -19.07 14.38 -40.58
C VAL G 341 -20.17 13.35 -40.72
N PHE G 342 -21.28 13.53 -39.99
CA PHE G 342 -22.29 12.49 -39.93
C PHE G 342 -23.25 12.57 -41.11
N ASN G 343 -23.49 13.76 -41.64
CA ASN G 343 -24.42 13.93 -42.76
C ASN G 343 -23.70 14.33 -44.05
N ALA G 344 -22.50 13.80 -44.28
CA ALA G 344 -21.77 14.08 -45.51
C ALA G 344 -22.52 13.55 -46.73
N THR G 345 -22.50 14.33 -47.81
CA THR G 345 -23.20 13.93 -49.01
C THR G 345 -22.58 12.68 -49.64
N ARG G 346 -21.26 12.66 -49.76
CA ARG G 346 -20.54 11.54 -50.36
C ARG G 346 -19.51 11.03 -49.38
N PHE G 347 -19.55 9.73 -49.10
CA PHE G 347 -18.61 9.08 -48.20
C PHE G 347 -17.48 8.45 -48.99
N ALA G 348 -16.64 7.68 -48.31
CA ALA G 348 -15.51 7.01 -48.94
C ALA G 348 -15.55 5.53 -48.64
N SER G 349 -15.08 4.73 -49.59
CA SER G 349 -15.04 3.29 -49.42
C SER G 349 -14.01 2.92 -48.34
N VAL G 350 -14.14 1.70 -47.83
CA VAL G 350 -13.37 1.28 -46.66
C VAL G 350 -11.86 1.20 -46.92
N TYR G 351 -11.43 0.94 -48.16
CA TYR G 351 -9.99 0.84 -48.39
C TYR G 351 -9.31 2.18 -48.13
N ALA G 352 -10.01 3.28 -48.39
CA ALA G 352 -9.55 4.62 -48.09
C ALA G 352 -10.57 5.19 -47.12
N TRP G 353 -10.43 4.83 -45.85
CA TRP G 353 -11.30 5.30 -44.77
C TRP G 353 -10.98 6.76 -44.44
N ASN G 354 -11.99 7.62 -44.60
CA ASN G 354 -11.75 9.05 -44.53
C ASN G 354 -11.63 9.52 -43.09
N ARG G 355 -10.48 10.07 -42.74
CA ARG G 355 -10.21 10.53 -41.38
C ARG G 355 -10.20 12.06 -41.36
N LYS G 356 -11.07 12.64 -40.54
CA LYS G 356 -11.02 14.06 -40.24
C LYS G 356 -10.82 14.26 -38.74
N ARG G 357 -9.83 15.08 -38.39
CA ARG G 357 -9.60 15.40 -37.00
C ARG G 357 -10.44 16.60 -36.59
N ILE G 358 -10.83 16.63 -35.32
CA ILE G 358 -11.53 17.76 -34.74
C ILE G 358 -10.84 18.13 -33.43
N SER G 359 -10.60 19.42 -33.25
CA SER G 359 -9.91 19.97 -32.09
C SER G 359 -10.45 21.37 -31.86
N ASN G 360 -10.28 21.86 -30.64
CA ASN G 360 -10.72 23.19 -30.25
C ASN G 360 -12.21 23.38 -30.52
N CYS G 361 -13.02 22.55 -29.86
CA CYS G 361 -14.46 22.60 -30.08
C CYS G 361 -15.19 22.01 -28.88
N VAL G 362 -16.46 22.39 -28.77
CA VAL G 362 -17.38 21.83 -27.78
C VAL G 362 -18.24 20.80 -28.49
N ALA G 363 -17.96 19.53 -28.23
CA ALA G 363 -18.59 18.41 -28.91
C ALA G 363 -19.76 17.90 -28.06
N ASP G 364 -20.97 18.06 -28.58
CA ASP G 364 -22.18 17.63 -27.89
C ASP G 364 -22.52 16.21 -28.35
N TYR G 365 -21.89 15.22 -27.70
CA TYR G 365 -22.13 13.83 -28.03
C TYR G 365 -23.52 13.36 -27.63
N SER G 366 -24.25 14.14 -26.82
CA SER G 366 -25.57 13.72 -26.38
C SER G 366 -26.54 13.62 -27.56
N VAL G 367 -26.44 14.56 -28.51
CA VAL G 367 -27.31 14.55 -29.68
C VAL G 367 -27.06 13.30 -30.51
N LEU G 368 -25.88 12.70 -30.36
CA LEU G 368 -25.57 11.48 -31.10
C LEU G 368 -26.41 10.30 -30.58
N TYR G 369 -26.45 10.11 -29.27
CA TYR G 369 -27.10 8.90 -28.75
C TYR G 369 -28.60 9.12 -28.53
N ASN G 370 -29.02 10.35 -28.23
CA ASN G 370 -30.45 10.56 -28.02
C ASN G 370 -31.23 10.35 -29.31
N SER G 371 -30.63 10.66 -30.45
CA SER G 371 -31.26 10.41 -31.74
C SER G 371 -31.36 8.90 -31.98
N ALA G 372 -32.51 8.47 -32.49
CA ALA G 372 -32.79 7.06 -32.68
C ALA G 372 -32.47 6.56 -34.09
N SER G 373 -31.95 7.41 -34.97
CA SER G 373 -31.66 6.98 -36.33
C SER G 373 -30.42 6.08 -36.38
N PHE G 374 -29.66 6.01 -35.29
CA PHE G 374 -28.40 5.29 -35.30
C PHE G 374 -28.62 3.84 -34.93
N SER G 375 -28.18 2.93 -35.81
CA SER G 375 -28.43 1.51 -35.59
C SER G 375 -27.55 0.95 -34.48
N THR G 376 -26.26 1.28 -34.47
CA THR G 376 -25.32 0.72 -33.52
C THR G 376 -24.51 1.83 -32.86
N PHE G 377 -24.47 1.80 -31.53
CA PHE G 377 -23.82 2.86 -30.76
C PHE G 377 -22.93 2.23 -29.69
N LYS G 378 -22.08 1.28 -30.10
CA LYS G 378 -21.18 0.65 -29.14
C LYS G 378 -20.01 1.56 -28.81
N CYS G 379 -19.89 1.94 -27.54
CA CYS G 379 -18.82 2.80 -27.08
C CYS G 379 -17.91 1.99 -26.17
N TYR G 380 -16.62 1.97 -26.48
CA TYR G 380 -15.65 1.13 -25.81
C TYR G 380 -14.69 2.01 -25.01
N GLY G 381 -14.48 1.66 -23.74
CA GLY G 381 -13.61 2.43 -22.88
C GLY G 381 -14.33 3.48 -22.06
N VAL G 382 -15.13 4.32 -22.72
CA VAL G 382 -15.84 5.41 -22.06
C VAL G 382 -17.34 5.19 -22.19
N SER G 383 -18.05 5.45 -21.10
CA SER G 383 -19.50 5.31 -21.08
C SER G 383 -20.15 6.35 -21.99
N PRO G 384 -21.19 5.96 -22.74
CA PRO G 384 -21.86 6.95 -23.62
C PRO G 384 -22.43 8.13 -22.87
N THR G 385 -22.98 7.92 -21.67
CA THR G 385 -23.63 9.00 -20.94
C THR G 385 -22.61 9.97 -20.35
N LYS G 386 -21.53 9.45 -19.77
CA LYS G 386 -20.51 10.28 -19.13
C LYS G 386 -19.56 10.91 -20.14
N LEU G 387 -19.68 10.57 -21.42
CA LEU G 387 -18.75 11.07 -22.42
C LEU G 387 -18.87 12.58 -22.60
N ASN G 388 -20.02 13.15 -22.21
CA ASN G 388 -20.21 14.59 -22.30
C ASN G 388 -19.41 15.33 -21.22
N ASP G 389 -18.82 14.59 -20.28
CA ASP G 389 -18.08 15.18 -19.17
C ASP G 389 -16.58 14.90 -19.26
N LEU G 390 -16.07 14.59 -20.44
CA LEU G 390 -14.66 14.29 -20.62
C LEU G 390 -14.06 15.19 -21.69
N CYS G 391 -12.85 15.67 -21.45
CA CYS G 391 -12.14 16.55 -22.38
C CYS G 391 -10.94 15.79 -22.94
N PHE G 392 -10.79 15.83 -24.26
CA PHE G 392 -9.72 15.10 -24.94
C PHE G 392 -8.88 16.06 -25.78
N THR G 393 -7.64 15.64 -26.05
CA THR G 393 -6.75 16.47 -26.87
C THR G 393 -7.29 16.64 -28.28
N ASN G 394 -7.72 15.54 -28.91
CA ASN G 394 -8.33 15.63 -30.24
C ASN G 394 -9.21 14.41 -30.47
N VAL G 395 -10.13 14.52 -31.43
CA VAL G 395 -11.03 13.41 -31.76
C VAL G 395 -10.92 13.17 -33.27
N TYR G 396 -10.58 11.94 -33.64
CA TYR G 396 -10.55 11.56 -35.04
C TYR G 396 -11.86 10.89 -35.43
N ALA G 397 -12.48 11.40 -36.48
CA ALA G 397 -13.69 10.81 -37.05
C ALA G 397 -13.29 10.08 -38.32
N ASP G 398 -13.27 8.76 -38.25
CA ASP G 398 -12.94 7.90 -39.37
C ASP G 398 -14.23 7.33 -39.94
N SER G 399 -14.48 7.60 -41.23
CA SER G 399 -15.75 7.31 -41.85
C SER G 399 -15.57 6.36 -43.03
N PHE G 400 -16.54 5.47 -43.20
CA PHE G 400 -16.60 4.57 -44.35
C PHE G 400 -17.99 3.96 -44.41
N VAL G 401 -18.17 3.05 -45.37
CA VAL G 401 -19.42 2.33 -45.56
C VAL G 401 -19.11 0.84 -45.64
N ILE G 402 -19.89 0.03 -44.92
CA ILE G 402 -19.61 -1.39 -44.75
C ILE G 402 -20.87 -2.20 -45.10
N ARG G 403 -20.65 -3.45 -45.49
CA ARG G 403 -21.76 -4.39 -45.59
C ARG G 403 -22.43 -4.54 -44.23
N GLY G 404 -23.75 -4.70 -44.23
CA GLY G 404 -24.49 -4.69 -42.99
C GLY G 404 -24.06 -5.78 -42.02
N ASP G 405 -23.95 -7.01 -42.50
CA ASP G 405 -23.57 -8.12 -41.63
C ASP G 405 -22.16 -7.94 -41.08
N GLU G 406 -21.32 -7.21 -41.81
CA GLU G 406 -19.96 -6.93 -41.38
C GLU G 406 -19.87 -5.67 -40.51
N VAL G 407 -21.01 -5.04 -40.20
CA VAL G 407 -20.99 -3.86 -39.35
C VAL G 407 -20.42 -4.19 -37.97
N ARG G 408 -20.75 -5.37 -37.44
CA ARG G 408 -20.21 -5.77 -36.14
C ARG G 408 -18.72 -6.13 -36.24
N GLN G 409 -18.20 -6.24 -37.46
CA GLN G 409 -16.79 -6.63 -37.61
C GLN G 409 -15.85 -5.49 -37.23
N ILE G 410 -16.35 -4.26 -37.20
CA ILE G 410 -15.53 -3.12 -36.81
C ILE G 410 -15.54 -3.01 -35.28
N ALA G 411 -14.61 -3.70 -34.63
CA ALA G 411 -14.47 -3.67 -33.18
C ALA G 411 -13.16 -4.34 -32.81
N PRO G 412 -12.57 -3.96 -31.68
CA PRO G 412 -11.33 -4.60 -31.23
C PRO G 412 -11.50 -6.09 -30.98
N GLY G 413 -10.43 -6.84 -31.23
CA GLY G 413 -10.38 -8.25 -30.91
C GLY G 413 -11.10 -9.17 -31.87
N GLN G 414 -11.51 -8.68 -33.03
CA GLN G 414 -12.19 -9.51 -34.03
C GLN G 414 -11.37 -9.53 -35.31
N THR G 415 -11.19 -10.74 -35.83
CA THR G 415 -10.52 -10.94 -37.11
C THR G 415 -11.57 -11.01 -38.22
N GLY G 416 -11.09 -10.86 -39.45
CA GLY G 416 -11.99 -10.88 -40.60
C GLY G 416 -11.41 -10.15 -41.79
N LYS G 417 -12.11 -10.22 -42.92
CA LYS G 417 -11.58 -9.66 -44.15
C LYS G 417 -11.44 -8.14 -44.07
N ILE G 418 -12.52 -7.45 -43.69
CA ILE G 418 -12.47 -6.00 -43.54
C ILE G 418 -11.60 -5.61 -42.35
N ALA G 419 -11.70 -6.35 -41.24
CA ALA G 419 -10.93 -6.03 -40.04
C ALA G 419 -9.43 -6.21 -40.25
N ASP G 420 -9.02 -7.15 -41.09
CA ASP G 420 -7.59 -7.41 -41.25
C ASP G 420 -7.01 -6.61 -42.43
N TYR G 421 -7.74 -6.52 -43.54
CA TYR G 421 -7.17 -5.96 -44.75
C TYR G 421 -7.69 -4.58 -45.10
N ASN G 422 -8.71 -4.08 -44.40
CA ASN G 422 -9.27 -2.78 -44.73
C ASN G 422 -9.13 -1.76 -43.62
N TYR G 423 -9.57 -2.10 -42.41
CA TYR G 423 -9.49 -1.16 -41.29
C TYR G 423 -9.46 -1.96 -39.99
N LYS G 424 -8.43 -1.74 -39.18
CA LYS G 424 -8.22 -2.50 -37.95
C LYS G 424 -8.14 -1.55 -36.76
N LEU G 425 -8.96 -1.81 -35.75
CA LEU G 425 -8.82 -1.16 -34.46
C LEU G 425 -7.86 -1.95 -33.58
N PRO G 426 -7.21 -1.31 -32.62
CA PRO G 426 -6.21 -2.00 -31.80
C PRO G 426 -6.87 -2.99 -30.85
N ASP G 427 -6.03 -3.70 -30.09
CA ASP G 427 -6.53 -4.61 -29.08
C ASP G 427 -7.31 -3.86 -28.01
N ASP G 428 -6.80 -2.71 -27.58
CA ASP G 428 -7.49 -1.82 -26.64
C ASP G 428 -7.77 -0.50 -27.34
N PHE G 429 -9.06 -0.19 -27.51
CA PHE G 429 -9.48 1.00 -28.23
C PHE G 429 -10.43 1.81 -27.35
N THR G 430 -10.11 3.09 -27.16
CA THR G 430 -10.91 4.00 -26.37
C THR G 430 -11.65 4.98 -27.29
N GLY G 431 -12.88 4.62 -27.61
CA GLY G 431 -13.69 5.45 -28.49
C GLY G 431 -15.09 4.94 -28.67
N CYS G 432 -15.66 5.14 -29.85
CA CYS G 432 -17.00 4.65 -30.15
C CYS G 432 -17.04 4.21 -31.61
N VAL G 433 -17.95 3.27 -31.89
CA VAL G 433 -18.18 2.78 -33.24
C VAL G 433 -19.64 3.06 -33.59
N ILE G 434 -19.87 3.95 -34.54
CA ILE G 434 -21.18 4.53 -34.75
C ILE G 434 -21.67 4.08 -36.13
N ALA G 435 -22.75 3.30 -36.15
CA ALA G 435 -23.25 2.74 -37.41
C ALA G 435 -24.71 3.09 -37.59
N TRP G 436 -25.08 3.48 -38.81
CA TRP G 436 -26.49 3.68 -39.15
C TRP G 436 -26.75 3.13 -40.54
N ASN G 437 -27.94 2.54 -40.73
CA ASN G 437 -28.29 1.99 -42.03
C ASN G 437 -28.48 3.12 -43.04
N SER G 438 -28.02 2.89 -44.26
CA SER G 438 -28.11 3.88 -45.34
C SER G 438 -28.55 3.18 -46.62
N ASN G 439 -29.56 2.32 -46.50
CA ASN G 439 -30.03 1.58 -47.66
C ASN G 439 -30.57 2.51 -48.74
N ASN G 440 -31.44 3.44 -48.37
CA ASN G 440 -32.04 4.33 -49.35
C ASN G 440 -31.01 5.25 -49.99
N LEU G 441 -30.10 5.80 -49.20
CA LEU G 441 -29.13 6.76 -49.75
C LEU G 441 -28.05 6.06 -50.58
N ASP G 442 -27.52 4.95 -50.08
CA ASP G 442 -26.32 4.38 -50.68
C ASP G 442 -26.58 3.21 -51.62
N SER G 443 -27.84 2.83 -51.84
CA SER G 443 -28.16 1.76 -52.77
C SER G 443 -28.94 2.37 -53.94
N LYS G 444 -28.22 2.76 -54.98
CA LYS G 444 -28.84 3.32 -56.16
C LYS G 444 -29.57 2.23 -56.94
N VAL G 445 -30.55 2.66 -57.75
CA VAL G 445 -31.29 1.73 -58.58
C VAL G 445 -30.35 1.07 -59.58
N GLY G 446 -30.42 -0.26 -59.66
CA GLY G 446 -29.47 -1.03 -60.43
C GLY G 446 -28.24 -1.46 -59.67
N GLY G 447 -28.07 -0.99 -58.43
CA GLY G 447 -26.94 -1.38 -57.62
C GLY G 447 -25.74 -0.47 -57.76
N ASN G 448 -25.31 0.14 -56.66
CA ASN G 448 -24.11 0.95 -56.65
C ASN G 448 -22.87 0.06 -56.63
N TYR G 449 -21.92 0.38 -57.50
CA TYR G 449 -20.66 -0.37 -57.58
C TYR G 449 -19.45 0.52 -57.39
N ASN G 450 -19.66 1.78 -57.00
CA ASN G 450 -18.54 2.67 -56.76
C ASN G 450 -17.80 2.34 -55.46
N TYR G 451 -18.45 1.63 -54.54
CA TYR G 451 -17.87 1.33 -53.25
C TYR G 451 -17.27 -0.07 -53.28
N LEU G 452 -15.97 -0.15 -53.01
CA LEU G 452 -15.21 -1.38 -53.15
C LEU G 452 -14.26 -1.55 -51.96
N TYR G 453 -13.92 -2.80 -51.69
CA TYR G 453 -13.10 -3.15 -50.53
C TYR G 453 -11.94 -4.03 -50.96
N ARG G 454 -10.95 -4.13 -50.06
CA ARG G 454 -9.72 -4.88 -50.29
C ARG G 454 -9.95 -6.33 -49.92
N LEU G 455 -9.89 -7.21 -50.91
CA LEU G 455 -10.14 -8.63 -50.68
C LEU G 455 -8.99 -9.27 -49.90
N PHE G 456 -7.79 -9.29 -50.48
CA PHE G 456 -6.64 -9.97 -49.91
C PHE G 456 -5.49 -8.99 -49.76
N ARG G 457 -4.72 -9.17 -48.68
CA ARG G 457 -3.51 -8.40 -48.43
C ARG G 457 -2.49 -9.32 -47.80
N LYS G 458 -1.21 -9.15 -48.15
CA LYS G 458 -0.19 -10.08 -47.69
C LYS G 458 -0.03 -10.04 -46.18
N SER G 459 -0.09 -8.85 -45.57
CA SER G 459 0.09 -8.68 -44.14
C SER G 459 -1.10 -7.93 -43.56
N ASN G 460 -1.57 -8.39 -42.40
CA ASN G 460 -2.64 -7.70 -41.70
C ASN G 460 -2.17 -6.32 -41.28
N LEU G 461 -2.90 -5.29 -41.71
CA LEU G 461 -2.46 -3.92 -41.47
C LEU G 461 -2.52 -3.56 -39.99
N LYS G 462 -1.62 -2.68 -39.59
CA LYS G 462 -1.56 -2.21 -38.21
C LYS G 462 -2.77 -1.33 -37.91
N PRO G 463 -3.08 -1.13 -36.62
CA PRO G 463 -4.22 -0.27 -36.27
C PRO G 463 -4.09 1.12 -36.88
N PHE G 464 -5.21 1.62 -37.41
CA PHE G 464 -5.27 2.91 -38.10
C PHE G 464 -4.23 3.01 -39.21
N GLU G 465 -4.11 1.96 -40.01
CA GLU G 465 -3.26 1.99 -41.19
C GLU G 465 -4.11 1.99 -42.45
N ARG G 466 -3.82 2.94 -43.34
CA ARG G 466 -4.55 3.08 -44.60
C ARG G 466 -3.64 2.67 -45.74
N ASP G 467 -4.08 1.70 -46.52
CA ASP G 467 -3.31 1.21 -47.66
C ASP G 467 -4.14 1.40 -48.93
N ILE G 468 -3.88 2.51 -49.64
CA ILE G 468 -4.56 2.79 -50.89
C ILE G 468 -3.80 2.25 -52.09
N SER G 469 -2.79 1.42 -51.86
CA SER G 469 -1.97 0.88 -52.93
C SER G 469 -2.79 -0.01 -53.86
N THR G 470 -2.91 0.38 -55.12
CA THR G 470 -3.58 -0.43 -56.13
C THR G 470 -2.58 -1.38 -56.78
N GLU G 471 -1.89 -2.13 -55.92
CA GLU G 471 -0.89 -3.10 -56.34
C GLU G 471 -1.48 -4.50 -56.24
N ILE G 472 -1.41 -5.24 -57.34
CA ILE G 472 -2.02 -6.56 -57.37
C ILE G 472 -1.30 -7.51 -56.42
N TYR G 473 -2.07 -8.29 -55.68
CA TYR G 473 -1.54 -9.18 -54.65
C TYR G 473 -0.85 -10.36 -55.32
N GLN G 474 0.38 -10.66 -54.86
CA GLN G 474 1.17 -11.73 -55.49
C GLN G 474 0.47 -13.08 -55.39
N ALA G 475 0.29 -13.58 -54.16
CA ALA G 475 -0.46 -14.81 -53.91
C ALA G 475 0.01 -15.96 -54.80
N GLY G 476 1.32 -16.17 -54.84
CA GLY G 476 1.87 -17.25 -55.64
C GLY G 476 3.31 -17.05 -56.05
N SER G 477 3.85 -18.00 -56.81
CA SER G 477 5.24 -17.96 -57.25
C SER G 477 5.43 -17.30 -58.60
N THR G 478 4.35 -16.88 -59.26
CA THR G 478 4.55 -16.27 -60.56
C THR G 478 4.78 -14.77 -60.44
N PRO G 479 5.85 -14.26 -61.05
CA PRO G 479 6.08 -12.81 -61.04
C PRO G 479 4.94 -12.07 -61.74
N CYS G 480 4.55 -10.93 -61.16
CA CYS G 480 3.40 -10.20 -61.69
C CYS G 480 3.78 -9.42 -62.94
N ASN G 481 4.72 -8.49 -62.80
CA ASN G 481 5.12 -7.59 -63.88
C ASN G 481 3.94 -6.74 -64.36
N GLY G 482 2.99 -6.49 -63.45
CA GLY G 482 1.91 -5.57 -63.70
C GLY G 482 0.69 -6.13 -64.43
N VAL G 483 0.52 -7.45 -64.45
CA VAL G 483 -0.62 -8.06 -65.13
C VAL G 483 -1.36 -8.97 -64.15
N GLU G 484 -2.69 -8.93 -64.23
CA GLU G 484 -3.54 -9.78 -63.40
C GLU G 484 -3.68 -11.14 -64.07
N GLY G 485 -3.31 -12.19 -63.35
CA GLY G 485 -3.38 -13.53 -63.90
C GLY G 485 -4.07 -14.53 -62.99
N PHE G 486 -3.77 -15.82 -63.18
CA PHE G 486 -4.32 -16.84 -62.31
C PHE G 486 -3.83 -16.67 -60.88
N ASN G 487 -2.55 -16.35 -60.70
CA ASN G 487 -1.96 -16.33 -59.37
C ASN G 487 -1.90 -14.97 -58.73
N CYS G 488 -1.61 -13.90 -59.47
CA CYS G 488 -1.63 -12.56 -58.90
C CYS G 488 -2.59 -11.69 -59.69
N TYR G 489 -3.26 -10.77 -58.98
CA TYR G 489 -4.53 -10.20 -59.41
C TYR G 489 -4.96 -9.09 -58.47
N PHE G 490 -5.93 -8.31 -58.96
CA PHE G 490 -6.25 -7.02 -58.36
C PHE G 490 -7.00 -7.21 -57.05
N PRO G 491 -6.48 -6.69 -55.94
CA PRO G 491 -7.04 -7.06 -54.62
C PRO G 491 -8.36 -6.38 -54.28
N LEU G 492 -8.75 -5.33 -55.00
CA LEU G 492 -9.96 -4.59 -54.66
C LEU G 492 -11.12 -5.06 -55.52
N GLN G 493 -12.28 -5.30 -54.90
CA GLN G 493 -13.50 -5.64 -55.62
C GLN G 493 -14.67 -4.87 -55.04
N SER G 494 -15.63 -4.54 -55.89
CA SER G 494 -16.77 -3.73 -55.48
C SER G 494 -17.70 -4.50 -54.56
N TYR G 495 -18.39 -3.76 -53.68
CA TYR G 495 -19.39 -4.40 -52.83
C TYR G 495 -20.59 -4.85 -53.65
N GLY G 496 -21.30 -3.90 -54.24
CA GLY G 496 -22.52 -4.21 -54.96
C GLY G 496 -23.70 -4.09 -54.02
N PHE G 497 -24.57 -3.10 -54.22
CA PHE G 497 -25.70 -2.86 -53.32
C PHE G 497 -26.96 -2.78 -54.15
N GLN G 498 -27.55 -3.93 -54.43
CA GLN G 498 -28.83 -3.97 -55.14
C GLN G 498 -29.93 -3.48 -54.20
N PRO G 499 -30.93 -2.76 -54.72
CA PRO G 499 -32.05 -2.35 -53.86
C PRO G 499 -32.75 -3.51 -53.20
N THR G 500 -32.83 -4.66 -53.88
CA THR G 500 -33.45 -5.86 -53.33
C THR G 500 -32.34 -6.77 -52.80
N ASN G 501 -32.10 -6.69 -51.49
CA ASN G 501 -31.10 -7.54 -50.84
C ASN G 501 -31.53 -7.75 -49.40
N GLY G 502 -30.88 -8.72 -48.75
CA GLY G 502 -31.11 -8.92 -47.34
C GLY G 502 -30.56 -7.75 -46.53
N VAL G 503 -31.14 -7.53 -45.35
CA VAL G 503 -30.73 -6.44 -44.49
C VAL G 503 -29.27 -6.57 -44.06
N GLY G 504 -28.74 -7.79 -43.99
CA GLY G 504 -27.36 -7.96 -43.60
C GLY G 504 -26.37 -7.58 -44.68
N TYR G 505 -26.84 -7.35 -45.90
CA TYR G 505 -25.98 -6.95 -47.00
C TYR G 505 -26.10 -5.46 -47.32
N GLN G 506 -27.12 -4.81 -46.78
CA GLN G 506 -27.37 -3.41 -47.07
C GLN G 506 -26.26 -2.53 -46.52
N PRO G 507 -25.94 -1.43 -47.19
CA PRO G 507 -24.81 -0.60 -46.77
C PRO G 507 -25.12 0.19 -45.51
N TYR G 508 -24.26 0.01 -44.50
CA TYR G 508 -24.33 0.76 -43.26
C TYR G 508 -23.16 1.73 -43.20
N ARG G 509 -23.46 3.00 -42.94
CA ARG G 509 -22.42 4.02 -42.83
C ARG G 509 -21.90 4.02 -41.41
N VAL G 510 -20.57 3.95 -41.28
CA VAL G 510 -19.90 3.81 -39.99
C VAL G 510 -18.89 4.94 -39.83
N VAL G 511 -18.94 5.61 -38.68
CA VAL G 511 -17.92 6.54 -38.24
C VAL G 511 -17.44 6.10 -36.87
N VAL G 512 -16.12 6.01 -36.70
CA VAL G 512 -15.56 5.48 -35.47
C VAL G 512 -14.75 6.56 -34.77
N LEU G 513 -15.39 7.26 -33.83
CA LEU G 513 -14.73 8.34 -33.12
C LEU G 513 -13.66 7.77 -32.21
N SER G 514 -12.43 8.25 -32.40
CA SER G 514 -11.28 7.87 -31.58
C SER G 514 -10.82 9.10 -30.81
N PHE G 515 -10.76 8.97 -29.49
CA PHE G 515 -10.45 10.09 -28.60
C PHE G 515 -9.00 9.97 -28.15
N GLU G 516 -8.13 10.84 -28.65
CA GLU G 516 -6.72 10.80 -28.30
C GLU G 516 -6.41 11.92 -27.33
N LEU G 517 -5.77 11.57 -26.22
CA LEU G 517 -5.45 12.48 -25.12
C LEU G 517 -3.92 12.56 -24.99
N LEU G 518 -3.32 13.49 -25.72
CA LEU G 518 -1.88 13.66 -25.69
C LEU G 518 -1.46 14.56 -24.53
N HIS G 519 -0.18 14.94 -24.54
CA HIS G 519 0.33 15.81 -23.49
C HIS G 519 -0.15 17.25 -23.69
N ALA G 520 -0.61 17.58 -24.89
CA ALA G 520 -1.11 18.92 -25.16
C ALA G 520 -2.41 19.16 -24.39
N PRO G 521 -2.73 20.42 -24.09
CA PRO G 521 -3.99 20.71 -23.37
C PRO G 521 -5.21 20.23 -24.14
N ALA G 522 -6.21 19.71 -23.42
CA ALA G 522 -7.42 19.21 -24.06
C ALA G 522 -8.21 20.37 -24.64
N THR G 523 -8.53 20.27 -25.93
CA THR G 523 -9.26 21.32 -26.64
C THR G 523 -10.67 20.91 -27.04
N VAL G 524 -10.95 19.61 -27.10
CA VAL G 524 -12.30 19.12 -27.37
C VAL G 524 -12.96 18.83 -26.03
N CYS G 525 -14.04 19.54 -25.74
CA CYS G 525 -14.70 19.40 -24.45
C CYS G 525 -16.20 19.22 -24.65
N GLY G 526 -16.82 18.52 -23.71
CA GLY G 526 -18.25 18.32 -23.74
C GLY G 526 -19.01 19.50 -23.17
N PRO G 527 -20.30 19.70 -23.55
CA PRO G 527 -20.98 20.94 -23.11
C PRO G 527 -21.11 21.32 -21.63
N LYS G 528 -21.55 22.55 -21.43
CA LYS G 528 -21.66 23.19 -20.11
C LYS G 528 -23.06 23.73 -19.81
N LYS G 529 -23.78 23.06 -18.91
CA LYS G 529 -25.15 23.42 -18.56
C LYS G 529 -25.17 24.32 -17.32
N SER G 530 -25.94 25.40 -17.42
CA SER G 530 -26.01 26.41 -16.36
C SER G 530 -27.46 26.62 -15.97
N THR G 531 -27.73 26.63 -14.66
CA THR G 531 -29.08 26.84 -14.18
C THR G 531 -29.41 28.33 -14.11
N ASN G 532 -30.61 28.62 -13.63
CA ASN G 532 -31.02 30.01 -13.45
C ASN G 532 -30.26 30.63 -12.27
N LEU G 533 -30.13 31.95 -12.30
CA LEU G 533 -29.40 32.68 -11.28
C LEU G 533 -30.36 33.23 -10.24
N VAL G 534 -30.16 32.84 -8.98
CA VAL G 534 -30.96 33.32 -7.86
C VAL G 534 -30.08 34.21 -7.00
N LYS G 535 -30.54 35.43 -6.73
CA LYS G 535 -29.66 36.45 -6.20
C LYS G 535 -29.68 36.58 -4.69
N ASN G 536 -30.82 36.97 -4.12
CA ASN G 536 -30.85 37.42 -2.72
C ASN G 536 -31.27 36.30 -1.77
N LYS G 537 -30.56 35.18 -1.89
CA LYS G 537 -30.76 34.04 -0.99
C LYS G 537 -29.42 33.37 -0.71
N CYS G 538 -29.34 32.68 0.42
CA CYS G 538 -28.18 31.87 0.75
C CYS G 538 -28.17 30.67 -0.18
N VAL G 539 -27.34 30.73 -1.22
CA VAL G 539 -27.35 29.75 -2.29
C VAL G 539 -25.92 29.28 -2.55
N ASN G 540 -25.75 27.97 -2.73
CA ASN G 540 -24.50 27.43 -3.23
C ASN G 540 -24.35 27.83 -4.69
N PHE G 541 -23.18 28.34 -5.06
CA PHE G 541 -22.96 28.84 -6.40
C PHE G 541 -21.69 28.23 -6.99
N ASN G 542 -21.68 28.09 -8.32
CA ASN G 542 -20.50 27.65 -9.06
C ASN G 542 -20.37 28.55 -10.29
N PHE G 543 -19.57 29.59 -10.18
CA PHE G 543 -19.30 30.50 -11.27
C PHE G 543 -18.00 30.09 -11.95
N ASN G 544 -18.11 29.17 -12.92
CA ASN G 544 -16.97 28.71 -13.71
C ASN G 544 -15.84 28.20 -12.82
N GLY G 545 -16.11 27.20 -11.99
CA GLY G 545 -15.08 26.60 -11.18
C GLY G 545 -14.83 27.27 -9.84
N LEU G 546 -15.66 28.23 -9.49
CA LEU G 546 -15.60 28.89 -8.19
C LEU G 546 -16.69 28.32 -7.30
N THR G 547 -16.31 27.63 -6.24
CA THR G 547 -17.24 26.97 -5.34
C THR G 547 -17.32 27.77 -4.04
N GLY G 548 -18.53 28.11 -3.63
CA GLY G 548 -18.73 28.88 -2.42
C GLY G 548 -20.21 29.03 -2.13
N THR G 549 -20.50 29.78 -1.07
CA THR G 549 -21.87 30.03 -0.65
C THR G 549 -22.02 31.49 -0.25
N GLY G 550 -23.26 31.93 -0.17
CA GLY G 550 -23.55 33.29 0.23
C GLY G 550 -24.76 33.81 -0.52
N VAL G 551 -25.01 35.10 -0.34
CA VAL G 551 -26.09 35.80 -1.02
C VAL G 551 -25.48 36.64 -2.14
N LEU G 552 -26.18 36.75 -3.26
CA LEU G 552 -25.67 37.47 -4.41
C LEU G 552 -26.46 38.75 -4.62
N THR G 553 -25.73 39.86 -4.78
CA THR G 553 -26.37 41.17 -4.91
C THR G 553 -25.69 41.93 -6.04
N GLU G 554 -26.50 42.70 -6.78
CA GLU G 554 -25.95 43.57 -7.81
C GLU G 554 -24.94 44.52 -7.19
N SER G 555 -23.76 44.58 -7.79
CA SER G 555 -22.60 45.23 -7.18
C SER G 555 -22.26 46.52 -7.90
N ASN G 556 -22.00 47.58 -7.11
CA ASN G 556 -21.57 48.85 -7.68
C ASN G 556 -20.17 48.76 -8.28
N LYS G 557 -19.41 47.73 -7.90
CA LYS G 557 -18.04 47.60 -8.39
C LYS G 557 -18.02 47.45 -9.91
N LYS G 558 -17.09 48.15 -10.54
CA LYS G 558 -16.90 48.10 -11.99
C LYS G 558 -15.61 47.35 -12.27
N PHE G 559 -15.74 46.12 -12.79
CA PHE G 559 -14.56 45.34 -13.15
C PHE G 559 -13.94 45.87 -14.43
N LEU G 560 -12.70 45.46 -14.67
CA LEU G 560 -12.14 45.58 -16.00
C LEU G 560 -12.64 44.43 -16.86
N PRO G 561 -12.74 44.64 -18.18
CA PRO G 561 -13.38 43.63 -19.03
C PRO G 561 -12.77 42.25 -18.94
N PHE G 562 -11.44 42.14 -18.83
CA PHE G 562 -10.82 40.82 -18.81
C PHE G 562 -11.02 40.12 -17.47
N GLN G 563 -11.11 40.88 -16.38
CA GLN G 563 -11.21 40.29 -15.05
C GLN G 563 -12.53 39.54 -14.89
N GLN G 564 -12.48 38.45 -14.11
CA GLN G 564 -13.62 37.56 -13.97
C GLN G 564 -14.29 37.69 -12.60
N PHE G 565 -13.54 37.58 -11.51
CA PHE G 565 -14.12 37.61 -10.18
C PHE G 565 -13.28 38.49 -9.26
N GLY G 566 -13.97 39.27 -8.42
CA GLY G 566 -13.31 40.15 -7.48
C GLY G 566 -12.80 39.42 -6.26
N ARG G 567 -12.05 40.16 -5.44
CA ARG G 567 -11.39 39.57 -4.28
C ARG G 567 -10.88 40.70 -3.39
N ASP G 568 -11.10 40.55 -2.08
CA ASP G 568 -10.72 41.57 -1.12
C ASP G 568 -9.37 41.25 -0.48
N ILE G 569 -9.04 42.00 0.58
CA ILE G 569 -7.84 41.71 1.35
C ILE G 569 -8.00 40.34 2.00
N ALA G 570 -6.88 39.62 2.16
CA ALA G 570 -6.79 38.26 2.69
C ALA G 570 -7.33 37.23 1.70
N ASP G 571 -7.53 37.62 0.44
CA ASP G 571 -7.86 36.68 -0.63
C ASP G 571 -9.17 35.95 -0.38
N THR G 572 -10.24 36.71 -0.11
CA THR G 572 -11.58 36.16 -0.04
C THR G 572 -12.41 36.75 -1.17
N THR G 573 -13.04 35.88 -1.96
CA THR G 573 -13.86 36.35 -3.07
C THR G 573 -15.10 37.07 -2.54
N ASP G 574 -15.35 38.27 -3.10
CA ASP G 574 -16.53 39.03 -2.72
C ASP G 574 -17.23 39.64 -3.93
N ALA G 575 -16.89 39.22 -5.14
CA ALA G 575 -17.51 39.71 -6.36
C ALA G 575 -17.10 38.78 -7.48
N VAL G 576 -18.01 38.61 -8.44
CA VAL G 576 -17.76 37.73 -9.58
C VAL G 576 -18.69 38.14 -10.72
N ARG G 577 -18.20 38.06 -11.96
CA ARG G 577 -19.09 38.28 -13.09
C ARG G 577 -19.62 36.94 -13.60
N ASP G 578 -20.93 36.87 -13.76
CA ASP G 578 -21.51 35.67 -14.36
C ASP G 578 -21.12 35.63 -15.84
N PRO G 579 -20.81 34.45 -16.39
CA PRO G 579 -20.42 34.39 -17.80
C PRO G 579 -21.51 34.84 -18.75
N GLN G 580 -22.76 34.86 -18.29
CA GLN G 580 -23.87 35.33 -19.09
C GLN G 580 -24.36 36.68 -18.57
N THR G 581 -24.41 37.66 -19.47
CA THR G 581 -24.76 39.07 -19.26
C THR G 581 -23.64 39.83 -18.55
N LEU G 582 -22.59 39.16 -18.08
CA LEU G 582 -21.37 39.80 -17.58
C LEU G 582 -21.62 40.80 -16.45
N GLU G 583 -22.69 40.61 -15.68
CA GLU G 583 -22.95 41.52 -14.58
C GLU G 583 -22.13 41.12 -13.35
N ILE G 584 -21.84 42.10 -12.51
CA ILE G 584 -21.04 41.90 -11.32
C ILE G 584 -21.96 41.66 -10.13
N LEU G 585 -21.73 40.56 -9.42
CA LEU G 585 -22.55 40.18 -8.28
C LEU G 585 -21.70 40.12 -7.02
N ASP G 586 -22.13 40.81 -5.98
CA ASP G 586 -21.46 40.72 -4.68
C ASP G 586 -21.71 39.36 -4.06
N ILE G 587 -20.75 38.90 -3.26
CA ILE G 587 -20.89 37.69 -2.46
C ILE G 587 -20.75 38.07 -0.99
N THR G 588 -21.84 37.91 -0.24
CA THR G 588 -21.85 38.18 1.19
C THR G 588 -22.08 36.89 1.94
N PRO G 589 -21.28 36.59 2.96
CA PRO G 589 -21.42 35.30 3.66
C PRO G 589 -22.80 35.15 4.28
N CYS G 590 -23.30 33.92 4.29
CA CYS G 590 -24.60 33.64 4.87
C CYS G 590 -24.57 33.93 6.36
N SER G 591 -25.68 34.46 6.87
CA SER G 591 -25.75 34.94 8.25
C SER G 591 -25.42 33.85 9.25
N PHE G 592 -24.40 34.09 10.07
CA PHE G 592 -24.03 33.20 11.16
C PHE G 592 -23.74 34.02 12.40
N GLY G 593 -23.89 33.39 13.56
CA GLY G 593 -23.54 34.04 14.81
C GLY G 593 -23.79 33.13 15.98
N GLY G 594 -23.24 33.50 17.13
CA GLY G 594 -23.54 32.78 18.35
C GLY G 594 -24.93 33.13 18.86
N VAL G 595 -25.52 32.17 19.57
CA VAL G 595 -26.83 32.36 20.16
C VAL G 595 -26.71 32.17 21.67
N SER G 596 -27.22 33.12 22.43
CA SER G 596 -27.09 33.12 23.88
C SER G 596 -28.47 33.28 24.51
N VAL G 597 -28.62 32.73 25.71
CA VAL G 597 -29.88 32.76 26.43
C VAL G 597 -29.74 33.67 27.64
N ILE G 598 -30.77 34.46 27.90
CA ILE G 598 -30.81 35.37 29.05
C ILE G 598 -31.68 34.73 30.12
N THR G 599 -31.06 34.28 31.19
CA THR G 599 -31.80 33.63 32.26
C THR G 599 -31.72 34.43 33.54
N PRO G 600 -32.85 34.78 34.15
CA PRO G 600 -32.84 35.39 35.48
C PRO G 600 -32.50 34.43 36.60
N GLY G 601 -32.29 33.15 36.29
CA GLY G 601 -32.01 32.14 37.29
C GLY G 601 -33.12 31.13 37.40
N THR G 602 -32.76 29.84 37.39
CA THR G 602 -33.77 28.79 37.56
C THR G 602 -34.48 28.92 38.90
N ASN G 603 -33.77 29.38 39.93
CA ASN G 603 -34.41 29.70 41.20
C ASN G 603 -35.49 30.75 41.03
N THR G 604 -35.26 31.71 40.13
CA THR G 604 -36.21 32.80 39.95
C THR G 604 -37.34 32.41 39.00
N SER G 605 -37.00 32.00 37.79
CA SER G 605 -38.01 31.70 36.79
C SER G 605 -37.42 30.80 35.72
N ASN G 606 -38.31 30.16 34.96
CA ASN G 606 -37.93 29.36 33.80
C ASN G 606 -38.05 30.14 32.49
N GLN G 607 -38.39 31.42 32.57
CA GLN G 607 -38.47 32.25 31.38
C GLN G 607 -37.08 32.65 30.92
N VAL G 608 -36.86 32.62 29.61
CA VAL G 608 -35.58 32.97 29.02
C VAL G 608 -35.80 33.93 27.87
N ALA G 609 -34.76 34.72 27.58
CA ALA G 609 -34.68 35.51 26.37
C ALA G 609 -33.49 35.02 25.58
N VAL G 610 -33.59 35.09 24.25
CA VAL G 610 -32.61 34.49 23.37
C VAL G 610 -32.02 35.59 22.49
N LEU G 611 -30.70 35.74 22.55
CA LEU G 611 -29.99 36.74 21.78
C LEU G 611 -29.30 36.07 20.60
N TYR G 612 -29.65 36.50 19.39
CA TYR G 612 -28.99 36.04 18.17
C TYR G 612 -27.96 37.09 17.80
N GLN G 613 -26.70 36.83 18.11
CA GLN G 613 -25.66 37.85 17.98
C GLN G 613 -25.44 38.22 16.52
N ASP G 614 -25.17 39.51 16.29
CA ASP G 614 -24.85 40.12 14.99
C ASP G 614 -25.69 39.53 13.85
N VAL G 615 -26.97 39.32 14.12
CA VAL G 615 -27.91 38.81 13.12
C VAL G 615 -29.10 39.75 13.06
N ASN G 616 -29.50 40.13 11.86
CA ASN G 616 -30.67 40.97 11.69
C ASN G 616 -31.89 40.20 12.08
N CYS G 617 -32.85 40.88 12.65
CA CYS G 617 -34.06 40.21 13.13
C CYS G 617 -34.92 39.66 12.00
N THR G 618 -34.66 40.09 10.77
CA THR G 618 -35.43 39.58 9.64
C THR G 618 -35.30 38.06 9.62
N GLU G 619 -34.08 37.55 9.67
CA GLU G 619 -33.84 36.11 9.78
C GLU G 619 -34.19 35.68 11.20
N VAL G 620 -34.60 34.43 11.35
CA VAL G 620 -35.02 33.88 12.64
C VAL G 620 -33.93 34.06 13.69
N ASN G 641 -41.81 38.64 21.00
CA ASN G 641 -41.29 39.98 21.23
C ASN G 641 -39.84 40.10 20.77
N VAL G 642 -39.66 40.54 19.53
CA VAL G 642 -38.33 40.70 18.95
C VAL G 642 -37.85 42.13 19.21
N PHE G 643 -36.52 42.30 19.19
CA PHE G 643 -35.90 43.59 19.44
C PHE G 643 -34.50 43.57 18.87
N GLN G 644 -34.22 44.53 17.99
CA GLN G 644 -32.93 44.62 17.35
C GLN G 644 -31.94 45.52 18.03
N THR G 645 -30.92 44.95 18.62
CA THR G 645 -29.85 45.67 19.29
C THR G 645 -28.60 45.65 18.42
N ARG G 646 -27.61 46.46 18.83
CA ARG G 646 -26.32 46.40 18.15
C ARG G 646 -25.61 45.09 18.42
N ALA G 647 -25.93 44.43 19.53
CA ALA G 647 -25.33 43.13 19.82
C ALA G 647 -25.99 42.02 19.01
N GLY G 648 -27.17 42.26 18.47
CA GLY G 648 -27.84 41.27 17.66
C GLY G 648 -29.35 41.36 17.86
N CYS G 649 -30.03 40.29 17.46
CA CYS G 649 -31.48 40.20 17.59
C CYS G 649 -31.83 39.56 18.93
N LEU G 650 -32.61 40.26 19.73
CA LEU G 650 -33.00 39.78 21.05
C LEU G 650 -34.49 39.43 21.04
N ILE G 651 -34.78 38.15 21.34
CA ILE G 651 -36.14 37.63 21.29
C ILE G 651 -36.50 37.10 22.67
N GLY G 652 -37.67 37.48 23.17
CA GLY G 652 -38.13 37.08 24.48
C GLY G 652 -38.06 38.15 25.53
N ALA G 653 -37.62 39.37 25.19
CA ALA G 653 -37.50 40.47 26.13
C ALA G 653 -38.16 41.70 25.55
N GLU G 654 -38.70 42.53 26.44
CA GLU G 654 -39.42 43.74 26.04
C GLU G 654 -38.55 44.96 26.29
N HIS G 655 -38.38 45.78 25.25
CA HIS G 655 -37.62 47.01 25.38
C HIS G 655 -38.44 48.07 26.11
N VAL G 656 -37.79 48.82 27.00
CA VAL G 656 -38.44 49.86 27.78
C VAL G 656 -37.61 51.14 27.67
N ASN G 657 -38.26 52.28 27.89
CA ASN G 657 -37.54 53.55 27.89
C ASN G 657 -36.74 53.73 29.18
N ASN G 658 -37.18 53.11 30.26
CA ASN G 658 -36.55 53.30 31.56
C ASN G 658 -35.13 52.74 31.55
N SER G 659 -34.25 53.39 32.31
CA SER G 659 -32.86 52.99 32.42
C SER G 659 -32.54 52.59 33.86
N TYR G 660 -31.89 51.45 34.02
CA TYR G 660 -31.52 50.95 35.33
C TYR G 660 -30.05 50.55 35.31
N GLU G 661 -29.54 50.23 36.50
CA GLU G 661 -28.21 49.65 36.60
C GLU G 661 -28.19 48.29 35.89
N CYS G 662 -27.05 47.96 35.30
CA CYS G 662 -26.94 46.74 34.53
C CYS G 662 -27.11 45.52 35.43
N ASP G 663 -27.90 44.55 34.95
CA ASP G 663 -28.09 43.28 35.65
C ASP G 663 -27.50 42.13 34.86
N ILE G 664 -27.90 41.97 33.60
CA ILE G 664 -27.29 40.99 32.70
C ILE G 664 -26.78 41.73 31.47
N PRO G 665 -25.46 41.84 31.29
CA PRO G 665 -24.94 42.63 30.17
C PRO G 665 -25.19 41.92 28.84
N ILE G 666 -25.80 42.64 27.90
CA ILE G 666 -26.03 42.13 26.56
C ILE G 666 -25.01 42.66 25.58
N GLY G 667 -24.67 43.93 25.65
CA GLY G 667 -23.68 44.54 24.77
C GLY G 667 -24.15 45.88 24.26
N ALA G 668 -23.17 46.73 23.93
CA ALA G 668 -23.42 48.05 23.36
C ALA G 668 -24.38 48.88 24.22
N GLY G 669 -24.20 48.80 25.53
CA GLY G 669 -25.00 49.59 26.46
C GLY G 669 -26.34 49.01 26.82
N ILE G 670 -26.72 47.87 26.25
CA ILE G 670 -28.01 47.25 26.50
C ILE G 670 -27.82 46.17 27.56
N CYS G 671 -28.68 46.18 28.57
CA CYS G 671 -28.68 45.17 29.62
C CYS G 671 -30.08 44.59 29.74
N ALA G 672 -30.18 43.49 30.49
CA ALA G 672 -31.45 42.80 30.69
C ALA G 672 -31.68 42.55 32.16
N SER G 673 -32.97 42.49 32.54
CA SER G 673 -33.34 42.30 33.93
C SER G 673 -34.71 41.63 33.98
N TYR G 674 -35.04 41.09 35.15
CA TYR G 674 -36.31 40.41 35.38
C TYR G 674 -37.22 41.33 36.19
N GLN G 675 -38.09 42.06 35.51
CA GLN G 675 -39.06 42.92 36.17
C GLN G 675 -40.46 42.69 35.63
N GLN G 690 -41.92 39.36 36.40
CA GLN G 690 -42.97 38.67 35.65
C GLN G 690 -42.63 38.60 34.18
N SER G 691 -41.66 39.42 33.75
CA SER G 691 -41.21 39.43 32.37
C SER G 691 -39.76 39.90 32.31
N ILE G 692 -39.11 39.59 31.20
CA ILE G 692 -37.73 39.98 30.95
C ILE G 692 -37.72 41.27 30.14
N ILE G 693 -36.97 42.26 30.61
CA ILE G 693 -36.90 43.56 29.94
C ILE G 693 -35.50 43.76 29.38
N ALA G 694 -35.42 44.58 28.34
CA ALA G 694 -34.15 45.05 27.79
C ALA G 694 -34.15 46.56 27.80
N TYR G 695 -33.06 47.16 28.28
CA TYR G 695 -33.00 48.60 28.45
C TYR G 695 -31.57 49.07 28.21
N THR G 696 -31.44 50.37 27.99
CA THR G 696 -30.13 51.01 28.03
C THR G 696 -29.71 51.19 29.48
N MET G 697 -28.52 50.71 29.82
CA MET G 697 -28.07 50.77 31.20
C MET G 697 -27.85 52.21 31.65
N SER G 698 -28.06 52.45 32.93
CA SER G 698 -27.82 53.74 33.56
C SER G 698 -26.46 53.73 34.23
N LEU G 699 -25.67 54.76 33.97
CA LEU G 699 -24.32 54.82 34.54
C LEU G 699 -24.38 55.26 36.00
N GLY G 700 -25.44 55.93 36.39
CA GLY G 700 -25.57 56.42 37.75
C GLY G 700 -26.59 57.53 37.80
N ALA G 701 -26.68 58.16 38.98
CA ALA G 701 -27.61 59.25 39.20
C ALA G 701 -26.92 60.58 38.93
N GLU G 702 -27.53 61.39 38.08
CA GLU G 702 -26.98 62.71 37.77
C GLU G 702 -26.89 63.55 39.04
N ASN G 703 -25.78 64.26 39.20
CA ASN G 703 -25.53 65.07 40.39
C ASN G 703 -24.84 66.35 39.98
N SER G 704 -25.60 67.43 39.85
CA SER G 704 -25.04 68.76 39.61
C SER G 704 -24.60 69.33 40.95
N VAL G 705 -23.29 69.32 41.21
CA VAL G 705 -22.78 69.81 42.48
C VAL G 705 -22.94 71.32 42.55
N ALA G 706 -23.31 71.79 43.74
CA ALA G 706 -23.54 73.20 43.94
C ALA G 706 -22.27 73.98 44.01
N TYR G 707 -21.66 74.17 42.86
CA TYR G 707 -20.39 74.87 42.77
C TYR G 707 -20.60 76.37 42.71
N SER G 708 -19.85 77.11 43.51
CA SER G 708 -19.77 78.55 43.40
C SER G 708 -18.32 78.96 43.61
N ASN G 709 -18.04 80.24 43.37
CA ASN G 709 -16.70 80.75 43.58
C ASN G 709 -16.42 81.13 45.02
N ASN G 710 -17.39 81.02 45.92
CA ASN G 710 -17.18 81.28 47.34
C ASN G 710 -17.93 80.31 48.23
N SER G 711 -18.27 79.13 47.73
CA SER G 711 -19.03 78.15 48.48
C SER G 711 -18.21 76.88 48.69
N ILE G 712 -18.23 76.38 49.93
CA ILE G 712 -17.55 75.14 50.28
C ILE G 712 -18.49 74.24 51.04
N ALA G 713 -18.16 72.95 51.08
CA ALA G 713 -18.91 72.00 51.87
C ALA G 713 -17.91 71.36 52.81
N ILE G 714 -18.14 71.36 54.10
CA ILE G 714 -17.25 70.84 55.14
C ILE G 714 -17.97 69.71 55.84
N PRO G 715 -17.37 68.54 56.00
CA PRO G 715 -18.03 67.46 56.75
C PRO G 715 -18.13 67.81 58.23
N THR G 716 -19.28 67.50 58.82
CA THR G 716 -19.49 67.70 60.24
C THR G 716 -19.46 66.40 61.04
N ASN G 717 -19.20 65.27 60.38
CA ASN G 717 -19.21 63.97 61.02
C ASN G 717 -18.38 63.01 60.19
N PHE G 718 -18.48 61.72 60.48
CA PHE G 718 -17.75 60.70 59.75
C PHE G 718 -18.41 59.35 59.98
N THR G 719 -17.89 58.33 59.31
CA THR G 719 -18.49 57.01 59.29
C THR G 719 -17.60 55.94 59.92
N ILE G 720 -16.32 55.91 59.54
CA ILE G 720 -15.41 54.80 59.85
C ILE G 720 -15.95 53.56 59.16
N SER G 721 -15.48 53.31 57.93
CA SER G 721 -15.95 52.23 57.10
C SER G 721 -14.90 51.12 57.05
N VAL G 722 -15.36 49.87 57.16
CA VAL G 722 -14.50 48.71 57.02
C VAL G 722 -15.00 47.89 55.85
N THR G 723 -14.14 47.72 54.84
CA THR G 723 -14.47 46.94 53.67
C THR G 723 -13.43 45.84 53.48
N THR G 724 -13.80 44.85 52.67
CA THR G 724 -12.96 43.68 52.43
C THR G 724 -12.42 43.72 51.01
N GLU G 725 -11.17 43.30 50.85
CA GLU G 725 -10.57 43.07 49.55
C GLU G 725 -10.00 41.67 49.51
N ILE G 726 -10.36 40.91 48.49
CA ILE G 726 -9.96 39.52 48.35
C ILE G 726 -9.00 39.41 47.18
N LEU G 727 -7.80 38.88 47.45
CA LEU G 727 -6.75 38.77 46.44
C LEU G 727 -6.21 37.36 46.44
N PRO G 728 -6.22 36.67 45.30
CA PRO G 728 -5.54 35.36 45.22
C PRO G 728 -4.04 35.51 45.42
N VAL G 729 -3.45 34.56 46.12
CA VAL G 729 -2.00 34.54 46.29
C VAL G 729 -1.34 33.31 45.67
N SER G 730 -2.03 32.18 45.57
CA SER G 730 -1.40 30.98 45.06
C SER G 730 -2.45 30.05 44.49
N MET G 731 -2.03 29.24 43.52
CA MET G 731 -2.85 28.19 42.95
C MET G 731 -2.36 26.83 43.45
N THR G 732 -3.07 25.79 43.04
CA THR G 732 -2.69 24.44 43.42
C THR G 732 -1.35 24.07 42.76
N LYS G 733 -0.45 23.50 43.55
CA LYS G 733 0.79 22.97 43.02
C LYS G 733 0.53 21.59 42.46
N THR G 734 0.63 21.46 41.14
CA THR G 734 0.32 20.22 40.46
C THR G 734 1.56 19.72 39.72
N SER G 735 1.59 18.42 39.48
CA SER G 735 2.67 17.81 38.74
C SER G 735 2.09 16.76 37.81
N VAL G 736 2.69 16.64 36.63
CA VAL G 736 2.29 15.65 35.64
C VAL G 736 3.51 14.83 35.26
N ASP G 737 3.39 13.52 35.34
CA ASP G 737 4.42 12.61 34.83
C ASP G 737 4.11 12.39 33.35
N CYS G 738 4.78 13.15 32.49
CA CYS G 738 4.46 13.15 31.07
C CYS G 738 4.52 11.75 30.46
N THR G 739 5.47 10.94 30.91
CA THR G 739 5.56 9.57 30.40
C THR G 739 4.33 8.76 30.80
N MET G 740 3.88 8.90 32.05
CA MET G 740 2.74 8.12 32.51
C MET G 740 1.42 8.68 31.98
N TYR G 741 1.33 9.99 31.77
CA TYR G 741 0.13 10.55 31.15
C TYR G 741 0.01 10.08 29.71
N ILE G 742 1.09 10.25 28.93
CA ILE G 742 1.05 9.92 27.51
C ILE G 742 0.99 8.42 27.30
N CYS G 743 1.79 7.66 28.06
CA CYS G 743 1.95 6.24 27.80
C CYS G 743 1.41 5.33 28.89
N GLY G 744 1.34 5.81 30.13
CA GLY G 744 0.90 4.92 31.21
C GLY G 744 1.93 3.84 31.47
N ASP G 745 1.47 2.60 31.49
CA ASP G 745 2.32 1.45 31.76
C ASP G 745 2.90 0.81 30.49
N SER G 746 2.62 1.38 29.33
CA SER G 746 3.05 0.76 28.08
C SER G 746 4.54 1.00 27.85
N THR G 747 5.30 -0.09 27.75
CA THR G 747 6.71 0.04 27.37
C THR G 747 6.84 0.35 25.88
N GLU G 748 5.88 -0.11 25.08
CA GLU G 748 5.89 0.20 23.65
C GLU G 748 5.81 1.70 23.42
N CYS G 749 4.85 2.36 24.06
CA CYS G 749 4.77 3.81 23.97
C CYS G 749 5.99 4.48 24.61
N SER G 750 6.53 3.87 25.67
CA SER G 750 7.72 4.42 26.31
C SER G 750 8.95 4.29 25.42
N ASN G 751 9.02 3.22 24.62
CA ASN G 751 10.08 3.14 23.62
C ASN G 751 9.96 4.27 22.60
N LEU G 752 8.73 4.55 22.17
CA LEU G 752 8.44 5.77 21.43
C LEU G 752 8.48 6.93 22.42
N LEU G 753 8.23 8.15 21.93
CA LEU G 753 8.21 9.36 22.76
C LEU G 753 9.64 9.69 23.20
N LEU G 754 10.58 8.79 22.91
CA LEU G 754 12.00 9.11 23.05
C LEU G 754 12.50 9.78 21.78
N GLN G 755 11.86 9.48 20.65
CA GLN G 755 12.21 10.15 19.40
C GLN G 755 11.70 11.58 19.36
N TYR G 756 10.82 11.93 20.30
CA TYR G 756 10.28 13.29 20.33
C TYR G 756 11.21 14.23 21.09
N GLY G 757 12.22 13.69 21.76
CA GLY G 757 13.23 14.52 22.38
C GLY G 757 12.99 14.82 23.84
N SER G 758 13.26 16.07 24.24
CA SER G 758 13.15 16.49 25.63
C SER G 758 11.86 17.28 25.89
N PHE G 759 10.79 16.97 25.16
CA PHE G 759 9.52 17.64 25.40
C PHE G 759 9.01 17.35 26.80
N CYS G 760 9.12 16.10 27.26
CA CYS G 760 8.63 15.74 28.58
C CYS G 760 9.45 16.42 29.66
N THR G 761 10.77 16.44 29.51
CA THR G 761 11.62 17.12 30.48
C THR G 761 11.32 18.62 30.51
N GLN G 762 11.09 19.21 29.34
CA GLN G 762 10.77 20.64 29.29
C GLN G 762 9.41 20.92 29.92
N LEU G 763 8.47 20.00 29.79
CA LEU G 763 7.15 20.19 30.38
C LEU G 763 7.19 20.05 31.90
N ASN G 764 7.96 19.09 32.40
CA ASN G 764 8.10 18.92 33.84
C ASN G 764 8.80 20.10 34.49
N ARG G 765 9.82 20.65 33.83
CA ARG G 765 10.55 21.78 34.38
C ARG G 765 9.66 23.02 34.48
N ALA G 766 8.77 23.20 33.49
CA ALA G 766 7.85 24.33 33.54
C ALA G 766 6.86 24.20 34.68
N LEU G 767 6.38 22.98 34.95
CA LEU G 767 5.41 22.78 36.02
C LEU G 767 6.07 22.86 37.39
N THR G 768 7.32 22.41 37.49
CA THR G 768 8.04 22.54 38.75
C THR G 768 8.31 24.00 39.07
N GLY G 769 8.65 24.79 38.06
CA GLY G 769 8.84 26.21 38.29
C GLY G 769 7.58 26.90 38.77
N ILE G 770 6.42 26.47 38.29
CA ILE G 770 5.17 27.04 38.75
C ILE G 770 4.92 26.67 40.21
N ALA G 771 5.12 25.40 40.56
CA ALA G 771 4.88 24.96 41.93
C ALA G 771 5.80 25.64 42.92
N VAL G 772 7.07 25.81 42.56
CA VAL G 772 8.01 26.51 43.43
C VAL G 772 7.61 27.96 43.59
N GLU G 773 7.08 28.57 42.52
CA GLU G 773 6.66 29.97 42.59
C GLU G 773 5.48 30.15 43.54
N GLN G 774 4.58 29.18 43.62
CA GLN G 774 3.43 29.31 44.50
C GLN G 774 3.82 29.43 45.96
N ASP G 775 4.80 28.64 46.40
CA ASP G 775 5.32 28.79 47.75
C ASP G 775 6.01 30.13 47.94
N LYS G 776 6.72 30.60 46.93
CA LYS G 776 7.32 31.93 46.98
C LYS G 776 6.25 33.02 47.08
N ASN G 777 5.13 32.82 46.38
CA ASN G 777 4.04 33.79 46.44
C ASN G 777 3.49 33.94 47.86
N THR G 778 3.30 32.81 48.55
CA THR G 778 2.75 32.87 49.89
C THR G 778 3.76 33.46 50.87
N GLN G 779 5.05 33.11 50.73
CA GLN G 779 6.07 33.65 51.60
C GLN G 779 6.16 35.17 51.48
N GLU G 780 6.10 35.69 50.25
CA GLU G 780 6.25 37.13 50.05
C GLU G 780 5.06 37.90 50.61
N VAL G 781 3.88 37.29 50.60
CA VAL G 781 2.69 37.97 51.12
C VAL G 781 2.65 37.90 52.63
N PHE G 782 2.75 36.71 53.19
CA PHE G 782 2.49 36.49 54.62
C PHE G 782 3.72 36.57 55.50
N ALA G 783 4.86 36.06 55.04
CA ALA G 783 6.08 36.08 55.85
C ALA G 783 6.79 37.43 55.73
N GLN G 784 6.03 38.50 56.00
CA GLN G 784 6.54 39.86 56.00
C GLN G 784 6.87 40.36 57.40
N VAL G 785 6.86 39.47 58.39
CA VAL G 785 7.01 39.85 59.78
C VAL G 785 8.18 39.08 60.38
N LYS G 786 9.03 39.78 61.11
CA LYS G 786 10.06 39.16 61.93
C LYS G 786 9.53 39.06 63.35
N GLN G 787 9.64 37.87 63.94
CA GLN G 787 9.12 37.55 65.27
C GLN G 787 7.61 37.40 65.22
N ILE G 788 7.10 36.34 65.84
CA ILE G 788 5.66 36.09 65.89
C ILE G 788 5.09 36.85 67.08
N TYR G 789 4.50 38.02 66.81
CA TYR G 789 3.95 38.84 67.86
C TYR G 789 2.66 38.25 68.40
N LYS G 790 2.46 38.43 69.70
CA LYS G 790 1.28 37.94 70.40
C LYS G 790 0.61 39.10 71.12
N THR G 791 -0.72 39.17 71.04
CA THR G 791 -1.45 40.19 71.78
C THR G 791 -1.43 39.87 73.26
N PRO G 792 -1.46 40.90 74.11
CA PRO G 792 -1.46 40.68 75.56
C PRO G 792 -2.75 40.03 76.01
N PRO G 793 -2.74 39.31 77.13
CA PRO G 793 -3.99 38.72 77.63
C PRO G 793 -5.05 39.77 77.97
N ILE G 794 -4.62 40.94 78.44
CA ILE G 794 -5.55 42.03 78.75
C ILE G 794 -5.75 42.85 77.48
N LYS G 795 -6.91 42.72 76.86
CA LYS G 795 -7.19 43.37 75.58
C LYS G 795 -7.99 44.65 75.83
N ASP G 796 -7.28 45.67 76.30
CA ASP G 796 -7.85 47.00 76.50
C ASP G 796 -7.36 47.89 75.36
N PHE G 797 -8.14 47.95 74.29
CA PHE G 797 -7.77 48.64 73.07
C PHE G 797 -8.62 49.89 72.87
N GLY G 798 -9.01 50.52 73.97
CA GLY G 798 -9.79 51.74 73.91
C GLY G 798 -11.18 51.59 73.34
N GLY G 799 -11.86 50.47 73.61
CA GLY G 799 -13.20 50.28 73.14
C GLY G 799 -13.26 49.50 71.84
N PHE G 800 -12.15 49.49 71.10
CA PHE G 800 -12.07 48.73 69.86
C PHE G 800 -12.03 47.23 70.17
N ASN G 801 -12.79 46.47 69.41
CA ASN G 801 -12.98 45.05 69.66
C ASN G 801 -12.50 44.25 68.47
N PHE G 802 -11.44 43.46 68.67
CA PHE G 802 -10.85 42.65 67.61
C PHE G 802 -11.14 41.16 67.82
N SER G 803 -12.24 40.82 68.48
CA SER G 803 -12.51 39.44 68.83
C SER G 803 -12.66 38.55 67.59
N GLN G 804 -13.32 39.06 66.56
CA GLN G 804 -13.63 38.23 65.39
C GLN G 804 -12.47 38.14 64.41
N ILE G 805 -11.38 38.86 64.61
CA ILE G 805 -10.24 38.76 63.71
C ILE G 805 -9.04 38.21 64.47
N LEU G 806 -9.07 38.29 65.79
CA LEU G 806 -8.04 37.66 66.60
C LEU G 806 -8.30 36.16 66.69
N PRO G 807 -7.26 35.35 66.89
CA PRO G 807 -7.45 33.91 66.95
C PRO G 807 -8.22 33.49 68.20
N ASP G 808 -8.88 32.33 68.10
CA ASP G 808 -9.58 31.76 69.23
C ASP G 808 -9.06 30.36 69.53
N PRO G 809 -8.82 30.02 70.81
CA PRO G 809 -8.28 28.68 71.11
C PRO G 809 -9.32 27.58 71.01
N SER G 810 -10.59 27.89 70.76
CA SER G 810 -11.56 26.86 70.43
C SER G 810 -11.11 26.06 69.22
N LYS G 811 -10.31 26.67 68.37
CA LYS G 811 -9.42 26.04 67.41
C LYS G 811 -10.09 25.17 66.35
N PRO G 812 -10.81 25.75 65.39
CA PRO G 812 -10.65 25.25 64.02
C PRO G 812 -9.38 25.88 63.48
N SER G 813 -8.25 25.17 63.54
CA SER G 813 -6.94 25.78 63.42
C SER G 813 -6.79 26.93 64.43
N LYS G 814 -5.60 27.53 64.53
CA LYS G 814 -5.47 28.75 65.34
C LYS G 814 -5.95 29.96 64.54
N ARG G 815 -7.19 29.86 64.07
CA ARG G 815 -7.79 30.82 63.17
C ARG G 815 -8.76 31.73 63.91
N SER G 816 -9.19 32.79 63.22
CA SER G 816 -10.15 33.72 63.76
C SER G 816 -11.57 33.33 63.34
N PHE G 817 -12.55 34.03 63.91
CA PHE G 817 -13.94 33.80 63.53
C PHE G 817 -14.16 34.13 62.05
N ILE G 818 -13.59 35.25 61.60
CA ILE G 818 -13.71 35.62 60.19
C ILE G 818 -13.01 34.61 59.30
N GLU G 819 -11.81 34.17 59.70
CA GLU G 819 -11.07 33.18 58.91
C GLU G 819 -11.82 31.86 58.83
N ASP G 820 -12.48 31.46 59.92
CA ASP G 820 -13.32 30.26 59.86
C ASP G 820 -14.45 30.43 58.84
N LEU G 821 -15.08 31.60 58.82
CA LEU G 821 -16.10 31.86 57.81
C LEU G 821 -15.53 31.79 56.40
N LEU G 822 -14.32 32.32 56.21
CA LEU G 822 -13.73 32.34 54.88
C LEU G 822 -13.39 30.95 54.36
N PHE G 823 -12.92 30.06 55.24
CA PHE G 823 -12.50 28.73 54.78
C PHE G 823 -13.68 27.84 54.44
N ASN G 824 -14.83 28.03 55.10
CA ASN G 824 -16.00 27.24 54.77
C ASN G 824 -16.70 27.78 53.52
N LYS G 825 -16.62 29.10 53.29
CA LYS G 825 -17.36 29.70 52.19
C LYS G 825 -16.89 29.20 50.83
N VAL G 826 -15.57 29.08 50.64
CA VAL G 826 -15.01 28.63 49.37
C VAL G 826 -14.59 27.18 49.51
N THR G 827 -14.99 26.35 48.56
CA THR G 827 -14.71 24.92 48.59
C THR G 827 -13.38 24.60 47.92
N LYS G 854 -5.40 11.05 42.83
CA LYS G 854 -4.33 11.13 41.85
C LYS G 854 -4.43 10.00 40.82
N PHE G 855 -4.50 10.38 39.54
CA PHE G 855 -4.68 9.40 38.47
C PHE G 855 -3.90 9.85 37.25
N ASN G 856 -3.50 8.86 36.44
CA ASN G 856 -2.90 9.09 35.12
C ASN G 856 -1.63 9.94 35.20
N GLY G 857 -0.90 9.85 36.31
CA GLY G 857 0.32 10.61 36.46
C GLY G 857 0.14 12.01 37.00
N LEU G 858 -1.05 12.37 37.45
CA LEU G 858 -1.34 13.68 37.99
C LEU G 858 -1.28 13.60 39.51
N THR G 859 -0.47 14.46 40.12
CA THR G 859 -0.37 14.54 41.58
C THR G 859 -0.41 15.99 42.01
N VAL G 860 -0.85 16.22 43.24
CA VAL G 860 -0.94 17.55 43.82
C VAL G 860 0.04 17.64 44.98
N LEU G 861 0.99 18.57 44.89
CA LEU G 861 2.00 18.78 45.92
C LEU G 861 1.48 19.74 46.98
N PRO G 862 1.58 19.38 48.26
CA PRO G 862 1.11 20.27 49.32
C PRO G 862 1.96 21.52 49.39
N PRO G 863 1.36 22.66 49.75
CA PRO G 863 2.15 23.88 49.93
C PRO G 863 3.08 23.75 51.12
N LEU G 864 4.23 24.45 51.03
CA LEU G 864 5.22 24.38 52.09
C LEU G 864 4.65 24.87 53.41
N LEU G 865 3.92 25.98 53.38
CA LEU G 865 3.28 26.52 54.58
C LEU G 865 1.89 25.91 54.73
N THR G 866 1.60 25.39 55.92
CA THR G 866 0.28 24.87 56.19
C THR G 866 -0.69 26.02 56.46
N ASP G 867 -1.99 25.69 56.44
CA ASP G 867 -3.00 26.69 56.76
C ASP G 867 -2.85 27.21 58.17
N GLU G 868 -2.29 26.39 59.07
CA GLU G 868 -2.05 26.85 60.44
C GLU G 868 -0.90 27.85 60.50
N MET G 869 0.15 27.63 59.71
CA MET G 869 1.27 28.56 59.70
C MET G 869 0.88 29.88 59.07
N ILE G 870 0.08 29.85 58.01
CA ILE G 870 -0.39 31.10 57.40
C ILE G 870 -1.26 31.88 58.38
N ALA G 871 -2.12 31.18 59.12
CA ALA G 871 -2.90 31.84 60.16
C ALA G 871 -2.01 32.37 61.28
N GLN G 872 -0.92 31.66 61.57
CA GLN G 872 0.04 32.14 62.56
C GLN G 872 0.76 33.38 62.07
N TYR G 873 1.15 33.41 60.79
CA TYR G 873 1.71 34.63 60.21
C TYR G 873 0.70 35.76 60.23
N THR G 874 -0.54 35.47 59.84
CA THR G 874 -1.59 36.49 59.82
C THR G 874 -1.86 37.03 61.21
N SER G 875 -1.82 36.16 62.23
CA SER G 875 -2.07 36.60 63.59
C SER G 875 -0.89 37.42 64.13
N ALA G 876 0.33 37.07 63.71
CA ALA G 876 1.48 37.88 64.10
C ALA G 876 1.42 39.27 63.49
N LEU G 877 1.01 39.37 62.23
CA LEU G 877 0.82 40.67 61.59
C LEU G 877 -0.29 41.45 62.28
N LEU G 878 -1.37 40.77 62.65
CA LEU G 878 -2.46 41.42 63.35
C LEU G 878 -2.04 41.88 64.75
N ALA G 879 -1.31 41.03 65.47
CA ALA G 879 -0.86 41.41 66.81
C ALA G 879 0.12 42.58 66.75
N GLY G 880 1.02 42.58 65.77
CA GLY G 880 1.99 43.66 65.67
C GLY G 880 1.35 45.01 65.40
N THR G 881 0.36 45.05 64.52
CA THR G 881 -0.24 46.33 64.14
C THR G 881 -1.16 46.85 65.23
N ILE G 882 -1.79 45.96 65.99
CA ILE G 882 -2.66 46.38 67.09
C ILE G 882 -1.85 46.94 68.25
N THR G 883 -0.71 46.31 68.55
CA THR G 883 0.03 46.68 69.74
C THR G 883 1.10 47.72 69.45
N SER G 884 1.66 47.72 68.24
CA SER G 884 2.81 48.56 67.94
C SER G 884 2.62 49.51 66.77
N GLY G 885 1.42 49.59 66.19
CA GLY G 885 1.21 50.53 65.09
C GLY G 885 1.95 50.10 63.85
N TRP G 886 2.54 51.07 63.17
CA TRP G 886 3.37 50.78 62.00
C TRP G 886 4.84 50.63 62.35
N THR G 887 5.20 50.72 63.63
CA THR G 887 6.61 50.69 64.01
C THR G 887 7.23 49.33 63.73
N PHE G 888 6.47 48.24 63.91
CA PHE G 888 7.04 46.91 63.72
C PHE G 888 7.37 46.65 62.27
N GLY G 889 6.73 47.35 61.34
CA GLY G 889 7.05 47.18 59.93
C GLY G 889 8.40 47.81 59.56
N ALA G 890 8.82 48.81 60.32
CA ALA G 890 10.09 49.47 60.04
C ALA G 890 11.25 48.85 60.80
N GLY G 891 11.14 48.77 62.12
CA GLY G 891 12.18 48.15 62.92
C GLY G 891 11.61 47.26 64.00
N ALA G 892 12.09 47.42 65.23
CA ALA G 892 11.54 46.67 66.34
C ALA G 892 10.14 47.19 66.67
N ALA G 893 9.28 46.28 67.12
CA ALA G 893 7.93 46.65 67.49
C ALA G 893 7.96 47.52 68.74
N LEU G 894 7.43 48.74 68.61
CA LEU G 894 7.38 49.71 69.69
C LEU G 894 5.95 49.82 70.16
N GLN G 895 5.69 49.44 71.41
CA GLN G 895 4.35 49.49 71.95
C GLN G 895 3.76 50.87 71.97
N ILE G 896 2.47 50.95 71.77
CA ILE G 896 1.78 52.23 71.86
C ILE G 896 0.31 51.96 72.11
N PRO G 897 -0.28 52.70 73.06
CA PRO G 897 -1.69 52.46 73.39
C PRO G 897 -2.57 52.65 72.17
N PHE G 898 -3.57 51.77 72.03
CA PHE G 898 -4.55 51.96 70.99
C PHE G 898 -5.39 53.20 71.30
N ALA G 899 -5.91 53.82 70.24
CA ALA G 899 -6.55 55.13 70.28
C ALA G 899 -5.50 56.23 70.43
N MET G 900 -4.25 55.84 70.64
CA MET G 900 -3.14 56.75 70.40
C MET G 900 -2.46 56.42 69.08
N GLN G 901 -2.46 55.14 68.72
CA GLN G 901 -2.19 54.74 67.34
C GLN G 901 -3.23 55.34 66.40
N MET G 902 -4.49 55.37 66.83
CA MET G 902 -5.55 55.90 65.98
C MET G 902 -5.50 57.42 65.91
N ALA G 903 -5.00 58.08 66.96
CA ALA G 903 -4.79 59.52 66.90
C ALA G 903 -3.66 59.89 65.96
N TYR G 904 -2.62 59.06 65.88
CA TYR G 904 -1.60 59.24 64.85
C TYR G 904 -2.19 59.08 63.46
N ARG G 905 -3.08 58.10 63.28
CA ARG G 905 -3.62 57.80 61.96
C ARG G 905 -4.63 58.83 61.51
N PHE G 906 -5.28 59.55 62.43
CA PHE G 906 -6.08 60.70 62.01
C PHE G 906 -5.19 61.84 61.51
N ASN G 907 -4.04 62.03 62.14
CA ASN G 907 -3.11 63.04 61.65
C ASN G 907 -2.64 62.73 60.24
N GLY G 908 -2.51 61.44 59.91
CA GLY G 908 -2.11 61.05 58.57
C GLY G 908 -3.13 61.40 57.50
N ILE G 909 -4.38 61.59 57.87
CA ILE G 909 -5.43 61.92 56.92
C ILE G 909 -5.90 63.36 57.08
N GLY G 910 -5.17 64.18 57.81
CA GLY G 910 -5.52 65.57 57.96
C GLY G 910 -6.55 65.87 59.02
N VAL G 911 -6.77 64.98 59.98
CA VAL G 911 -7.65 65.25 61.10
C VAL G 911 -6.77 65.36 62.35
N THR G 912 -6.99 66.42 63.11
CA THR G 912 -6.01 66.90 64.09
C THR G 912 -6.12 66.18 65.42
N GLN G 913 -5.88 64.86 65.46
CA GLN G 913 -6.11 64.07 66.66
C GLN G 913 -7.46 64.45 67.24
N ASN G 914 -7.52 64.65 68.56
CA ASN G 914 -8.57 65.46 69.17
C ASN G 914 -9.97 65.01 68.78
N VAL G 915 -10.28 65.09 67.48
CA VAL G 915 -11.53 64.56 66.96
C VAL G 915 -11.66 63.08 67.27
N LEU G 916 -10.54 62.36 67.34
CA LEU G 916 -10.58 60.98 67.80
C LEU G 916 -10.89 60.91 69.29
N TYR G 917 -10.11 61.61 70.10
CA TYR G 917 -10.26 61.52 71.55
C TYR G 917 -11.62 62.03 72.00
N GLU G 918 -12.11 63.11 71.41
CA GLU G 918 -13.41 63.63 71.77
C GLU G 918 -14.54 62.75 71.25
N ASN G 919 -14.26 61.84 70.33
CA ASN G 919 -15.25 60.92 69.79
C ASN G 919 -14.77 59.47 69.90
N GLN G 920 -14.02 59.15 70.97
CA GLN G 920 -13.38 57.85 71.04
C GLN G 920 -14.37 56.72 71.22
N LYS G 921 -15.48 56.96 71.91
CA LYS G 921 -16.48 55.91 72.04
C LYS G 921 -17.29 55.73 70.77
N LEU G 922 -17.62 56.84 70.10
CA LEU G 922 -18.26 56.73 68.79
C LEU G 922 -17.33 56.04 67.79
N ILE G 923 -16.06 56.42 67.78
CA ILE G 923 -15.06 55.76 66.95
C ILE G 923 -14.57 54.52 67.67
N ALA G 924 -15.21 53.38 67.40
CA ALA G 924 -15.16 52.14 68.18
C ALA G 924 -16.53 51.48 68.08
N ASN G 925 -17.57 52.20 68.47
CA ASN G 925 -18.92 51.72 68.18
C ASN G 925 -19.13 51.62 66.68
N GLN G 926 -18.68 52.62 65.92
CA GLN G 926 -18.72 52.53 64.48
C GLN G 926 -17.81 51.43 63.96
N PHE G 927 -16.61 51.30 64.53
CA PHE G 927 -15.69 50.26 64.09
C PHE G 927 -16.22 48.87 64.40
N ASN G 928 -16.68 48.65 65.64
CA ASN G 928 -17.17 47.32 66.01
C ASN G 928 -18.41 46.95 65.21
N SER G 929 -19.29 47.91 64.96
CA SER G 929 -20.46 47.64 64.11
C SER G 929 -20.04 47.32 62.69
N ALA G 930 -19.03 48.03 62.17
CA ALA G 930 -18.56 47.76 60.81
C ALA G 930 -17.91 46.39 60.71
N ILE G 931 -17.19 45.97 61.74
CA ILE G 931 -16.63 44.63 61.77
C ILE G 931 -17.75 43.60 61.88
N GLY G 932 -18.78 43.90 62.68
CA GLY G 932 -19.89 42.97 62.82
C GLY G 932 -20.64 42.75 61.53
N LYS G 933 -20.72 43.78 60.68
CA LYS G 933 -21.42 43.62 59.41
C LYS G 933 -20.66 42.71 58.45
N ILE G 934 -19.35 42.57 58.63
CA ILE G 934 -18.58 41.69 57.76
C ILE G 934 -18.90 40.23 58.05
N GLN G 935 -18.95 39.85 59.33
CA GLN G 935 -19.24 38.46 59.66
C GLN G 935 -20.66 38.08 59.25
N ASP G 936 -21.58 39.05 59.29
CA ASP G 936 -22.91 38.82 58.76
C ASP G 936 -22.86 38.68 57.24
N SER G 937 -22.18 39.61 56.57
CA SER G 937 -22.14 39.60 55.10
C SER G 937 -21.43 38.36 54.59
N LEU G 938 -20.35 37.93 55.24
CA LEU G 938 -19.64 36.74 54.79
C LEU G 938 -20.53 35.51 54.90
N SER G 939 -21.27 35.38 56.00
CA SER G 939 -22.20 34.27 56.13
C SER G 939 -23.41 34.43 55.21
N SER G 940 -23.85 35.66 54.99
CA SER G 940 -25.02 35.92 54.16
C SER G 940 -24.78 35.60 52.69
N THR G 941 -23.82 36.28 52.07
CA THR G 941 -23.64 36.20 50.63
C THR G 941 -22.68 35.08 50.27
N ALA G 942 -23.10 34.22 49.34
CA ALA G 942 -22.25 33.13 48.88
C ALA G 942 -21.17 33.63 47.93
N SER G 943 -21.44 34.71 47.20
CA SER G 943 -20.55 35.19 46.16
C SER G 943 -19.55 36.23 46.66
N ALA G 944 -19.22 36.21 47.96
CA ALA G 944 -18.23 37.14 48.48
C ALA G 944 -16.83 36.78 48.02
N LEU G 945 -16.52 35.49 47.93
CA LEU G 945 -15.18 34.99 47.61
C LEU G 945 -15.07 34.49 46.18
N GLY G 946 -15.73 35.18 45.24
CA GLY G 946 -15.73 34.70 43.86
C GLY G 946 -14.35 34.67 43.24
N LYS G 947 -13.49 35.63 43.59
CA LYS G 947 -12.16 35.69 43.00
C LYS G 947 -11.33 34.47 43.37
N LEU G 948 -11.46 33.99 44.61
CA LEU G 948 -10.76 32.77 45.00
C LEU G 948 -11.42 31.55 44.38
N GLN G 949 -12.75 31.53 44.31
CA GLN G 949 -13.44 30.41 43.70
C GLN G 949 -13.15 30.31 42.21
N ASP G 950 -12.87 31.44 41.57
CA ASP G 950 -12.50 31.42 40.15
C ASP G 950 -11.20 30.65 39.93
N VAL G 951 -10.23 30.84 40.83
CA VAL G 951 -8.94 30.15 40.68
C VAL G 951 -9.12 28.65 40.84
N VAL G 952 -9.91 28.23 41.83
CA VAL G 952 -10.13 26.81 42.07
C VAL G 952 -10.87 26.17 40.89
N ASN G 953 -11.89 26.86 40.37
CA ASN G 953 -12.68 26.29 39.29
C ASN G 953 -11.91 26.27 37.98
N GLN G 954 -11.09 27.28 37.73
CA GLN G 954 -10.28 27.30 36.52
C GLN G 954 -9.24 26.18 36.51
N ASN G 955 -8.60 25.93 37.65
CA ASN G 955 -7.58 24.90 37.71
C ASN G 955 -8.18 23.50 37.62
N ALA G 956 -9.31 23.27 38.27
CA ALA G 956 -9.96 21.96 38.19
C ALA G 956 -10.47 21.68 36.79
N GLN G 957 -11.02 22.69 36.13
CA GLN G 957 -11.53 22.50 34.77
C GLN G 957 -10.40 22.17 33.81
N ALA G 958 -9.24 22.81 33.97
CA ALA G 958 -8.09 22.48 33.15
C ALA G 958 -7.61 21.05 33.40
N LEU G 959 -7.57 20.64 34.67
CA LEU G 959 -7.22 19.26 34.99
C LEU G 959 -8.27 18.29 34.46
N ASN G 960 -9.56 18.65 34.57
CA ASN G 960 -10.60 17.78 34.07
C ASN G 960 -10.52 17.64 32.56
N THR G 961 -10.20 18.71 31.85
CA THR G 961 -9.99 18.61 30.42
C THR G 961 -8.77 17.75 30.10
N LEU G 962 -7.70 17.89 30.89
CA LEU G 962 -6.49 17.11 30.65
C LEU G 962 -6.76 15.62 30.77
N VAL G 963 -7.54 15.20 31.76
CA VAL G 963 -7.87 13.79 31.90
C VAL G 963 -8.81 13.34 30.80
N LYS G 964 -9.79 14.17 30.45
CA LYS G 964 -10.75 13.79 29.43
C LYS G 964 -10.17 13.79 28.02
N GLN G 965 -8.96 14.31 27.83
CA GLN G 965 -8.25 14.17 26.57
C GLN G 965 -7.60 12.81 26.41
N LEU G 966 -7.65 11.98 27.44
CA LEU G 966 -7.12 10.63 27.40
C LEU G 966 -8.12 9.62 26.86
N SER G 967 -9.32 10.06 26.52
CA SER G 967 -10.35 9.19 25.97
C SER G 967 -10.71 9.67 24.56
N SER G 968 -9.72 10.26 23.89
CA SER G 968 -9.88 10.75 22.53
C SER G 968 -8.98 9.94 21.60
N ASN G 969 -9.48 9.63 20.41
CA ASN G 969 -8.72 8.80 19.49
C ASN G 969 -7.61 9.58 18.81
N PHE G 970 -7.84 10.88 18.57
CA PHE G 970 -6.91 11.72 17.79
C PHE G 970 -6.66 11.11 16.42
N GLY G 971 -7.71 10.54 15.83
CA GLY G 971 -7.59 9.89 14.54
C GLY G 971 -7.00 8.49 14.57
N ALA G 972 -7.01 7.85 15.74
CA ALA G 972 -6.53 6.49 15.88
C ALA G 972 -7.71 5.55 16.07
N ILE G 973 -7.42 4.25 16.04
CA ILE G 973 -8.49 3.26 16.15
C ILE G 973 -9.14 3.26 17.53
N SER G 974 -8.42 3.71 18.56
CA SER G 974 -8.96 3.72 19.92
C SER G 974 -8.13 4.68 20.76
N SER G 975 -8.67 5.02 21.93
CA SER G 975 -7.92 5.75 22.94
C SER G 975 -7.31 4.83 24.00
N VAL G 976 -7.75 3.57 24.05
CA VAL G 976 -7.14 2.58 24.92
C VAL G 976 -5.88 2.08 24.23
N LEU G 977 -4.73 2.32 24.87
CA LEU G 977 -3.46 2.05 24.21
C LEU G 977 -3.16 0.55 24.15
N ASN G 978 -3.78 -0.24 25.03
CA ASN G 978 -3.58 -1.68 25.00
C ASN G 978 -4.40 -2.32 23.89
N ASP G 979 -5.58 -1.76 23.59
CA ASP G 979 -6.41 -2.30 22.51
C ASP G 979 -5.69 -2.22 21.17
N ILE G 980 -4.99 -1.11 20.92
CA ILE G 980 -4.20 -0.99 19.69
C ILE G 980 -3.15 -2.08 19.64
N LEU G 981 -2.51 -2.36 20.77
CA LEU G 981 -1.52 -3.44 20.82
C LEU G 981 -2.19 -4.80 20.73
N SER G 982 -3.45 -4.92 21.16
CA SER G 982 -4.12 -6.21 21.18
C SER G 982 -4.46 -6.69 19.77
N ARG G 983 -5.03 -5.81 18.94
CA ARG G 983 -5.54 -6.21 17.63
C ARG G 983 -4.74 -5.62 16.48
N LEU G 984 -3.46 -5.31 16.68
CA LEU G 984 -2.58 -4.89 15.60
C LEU G 984 -1.18 -5.42 15.88
N ASP G 985 -0.36 -5.46 14.83
CA ASP G 985 1.00 -5.93 14.87
C ASP G 985 1.92 -4.72 15.04
N PRO G 986 3.02 -4.87 15.79
CA PRO G 986 3.93 -3.73 16.06
C PRO G 986 4.25 -2.90 14.83
N PRO G 987 4.48 -3.49 13.64
CA PRO G 987 4.73 -2.63 12.47
C PRO G 987 3.62 -1.64 12.17
N GLU G 988 2.35 -2.04 12.33
CA GLU G 988 1.27 -1.10 12.05
C GLU G 988 0.67 -0.52 13.32
N ALA G 989 0.79 -1.24 14.44
CA ALA G 989 0.31 -0.68 15.71
C ALA G 989 1.12 0.54 16.12
N GLU G 990 2.34 0.68 15.59
CA GLU G 990 3.16 1.83 15.93
C GLU G 990 2.58 3.12 15.38
N VAL G 991 1.93 3.06 14.22
CA VAL G 991 1.37 4.26 13.61
C VAL G 991 0.25 4.83 14.47
N GLN G 992 -0.63 3.98 14.97
CA GLN G 992 -1.73 4.45 15.81
C GLN G 992 -1.21 5.03 17.12
N ILE G 993 -0.11 4.47 17.64
CA ILE G 993 0.46 4.99 18.88
C ILE G 993 1.02 6.38 18.67
N ASP G 994 1.62 6.64 17.51
CA ASP G 994 2.12 7.97 17.20
C ASP G 994 0.99 8.99 17.16
N ARG G 995 -0.17 8.59 16.65
CA ARG G 995 -1.33 9.48 16.66
C ARG G 995 -1.79 9.76 18.09
N LEU G 996 -1.81 8.73 18.93
CA LEU G 996 -2.17 8.92 20.34
C LEU G 996 -1.12 9.76 21.05
N ILE G 997 0.16 9.51 20.77
CA ILE G 997 1.23 10.27 21.41
C ILE G 997 1.14 11.74 21.03
N THR G 998 0.97 12.01 19.73
CA THR G 998 0.91 13.40 19.27
C THR G 998 -0.27 14.15 19.89
N GLY G 999 -1.44 13.52 19.94
CA GLY G 999 -2.59 14.17 20.54
C GLY G 999 -2.42 14.40 22.03
N ARG G 1000 -1.92 13.39 22.75
CA ARG G 1000 -1.74 13.54 24.19
C ARG G 1000 -0.63 14.53 24.51
N LEU G 1001 0.42 14.55 23.70
CA LEU G 1001 1.48 15.54 23.90
C LEU G 1001 0.98 16.95 23.65
N GLN G 1002 0.16 17.13 22.61
CA GLN G 1002 -0.42 18.44 22.36
C GLN G 1002 -1.37 18.85 23.47
N SER G 1003 -2.13 17.89 24.01
CA SER G 1003 -2.99 18.18 25.14
C SER G 1003 -2.19 18.60 26.36
N LEU G 1004 -1.04 17.97 26.59
CA LEU G 1004 -0.23 18.30 27.75
C LEU G 1004 0.52 19.61 27.55
N GLN G 1005 0.95 19.91 26.32
CA GLN G 1005 1.57 21.21 26.05
C GLN G 1005 0.54 22.32 26.19
N THR G 1006 -0.70 22.08 25.74
CA THR G 1006 -1.75 23.07 25.92
C THR G 1006 -2.01 23.34 27.39
N TYR G 1007 -1.99 22.29 28.21
CA TYR G 1007 -2.21 22.46 29.64
C TYR G 1007 -1.09 23.27 30.28
N VAL G 1008 0.16 22.96 29.95
CA VAL G 1008 1.27 23.66 30.60
C VAL G 1008 1.32 25.12 30.18
N THR G 1009 1.00 25.40 28.91
CA THR G 1009 1.02 26.79 28.44
C THR G 1009 -0.03 27.62 29.18
N GLN G 1010 -1.23 27.08 29.39
N GLN G 1010 -1.24 27.08 29.36
CA GLN G 1010 -2.25 27.83 30.11
CA GLN G 1010 -2.28 27.76 30.11
C GLN G 1010 -1.96 27.88 31.61
C GLN G 1010 -1.88 27.91 31.58
N GLN G 1011 -1.23 26.90 32.13
CA GLN G 1011 -0.80 26.98 33.53
C GLN G 1011 0.25 28.07 33.72
N LEU G 1012 1.15 28.22 32.75
CA LEU G 1012 2.15 29.28 32.83
C LEU G 1012 1.51 30.65 32.76
N ILE G 1013 0.56 30.83 31.85
CA ILE G 1013 -0.14 32.10 31.72
C ILE G 1013 -0.94 32.40 32.98
N ARG G 1014 -1.64 31.39 33.51
CA ARG G 1014 -2.39 31.58 34.73
C ARG G 1014 -1.49 31.83 35.93
N ALA G 1015 -0.33 31.17 35.99
CA ALA G 1015 0.58 31.39 37.10
C ALA G 1015 1.16 32.80 37.06
N ALA G 1016 1.31 33.36 35.86
CA ALA G 1016 1.74 34.75 35.75
C ALA G 1016 0.66 35.70 36.22
N GLU G 1017 -0.61 35.36 35.95
CA GLU G 1017 -1.72 36.14 36.46
C GLU G 1017 -1.79 36.08 37.98
N ILE G 1018 -1.56 34.90 38.57
CA ILE G 1018 -1.57 34.77 40.01
C ILE G 1018 -0.38 35.50 40.63
N ARG G 1019 0.79 35.43 39.98
CA ARG G 1019 1.96 36.10 40.51
C ARG G 1019 1.76 37.61 40.58
N ALA G 1020 1.12 38.20 39.57
CA ALA G 1020 0.80 39.62 39.63
C ALA G 1020 -0.14 39.91 40.79
N SER G 1021 -1.11 39.03 41.03
CA SER G 1021 -2.02 39.21 42.15
C SER G 1021 -1.30 39.05 43.47
N ALA G 1022 -0.37 38.09 43.55
CA ALA G 1022 0.40 37.90 44.78
C ALA G 1022 1.37 39.05 45.00
N ASN G 1023 1.91 39.63 43.92
CA ASN G 1023 2.76 40.80 44.06
C ASN G 1023 1.96 42.01 44.54
N LEU G 1024 0.71 42.12 44.09
CA LEU G 1024 -0.16 43.17 44.59
C LEU G 1024 -0.52 42.94 46.05
N ALA G 1025 -0.78 41.69 46.43
CA ALA G 1025 -1.11 41.39 47.82
C ALA G 1025 0.08 41.66 48.73
N ALA G 1026 1.29 41.34 48.28
CA ALA G 1026 2.48 41.66 49.06
C ALA G 1026 2.64 43.17 49.21
N THR G 1027 2.36 43.92 48.16
CA THR G 1027 2.41 45.38 48.24
C THR G 1027 1.36 45.92 49.21
N LYS G 1028 0.15 45.35 49.17
CA LYS G 1028 -0.89 45.80 50.09
C LYS G 1028 -0.59 45.44 51.53
N MET G 1029 0.04 44.29 51.77
CA MET G 1029 0.44 43.94 53.12
C MET G 1029 1.45 44.94 53.67
N SER G 1030 2.40 45.37 52.84
CA SER G 1030 3.40 46.32 53.30
C SER G 1030 2.81 47.72 53.46
N GLU G 1031 2.01 48.17 52.51
CA GLU G 1031 1.58 49.56 52.49
C GLU G 1031 0.25 49.81 53.18
N CYS G 1032 -0.61 48.80 53.30
CA CYS G 1032 -1.88 48.95 54.02
C CYS G 1032 -1.83 48.41 55.44
N VAL G 1033 -1.12 47.30 55.67
CA VAL G 1033 -1.11 46.68 56.99
C VAL G 1033 0.09 47.15 57.81
N LEU G 1034 1.27 47.23 57.21
CA LEU G 1034 2.46 47.67 57.90
C LEU G 1034 2.62 49.18 57.91
N GLY G 1035 1.69 49.91 57.31
CA GLY G 1035 1.75 51.35 57.32
C GLY G 1035 0.40 51.94 56.97
N GLN G 1036 0.35 53.25 56.89
CA GLN G 1036 -0.84 53.98 56.48
C GLN G 1036 -0.58 54.60 55.11
N SER G 1037 -1.43 54.28 54.16
CA SER G 1037 -1.20 54.63 52.77
C SER G 1037 -1.88 55.93 52.40
N LYS G 1038 -1.17 56.76 51.64
CA LYS G 1038 -1.71 58.00 51.10
C LYS G 1038 -2.24 57.82 49.68
N ARG G 1039 -2.08 56.64 49.11
CA ARG G 1039 -2.54 56.37 47.76
C ARG G 1039 -4.06 56.23 47.75
N VAL G 1040 -4.72 56.93 46.84
CA VAL G 1040 -6.17 56.94 46.79
C VAL G 1040 -6.68 55.58 46.31
N ASP G 1041 -7.66 55.04 47.02
CA ASP G 1041 -8.35 53.79 46.68
C ASP G 1041 -7.43 52.58 46.70
N PHE G 1042 -6.19 52.71 47.15
CA PHE G 1042 -5.31 51.54 47.21
C PHE G 1042 -5.67 50.64 48.38
N CYS G 1043 -6.03 51.21 49.52
CA CYS G 1043 -6.48 50.44 50.68
C CYS G 1043 -7.90 50.89 51.02
N GLY G 1044 -8.88 50.30 50.34
CA GLY G 1044 -10.27 50.63 50.56
C GLY G 1044 -10.67 51.96 49.94
N LYS G 1045 -11.95 52.27 50.09
CA LYS G 1045 -12.53 53.52 49.60
C LYS G 1045 -12.70 54.48 50.77
N GLY G 1046 -12.10 55.66 50.66
CA GLY G 1046 -12.06 56.64 51.71
C GLY G 1046 -10.64 56.98 52.05
N TYR G 1047 -10.45 57.61 53.21
CA TYR G 1047 -9.11 57.91 53.70
C TYR G 1047 -8.64 56.76 54.57
N HIS G 1048 -7.62 56.05 54.10
CA HIS G 1048 -7.14 54.85 54.78
C HIS G 1048 -6.64 55.16 56.17
N LEU G 1049 -7.07 54.36 57.14
CA LEU G 1049 -6.54 54.43 58.50
C LEU G 1049 -5.65 53.23 58.79
N MET G 1050 -6.15 52.01 58.65
CA MET G 1050 -5.35 50.83 58.91
C MET G 1050 -6.09 49.63 58.31
N SER G 1051 -5.32 48.60 57.98
CA SER G 1051 -5.87 47.39 57.37
C SER G 1051 -5.48 46.18 58.20
N PHE G 1052 -6.34 45.18 58.18
CA PHE G 1052 -6.13 43.95 58.94
C PHE G 1052 -6.07 42.78 57.96
N PRO G 1053 -5.05 41.94 58.01
CA PRO G 1053 -5.02 40.78 57.12
C PRO G 1053 -5.80 39.62 57.71
N GLN G 1054 -6.46 38.87 56.82
CA GLN G 1054 -7.11 37.63 57.21
C GLN G 1054 -6.76 36.56 56.19
N SER G 1055 -6.47 35.37 56.70
CA SER G 1055 -6.01 34.26 55.87
C SER G 1055 -7.18 33.63 55.14
N ALA G 1056 -7.02 33.46 53.84
CA ALA G 1056 -7.96 32.77 52.98
C ALA G 1056 -7.33 31.49 52.43
N PRO G 1057 -8.14 30.51 52.03
CA PRO G 1057 -7.56 29.20 51.67
C PRO G 1057 -6.47 29.26 50.62
N HIS G 1058 -6.62 30.09 49.59
CA HIS G 1058 -5.57 30.28 48.61
C HIS G 1058 -5.34 31.75 48.30
N GLY G 1059 -5.50 32.62 49.28
CA GLY G 1059 -5.42 34.05 49.06
C GLY G 1059 -5.36 34.77 50.38
N VAL G 1060 -5.68 36.04 50.35
CA VAL G 1060 -5.63 36.90 51.53
C VAL G 1060 -6.79 37.88 51.47
N VAL G 1061 -7.37 38.15 52.64
CA VAL G 1061 -8.46 39.11 52.77
C VAL G 1061 -7.97 40.27 53.64
N PHE G 1062 -8.00 41.47 53.08
CA PHE G 1062 -7.65 42.68 53.81
C PHE G 1062 -8.92 43.36 54.29
N LEU G 1063 -8.97 43.68 55.57
CA LEU G 1063 -10.06 44.44 56.15
C LEU G 1063 -9.59 45.88 56.25
N HIS G 1064 -9.93 46.68 55.25
CA HIS G 1064 -9.50 48.07 55.18
C HIS G 1064 -10.42 48.94 56.02
N VAL G 1065 -9.86 49.65 56.99
CA VAL G 1065 -10.59 50.62 57.79
C VAL G 1065 -10.31 52.00 57.21
N THR G 1066 -11.35 52.65 56.70
CA THR G 1066 -11.20 53.96 56.09
C THR G 1066 -12.07 54.99 56.80
N TYR G 1067 -11.57 56.22 56.82
CA TYR G 1067 -12.32 57.36 57.34
C TYR G 1067 -13.16 57.91 56.19
N VAL G 1068 -14.47 57.73 56.25
CA VAL G 1068 -15.38 58.25 55.24
C VAL G 1068 -16.09 59.46 55.84
N PRO G 1069 -15.77 60.68 55.42
CA PRO G 1069 -16.42 61.85 55.98
C PRO G 1069 -17.85 61.97 55.49
N ALA G 1070 -18.65 62.72 56.25
CA ALA G 1070 -19.72 63.61 55.78
C ALA G 1070 -21.07 63.40 56.46
N GLN G 1071 -21.51 64.45 57.12
CA GLN G 1071 -22.90 64.88 57.19
C GLN G 1071 -22.85 66.32 56.73
N GLU G 1072 -22.00 66.53 55.73
CA GLU G 1072 -21.69 67.84 55.20
C GLU G 1072 -22.59 69.01 55.22
N LYS G 1073 -21.98 70.14 55.44
CA LYS G 1073 -22.75 71.38 55.48
C LYS G 1073 -22.03 72.41 54.63
N ASN G 1074 -22.84 73.30 54.04
CA ASN G 1074 -22.31 74.33 53.16
C ASN G 1074 -22.01 75.61 53.86
N PHE G 1075 -20.95 76.28 53.44
CA PHE G 1075 -20.52 77.53 54.06
C PHE G 1075 -20.10 78.50 52.97
N THR G 1076 -19.62 79.66 53.39
CA THR G 1076 -19.07 80.67 52.50
C THR G 1076 -17.58 80.78 52.79
N THR G 1077 -16.76 80.75 51.74
CA THR G 1077 -15.32 80.80 51.89
C THR G 1077 -14.71 82.02 51.23
N ALA G 1078 -13.54 82.40 51.72
CA ALA G 1078 -12.69 83.42 51.15
C ALA G 1078 -11.27 82.87 51.06
N PRO G 1079 -10.56 83.13 49.96
CA PRO G 1079 -9.16 82.69 49.89
C PRO G 1079 -8.30 83.28 50.98
N ALA G 1080 -8.61 84.50 51.39
CA ALA G 1080 -7.80 85.23 52.35
C ALA G 1080 -8.69 86.22 53.08
N ILE G 1081 -8.19 86.74 54.19
CA ILE G 1081 -8.89 87.74 54.99
C ILE G 1081 -8.06 89.00 55.05
N CYS G 1082 -8.68 90.13 54.72
CA CYS G 1082 -8.03 91.43 54.74
C CYS G 1082 -8.19 92.07 56.11
N HIS G 1083 -7.06 92.26 56.79
CA HIS G 1083 -7.05 92.96 58.07
C HIS G 1083 -5.79 93.82 58.13
N ASP G 1084 -5.98 95.13 58.17
CA ASP G 1084 -4.89 96.10 58.14
C ASP G 1084 -4.11 96.00 56.82
N GLY G 1085 -4.73 95.43 55.80
CA GLY G 1085 -4.07 95.24 54.52
C GLY G 1085 -2.91 94.28 54.55
N LYS G 1086 -3.12 93.06 55.06
CA LYS G 1086 -2.04 92.10 55.22
C LYS G 1086 -2.36 90.72 54.67
N ALA G 1087 -3.61 90.46 54.31
CA ALA G 1087 -4.07 89.30 53.53
C ALA G 1087 -4.15 87.97 54.28
N HIS G 1088 -3.43 87.82 55.40
CA HIS G 1088 -3.74 86.82 56.42
C HIS G 1088 -4.21 85.46 55.92
N PHE G 1089 -3.37 84.72 55.22
CA PHE G 1089 -3.79 83.40 54.74
C PHE G 1089 -3.79 82.38 55.87
N PRO G 1090 -4.65 81.36 55.81
CA PRO G 1090 -4.72 80.38 56.90
C PRO G 1090 -3.55 79.42 56.89
N ARG G 1091 -3.07 79.08 58.09
CA ARG G 1091 -1.92 78.18 58.21
C ARG G 1091 -2.27 76.76 57.79
N GLU G 1092 -3.36 76.22 58.32
CA GLU G 1092 -3.67 74.81 58.17
C GLU G 1092 -5.03 74.51 57.59
N GLY G 1093 -6.05 75.30 57.89
CA GLY G 1093 -7.38 75.01 57.40
C GLY G 1093 -7.88 75.96 56.34
N VAL G 1094 -9.18 76.28 56.38
CA VAL G 1094 -9.79 77.20 55.43
C VAL G 1094 -10.64 78.20 56.18
N PHE G 1095 -10.88 79.33 55.52
CA PHE G 1095 -11.75 80.37 56.05
C PHE G 1095 -13.19 80.05 55.66
N VAL G 1096 -14.02 79.73 56.64
CA VAL G 1096 -15.42 79.44 56.39
C VAL G 1096 -16.26 80.48 57.11
N SER G 1097 -17.42 80.79 56.54
CA SER G 1097 -18.28 81.83 57.06
C SER G 1097 -19.63 81.25 57.45
N ASN G 1098 -20.13 81.66 58.60
CA ASN G 1098 -21.55 81.61 58.88
C ASN G 1098 -22.24 82.70 58.09
N GLY G 1099 -23.53 82.89 58.36
CA GLY G 1099 -24.23 84.01 57.78
C GLY G 1099 -23.55 85.34 58.07
N THR G 1100 -22.90 85.43 59.23
CA THR G 1100 -22.33 86.72 59.65
C THR G 1100 -20.85 86.61 60.01
N HIS G 1101 -20.42 85.47 60.55
CA HIS G 1101 -19.11 85.35 61.17
C HIS G 1101 -18.19 84.42 60.39
N TRP G 1102 -16.89 84.61 60.56
CA TRP G 1102 -15.86 83.85 59.85
C TRP G 1102 -15.02 83.05 60.83
N PHE G 1103 -14.52 81.90 60.38
CA PHE G 1103 -13.77 80.99 61.23
C PHE G 1103 -12.68 80.29 60.42
N VAL G 1104 -11.78 79.61 61.12
CA VAL G 1104 -10.74 78.78 60.50
C VAL G 1104 -10.98 77.35 60.95
N THR G 1105 -11.58 76.54 60.07
CA THR G 1105 -11.79 75.14 60.39
C THR G 1105 -10.78 74.28 59.63
N GLN G 1106 -10.49 73.12 60.20
CA GLN G 1106 -9.75 72.11 59.47
C GLN G 1106 -10.59 71.61 58.31
N ARG G 1107 -9.91 71.20 57.24
CA ARG G 1107 -10.59 71.03 55.96
C ARG G 1107 -11.45 69.77 55.91
N ASN G 1108 -11.18 68.80 56.79
CA ASN G 1108 -11.88 67.52 56.70
C ASN G 1108 -12.91 67.35 57.81
N PHE G 1109 -12.91 68.25 58.79
CA PHE G 1109 -13.85 68.20 59.89
C PHE G 1109 -14.23 69.63 60.28
N TYR G 1110 -15.49 69.86 60.60
CA TYR G 1110 -15.95 71.20 60.91
C TYR G 1110 -15.69 71.49 62.39
N GLU G 1111 -14.82 72.47 62.64
CA GLU G 1111 -14.42 72.88 63.99
C GLU G 1111 -14.05 74.35 63.90
N PRO G 1112 -14.98 75.27 64.17
CA PRO G 1112 -14.85 76.64 63.67
C PRO G 1112 -13.60 77.42 64.07
N GLN G 1113 -13.38 77.70 65.36
CA GLN G 1113 -12.24 78.49 65.83
C GLN G 1113 -12.18 79.90 65.24
N ILE G 1114 -11.89 80.89 66.08
CA ILE G 1114 -11.91 82.28 65.62
C ILE G 1114 -10.61 82.61 64.90
N ILE G 1115 -10.64 83.68 64.10
CA ILE G 1115 -9.48 84.10 63.34
C ILE G 1115 -8.44 84.67 64.31
N THR G 1116 -7.24 84.12 64.28
CA THR G 1116 -6.16 84.63 65.13
C THR G 1116 -4.88 84.74 64.31
N THR G 1117 -3.92 85.47 64.86
CA THR G 1117 -2.60 85.55 64.23
C THR G 1117 -1.81 84.25 64.43
N ASP G 1118 -2.29 83.36 65.28
CA ASP G 1118 -1.60 82.08 65.49
C ASP G 1118 -1.94 81.07 64.41
N ASN G 1119 -3.18 81.07 63.94
CA ASN G 1119 -3.60 80.11 62.92
C ASN G 1119 -3.63 80.71 61.51
N THR G 1120 -3.13 81.93 61.33
CA THR G 1120 -3.00 82.53 60.01
C THR G 1120 -1.60 83.11 59.86
N PHE G 1121 -1.21 83.31 58.60
CA PHE G 1121 0.06 83.94 58.29
C PHE G 1121 -0.16 85.05 57.27
N VAL G 1122 0.63 86.11 57.40
CA VAL G 1122 0.48 87.34 56.63
C VAL G 1122 1.39 87.29 55.42
N SER G 1123 0.88 87.68 54.25
CA SER G 1123 1.67 87.72 53.03
C SER G 1123 1.10 88.77 52.10
N GLY G 1124 1.77 89.92 52.02
CA GLY G 1124 1.41 90.94 51.05
C GLY G 1124 0.26 91.83 51.50
N ASN G 1125 -0.30 92.58 50.57
CA ASN G 1125 -1.44 93.44 50.83
C ASN G 1125 -2.69 92.85 50.19
N CYS G 1126 -3.79 93.60 50.27
CA CYS G 1126 -5.08 93.09 49.84
C CYS G 1126 -5.41 93.40 48.39
N ASP G 1127 -4.48 94.01 47.65
CA ASP G 1127 -4.78 94.39 46.27
C ASP G 1127 -4.68 93.19 45.33
N VAL G 1128 -4.02 92.12 45.75
CA VAL G 1128 -3.64 91.06 44.82
C VAL G 1128 -4.68 89.93 44.83
N VAL G 1129 -5.05 89.47 46.02
CA VAL G 1129 -5.93 88.30 46.13
C VAL G 1129 -7.30 88.64 45.59
N ILE G 1130 -7.86 87.73 44.78
CA ILE G 1130 -9.08 88.05 44.04
C ILE G 1130 -10.30 88.06 44.95
N GLY G 1131 -10.47 87.01 45.75
CA GLY G 1131 -11.68 86.90 46.54
C GLY G 1131 -11.49 87.23 48.00
N ILE G 1132 -10.52 88.09 48.30
CA ILE G 1132 -10.20 88.43 49.69
C ILE G 1132 -11.39 89.15 50.32
N VAL G 1133 -11.59 88.93 51.61
CA VAL G 1133 -12.75 89.41 52.33
C VAL G 1133 -12.30 90.15 53.58
N ASN G 1134 -12.87 91.32 53.81
CA ASN G 1134 -12.58 92.13 54.99
C ASN G 1134 -13.07 91.43 56.25
N ASN G 1135 -12.20 91.33 57.24
CA ASN G 1135 -12.57 90.79 58.55
C ASN G 1135 -11.46 91.13 59.53
N THR G 1136 -11.77 90.93 60.81
CA THR G 1136 -10.79 91.18 61.87
C THR G 1136 -10.03 89.90 62.20
N VAL G 1137 -8.72 90.05 62.41
CA VAL G 1137 -7.86 88.98 62.89
C VAL G 1137 -7.47 89.30 64.32
N TYR G 1138 -7.73 88.36 65.22
CA TYR G 1138 -7.57 88.60 66.63
C TYR G 1138 -6.13 88.31 67.06
N ASP G 1139 -5.52 89.28 67.75
CA ASP G 1139 -4.17 89.11 68.27
C ASP G 1139 -4.25 88.62 69.70
N PRO G 1140 -3.78 87.42 70.01
CA PRO G 1140 -3.88 86.95 71.40
C PRO G 1140 -3.11 87.79 72.39
N LEU G 1141 -2.03 88.43 71.96
CA LEU G 1141 -1.16 89.14 72.89
C LEU G 1141 -1.76 90.45 73.34
N GLN G 1142 -2.50 91.13 72.45
CA GLN G 1142 -3.01 92.46 72.77
C GLN G 1142 -3.91 92.53 73.99
N PRO G 1143 -4.88 91.62 74.21
CA PRO G 1143 -5.71 91.73 75.41
C PRO G 1143 -4.93 91.73 76.70
N GLU G 1144 -3.86 90.94 76.79
CA GLU G 1144 -3.02 90.96 77.98
C GLU G 1144 -2.34 92.31 78.16
N LEU G 1145 -2.17 93.05 77.06
CA LEU G 1145 -1.51 94.35 77.10
C LEU G 1145 -2.46 95.46 76.69
N ILE H 22 -0.80 -31.97 -60.01
CA ILE H 22 -2.10 -32.18 -59.37
C ILE H 22 -3.14 -32.57 -60.41
N VAL H 23 -3.87 -33.65 -60.14
CA VAL H 23 -4.92 -34.15 -61.02
C VAL H 23 -6.22 -34.13 -60.23
N LEU H 24 -7.26 -33.53 -60.80
CA LEU H 24 -8.52 -33.38 -60.08
C LEU H 24 -9.55 -34.39 -60.59
N THR H 25 -10.48 -34.73 -59.70
CA THR H 25 -11.58 -35.64 -60.01
C THR H 25 -12.88 -34.97 -59.61
N GLN H 26 -13.86 -34.97 -60.50
CA GLN H 26 -15.12 -34.27 -60.28
C GLN H 26 -16.23 -35.30 -60.07
N SER H 27 -17.03 -35.10 -59.02
CA SER H 27 -18.14 -35.99 -58.71
C SER H 27 -19.40 -35.18 -58.45
N PRO H 28 -20.55 -35.55 -59.05
CA PRO H 28 -20.69 -36.66 -59.98
C PRO H 28 -20.39 -36.27 -61.43
N ALA H 29 -20.28 -37.25 -62.32
CA ALA H 29 -20.06 -36.96 -63.72
C ALA H 29 -21.24 -36.17 -64.31
N SER H 30 -22.46 -36.56 -63.96
CA SER H 30 -23.66 -35.81 -64.33
C SER H 30 -24.57 -35.72 -63.12
N LEU H 31 -25.23 -34.58 -62.97
CA LEU H 31 -26.11 -34.33 -61.85
C LEU H 31 -27.49 -33.92 -62.34
N ALA H 32 -28.51 -34.46 -61.69
CA ALA H 32 -29.90 -34.14 -61.99
C ALA H 32 -30.42 -33.19 -60.93
N VAL H 33 -30.96 -32.06 -61.35
CA VAL H 33 -31.44 -31.01 -60.44
C VAL H 33 -32.86 -30.62 -60.85
N SER H 34 -33.74 -30.51 -59.86
CA SER H 34 -35.04 -29.91 -60.08
C SER H 34 -34.91 -28.39 -59.96
N LEU H 35 -35.66 -27.68 -60.80
CA LEU H 35 -35.51 -26.24 -60.89
C LEU H 35 -35.79 -25.58 -59.54
N GLY H 36 -34.85 -24.74 -59.10
CA GLY H 36 -34.94 -24.06 -57.83
C GLY H 36 -34.48 -24.87 -56.63
N GLN H 37 -33.89 -26.04 -56.83
CA GLN H 37 -33.42 -26.89 -55.75
C GLN H 37 -31.89 -26.85 -55.71
N ARG H 38 -31.33 -26.69 -54.52
CA ARG H 38 -29.89 -26.57 -54.37
C ARG H 38 -29.17 -27.81 -54.92
N ALA H 39 -28.10 -27.56 -55.67
CA ALA H 39 -27.31 -28.63 -56.27
C ALA H 39 -25.85 -28.41 -55.92
N THR H 40 -25.15 -29.51 -55.62
CA THR H 40 -23.75 -29.46 -55.21
C THR H 40 -22.92 -30.43 -56.03
N ILE H 41 -21.72 -30.00 -56.40
CA ILE H 41 -20.76 -30.83 -57.12
C ILE H 41 -19.38 -30.62 -56.50
N SER H 42 -18.61 -31.71 -56.38
CA SER H 42 -17.38 -31.68 -55.62
C SER H 42 -16.19 -32.02 -56.51
N CYS H 43 -15.03 -31.47 -56.13
CA CYS H 43 -13.75 -31.77 -56.75
C CYS H 43 -12.77 -32.22 -55.69
N ARG H 44 -12.00 -33.25 -56.04
CA ARG H 44 -10.96 -33.79 -55.18
C ARG H 44 -9.62 -33.64 -55.90
N ALA H 45 -8.66 -33.03 -55.22
CA ALA H 45 -7.33 -32.81 -55.79
C ALA H 45 -6.37 -33.89 -55.31
N SER H 46 -5.37 -34.18 -56.15
CA SER H 46 -4.38 -35.19 -55.79
C SER H 46 -3.51 -34.71 -54.63
N GLU H 47 -3.16 -33.42 -54.60
CA GLU H 47 -2.40 -32.87 -53.50
C GLU H 47 -3.08 -31.61 -52.95
N SER H 48 -2.39 -30.91 -52.05
CA SER H 48 -2.96 -29.72 -51.45
C SER H 48 -3.06 -28.58 -52.45
N VAL H 49 -4.12 -27.78 -52.33
CA VAL H 49 -4.34 -26.62 -53.19
C VAL H 49 -4.03 -25.31 -52.47
N GLU H 50 -4.00 -25.31 -51.15
CA GLU H 50 -3.76 -24.11 -50.36
C GLU H 50 -2.28 -23.77 -50.34
N TYR H 51 -1.93 -22.57 -50.81
CA TYR H 51 -0.56 -22.09 -50.80
C TYR H 51 -0.51 -20.79 -50.03
N TYR H 52 0.24 -20.78 -48.93
CA TYR H 52 0.36 -19.60 -48.06
C TYR H 52 -1.01 -19.15 -47.58
N GLY H 53 -1.87 -20.11 -47.26
CA GLY H 53 -3.16 -19.84 -46.67
C GLY H 53 -4.27 -19.52 -47.65
N THR H 54 -4.00 -19.51 -48.95
CA THR H 54 -5.01 -19.22 -49.96
C THR H 54 -4.97 -20.30 -51.02
N SER H 55 -6.13 -20.89 -51.33
CA SER H 55 -6.21 -21.82 -52.44
C SER H 55 -6.20 -21.07 -53.77
N LEU H 56 -5.64 -21.71 -54.79
CA LEU H 56 -5.54 -21.10 -56.11
C LEU H 56 -6.48 -21.81 -57.07
N MET H 57 -7.65 -22.20 -56.59
CA MET H 57 -8.62 -22.96 -57.36
C MET H 57 -9.69 -22.04 -57.94
N GLN H 58 -10.16 -22.37 -59.13
CA GLN H 58 -11.26 -21.66 -59.78
C GLN H 58 -12.16 -22.66 -60.47
N TRP H 59 -13.41 -22.26 -60.71
CA TRP H 59 -14.42 -23.08 -61.34
C TRP H 59 -14.85 -22.44 -62.65
N TYR H 60 -15.41 -23.25 -63.55
CA TYR H 60 -15.68 -22.85 -64.92
C TYR H 60 -17.05 -23.37 -65.33
N GLN H 61 -17.84 -22.50 -65.96
CA GLN H 61 -19.10 -22.89 -66.59
C GLN H 61 -18.98 -22.71 -68.09
N GLN H 62 -19.60 -23.63 -68.83
CA GLN H 62 -19.56 -23.58 -70.29
C GLN H 62 -20.85 -24.16 -70.84
N LYS H 63 -21.75 -23.29 -71.29
CA LYS H 63 -22.85 -23.73 -72.13
C LYS H 63 -22.28 -24.18 -73.48
N PRO H 64 -22.94 -25.11 -74.15
CA PRO H 64 -22.42 -25.60 -75.43
C PRO H 64 -22.30 -24.48 -76.45
N GLY H 65 -21.16 -24.48 -77.14
CA GLY H 65 -20.87 -23.42 -78.09
C GLY H 65 -20.71 -22.05 -77.50
N GLN H 66 -20.22 -21.95 -76.27
CA GLN H 66 -20.06 -20.69 -75.58
C GLN H 66 -18.68 -20.57 -74.99
N PRO H 67 -18.11 -19.36 -74.99
CA PRO H 67 -16.85 -19.12 -74.26
C PRO H 67 -17.06 -19.33 -72.77
N PRO H 68 -16.35 -20.29 -72.18
CA PRO H 68 -16.59 -20.61 -70.76
C PRO H 68 -16.13 -19.47 -69.85
N LYS H 69 -17.00 -19.11 -68.90
CA LYS H 69 -16.72 -18.08 -67.91
C LYS H 69 -16.03 -18.69 -66.69
N VAL H 70 -15.67 -17.84 -65.73
CA VAL H 70 -14.92 -18.24 -64.56
C VAL H 70 -15.80 -17.97 -63.35
N LEU H 71 -16.60 -18.96 -62.94
CA LEU H 71 -17.58 -18.72 -61.89
C LEU H 71 -16.93 -18.32 -60.58
N ILE H 72 -15.90 -19.03 -60.16
CA ILE H 72 -15.34 -18.89 -58.82
C ILE H 72 -13.98 -18.21 -58.91
N TYR H 73 -13.89 -17.02 -58.34
CA TYR H 73 -12.74 -16.12 -58.45
C TYR H 73 -11.52 -16.68 -57.73
N ALA H 74 -11.70 -17.09 -56.49
CA ALA H 74 -10.64 -17.63 -55.64
C ALA H 74 -11.10 -18.97 -55.10
N ALA H 75 -10.45 -19.46 -54.04
CA ALA H 75 -10.99 -20.60 -53.29
C ALA H 75 -12.49 -20.50 -53.12
N SER H 76 -12.99 -19.30 -52.78
CA SER H 76 -14.42 -19.09 -52.56
C SER H 76 -14.97 -17.82 -53.16
N ASN H 77 -14.15 -16.94 -53.72
CA ASN H 77 -14.63 -15.64 -54.17
C ASN H 77 -15.33 -15.74 -55.52
N VAL H 78 -16.09 -14.69 -55.85
CA VAL H 78 -16.84 -14.58 -57.10
C VAL H 78 -16.52 -13.22 -57.71
N GLU H 79 -16.33 -13.18 -59.03
CA GLU H 79 -15.94 -11.93 -59.67
C GLU H 79 -17.15 -11.04 -59.91
N SER H 80 -16.92 -9.93 -60.61
CA SER H 80 -18.00 -9.04 -60.99
C SER H 80 -18.80 -9.65 -62.15
N GLY H 81 -20.08 -9.27 -62.22
CA GLY H 81 -20.95 -9.72 -63.29
C GLY H 81 -21.62 -11.06 -63.08
N VAL H 82 -21.42 -11.69 -61.93
CA VAL H 82 -21.99 -13.01 -61.66
C VAL H 82 -22.94 -12.93 -60.49
N PRO H 83 -24.13 -13.53 -60.58
CA PRO H 83 -25.08 -13.49 -59.47
C PRO H 83 -24.57 -14.23 -58.24
N ALA H 84 -25.05 -13.80 -57.08
CA ALA H 84 -24.63 -14.38 -55.81
C ALA H 84 -25.18 -15.78 -55.58
N ARG H 85 -26.08 -16.26 -56.44
CA ARG H 85 -26.63 -17.60 -56.27
C ARG H 85 -25.54 -18.67 -56.36
N PHE H 86 -24.50 -18.42 -57.16
CA PHE H 86 -23.36 -19.33 -57.22
C PHE H 86 -22.57 -19.24 -55.93
N SER H 87 -22.09 -20.39 -55.44
CA SER H 87 -21.18 -20.35 -54.30
C SER H 87 -20.27 -21.57 -54.36
N GLY H 88 -19.16 -21.47 -53.65
CA GLY H 88 -18.21 -22.57 -53.60
C GLY H 88 -17.21 -22.42 -52.47
N SER H 89 -16.87 -23.52 -51.82
CA SER H 89 -15.96 -23.47 -50.68
C SER H 89 -15.36 -24.86 -50.46
N GLY H 90 -14.39 -24.93 -49.54
CA GLY H 90 -13.73 -26.18 -49.23
C GLY H 90 -12.35 -25.96 -48.65
N SER H 91 -11.61 -27.05 -48.42
CA SER H 91 -10.27 -26.96 -47.88
C SER H 91 -9.49 -28.21 -48.26
N GLY H 92 -8.17 -28.11 -48.14
CA GLY H 92 -7.31 -29.24 -48.47
C GLY H 92 -7.51 -29.68 -49.91
N THR H 93 -7.72 -30.99 -50.09
CA THR H 93 -7.96 -31.51 -51.42
C THR H 93 -9.44 -31.47 -51.78
N ASP H 94 -10.30 -31.20 -50.80
CA ASP H 94 -11.74 -31.23 -51.04
C ASP H 94 -12.27 -29.84 -51.33
N PHE H 95 -13.07 -29.72 -52.38
CA PHE H 95 -13.77 -28.46 -52.65
C PHE H 95 -15.13 -28.79 -53.24
N SER H 96 -16.07 -27.86 -53.12
CA SER H 96 -17.41 -28.07 -53.65
C SER H 96 -17.99 -26.73 -54.12
N LEU H 97 -18.95 -26.85 -55.04
CA LEU H 97 -19.70 -25.73 -55.58
C LEU H 97 -21.18 -26.04 -55.43
N ASN H 98 -21.93 -25.07 -54.92
CA ASN H 98 -23.34 -25.23 -54.63
C ASN H 98 -24.15 -24.08 -55.21
N ILE H 99 -25.37 -24.41 -55.64
CA ILE H 99 -26.28 -23.47 -56.29
C ILE H 99 -27.63 -23.61 -55.59
N HIS H 100 -28.04 -22.57 -54.85
CA HIS H 100 -29.31 -22.67 -54.17
C HIS H 100 -30.47 -22.48 -55.16
N PRO H 101 -30.58 -21.33 -55.87
CA PRO H 101 -31.59 -21.23 -56.94
C PRO H 101 -31.02 -21.75 -58.25
N VAL H 102 -31.61 -22.80 -58.78
CA VAL H 102 -31.19 -23.36 -60.06
C VAL H 102 -32.24 -23.03 -61.10
N GLU H 103 -31.80 -22.37 -62.18
CA GLU H 103 -32.68 -21.91 -63.24
C GLU H 103 -32.23 -22.51 -64.57
N GLU H 104 -32.95 -22.12 -65.63
CA GLU H 104 -32.64 -22.65 -66.96
C GLU H 104 -31.28 -22.18 -67.45
N ASP H 105 -30.79 -21.03 -66.95
CA ASP H 105 -29.48 -20.55 -67.35
C ASP H 105 -28.38 -21.43 -66.76
N ASP H 106 -28.61 -21.98 -65.57
CA ASP H 106 -27.64 -22.88 -64.96
C ASP H 106 -27.81 -24.29 -65.51
N ILE H 107 -27.84 -24.41 -66.83
CA ILE H 107 -27.81 -25.69 -67.51
C ILE H 107 -26.54 -25.64 -68.36
N ALA H 108 -25.42 -26.09 -67.77
CA ALA H 108 -24.13 -25.91 -68.42
C ALA H 108 -23.12 -26.95 -67.94
N MET H 109 -21.91 -26.91 -68.50
CA MET H 109 -20.89 -27.92 -68.29
C MET H 109 -19.81 -27.32 -67.40
N TYR H 110 -19.51 -27.99 -66.27
CA TYR H 110 -18.76 -27.35 -65.19
C TYR H 110 -17.43 -28.05 -64.96
N PHE H 111 -16.37 -27.25 -64.90
CA PHE H 111 -15.00 -27.70 -64.65
C PHE H 111 -14.43 -27.02 -63.40
N CYS H 112 -13.29 -27.54 -62.93
CA CYS H 112 -12.58 -26.99 -61.77
C CYS H 112 -11.08 -27.21 -61.95
N GLN H 113 -10.28 -26.20 -61.57
CA GLN H 113 -8.88 -26.10 -61.97
C GLN H 113 -7.97 -26.05 -60.74
N GLN H 114 -6.67 -26.29 -60.91
CA GLN H 114 -5.66 -26.15 -59.86
C GLN H 114 -4.53 -25.30 -60.38
N SER H 115 -3.82 -24.61 -59.48
CA SER H 115 -2.81 -23.65 -59.89
C SER H 115 -1.50 -23.72 -59.11
N ARG H 116 -1.30 -24.69 -58.22
CA ARG H 116 0.02 -24.86 -57.62
C ARG H 116 1.06 -25.22 -58.67
N LYS H 117 0.93 -26.41 -59.25
CA LYS H 117 1.92 -26.97 -60.17
C LYS H 117 1.93 -26.17 -61.46
N VAL H 118 3.12 -26.06 -62.07
CA VAL H 118 3.25 -25.29 -63.30
C VAL H 118 2.28 -25.77 -64.38
N PRO H 119 2.11 -27.07 -64.64
CA PRO H 119 1.01 -27.50 -65.51
C PRO H 119 -0.33 -27.28 -64.84
N TRP H 120 -1.11 -26.32 -65.35
CA TRP H 120 -2.41 -26.00 -64.79
C TRP H 120 -3.45 -26.91 -65.46
N THR H 121 -3.93 -27.90 -64.72
CA THR H 121 -4.82 -28.93 -65.26
C THR H 121 -6.22 -28.73 -64.70
N PHE H 122 -7.22 -28.82 -65.56
CA PHE H 122 -8.61 -28.65 -65.14
C PHE H 122 -9.14 -29.94 -64.55
N GLY H 123 -10.46 -30.02 -64.37
CA GLY H 123 -11.04 -31.21 -63.80
C GLY H 123 -11.61 -32.17 -64.83
N GLY H 124 -12.64 -32.91 -64.44
CA GLY H 124 -13.27 -33.86 -65.33
C GLY H 124 -14.54 -33.30 -65.95
N GLY H 125 -15.70 -33.74 -65.46
CA GLY H 125 -16.96 -33.26 -65.99
C GLY H 125 -18.13 -33.35 -65.03
N THR H 126 -18.85 -32.24 -64.85
CA THR H 126 -20.01 -32.19 -63.98
C THR H 126 -21.21 -31.63 -64.75
N LYS H 127 -21.92 -32.53 -65.42
CA LYS H 127 -23.09 -32.15 -66.22
C LYS H 127 -24.31 -31.92 -65.33
N LEU H 128 -25.07 -30.87 -65.63
CA LEU H 128 -26.36 -30.64 -64.98
C LEU H 128 -27.50 -30.83 -65.96
N GLU H 129 -28.55 -31.53 -65.51
CA GLU H 129 -29.76 -31.73 -66.28
C GLU H 129 -30.96 -31.50 -65.37
N ILE H 130 -32.07 -31.06 -65.96
CA ILE H 130 -33.30 -30.90 -65.18
C ILE H 130 -33.76 -32.27 -64.72
N LYS H 131 -34.00 -32.40 -63.42
CA LYS H 131 -34.51 -33.63 -62.86
C LYS H 131 -35.97 -33.80 -63.24
N ARG H 132 -36.29 -34.96 -63.82
CA ARG H 132 -37.61 -35.23 -64.34
C ARG H 132 -37.97 -36.68 -64.05
N THR H 160 -39.28 -36.96 -64.02
CA THR H 160 -39.74 -38.32 -63.84
C THR H 160 -39.22 -39.20 -64.98
N VAL H 161 -38.89 -40.45 -64.63
CA VAL H 161 -38.28 -41.36 -65.59
C VAL H 161 -39.23 -41.58 -66.75
N ALA H 162 -38.77 -41.26 -67.96
CA ALA H 162 -39.56 -41.40 -69.18
C ALA H 162 -38.96 -42.50 -70.02
N ALA H 163 -39.79 -43.49 -70.37
CA ALA H 163 -39.32 -44.60 -71.17
C ALA H 163 -39.03 -44.15 -72.60
N PRO H 164 -37.96 -44.67 -73.22
CA PRO H 164 -37.66 -44.28 -74.60
C PRO H 164 -38.37 -45.15 -75.63
N SER H 165 -38.87 -44.52 -76.69
CA SER H 165 -39.32 -45.27 -77.85
C SER H 165 -38.11 -45.62 -78.72
N VAL H 166 -38.15 -46.83 -79.28
CA VAL H 166 -37.03 -47.37 -80.05
C VAL H 166 -37.47 -47.56 -81.49
N PHE H 167 -36.57 -47.24 -82.42
CA PHE H 167 -36.87 -47.42 -83.84
C PHE H 167 -35.61 -47.87 -84.56
N ILE H 168 -35.82 -48.58 -85.67
CA ILE H 168 -34.73 -49.08 -86.50
C ILE H 168 -34.98 -48.71 -87.95
N PHE H 169 -33.90 -48.64 -88.72
CA PHE H 169 -33.92 -48.26 -90.13
C PHE H 169 -32.98 -49.18 -90.88
N PRO H 170 -33.49 -50.02 -91.78
CA PRO H 170 -32.62 -50.73 -92.72
C PRO H 170 -32.03 -49.75 -93.73
N PRO H 171 -30.84 -50.05 -94.24
CA PRO H 171 -30.31 -49.22 -95.35
C PRO H 171 -31.20 -49.34 -96.57
N SER H 172 -31.37 -48.22 -97.28
CA SER H 172 -32.23 -48.21 -98.44
C SER H 172 -31.58 -48.96 -99.61
N ASP H 173 -32.41 -49.33 -100.59
CA ASP H 173 -31.89 -50.00 -101.78
C ASP H 173 -30.93 -49.09 -102.54
N GLU H 174 -31.27 -47.81 -102.67
CA GLU H 174 -30.34 -46.85 -103.26
C GLU H 174 -29.04 -46.80 -102.48
N GLN H 175 -29.13 -46.99 -101.16
CA GLN H 175 -27.92 -47.02 -100.34
C GLN H 175 -27.11 -48.29 -100.60
N LEU H 176 -27.80 -49.42 -100.78
CA LEU H 176 -27.11 -50.67 -101.07
C LEU H 176 -26.40 -50.61 -102.41
N LYS H 177 -27.02 -49.98 -103.40
CA LYS H 177 -26.38 -49.85 -104.71
C LYS H 177 -25.06 -49.07 -104.62
N SER H 178 -24.96 -48.14 -103.68
CA SER H 178 -23.74 -47.35 -103.52
C SER H 178 -22.57 -48.19 -103.01
N GLY H 179 -22.84 -49.34 -102.42
CA GLY H 179 -21.80 -50.18 -101.86
C GLY H 179 -21.60 -50.06 -100.37
N THR H 180 -22.39 -49.26 -99.69
CA THR H 180 -22.30 -49.09 -98.25
C THR H 180 -23.69 -49.18 -97.65
N ALA H 181 -23.84 -49.94 -96.58
CA ALA H 181 -25.11 -50.16 -95.92
C ALA H 181 -25.04 -49.68 -94.48
N SER H 182 -25.97 -48.80 -94.10
CA SER H 182 -26.04 -48.26 -92.76
C SER H 182 -27.38 -48.64 -92.13
N VAL H 183 -27.32 -49.29 -90.97
CA VAL H 183 -28.50 -49.64 -90.20
C VAL H 183 -28.56 -48.71 -89.00
N VAL H 184 -29.71 -48.04 -88.83
CA VAL H 184 -29.86 -46.99 -87.84
C VAL H 184 -30.72 -47.52 -86.70
N CYS H 185 -30.34 -47.21 -85.46
CA CYS H 185 -31.14 -47.54 -84.29
C CYS H 185 -31.23 -46.30 -83.40
N LEU H 186 -32.43 -45.76 -83.24
CA LEU H 186 -32.62 -44.54 -82.46
C LEU H 186 -33.50 -44.81 -81.25
N LEU H 187 -33.22 -44.08 -80.17
CA LEU H 187 -34.10 -44.03 -79.00
C LEU H 187 -34.87 -42.71 -79.05
N ASN H 188 -36.17 -42.80 -79.28
CA ASN H 188 -37.01 -41.62 -79.46
C ASN H 188 -37.33 -40.97 -78.11
N ASN H 189 -36.35 -40.20 -77.63
CA ASN H 189 -36.46 -39.35 -76.44
C ASN H 189 -36.46 -40.16 -75.14
N PHE H 190 -35.65 -39.74 -74.18
CA PHE H 190 -35.53 -40.42 -72.90
C PHE H 190 -34.75 -39.54 -71.93
N TYR H 191 -35.18 -39.55 -70.66
CA TYR H 191 -34.58 -38.74 -69.61
C TYR H 191 -33.29 -39.34 -69.04
N PRO H 192 -33.27 -40.60 -68.54
CA PRO H 192 -32.03 -41.14 -67.97
C PRO H 192 -30.97 -41.34 -69.04
N ARG H 193 -29.79 -40.73 -68.87
CA ARG H 193 -28.82 -40.67 -69.95
C ARG H 193 -28.34 -42.06 -70.38
N GLU H 194 -28.06 -42.93 -69.41
CA GLU H 194 -27.47 -44.22 -69.73
C GLU H 194 -28.49 -45.13 -70.40
N ALA H 195 -28.06 -45.80 -71.47
CA ALA H 195 -28.84 -46.82 -72.15
C ALA H 195 -27.90 -47.71 -72.93
N LYS H 196 -28.23 -48.98 -73.02
CA LYS H 196 -27.38 -49.96 -73.68
C LYS H 196 -28.04 -50.39 -74.99
N VAL H 197 -27.26 -50.32 -76.07
CA VAL H 197 -27.73 -50.62 -77.42
C VAL H 197 -26.92 -51.81 -77.91
N GLN H 198 -27.59 -52.90 -78.26
CA GLN H 198 -26.94 -54.11 -78.73
C GLN H 198 -27.40 -54.41 -80.16
N TRP H 199 -26.47 -54.78 -81.02
CA TRP H 199 -26.78 -55.09 -82.41
C TRP H 199 -26.80 -56.62 -82.58
N LYS H 200 -27.77 -57.11 -83.35
CA LYS H 200 -27.90 -58.53 -83.63
C LYS H 200 -27.96 -58.71 -85.13
N VAL H 201 -27.03 -59.50 -85.67
CA VAL H 201 -26.96 -59.79 -87.10
C VAL H 201 -27.11 -61.29 -87.26
N ASP H 202 -28.30 -61.73 -87.69
CA ASP H 202 -28.69 -63.14 -87.64
C ASP H 202 -28.54 -63.68 -86.22
N ASN H 203 -28.99 -62.90 -85.24
CA ASN H 203 -28.87 -63.23 -83.82
C ASN H 203 -27.42 -63.45 -83.41
N ALA H 204 -26.52 -62.64 -83.95
CA ALA H 204 -25.12 -62.63 -83.56
C ALA H 204 -24.74 -61.25 -83.06
N LEU H 205 -24.17 -61.19 -81.86
CA LEU H 205 -23.81 -59.92 -81.25
C LEU H 205 -22.69 -59.24 -82.05
N GLN H 206 -22.77 -57.92 -82.16
CA GLN H 206 -21.78 -57.13 -82.87
C GLN H 206 -20.97 -56.28 -81.89
N SER H 207 -19.72 -56.01 -82.26
CA SER H 207 -18.82 -55.25 -81.40
C SER H 207 -17.80 -54.53 -82.25
N GLY H 208 -17.59 -53.24 -81.96
CA GLY H 208 -16.55 -52.48 -82.62
C GLY H 208 -16.87 -51.99 -84.00
N ASN H 209 -18.14 -51.97 -84.40
CA ASN H 209 -18.54 -51.50 -85.72
C ASN H 209 -19.79 -50.63 -85.66
N SER H 210 -20.05 -50.02 -84.50
CA SER H 210 -21.20 -49.15 -84.32
C SER H 210 -20.74 -47.80 -83.79
N GLN H 211 -21.25 -46.73 -84.41
CA GLN H 211 -20.94 -45.36 -84.02
C GLN H 211 -22.14 -44.78 -83.28
N GLU H 212 -21.87 -44.19 -82.12
CA GLU H 212 -22.92 -43.79 -81.19
C GLU H 212 -22.91 -42.29 -80.97
N SER H 213 -24.10 -41.71 -80.79
CA SER H 213 -24.23 -40.27 -80.52
C SER H 213 -25.49 -39.98 -79.73
N VAL H 214 -25.44 -38.90 -78.95
CA VAL H 214 -26.58 -38.40 -78.18
C VAL H 214 -26.57 -36.88 -78.26
N THR H 215 -27.77 -36.31 -78.39
CA THR H 215 -27.92 -34.86 -78.41
C THR H 215 -27.84 -34.28 -77.00
N GLU H 216 -27.78 -32.96 -76.93
CA GLU H 216 -27.76 -32.27 -75.65
C GLU H 216 -29.15 -32.31 -75.01
N GLN H 217 -29.19 -32.06 -73.70
CA GLN H 217 -30.45 -32.08 -72.98
C GLN H 217 -31.38 -31.00 -73.51
N ASP H 218 -32.45 -31.42 -74.17
CA ASP H 218 -33.42 -30.47 -74.70
C ASP H 218 -34.14 -29.79 -73.53
N SER H 219 -34.34 -28.47 -73.67
CA SER H 219 -34.81 -27.67 -72.55
C SER H 219 -36.31 -27.73 -72.33
N LYS H 220 -37.07 -28.36 -73.23
CA LYS H 220 -38.52 -28.40 -73.10
C LYS H 220 -39.03 -29.79 -72.73
N ASP H 221 -38.71 -30.81 -73.52
CA ASP H 221 -39.18 -32.15 -73.20
C ASP H 221 -38.26 -32.86 -72.23
N SER H 222 -37.04 -32.34 -72.04
CA SER H 222 -36.09 -32.86 -71.07
C SER H 222 -35.80 -34.34 -71.30
N THR H 223 -35.63 -34.71 -72.57
CA THR H 223 -35.41 -36.11 -72.96
C THR H 223 -34.25 -36.18 -73.94
N TYR H 224 -33.25 -36.99 -73.62
CA TYR H 224 -32.17 -37.27 -74.53
C TYR H 224 -32.67 -38.14 -75.68
N SER H 225 -32.01 -38.03 -76.84
CA SER H 225 -32.23 -38.98 -77.92
C SER H 225 -30.89 -39.54 -78.37
N LEU H 226 -30.88 -40.84 -78.66
CA LEU H 226 -29.66 -41.56 -78.98
C LEU H 226 -29.76 -42.14 -80.39
N SER H 227 -28.64 -42.13 -81.10
CA SER H 227 -28.55 -42.69 -82.45
C SER H 227 -27.31 -43.58 -82.54
N SER H 228 -27.52 -44.82 -82.98
CA SER H 228 -26.43 -45.77 -83.21
C SER H 228 -26.47 -46.18 -84.67
N THR H 229 -25.33 -46.03 -85.35
CA THR H 229 -25.20 -46.32 -86.77
C THR H 229 -24.28 -47.51 -86.96
N LEU H 230 -24.79 -48.55 -87.62
CA LEU H 230 -23.99 -49.71 -88.00
C LEU H 230 -23.73 -49.63 -89.49
N THR H 231 -22.53 -49.16 -89.86
CA THR H 231 -22.16 -48.94 -91.25
C THR H 231 -21.16 -50.00 -91.68
N LEU H 232 -21.48 -50.70 -92.75
CA LEU H 232 -20.65 -51.80 -93.23
C LEU H 232 -20.76 -51.88 -94.75
N SER H 233 -20.03 -52.81 -95.35
CA SER H 233 -20.03 -52.95 -96.80
C SER H 233 -21.31 -53.64 -97.28
N LYS H 234 -21.57 -53.54 -98.58
CA LYS H 234 -22.77 -54.12 -99.16
C LYS H 234 -22.81 -55.64 -99.04
N ALA H 235 -21.74 -56.31 -99.49
CA ALA H 235 -21.72 -57.77 -99.46
C ALA H 235 -21.80 -58.30 -98.04
N ASP H 236 -21.07 -57.67 -97.12
CA ASP H 236 -21.12 -58.09 -95.72
C ASP H 236 -22.51 -57.89 -95.13
N TYR H 237 -23.17 -56.78 -95.47
CA TYR H 237 -24.52 -56.55 -94.98
C TYR H 237 -25.50 -57.59 -95.53
N GLU H 238 -25.39 -57.93 -96.81
CA GLU H 238 -26.34 -58.85 -97.42
C GLU H 238 -25.96 -60.32 -97.24
N LYS H 239 -25.05 -60.63 -96.32
CA LYS H 239 -24.78 -62.04 -95.98
C LYS H 239 -25.72 -62.56 -94.91
N HIS H 240 -26.52 -61.70 -94.29
CA HIS H 240 -27.41 -62.09 -93.21
C HIS H 240 -28.78 -61.46 -93.41
N LYS H 241 -29.80 -62.14 -92.90
CA LYS H 241 -31.19 -61.75 -93.11
C LYS H 241 -31.76 -60.91 -91.96
N VAL H 242 -31.71 -61.42 -90.74
CA VAL H 242 -32.33 -60.75 -89.60
C VAL H 242 -31.34 -59.73 -89.03
N TYR H 243 -31.79 -58.48 -88.91
CA TYR H 243 -31.01 -57.42 -88.28
C TYR H 243 -31.87 -56.79 -87.20
N ALA H 244 -31.39 -56.84 -85.96
CA ALA H 244 -32.18 -56.43 -84.80
C ALA H 244 -31.38 -55.50 -83.91
N CYS H 245 -32.10 -54.64 -83.20
CA CYS H 245 -31.52 -53.73 -82.22
C CYS H 245 -32.22 -53.95 -80.89
N GLU H 246 -31.42 -54.18 -79.84
CA GLU H 246 -31.90 -54.36 -78.49
C GLU H 246 -31.56 -53.11 -77.68
N VAL H 247 -32.54 -52.54 -76.99
CA VAL H 247 -32.34 -51.37 -76.15
C VAL H 247 -32.71 -51.73 -74.72
N THR H 248 -31.76 -51.53 -73.81
CA THR H 248 -32.00 -51.72 -72.38
C THR H 248 -31.84 -50.37 -71.69
N HIS H 249 -32.77 -50.06 -70.80
CA HIS H 249 -32.84 -48.74 -70.19
C HIS H 249 -33.41 -48.88 -68.79
N GLN H 250 -33.23 -47.84 -67.98
CA GLN H 250 -33.61 -47.86 -66.57
C GLN H 250 -35.10 -47.52 -66.41
N GLY H 251 -35.73 -47.23 -67.54
CA GLY H 251 -37.13 -46.83 -67.55
C GLY H 251 -38.02 -47.83 -68.27
N LEU H 252 -37.41 -48.78 -68.96
CA LEU H 252 -38.17 -49.84 -69.63
C LEU H 252 -38.15 -51.10 -68.79
N SER H 253 -39.33 -51.68 -68.57
CA SER H 253 -39.42 -52.91 -67.78
C SER H 253 -38.70 -54.05 -68.46
N SER H 254 -38.66 -54.07 -69.80
CA SER H 254 -37.95 -55.10 -70.54
C SER H 254 -37.23 -54.44 -71.70
N PRO H 255 -36.11 -55.00 -72.17
CA PRO H 255 -35.44 -54.44 -73.34
C PRO H 255 -36.36 -54.48 -74.56
N VAL H 256 -36.28 -53.44 -75.39
CA VAL H 256 -37.13 -53.29 -76.56
C VAL H 256 -36.35 -53.77 -77.78
N THR H 257 -36.98 -54.59 -78.60
CA THR H 257 -36.38 -55.15 -79.80
C THR H 257 -37.02 -54.53 -81.05
N LYS H 258 -36.20 -53.88 -81.86
CA LYS H 258 -36.61 -53.44 -83.19
C LYS H 258 -35.85 -54.27 -84.21
N SER H 259 -36.55 -55.18 -84.89
CA SER H 259 -35.91 -56.13 -85.78
C SER H 259 -36.55 -56.04 -87.16
N PHE H 260 -35.77 -56.41 -88.18
CA PHE H 260 -36.27 -56.42 -89.54
C PHE H 260 -35.54 -57.48 -90.35
N ASN H 261 -36.26 -58.02 -91.34
CA ASN H 261 -35.69 -58.92 -92.33
C ASN H 261 -35.45 -58.15 -93.61
N ARG H 262 -34.33 -58.43 -94.27
CA ARG H 262 -34.00 -57.75 -95.52
C ARG H 262 -35.06 -58.00 -96.57
N GLY H 263 -35.77 -56.94 -96.94
CA GLY H 263 -36.84 -57.03 -97.91
C GLY H 263 -38.09 -56.27 -97.51
N VAL I 21 -15.74 -3.88 -73.54
CA VAL I 21 -14.58 -4.64 -74.00
C VAL I 21 -15.00 -6.04 -74.46
N GLN I 22 -14.45 -6.46 -75.59
CA GLN I 22 -14.68 -7.77 -76.16
C GLN I 22 -13.37 -8.34 -76.70
N LEU I 23 -13.35 -9.65 -76.90
CA LEU I 23 -12.17 -10.36 -77.38
C LEU I 23 -12.56 -11.13 -78.64
N GLN I 24 -11.70 -11.09 -79.65
CA GLN I 24 -11.95 -11.78 -80.92
C GLN I 24 -10.76 -12.68 -81.23
N GLN I 25 -11.02 -13.85 -81.79
CA GLN I 25 -9.96 -14.76 -82.21
C GLN I 25 -10.29 -15.29 -83.60
N SER I 26 -9.28 -15.35 -84.46
CA SER I 26 -9.49 -15.45 -85.90
C SER I 26 -8.93 -16.74 -86.47
N GLY I 27 -9.72 -17.39 -87.33
CA GLY I 27 -9.22 -18.39 -88.25
C GLY I 27 -9.84 -19.76 -88.14
N PRO I 28 -10.51 -20.19 -89.21
CA PRO I 28 -10.87 -21.62 -89.35
C PRO I 28 -9.75 -22.37 -90.05
N GLU I 29 -9.35 -23.51 -89.49
CA GLU I 29 -8.15 -24.20 -89.91
C GLU I 29 -8.47 -25.59 -90.44
N LEU I 30 -7.85 -25.91 -91.58
CA LEU I 30 -7.97 -27.23 -92.20
C LEU I 30 -6.63 -27.69 -92.78
N VAL I 31 -5.52 -27.29 -92.15
CA VAL I 31 -4.20 -27.57 -92.74
C VAL I 31 -3.86 -29.05 -92.60
N LYS I 32 -2.95 -29.51 -93.45
CA LYS I 32 -2.47 -30.89 -93.44
C LYS I 32 -1.56 -31.12 -92.25
N PRO I 33 -1.35 -32.37 -91.84
CA PRO I 33 -0.45 -32.63 -90.70
C PRO I 33 0.96 -32.12 -90.97
N GLY I 34 1.61 -31.65 -89.91
CA GLY I 34 2.98 -31.19 -89.99
C GLY I 34 3.15 -29.69 -90.15
N ALA I 35 2.06 -28.94 -90.30
CA ALA I 35 2.15 -27.51 -90.53
C ALA I 35 2.36 -26.76 -89.22
N SER I 36 2.26 -25.43 -89.31
CA SER I 36 2.33 -24.54 -88.16
C SER I 36 1.82 -23.18 -88.59
N VAL I 37 0.87 -22.62 -87.83
CA VAL I 37 0.22 -21.37 -88.19
C VAL I 37 0.24 -20.42 -87.00
N LYS I 38 -0.14 -19.17 -87.26
CA LYS I 38 -0.26 -18.13 -86.24
C LYS I 38 -1.73 -17.93 -85.91
N ILE I 39 -2.17 -18.53 -84.81
CA ILE I 39 -3.53 -18.28 -84.31
C ILE I 39 -3.55 -16.94 -83.61
N SER I 40 -4.48 -16.08 -84.01
CA SER I 40 -4.46 -14.66 -83.65
C SER I 40 -5.67 -14.28 -82.81
N CYS I 41 -5.43 -13.43 -81.81
CA CYS I 41 -6.50 -12.81 -81.01
C CYS I 41 -6.35 -11.29 -81.03
N LYS I 42 -7.41 -10.61 -81.46
CA LYS I 42 -7.52 -9.17 -81.27
C LYS I 42 -8.17 -8.87 -79.94
N ALA I 43 -7.51 -8.02 -79.14
CA ALA I 43 -7.98 -7.71 -77.80
C ALA I 43 -8.96 -6.54 -77.80
N SER I 44 -8.68 -5.52 -78.63
CA SER I 44 -9.56 -4.37 -78.79
C SER I 44 -9.69 -3.55 -77.51
N GLY I 45 -10.82 -3.70 -76.80
CA GLY I 45 -11.14 -2.78 -75.72
C GLY I 45 -10.22 -2.88 -74.51
N TYR I 46 -9.45 -3.96 -74.42
CA TYR I 46 -8.59 -4.15 -73.25
C TYR I 46 -7.53 -3.06 -73.17
N SER I 47 -7.01 -2.86 -71.96
CA SER I 47 -5.81 -2.04 -71.80
C SER I 47 -4.58 -2.78 -72.32
N PHE I 48 -4.71 -4.09 -72.53
CA PHE I 48 -3.75 -5.02 -73.14
C PHE I 48 -2.35 -4.92 -72.55
N THR I 49 -2.16 -4.27 -71.41
CA THR I 49 -0.87 -4.20 -70.75
C THR I 49 -0.93 -4.47 -69.26
N GLY I 50 -2.10 -4.35 -68.64
CA GLY I 50 -2.26 -4.59 -67.22
C GLY I 50 -2.83 -5.94 -66.87
N TYR I 51 -3.07 -6.81 -67.84
CA TYR I 51 -3.62 -8.13 -67.59
C TYR I 51 -2.90 -9.17 -68.44
N SER I 52 -2.79 -10.38 -67.92
CA SER I 52 -2.17 -11.48 -68.64
C SER I 52 -3.10 -11.99 -69.73
N MET I 53 -2.53 -12.73 -70.67
CA MET I 53 -3.29 -13.30 -71.79
C MET I 53 -3.09 -14.82 -71.73
N ASN I 54 -4.17 -15.57 -71.63
CA ASN I 54 -4.10 -16.99 -71.35
C ASN I 54 -4.61 -17.80 -72.54
N TRP I 55 -4.02 -18.97 -72.74
CA TRP I 55 -4.19 -19.79 -73.93
C TRP I 55 -4.68 -21.17 -73.53
N MET I 56 -5.83 -21.57 -74.09
CA MET I 56 -6.59 -22.74 -73.69
C MET I 56 -6.78 -23.68 -74.88
N LYS I 57 -6.98 -24.96 -74.59
CA LYS I 57 -7.31 -25.96 -75.60
C LYS I 57 -8.44 -26.84 -75.08
N GLN I 58 -9.62 -26.72 -75.70
CA GLN I 58 -10.76 -27.58 -75.41
C GLN I 58 -10.73 -28.73 -76.40
N SER I 59 -10.43 -29.93 -75.90
CA SER I 59 -10.51 -31.13 -76.71
C SER I 59 -11.97 -31.38 -77.07
N PRO I 60 -12.24 -31.90 -78.28
CA PRO I 60 -13.62 -31.88 -78.79
C PRO I 60 -14.64 -32.50 -77.85
N GLU I 61 -14.33 -33.60 -77.16
CA GLU I 61 -15.32 -34.19 -76.27
C GLU I 61 -15.65 -33.27 -75.10
N LYS I 62 -14.72 -33.12 -74.16
CA LYS I 62 -14.92 -32.17 -73.06
C LYS I 62 -13.66 -31.46 -72.59
N SER I 63 -12.47 -31.92 -72.95
CA SER I 63 -11.26 -31.59 -72.19
C SER I 63 -10.67 -30.23 -72.52
N LEU I 64 -10.77 -29.29 -71.59
CA LEU I 64 -10.01 -28.05 -71.62
C LEU I 64 -8.70 -28.22 -70.87
N GLU I 65 -7.68 -27.46 -71.28
CA GLU I 65 -6.36 -27.53 -70.66
C GLU I 65 -5.63 -26.22 -70.90
N TRP I 66 -4.79 -25.82 -69.95
CA TRP I 66 -4.10 -24.54 -69.99
C TRP I 66 -2.88 -24.65 -70.91
N ILE I 67 -3.02 -24.16 -72.14
CA ILE I 67 -1.89 -24.17 -73.06
C ILE I 67 -0.75 -23.31 -72.54
N GLY I 68 -1.06 -22.09 -72.11
CA GLY I 68 0.02 -21.25 -71.64
C GLY I 68 -0.46 -19.90 -71.18
N GLU I 69 0.48 -19.14 -70.63
CA GLU I 69 0.23 -17.77 -70.20
C GLU I 69 1.31 -16.86 -70.78
N ILE I 70 0.87 -15.76 -71.40
CA ILE I 70 1.78 -14.78 -71.96
C ILE I 70 1.54 -13.45 -71.27
N ASN I 71 2.62 -12.72 -70.99
CA ASN I 71 2.63 -11.44 -70.31
C ASN I 71 2.79 -10.32 -71.33
N PRO I 72 1.69 -9.74 -71.82
CA PRO I 72 1.83 -8.67 -72.82
C PRO I 72 2.61 -7.47 -72.33
N SER I 73 2.65 -7.25 -71.01
CA SER I 73 3.40 -6.13 -70.47
C SER I 73 4.89 -6.23 -70.77
N THR I 74 5.46 -7.43 -70.59
CA THR I 74 6.89 -7.63 -70.79
C THR I 74 7.10 -8.66 -71.88
N GLY I 75 6.44 -9.81 -71.83
CA GLY I 75 6.65 -10.84 -72.84
C GLY I 75 6.96 -12.20 -72.27
N GLY I 76 6.94 -12.32 -70.95
CA GLY I 76 7.23 -13.59 -70.32
C GLY I 76 6.18 -14.64 -70.67
N THR I 77 6.64 -15.88 -70.90
CA THR I 77 5.77 -16.97 -71.33
C THR I 77 5.96 -18.17 -70.38
N THR I 78 4.83 -18.70 -69.91
CA THR I 78 4.83 -19.95 -69.15
C THR I 78 4.02 -21.00 -69.90
N ASP I 79 4.60 -22.19 -70.07
CA ASP I 79 3.98 -23.24 -70.88
C ASP I 79 4.12 -24.58 -70.16
N ASN I 80 3.18 -25.47 -70.46
CA ASN I 80 3.24 -26.84 -69.95
C ASN I 80 4.47 -27.55 -70.50
N GLN I 81 5.13 -28.34 -69.65
CA GLN I 81 6.29 -29.09 -70.10
C GLN I 81 5.91 -30.11 -71.18
N LYS I 82 4.77 -30.79 -70.99
CA LYS I 82 4.35 -31.78 -71.98
C LYS I 82 3.88 -31.12 -73.27
N PHE I 83 3.43 -29.86 -73.18
CA PHE I 83 3.08 -29.10 -74.37
C PHE I 83 4.15 -28.10 -74.77
N LYS I 84 5.30 -28.09 -74.09
CA LYS I 84 6.38 -27.18 -74.46
C LYS I 84 7.05 -27.64 -75.75
N ALA I 85 6.75 -28.86 -76.20
CA ALA I 85 7.39 -29.50 -77.34
C ALA I 85 7.51 -28.59 -78.55
N LYS I 86 6.39 -28.03 -79.02
CA LYS I 86 6.43 -27.17 -80.20
C LYS I 86 5.51 -25.97 -80.11
N ALA I 87 4.88 -25.71 -78.96
CA ALA I 87 4.00 -24.56 -78.83
C ALA I 87 4.80 -23.31 -78.51
N THR I 88 4.57 -22.25 -79.29
CA THR I 88 5.23 -20.97 -79.08
C THR I 88 4.17 -19.88 -78.94
N LEU I 89 4.40 -18.96 -78.01
CA LEU I 89 3.47 -17.87 -77.70
C LEU I 89 4.13 -16.55 -78.07
N THR I 90 3.39 -15.69 -78.77
CA THR I 90 3.92 -14.41 -79.23
C THR I 90 2.92 -13.32 -78.87
N VAL I 91 3.42 -12.14 -78.51
CA VAL I 91 2.58 -10.99 -78.20
C VAL I 91 3.08 -9.80 -79.01
N ASP I 92 2.16 -9.09 -79.66
CA ASP I 92 2.47 -7.90 -80.44
C ASP I 92 1.80 -6.69 -79.78
N LYS I 93 2.62 -5.73 -79.37
CA LYS I 93 2.10 -4.54 -78.69
C LYS I 93 1.38 -3.61 -79.66
N SER I 94 1.87 -3.51 -80.90
CA SER I 94 1.32 -2.55 -81.85
C SER I 94 -0.16 -2.81 -82.10
N SER I 95 -0.51 -4.06 -82.41
CA SER I 95 -1.90 -4.45 -82.59
C SER I 95 -2.51 -5.03 -81.32
N SER I 96 -1.75 -5.11 -80.23
CA SER I 96 -2.20 -5.66 -78.95
C SER I 96 -2.69 -7.10 -79.09
N THR I 97 -2.06 -7.87 -79.97
CA THR I 97 -2.55 -9.20 -80.30
C THR I 97 -1.68 -10.29 -79.67
N ALA I 98 -2.25 -11.49 -79.61
CA ALA I 98 -1.57 -12.67 -79.11
C ALA I 98 -1.67 -13.79 -80.14
N TYR I 99 -0.57 -14.52 -80.33
CA TYR I 99 -0.41 -15.50 -81.39
C TYR I 99 0.05 -16.82 -80.80
N MET I 100 -0.62 -17.90 -81.18
CA MET I 100 -0.13 -19.27 -80.99
C MET I 100 0.59 -19.72 -82.26
N GLN I 101 1.62 -20.54 -82.07
CA GLN I 101 2.14 -21.39 -83.13
C GLN I 101 2.49 -22.75 -82.50
N LEU I 102 1.56 -23.70 -82.58
CA LEU I 102 1.82 -25.06 -82.14
C LEU I 102 2.45 -25.80 -83.31
N LYS I 103 3.78 -25.74 -83.37
CA LYS I 103 4.50 -26.26 -84.52
C LYS I 103 4.35 -27.77 -84.62
N SER I 104 4.58 -28.29 -85.82
CA SER I 104 4.52 -29.72 -86.09
C SER I 104 3.18 -30.32 -85.70
N LEU I 105 2.11 -29.91 -86.38
CA LEU I 105 0.76 -30.37 -86.08
C LEU I 105 0.66 -31.88 -86.27
N THR I 106 -0.14 -32.51 -85.42
CA THR I 106 -0.43 -33.93 -85.53
C THR I 106 -1.93 -34.14 -85.53
N SER I 107 -2.37 -35.25 -86.11
CA SER I 107 -3.79 -35.50 -86.29
C SER I 107 -4.54 -35.49 -84.96
N GLU I 108 -3.90 -35.97 -83.89
CA GLU I 108 -4.55 -35.99 -82.59
C GLU I 108 -4.80 -34.57 -82.07
N ASP I 109 -3.86 -33.66 -82.30
CA ASP I 109 -4.01 -32.27 -81.85
C ASP I 109 -5.00 -31.54 -82.75
N SER I 110 -6.25 -31.98 -82.69
CA SER I 110 -7.36 -31.37 -83.43
C SER I 110 -8.41 -30.98 -82.39
N ALA I 111 -8.27 -29.78 -81.84
CA ALA I 111 -9.16 -29.32 -80.78
C ALA I 111 -9.43 -27.83 -80.98
N VAL I 112 -10.41 -27.32 -80.24
CA VAL I 112 -10.77 -25.91 -80.37
C VAL I 112 -9.95 -25.09 -79.38
N TYR I 113 -9.20 -24.12 -79.90
CA TYR I 113 -8.25 -23.36 -79.09
C TYR I 113 -8.82 -21.98 -78.78
N TYR I 114 -8.63 -21.54 -77.54
CA TYR I 114 -9.21 -20.31 -77.05
C TYR I 114 -8.14 -19.40 -76.45
N CYS I 115 -8.45 -18.11 -76.41
CA CYS I 115 -7.66 -17.14 -75.67
C CYS I 115 -8.58 -16.36 -74.75
N ALA I 116 -8.06 -15.95 -73.60
CA ALA I 116 -8.90 -15.30 -72.60
C ALA I 116 -8.06 -14.34 -71.77
N ARG I 117 -8.74 -13.39 -71.12
CA ARG I 117 -8.07 -12.47 -70.22
C ARG I 117 -7.93 -13.06 -68.83
N SER I 118 -6.70 -13.01 -68.30
CA SER I 118 -6.38 -13.50 -66.96
C SER I 118 -6.96 -14.90 -66.73
N ARG I 119 -7.89 -15.01 -65.79
CA ARG I 119 -8.59 -16.25 -65.52
C ARG I 119 -9.57 -16.62 -66.62
N GLY I 120 -10.08 -15.64 -67.36
CA GLY I 120 -11.05 -15.94 -68.40
C GLY I 120 -12.38 -15.25 -68.21
N ASP I 121 -12.37 -14.04 -67.64
CA ASP I 121 -13.61 -13.29 -67.51
C ASP I 121 -14.28 -13.12 -68.86
N TYR I 122 -13.49 -12.78 -69.89
CA TYR I 122 -13.93 -12.74 -71.28
C TYR I 122 -12.97 -13.61 -72.10
N TRP I 123 -13.52 -14.57 -72.82
CA TRP I 123 -12.76 -15.44 -73.70
C TRP I 123 -12.85 -14.96 -75.15
N GLY I 124 -12.17 -15.68 -76.03
CA GLY I 124 -12.35 -15.47 -77.45
C GLY I 124 -13.59 -16.19 -77.97
N GLN I 125 -13.90 -15.95 -79.24
CA GLN I 125 -15.07 -16.60 -79.84
C GLN I 125 -14.79 -18.06 -80.15
N GLY I 126 -13.52 -18.44 -80.19
CA GLY I 126 -13.13 -19.82 -80.37
C GLY I 126 -12.71 -20.12 -81.80
N THR I 127 -11.61 -20.85 -81.94
CA THR I 127 -11.12 -21.24 -83.24
C THR I 127 -10.85 -22.74 -83.24
N SER I 128 -11.15 -23.38 -84.36
CA SER I 128 -11.06 -24.84 -84.48
C SER I 128 -9.90 -25.19 -85.41
N VAL I 129 -8.82 -25.69 -84.84
CA VAL I 129 -7.72 -26.21 -85.62
C VAL I 129 -7.98 -27.69 -85.90
N THR I 130 -8.11 -28.03 -87.18
CA THR I 130 -8.52 -29.38 -87.58
C THR I 130 -7.43 -29.96 -88.48
N VAL I 131 -6.57 -30.79 -87.89
CA VAL I 131 -5.52 -31.48 -88.62
C VAL I 131 -6.15 -32.57 -89.46
N SER I 132 -6.02 -32.46 -90.79
CA SER I 132 -6.73 -33.36 -91.70
C SER I 132 -5.79 -33.79 -92.81
N LYS I 163 -5.61 -35.11 -92.95
CA LYS I 163 -4.92 -35.64 -94.13
C LYS I 163 -5.89 -35.87 -95.28
N ALA I 164 -7.19 -35.77 -95.00
CA ALA I 164 -8.23 -35.99 -96.01
C ALA I 164 -8.42 -34.76 -96.89
N SER I 165 -9.48 -34.77 -97.70
CA SER I 165 -9.74 -33.67 -98.61
C SER I 165 -11.22 -33.33 -98.55
N THR I 166 -11.56 -32.14 -99.04
CA THR I 166 -12.94 -31.70 -99.08
C THR I 166 -13.77 -32.65 -99.91
N LYS I 167 -14.94 -33.03 -99.37
CA LYS I 167 -15.80 -34.00 -100.03
C LYS I 167 -17.25 -33.64 -99.73
N GLY I 168 -18.09 -33.71 -100.76
CA GLY I 168 -19.50 -33.43 -100.60
C GLY I 168 -20.22 -34.54 -99.86
N PRO I 169 -21.24 -34.18 -99.09
CA PRO I 169 -22.04 -35.17 -98.39
C PRO I 169 -22.95 -35.94 -99.34
N SER I 170 -23.13 -37.21 -99.03
CA SER I 170 -24.13 -38.01 -99.73
C SER I 170 -25.26 -38.33 -98.77
N VAL I 171 -26.49 -38.14 -99.24
CA VAL I 171 -27.68 -38.21 -98.39
C VAL I 171 -28.47 -39.44 -98.78
N PHE I 172 -28.84 -40.24 -97.78
CA PHE I 172 -29.53 -41.49 -98.05
C PHE I 172 -30.84 -41.55 -97.26
N PRO I 173 -31.85 -42.23 -97.77
CA PRO I 173 -33.15 -42.27 -97.08
C PRO I 173 -33.21 -43.35 -96.02
N LEU I 174 -33.75 -42.98 -94.86
CA LEU I 174 -34.13 -43.92 -93.80
C LEU I 174 -35.65 -43.95 -93.82
N ALA I 175 -36.20 -45.04 -94.38
CA ALA I 175 -37.60 -45.17 -94.75
C ALA I 175 -38.51 -45.08 -93.52
N PRO I 176 -39.75 -44.63 -93.70
CA PRO I 176 -40.68 -44.57 -92.57
C PRO I 176 -40.91 -45.94 -91.96
N SER I 177 -41.23 -45.94 -90.66
CA SER I 177 -41.38 -47.18 -89.92
C SER I 177 -42.50 -48.04 -90.51
N SER I 178 -42.31 -49.36 -90.41
CA SER I 178 -43.30 -50.29 -90.96
C SER I 178 -44.64 -50.16 -90.27
N LYS I 179 -44.64 -50.03 -88.94
CA LYS I 179 -45.87 -49.90 -88.18
C LYS I 179 -45.90 -48.58 -87.40
N GLY I 184 -50.46 -45.26 -84.37
CA GLY I 184 -49.07 -45.37 -83.99
C GLY I 184 -48.21 -44.25 -84.54
N THR I 185 -46.90 -44.34 -84.30
CA THR I 185 -45.94 -43.34 -84.77
C THR I 185 -44.91 -44.01 -85.67
N ALA I 186 -44.68 -43.42 -86.84
CA ALA I 186 -43.66 -43.90 -87.77
C ALA I 186 -42.53 -42.87 -87.85
N ALA I 187 -41.30 -43.38 -87.79
CA ALA I 187 -40.11 -42.54 -87.83
C ALA I 187 -39.45 -42.66 -89.20
N LEU I 188 -38.98 -41.55 -89.73
CA LEU I 188 -38.23 -41.53 -90.97
C LEU I 188 -37.07 -40.55 -90.82
N GLY I 189 -36.20 -40.50 -91.81
CA GLY I 189 -35.10 -39.56 -91.75
C GLY I 189 -34.13 -39.65 -92.90
N CYS I 190 -33.02 -38.94 -92.74
CA CYS I 190 -32.00 -38.83 -93.76
C CYS I 190 -30.63 -39.02 -93.13
N LEU I 191 -29.76 -39.76 -93.81
CA LEU I 191 -28.38 -39.97 -93.39
C LEU I 191 -27.48 -39.10 -94.25
N VAL I 192 -26.82 -38.12 -93.64
CA VAL I 192 -25.86 -37.26 -94.30
C VAL I 192 -24.48 -37.81 -93.98
N LYS I 193 -23.86 -38.48 -94.95
CA LYS I 193 -22.68 -39.28 -94.67
C LYS I 193 -21.54 -38.92 -95.61
N ASP I 194 -20.32 -39.04 -95.11
CA ASP I 194 -19.09 -38.88 -95.89
C ASP I 194 -19.00 -37.48 -96.51
N TYR I 195 -18.91 -36.49 -95.62
CA TYR I 195 -18.63 -35.12 -96.01
C TYR I 195 -17.45 -34.59 -95.22
N PHE I 196 -16.84 -33.53 -95.76
CA PHE I 196 -15.73 -32.84 -95.14
C PHE I 196 -15.61 -31.46 -95.74
N PRO I 197 -15.43 -30.41 -94.91
CA PRO I 197 -15.44 -30.45 -93.44
C PRO I 197 -16.82 -30.25 -92.82
N GLU I 198 -16.83 -30.10 -91.50
CA GLU I 198 -17.97 -29.67 -90.70
C GLU I 198 -18.29 -28.21 -91.06
N PRO I 199 -19.56 -27.79 -91.00
CA PRO I 199 -20.80 -28.53 -90.73
C PRO I 199 -21.72 -28.70 -91.94
N VAL I 200 -22.83 -29.38 -91.72
CA VAL I 200 -23.93 -29.49 -92.69
C VAL I 200 -25.23 -29.11 -92.00
N THR I 201 -26.01 -28.29 -92.69
CA THR I 201 -27.33 -27.89 -92.20
C THR I 201 -28.38 -28.77 -92.85
N VAL I 202 -29.23 -29.39 -92.04
CA VAL I 202 -30.30 -30.26 -92.51
C VAL I 202 -31.63 -29.69 -92.05
N SER I 203 -32.53 -29.45 -92.99
CA SER I 203 -33.85 -28.92 -92.73
C SER I 203 -34.90 -29.86 -93.30
N TRP I 204 -36.14 -29.71 -92.82
CA TRP I 204 -37.26 -30.51 -93.29
C TRP I 204 -38.26 -29.60 -93.98
N ASN I 205 -38.50 -29.86 -95.26
CA ASN I 205 -39.42 -29.06 -96.07
C ASN I 205 -39.04 -27.58 -96.03
N SER I 206 -37.73 -27.32 -96.13
CA SER I 206 -37.18 -25.96 -96.10
C SER I 206 -37.59 -25.23 -94.81
N GLY I 207 -37.54 -25.95 -93.70
CA GLY I 207 -37.87 -25.38 -92.41
C GLY I 207 -39.35 -25.32 -92.08
N ALA I 208 -40.20 -25.99 -92.87
CA ALA I 208 -41.63 -26.00 -92.60
C ALA I 208 -42.05 -27.04 -91.58
N LEU I 209 -41.13 -27.91 -91.15
CA LEU I 209 -41.42 -28.97 -90.18
C LEU I 209 -40.37 -28.88 -89.08
N THR I 210 -40.79 -28.48 -87.88
CA THR I 210 -39.90 -28.35 -86.73
C THR I 210 -40.29 -29.24 -85.58
N SER I 211 -41.58 -29.48 -85.36
CA SER I 211 -42.01 -30.35 -84.28
C SER I 211 -41.60 -31.79 -84.56
N GLY I 212 -41.04 -32.45 -83.55
CA GLY I 212 -40.60 -33.83 -83.70
C GLY I 212 -39.37 -34.01 -84.54
N VAL I 213 -38.55 -32.97 -84.70
CA VAL I 213 -37.35 -33.01 -85.52
C VAL I 213 -36.14 -33.16 -84.62
N HIS I 214 -35.28 -34.12 -84.95
CA HIS I 214 -34.07 -34.37 -84.17
C HIS I 214 -32.89 -34.49 -85.13
N THR I 215 -31.98 -33.51 -85.08
CA THR I 215 -30.75 -33.53 -85.86
C THR I 215 -29.61 -33.87 -84.90
N PHE I 216 -29.19 -35.13 -84.90
CA PHE I 216 -28.16 -35.58 -83.98
C PHE I 216 -26.83 -34.93 -84.33
N PRO I 217 -25.98 -34.65 -83.36
CA PRO I 217 -24.66 -34.08 -83.66
C PRO I 217 -23.83 -35.03 -84.53
N ALA I 218 -22.99 -34.44 -85.38
CA ALA I 218 -22.19 -35.23 -86.30
C ALA I 218 -21.17 -36.07 -85.56
N VAL I 219 -20.81 -37.20 -86.16
CA VAL I 219 -19.82 -38.12 -85.61
C VAL I 219 -18.68 -38.30 -86.63
N LEU I 220 -17.46 -38.38 -86.12
CA LEU I 220 -16.27 -38.57 -86.95
C LEU I 220 -16.11 -40.06 -87.23
N GLN I 221 -15.99 -40.40 -88.51
CA GLN I 221 -15.80 -41.79 -88.90
C GLN I 221 -14.31 -42.12 -89.00
N SER I 222 -14.01 -43.40 -89.20
CA SER I 222 -12.63 -43.85 -89.31
C SER I 222 -11.96 -43.30 -90.56
N SER I 223 -12.76 -42.99 -91.58
CA SER I 223 -12.21 -42.46 -92.83
C SER I 223 -11.79 -41.00 -92.71
N GLY I 224 -12.05 -40.36 -91.58
CA GLY I 224 -11.82 -38.93 -91.45
C GLY I 224 -12.97 -38.07 -91.91
N LEU I 225 -14.04 -38.66 -92.44
CA LEU I 225 -15.23 -37.96 -92.88
C LEU I 225 -16.28 -38.00 -91.77
N TYR I 226 -17.24 -37.08 -91.86
CA TYR I 226 -18.26 -36.96 -90.84
C TYR I 226 -19.56 -37.61 -91.32
N SER I 227 -20.38 -38.02 -90.34
CA SER I 227 -21.69 -38.60 -90.62
C SER I 227 -22.69 -38.10 -89.58
N LEU I 228 -23.95 -38.00 -90.00
CA LEU I 228 -25.01 -37.59 -89.09
C LEU I 228 -26.33 -38.14 -89.62
N SER I 229 -27.33 -38.17 -88.74
CA SER I 229 -28.67 -38.62 -89.11
C SER I 229 -29.68 -37.63 -88.57
N SER I 230 -30.58 -37.17 -89.44
CA SER I 230 -31.66 -36.27 -89.05
C SER I 230 -32.98 -37.01 -89.19
N VAL I 231 -33.74 -37.11 -88.10
CA VAL I 231 -34.92 -37.94 -88.07
C VAL I 231 -36.12 -37.11 -87.64
N VAL I 232 -37.31 -37.61 -88.01
CA VAL I 232 -38.57 -37.04 -87.57
C VAL I 232 -39.58 -38.17 -87.41
N THR I 233 -40.36 -38.09 -86.34
CA THR I 233 -41.41 -39.06 -86.04
C THR I 233 -42.76 -38.39 -86.26
N VAL I 234 -43.63 -39.05 -87.03
CA VAL I 234 -44.93 -38.49 -87.39
C VAL I 234 -45.99 -39.57 -87.28
N PRO I 235 -47.27 -39.22 -87.09
CA PRO I 235 -48.32 -40.25 -87.07
C PRO I 235 -48.35 -41.03 -88.37
N SER I 236 -48.66 -42.34 -88.25
CA SER I 236 -48.58 -43.23 -89.39
C SER I 236 -49.55 -42.85 -90.51
N SER I 237 -50.63 -42.14 -90.16
CA SER I 237 -51.60 -41.74 -91.17
C SER I 237 -50.97 -40.83 -92.22
N SER I 238 -49.99 -40.01 -91.83
CA SER I 238 -49.29 -39.16 -92.79
C SER I 238 -48.43 -39.99 -93.75
N LEU I 239 -48.01 -41.19 -93.34
CA LEU I 239 -47.12 -42.01 -94.16
C LEU I 239 -47.65 -42.17 -95.57
N GLY I 240 -48.95 -42.47 -95.70
CA GLY I 240 -49.53 -42.66 -97.02
C GLY I 240 -49.57 -41.39 -97.84
N THR I 241 -49.77 -40.24 -97.20
CA THR I 241 -50.09 -39.01 -97.93
C THR I 241 -48.99 -37.96 -97.81
N GLN I 242 -48.62 -37.58 -96.59
CA GLN I 242 -47.72 -36.46 -96.38
C GLN I 242 -46.34 -36.75 -96.97
N THR I 243 -45.81 -35.78 -97.73
CA THR I 243 -44.49 -35.91 -98.32
C THR I 243 -43.46 -35.23 -97.44
N TYR I 244 -42.39 -35.95 -97.10
CA TYR I 244 -41.32 -35.43 -96.28
C TYR I 244 -40.03 -35.39 -97.10
N ILE I 245 -39.40 -34.22 -97.15
CA ILE I 245 -38.19 -33.99 -97.95
C ILE I 245 -37.19 -33.30 -97.05
N CYS I 246 -35.96 -33.83 -97.00
CA CYS I 246 -34.88 -33.22 -96.25
C CYS I 246 -33.96 -32.46 -97.19
N ASN I 247 -33.61 -31.24 -96.79
CA ASN I 247 -32.69 -30.37 -97.51
C ASN I 247 -31.37 -30.38 -96.77
N VAL I 248 -30.30 -30.75 -97.47
CA VAL I 248 -28.98 -30.93 -96.90
C VAL I 248 -28.03 -29.97 -97.58
N ASN I 249 -27.39 -29.10 -96.78
CA ASN I 249 -26.53 -28.06 -97.31
C ASN I 249 -25.15 -28.17 -96.67
N HIS I 250 -24.12 -28.28 -97.51
CA HIS I 250 -22.72 -28.31 -97.10
C HIS I 250 -22.01 -27.25 -97.95
N LYS I 251 -21.89 -26.04 -97.39
CA LYS I 251 -21.29 -24.94 -98.13
C LYS I 251 -19.83 -25.16 -98.51
N PRO I 252 -18.94 -25.66 -97.63
CA PRO I 252 -17.55 -25.87 -98.07
C PRO I 252 -17.41 -26.73 -99.30
N SER I 253 -18.25 -27.77 -99.43
CA SER I 253 -18.30 -28.57 -100.64
C SER I 253 -19.34 -28.06 -101.64
N ASN I 254 -20.11 -27.04 -101.27
CA ASN I 254 -21.12 -26.45 -102.15
C ASN I 254 -22.11 -27.50 -102.65
N THR I 255 -22.60 -28.33 -101.72
CA THR I 255 -23.51 -29.42 -102.05
C THR I 255 -24.87 -29.15 -101.42
N LYS I 256 -25.92 -29.19 -102.23
CA LYS I 256 -27.29 -29.03 -101.76
C LYS I 256 -28.14 -30.16 -102.32
N VAL I 257 -28.65 -31.00 -101.42
CA VAL I 257 -29.42 -32.18 -101.79
C VAL I 257 -30.80 -32.09 -101.16
N ASP I 258 -31.83 -32.01 -101.99
CA ASP I 258 -33.22 -32.02 -101.53
C ASP I 258 -33.80 -33.39 -101.87
N LYS I 259 -33.87 -34.26 -100.88
CA LYS I 259 -34.20 -35.67 -101.09
C LYS I 259 -35.47 -36.02 -100.33
N LYS I 260 -36.40 -36.68 -101.02
CA LYS I 260 -37.67 -37.09 -100.44
C LYS I 260 -37.54 -38.49 -99.84
N VAL I 261 -38.16 -38.70 -98.69
CA VAL I 261 -38.16 -40.01 -98.03
C VAL I 261 -39.54 -40.63 -98.19
N GLU I 262 -39.59 -41.81 -98.81
CA GLU I 262 -40.81 -42.56 -99.03
C GLU I 262 -40.57 -44.03 -98.76
N PRO I 263 -41.60 -44.78 -98.35
CA PRO I 263 -41.47 -46.23 -98.14
C PRO I 263 -41.49 -47.01 -99.46
#